data_4WSS
#
_entry.id   4WSS
#
_cell.length_a   254.967
_cell.length_b   134.779
_cell.length_c   122.622
_cell.angle_alpha   90.00
_cell.angle_beta   112.20
_cell.angle_gamma   90.00
#
_symmetry.space_group_name_H-M   'C 1 2 1'
#
loop_
_entity.id
_entity.type
_entity.pdbx_description
1 polymer Hemagglutinin
2 branched 2-acetamido-2-deoxy-beta-D-glucopyranose-(1-4)-2-acetamido-2-deoxy-beta-D-glucopyranose
3 branched 'N-acetyl-alpha-neuraminic acid-(2-3)-beta-D-galactopyranose-(1-4)-2-acetamido-2-deoxy-beta-D-glucopyranose'
4 non-polymer 2-acetamido-2-deoxy-beta-D-glucopyranose
#
_entity_poly.entity_id   1
_entity_poly.type   'polypeptide(L)'
_entity_poly.pdbx_seq_one_letter_code
;ADPGDKICIGYHANNSTTQVDTILEKNVTVTHSVELLETQKESRFCRVLNKAPLDLGDCTTEGWILGNPRCDKLLGDRSW
SYIVERPDAQNGICYPGVLKEAEELKALIGSIDTIQRFEMFPKSTWTGVDTNSGVTSACTYNGGSSFYRNLLWIIKIRSD
PYSLIKGTYTNTGSQSILYFWGVHHPPDDVEQANLYGLGTRYVRMGTESMNFAKGPEIADRPPANGQRGRIDYYWSVLKP
GETLNVESNGNLIAPWYAYKFTSSRHKGAIFRSDLPIENCDAVCQTLTGAINTNKTFQNVSPIWIGECPKYVKSKSLKLA
TGLRNVPQVKTRGLFGAIAGFIEGGWTGMVDGWYGYHHENSQGSGYAADKESTQKAIDGITNKVNSIIDKMNTQFEAVEH
EFSNLEKRISNLNKRMEDGFLDVWTYNAELLVLLENERTLDMHDANVKNLHEKVKSQLRDNAKDLGNGCFEFWHKCDNEC
INSVKNGTYNYPKYQEESRLNREEIKSGRLVPRG
;
_entity_poly.pdbx_strand_id   A,B,C,E,D,F
#
# COMPACT_ATOMS: atom_id res chain seq x y z
N ASP A 5 23.39 67.99 21.24
CA ASP A 5 22.35 66.97 21.62
C ASP A 5 21.56 66.52 20.38
N LYS A 6 21.43 65.20 20.18
CA LYS A 6 20.83 64.68 18.96
C LYS A 6 20.17 63.30 19.06
N ILE A 7 19.33 63.02 18.05
CA ILE A 7 18.63 61.73 17.89
C ILE A 7 18.64 61.37 16.43
N CYS A 8 18.92 60.10 16.15
CA CYS A 8 18.97 59.62 14.78
C CYS A 8 17.97 58.50 14.56
N ILE A 9 17.47 58.42 13.33
CA ILE A 9 16.66 57.30 12.87
C ILE A 9 17.52 56.52 11.91
N GLY A 10 17.56 55.22 12.11
CA GLY A 10 18.39 54.35 11.30
C GLY A 10 17.89 52.94 11.26
N TYR A 11 18.64 52.09 10.56
CA TYR A 11 18.22 50.72 10.38
C TYR A 11 19.40 49.78 10.55
N HIS A 12 19.04 48.52 10.73
CA HIS A 12 19.97 47.45 11.05
C HIS A 12 20.93 47.15 9.90
N ALA A 13 22.13 46.72 10.26
CA ALA A 13 23.07 46.15 9.32
C ALA A 13 23.80 45.03 10.05
N ASN A 14 24.53 44.21 9.28
CA ASN A 14 25.28 43.08 9.85
C ASN A 14 26.38 42.61 8.90
N ASN A 15 26.97 41.45 9.20
CA ASN A 15 28.11 40.92 8.43
C ASN A 15 27.73 40.08 7.20
N SER A 16 26.42 39.91 6.94
CA SER A 16 25.93 39.05 5.84
C SER A 16 26.41 39.49 4.45
N THR A 17 26.75 38.52 3.60
CA THR A 17 27.15 38.80 2.21
C THR A 17 26.17 38.19 1.20
N THR A 18 25.06 37.66 1.69
CA THR A 18 24.03 37.08 0.83
C THR A 18 23.42 38.13 -0.05
N GLN A 19 23.27 37.78 -1.32
CA GLN A 19 22.67 38.70 -2.30
C GLN A 19 21.35 38.18 -2.87
N VAL A 20 20.47 39.10 -3.21
CA VAL A 20 19.24 38.76 -3.90
C VAL A 20 19.13 39.64 -5.14
N ASP A 21 18.15 39.36 -5.98
CA ASP A 21 17.85 40.20 -7.14
C ASP A 21 16.46 40.82 -7.01
N THR A 22 16.28 41.92 -7.73
CA THR A 22 15.00 42.58 -7.87
C THR A 22 14.82 42.93 -9.32
N ILE A 23 13.61 43.32 -9.66
CA ILE A 23 13.30 43.70 -11.03
C ILE A 23 14.14 44.90 -11.46
N LEU A 24 14.51 45.76 -10.49
CA LEU A 24 15.28 47.00 -10.75
C LEU A 24 16.81 46.91 -10.61
N GLU A 25 17.29 46.00 -9.75
CA GLU A 25 18.69 45.96 -9.31
C GLU A 25 19.12 44.53 -9.08
N LYS A 26 20.39 44.19 -9.35
CA LYS A 26 20.91 42.83 -9.16
C LYS A 26 21.99 42.83 -8.11
N ASN A 27 22.33 41.64 -7.63
CA ASN A 27 23.43 41.46 -6.67
C ASN A 27 23.33 42.43 -5.48
N VAL A 28 22.13 42.54 -4.90
CA VAL A 28 21.87 43.45 -3.79
C VAL A 28 22.05 42.70 -2.48
N THR A 29 23.01 43.15 -1.67
CA THR A 29 23.33 42.48 -0.44
C THR A 29 22.23 42.77 0.59
N VAL A 30 21.78 41.75 1.32
CA VAL A 30 20.78 41.95 2.35
C VAL A 30 21.19 41.33 3.67
N THR A 31 20.49 41.74 4.71
CA THR A 31 20.80 41.30 6.07
C THR A 31 20.29 39.88 6.34
N HIS A 32 19.15 39.55 5.71
CA HIS A 32 18.49 38.27 5.91
C HIS A 32 17.80 37.82 4.64
N SER A 33 17.81 36.52 4.41
CA SER A 33 17.18 35.95 3.24
C SER A 33 16.87 34.49 3.47
N VAL A 34 15.87 34.01 2.74
CA VAL A 34 15.53 32.61 2.75
C VAL A 34 15.66 32.11 1.29
N GLU A 35 16.38 31.00 1.10
CA GLU A 35 16.50 30.35 -0.22
C GLU A 35 15.34 29.38 -0.31
N LEU A 36 14.54 29.52 -1.36
CA LEU A 36 13.32 28.74 -1.51
C LEU A 36 13.56 27.47 -2.28
N LEU A 37 14.70 27.38 -2.96
CA LEU A 37 14.98 26.28 -3.90
C LEU A 37 15.88 25.25 -3.26
N GLU A 38 15.45 24.00 -3.32
CA GLU A 38 16.27 22.92 -2.85
C GLU A 38 17.09 22.40 -4.03
N THR A 39 18.40 22.30 -3.87
CA THR A 39 19.28 21.85 -4.95
C THR A 39 20.03 20.59 -4.63
N GLN A 40 19.91 20.13 -3.40
CA GLN A 40 20.70 18.98 -2.93
C GLN A 40 19.83 17.70 -2.91
N LYS A 41 20.48 16.58 -3.21
CA LYS A 41 19.84 15.28 -3.22
C LYS A 41 20.84 14.24 -2.82
N GLU A 42 20.37 13.16 -2.23
CA GLU A 42 21.21 12.01 -1.98
C GLU A 42 21.10 11.13 -3.21
N SER A 43 22.23 10.88 -3.85
CA SER A 43 22.26 10.08 -5.07
C SER A 43 22.05 8.60 -4.81
N ARG A 44 20.83 8.27 -4.41
CA ARG A 44 20.47 6.86 -4.14
C ARG A 44 18.97 6.68 -4.07
N PHE A 45 18.54 5.43 -4.01
CA PHE A 45 17.11 5.09 -3.97
C PHE A 45 16.75 4.55 -2.61
N CYS A 46 15.73 5.15 -2.02
CA CYS A 46 15.34 4.85 -0.65
C CYS A 46 13.95 4.29 -0.59
N ARG A 47 13.57 3.84 0.58
CA ARG A 47 12.21 3.39 0.82
C ARG A 47 11.29 4.58 0.80
N VAL A 48 10.05 4.37 0.39
CA VAL A 48 9.03 5.43 0.42
C VAL A 48 7.77 4.90 1.12
N LEU A 49 7.26 5.67 2.10
CA LEU A 49 6.22 5.17 3.03
C LEU A 49 6.60 3.76 3.53
N ASN A 50 7.88 3.59 3.85
CA ASN A 50 8.45 2.36 4.38
C ASN A 50 8.43 1.13 3.48
N LYS A 51 8.25 1.35 2.19
CA LYS A 51 8.15 0.26 1.25
C LYS A 51 9.33 0.41 0.29
N ALA A 52 10.02 -0.68 0.04
CA ALA A 52 11.23 -0.65 -0.75
C ALA A 52 10.98 -0.71 -2.25
N PRO A 53 11.88 -0.12 -3.04
CA PRO A 53 11.75 -0.34 -4.45
C PRO A 53 12.19 -1.74 -4.81
N LEU A 54 11.77 -2.19 -6.00
CA LEU A 54 12.16 -3.48 -6.52
C LEU A 54 13.28 -3.28 -7.53
N ASP A 55 14.43 -3.89 -7.25
CA ASP A 55 15.58 -3.81 -8.11
C ASP A 55 15.52 -4.92 -9.10
N LEU A 56 15.46 -4.60 -10.39
CA LEU A 56 15.35 -5.63 -11.39
C LEU A 56 16.68 -6.19 -11.81
N GLY A 57 17.78 -5.64 -11.29
CA GLY A 57 19.13 -6.22 -11.51
C GLY A 57 19.52 -6.20 -12.96
N ASP A 58 19.92 -7.34 -13.46
CA ASP A 58 20.26 -7.45 -14.89
C ASP A 58 19.03 -7.79 -15.75
N CYS A 59 17.83 -7.58 -15.22
CA CYS A 59 16.61 -7.84 -15.99
C CYS A 59 15.85 -6.57 -16.39
N THR A 60 15.18 -6.65 -17.53
CA THR A 60 14.25 -5.61 -17.93
C THR A 60 12.88 -5.95 -17.34
N THR A 61 11.98 -4.95 -17.36
CA THR A 61 10.63 -5.13 -16.87
C THR A 61 9.96 -6.32 -17.54
N GLU A 62 10.19 -6.47 -18.83
CA GLU A 62 9.65 -7.60 -19.57
C GLU A 62 10.27 -8.95 -19.16
N GLY A 63 11.59 -9.00 -19.03
CA GLY A 63 12.24 -10.25 -18.64
C GLY A 63 11.72 -10.67 -17.28
N TRP A 64 11.55 -9.69 -16.42
CA TRP A 64 11.04 -9.95 -15.10
C TRP A 64 9.65 -10.57 -15.20
N ILE A 65 8.75 -9.91 -15.87
CA ILE A 65 7.36 -10.25 -15.73
C ILE A 65 6.98 -11.48 -16.55
N LEU A 66 7.73 -11.77 -17.58
CA LEU A 66 7.51 -12.97 -18.38
C LEU A 66 8.24 -14.13 -17.77
N GLY A 67 9.17 -13.84 -16.84
CA GLY A 67 9.91 -14.86 -16.14
C GLY A 67 11.01 -15.44 -16.96
N ASN A 68 11.79 -14.59 -17.63
CA ASN A 68 13.05 -15.00 -18.26
C ASN A 68 13.87 -15.76 -17.24
N PRO A 69 14.38 -16.94 -17.59
CA PRO A 69 15.00 -17.79 -16.56
C PRO A 69 16.32 -17.30 -15.98
N ARG A 70 16.89 -16.27 -16.56
CA ARG A 70 18.04 -15.63 -15.94
C ARG A 70 17.62 -14.61 -14.88
N CYS A 71 16.32 -14.50 -14.62
CA CYS A 71 15.78 -13.50 -13.72
C CYS A 71 15.20 -14.13 -12.48
N ASP A 72 15.64 -15.34 -12.15
CA ASP A 72 15.11 -16.10 -11.00
C ASP A 72 15.21 -15.37 -9.67
N LYS A 73 16.15 -14.48 -9.49
CA LYS A 73 16.19 -13.74 -8.25
C LYS A 73 14.91 -12.92 -8.02
N LEU A 74 14.12 -12.64 -9.06
CA LEU A 74 12.88 -11.84 -8.91
C LEU A 74 11.62 -12.69 -8.86
N LEU A 75 11.79 -13.97 -9.11
CA LEU A 75 10.68 -14.86 -9.26
C LEU A 75 9.80 -14.93 -7.96
N GLY A 76 8.50 -14.77 -8.09
CA GLY A 76 7.57 -14.97 -6.99
C GLY A 76 6.89 -13.72 -6.50
N ASP A 77 6.31 -13.82 -5.31
CA ASP A 77 5.51 -12.70 -4.76
C ASP A 77 6.42 -11.53 -4.46
N ARG A 78 6.05 -10.34 -4.90
CA ARG A 78 6.84 -9.15 -4.64
C ARG A 78 5.91 -7.99 -4.36
N SER A 79 6.46 -6.95 -3.73
CA SER A 79 5.75 -5.72 -3.48
C SER A 79 6.75 -4.60 -3.50
N TRP A 80 6.31 -3.41 -3.86
CA TRP A 80 7.25 -2.35 -4.09
C TRP A 80 6.54 -1.02 -4.16
N SER A 81 7.26 0.02 -3.78
CA SER A 81 6.82 1.40 -3.88
C SER A 81 7.16 1.97 -5.25
N TYR A 82 8.20 1.41 -5.88
CA TYR A 82 8.57 1.75 -7.23
C TYR A 82 9.54 0.76 -7.79
N ILE A 83 9.78 0.84 -9.09
CA ILE A 83 10.61 -0.14 -9.75
C ILE A 83 11.85 0.55 -10.25
N VAL A 84 13.00 -0.11 -10.10
CA VAL A 84 14.25 0.41 -10.58
C VAL A 84 14.77 -0.54 -11.62
N GLU A 85 14.77 -0.08 -12.86
CA GLU A 85 15.29 -0.87 -13.96
C GLU A 85 16.66 -0.30 -14.29
N ARG A 86 17.63 -1.17 -14.43
CA ARG A 86 18.97 -0.75 -14.82
C ARG A 86 19.03 -0.50 -16.34
N PRO A 87 19.60 0.63 -16.76
CA PRO A 87 19.70 0.95 -18.19
C PRO A 87 20.30 -0.12 -19.08
N ASP A 88 21.31 -0.81 -18.58
CA ASP A 88 22.04 -1.77 -19.40
C ASP A 88 21.61 -3.22 -19.15
N ALA A 89 20.42 -3.42 -18.60
CA ALA A 89 19.91 -4.73 -18.33
C ALA A 89 19.87 -5.56 -19.60
N GLN A 90 20.34 -6.79 -19.51
CA GLN A 90 20.55 -7.61 -20.67
C GLN A 90 19.48 -8.68 -20.82
N ASN A 91 18.74 -8.99 -19.77
CA ASN A 91 17.81 -10.09 -19.82
C ASN A 91 16.37 -9.58 -19.91
N GLY A 92 15.80 -9.71 -21.11
CA GLY A 92 14.46 -9.27 -21.40
C GLY A 92 13.76 -10.30 -22.25
N ILE A 93 13.32 -9.91 -23.45
CA ILE A 93 12.61 -10.84 -24.33
C ILE A 93 13.65 -11.59 -25.14
N CYS A 94 14.01 -12.78 -24.65
CA CYS A 94 15.15 -13.50 -25.15
C CYS A 94 14.82 -14.21 -26.42
N TYR A 95 13.66 -14.86 -26.50
CA TYR A 95 13.22 -15.41 -27.80
C TYR A 95 12.54 -14.30 -28.62
N PRO A 96 13.02 -14.06 -29.85
CA PRO A 96 12.68 -12.83 -30.51
C PRO A 96 11.18 -12.74 -30.84
N GLY A 97 10.67 -11.52 -30.80
CA GLY A 97 9.30 -11.23 -31.17
C GLY A 97 8.81 -9.95 -30.55
N VAL A 98 7.50 -9.76 -30.59
CA VAL A 98 6.94 -8.52 -30.12
C VAL A 98 5.98 -8.75 -28.99
N LEU A 99 6.11 -7.96 -27.94
CA LEU A 99 5.12 -7.92 -26.91
C LEU A 99 4.11 -6.90 -27.38
N LYS A 100 2.88 -7.34 -27.62
CA LYS A 100 1.82 -6.45 -27.97
C LYS A 100 1.41 -5.50 -26.83
N GLU A 101 1.25 -4.23 -27.16
CA GLU A 101 0.85 -3.19 -26.23
C GLU A 101 1.82 -3.17 -25.05
N ALA A 102 3.12 -3.20 -25.35
CA ALA A 102 4.14 -3.24 -24.31
C ALA A 102 4.15 -2.02 -23.42
N GLU A 103 3.87 -0.86 -24.02
CA GLU A 103 3.95 0.41 -23.33
C GLU A 103 2.80 0.53 -22.36
N GLU A 104 1.64 0.00 -22.72
CA GLU A 104 0.49 0.00 -21.85
C GLU A 104 0.67 -0.99 -20.70
N LEU A 105 1.29 -2.13 -21.00
CA LEU A 105 1.68 -3.02 -19.92
C LEU A 105 2.56 -2.30 -18.88
N LYS A 106 3.53 -1.50 -19.32
CA LYS A 106 4.42 -0.88 -18.34
C LYS A 106 3.68 0.09 -17.50
N ALA A 107 2.74 0.80 -18.09
CA ALA A 107 1.95 1.75 -17.35
C ALA A 107 1.18 0.98 -16.31
N LEU A 108 0.64 -0.17 -16.69
CA LEU A 108 -0.11 -0.97 -15.75
C LEU A 108 0.79 -1.34 -14.58
N ILE A 109 1.95 -1.89 -14.91
CA ILE A 109 2.91 -2.36 -13.90
C ILE A 109 3.35 -1.25 -12.95
N GLY A 110 3.54 -0.06 -13.48
CA GLY A 110 3.89 1.09 -12.66
C GLY A 110 2.81 1.50 -11.70
N SER A 111 1.56 1.08 -11.94
CA SER A 111 0.48 1.37 -11.02
C SER A 111 0.20 0.23 -10.05
N ILE A 112 0.99 -0.84 -10.14
CA ILE A 112 0.81 -1.99 -9.27
C ILE A 112 1.70 -1.93 -8.03
N ASP A 113 1.15 -2.45 -6.96
CA ASP A 113 1.62 -2.36 -5.59
C ASP A 113 2.33 -3.67 -5.21
N THR A 114 1.61 -4.78 -5.46
CA THR A 114 1.99 -6.10 -5.00
C THR A 114 1.50 -7.10 -6.03
N ILE A 115 2.26 -8.18 -6.19
CA ILE A 115 1.86 -9.28 -7.06
C ILE A 115 2.10 -10.59 -6.35
N GLN A 116 1.28 -11.57 -6.70
CA GLN A 116 1.38 -12.93 -6.14
C GLN A 116 1.34 -13.92 -7.29
N ARG A 117 2.43 -14.64 -7.45
CA ARG A 117 2.57 -15.51 -8.60
C ARG A 117 1.95 -16.81 -8.24
N PHE A 118 1.28 -17.41 -9.19
CA PHE A 118 0.64 -18.67 -8.94
C PHE A 118 0.52 -19.42 -10.26
N GLU A 119 0.36 -20.74 -10.17
CA GLU A 119 0.24 -21.60 -11.34
C GLU A 119 -1.19 -21.49 -11.85
N MET A 120 -1.39 -20.89 -13.01
CA MET A 120 -2.71 -20.71 -13.56
C MET A 120 -3.17 -21.94 -14.31
N PHE A 121 -2.26 -22.48 -15.14
CA PHE A 121 -2.53 -23.65 -15.97
C PHE A 121 -1.33 -24.58 -15.81
N PRO A 122 -1.47 -25.63 -14.98
CA PRO A 122 -0.38 -26.61 -14.87
C PRO A 122 -0.20 -27.42 -16.14
N LYS A 123 0.95 -28.09 -16.28
CA LYS A 123 1.28 -28.80 -17.49
C LYS A 123 0.27 -29.91 -17.81
N SER A 124 -0.27 -30.50 -16.76
CA SER A 124 -1.30 -31.52 -16.90
C SER A 124 -2.60 -31.04 -17.58
N THR A 125 -2.81 -29.73 -17.69
CA THR A 125 -4.02 -29.26 -18.33
C THR A 125 -3.99 -29.60 -19.83
N TRP A 126 -2.80 -29.70 -20.41
CA TRP A 126 -2.69 -29.93 -21.85
C TRP A 126 -2.36 -31.39 -22.11
N THR A 127 -3.31 -32.14 -22.65
CA THR A 127 -3.15 -33.59 -22.84
C THR A 127 -2.89 -33.99 -24.29
N GLY A 128 -2.08 -35.02 -24.46
CA GLY A 128 -1.73 -35.53 -25.79
C GLY A 128 -0.72 -34.66 -26.48
N VAL A 129 0.05 -33.90 -25.73
CA VAL A 129 1.11 -33.11 -26.30
C VAL A 129 2.34 -33.17 -25.40
N ASP A 130 3.45 -32.59 -25.89
CA ASP A 130 4.71 -32.54 -25.16
C ASP A 130 4.86 -31.22 -24.43
N THR A 131 4.77 -31.28 -23.11
CA THR A 131 4.87 -30.12 -22.28
C THR A 131 6.27 -29.97 -21.72
N ASN A 132 7.24 -30.79 -22.13
CA ASN A 132 8.58 -30.77 -21.50
C ASN A 132 9.75 -30.50 -22.41
N SER A 133 9.47 -30.08 -23.64
CA SER A 133 10.55 -29.86 -24.62
C SER A 133 10.55 -28.45 -25.14
N GLY A 134 9.82 -27.58 -24.46
CA GLY A 134 9.64 -26.21 -24.94
C GLY A 134 10.71 -25.27 -24.50
N VAL A 135 11.91 -25.45 -25.05
CA VAL A 135 13.11 -24.72 -24.62
C VAL A 135 13.89 -24.21 -25.82
N THR A 136 14.71 -23.20 -25.61
CA THR A 136 15.48 -22.60 -26.71
C THR A 136 16.82 -22.06 -26.25
N SER A 137 17.80 -22.07 -27.13
CA SER A 137 19.12 -21.53 -26.86
C SER A 137 19.09 -20.04 -26.68
N ALA A 138 18.00 -19.42 -27.09
CA ALA A 138 17.90 -17.98 -26.92
C ALA A 138 17.62 -17.61 -25.50
N CYS A 139 17.02 -18.52 -24.75
CA CYS A 139 16.69 -18.27 -23.35
C CYS A 139 17.43 -19.29 -22.54
N THR A 140 18.65 -18.93 -22.18
CA THR A 140 19.51 -19.90 -21.52
C THR A 140 19.35 -19.82 -20.05
N TYR A 141 19.74 -20.89 -19.37
CA TYR A 141 19.80 -20.94 -17.93
C TYR A 141 20.97 -21.81 -17.59
N ASN A 142 22.01 -21.20 -17.00
CA ASN A 142 23.27 -21.88 -16.70
C ASN A 142 23.84 -22.55 -17.95
N GLY A 143 23.87 -21.82 -19.05
CA GLY A 143 24.43 -22.34 -20.31
C GLY A 143 23.54 -23.23 -21.18
N GLY A 144 22.59 -23.94 -20.59
CA GLY A 144 21.69 -24.80 -21.34
C GLY A 144 20.43 -24.09 -21.79
N SER A 145 19.73 -24.70 -22.74
CA SER A 145 18.51 -24.16 -23.28
C SER A 145 17.37 -24.21 -22.28
N SER A 146 16.52 -23.18 -22.32
CA SER A 146 15.44 -23.04 -21.36
C SER A 146 14.34 -22.13 -21.93
N PHE A 147 13.50 -21.56 -21.07
CA PHE A 147 12.37 -20.76 -21.52
C PHE A 147 11.78 -19.94 -20.40
N TYR A 148 10.92 -19.00 -20.75
CA TYR A 148 10.29 -18.15 -19.76
C TYR A 148 9.59 -19.04 -18.77
N ARG A 149 9.66 -18.71 -17.50
CA ARG A 149 9.03 -19.49 -16.45
C ARG A 149 7.52 -19.24 -16.30
N ASN A 150 7.00 -18.16 -16.87
CA ASN A 150 5.57 -17.92 -16.84
C ASN A 150 4.81 -18.38 -18.10
N LEU A 151 5.52 -18.94 -19.07
CA LEU A 151 4.94 -19.39 -20.32
C LEU A 151 5.36 -20.82 -20.59
N LEU A 152 4.53 -21.55 -21.30
CA LEU A 152 4.81 -22.94 -21.61
C LEU A 152 4.76 -23.14 -23.09
N TRP A 153 5.88 -23.57 -23.66
CA TRP A 153 5.97 -23.81 -25.09
C TRP A 153 5.64 -25.26 -25.35
N ILE A 154 4.43 -25.50 -25.84
CA ILE A 154 3.94 -26.82 -26.11
C ILE A 154 4.24 -27.14 -27.55
N ILE A 155 4.71 -28.37 -27.76
CA ILE A 155 4.85 -28.94 -29.09
C ILE A 155 4.27 -30.37 -29.14
N LYS A 156 4.08 -30.91 -30.34
CA LYS A 156 3.55 -32.24 -30.48
C LYS A 156 4.56 -33.31 -30.03
N ILE A 157 4.05 -34.45 -29.59
CA ILE A 157 4.88 -35.63 -29.43
C ILE A 157 5.23 -36.12 -30.85
N ARG A 158 6.46 -36.58 -31.05
CA ARG A 158 6.92 -36.94 -32.42
C ARG A 158 5.99 -37.94 -33.13
N SER A 159 5.60 -39.00 -32.43
CA SER A 159 4.78 -40.06 -33.03
C SER A 159 3.34 -39.63 -33.30
N ASP A 160 2.78 -38.79 -32.44
CA ASP A 160 1.34 -38.48 -32.48
C ASP A 160 1.02 -37.13 -33.12
N PRO A 161 -0.21 -36.97 -33.60
CA PRO A 161 -0.62 -35.64 -33.99
C PRO A 161 -0.86 -34.74 -32.76
N TYR A 162 -0.75 -33.43 -32.98
CA TYR A 162 -1.07 -32.43 -31.96
C TYR A 162 -2.56 -32.41 -31.82
N SER A 163 -3.03 -32.94 -30.72
CA SER A 163 -4.47 -33.06 -30.46
C SER A 163 -5.02 -31.68 -30.13
N LEU A 164 -6.33 -31.50 -30.31
CA LEU A 164 -6.97 -30.35 -29.74
C LEU A 164 -6.73 -30.36 -28.23
N ILE A 165 -6.32 -29.22 -27.67
CA ILE A 165 -6.08 -29.09 -26.22
C ILE A 165 -6.90 -27.97 -25.65
N LYS A 166 -7.26 -28.11 -24.40
CA LYS A 166 -8.21 -27.21 -23.75
C LYS A 166 -7.79 -26.93 -22.32
N GLY A 167 -8.13 -25.74 -21.84
CA GLY A 167 -7.89 -25.39 -20.46
C GLY A 167 -8.78 -24.24 -20.04
N THR A 168 -9.22 -24.27 -18.78
CA THR A 168 -10.02 -23.16 -18.26
C THR A 168 -9.55 -22.75 -16.86
N TYR A 169 -9.73 -21.49 -16.53
CA TYR A 169 -9.37 -20.99 -15.22
C TYR A 169 -10.35 -19.89 -14.90
N THR A 170 -10.79 -19.86 -13.66
CA THR A 170 -11.77 -18.88 -13.24
C THR A 170 -11.19 -18.11 -12.08
N ASN A 171 -11.21 -16.78 -12.22
CA ASN A 171 -10.77 -15.92 -11.17
C ASN A 171 -11.88 -15.73 -10.13
N THR A 172 -11.74 -16.41 -9.00
CA THR A 172 -12.76 -16.43 -7.97
C THR A 172 -12.39 -15.51 -6.82
N GLY A 173 -11.31 -14.75 -6.97
CA GLY A 173 -10.92 -13.82 -5.94
C GLY A 173 -11.43 -12.42 -6.24
N SER A 174 -10.97 -11.45 -5.46
CA SER A 174 -11.30 -10.05 -5.66
C SER A 174 -10.17 -9.26 -6.35
N GLN A 175 -9.01 -9.89 -6.52
CA GLN A 175 -7.88 -9.28 -7.18
C GLN A 175 -7.93 -9.62 -8.65
N SER A 176 -7.54 -8.67 -9.47
CA SER A 176 -7.39 -8.94 -10.90
C SER A 176 -6.17 -9.83 -11.13
N ILE A 177 -6.11 -10.46 -12.29
CA ILE A 177 -4.99 -11.30 -12.61
C ILE A 177 -4.35 -10.88 -13.93
N LEU A 178 -3.03 -10.74 -13.91
CA LEU A 178 -2.24 -10.36 -15.09
C LEU A 178 -1.64 -11.64 -15.62
N TYR A 179 -1.86 -11.95 -16.90
CA TYR A 179 -1.36 -13.19 -17.48
C TYR A 179 -0.89 -12.98 -18.91
N PHE A 180 -0.17 -13.96 -19.43
CA PHE A 180 0.53 -13.82 -20.71
C PHE A 180 0.37 -15.05 -21.55
N TRP A 181 0.39 -14.88 -22.86
CA TRP A 181 0.44 -16.02 -23.76
C TRP A 181 1.12 -15.57 -25.02
N GLY A 182 1.28 -16.49 -25.96
CA GLY A 182 1.90 -16.12 -27.23
C GLY A 182 1.43 -17.04 -28.34
N VAL A 183 1.73 -16.62 -29.55
CA VAL A 183 1.57 -17.46 -30.72
C VAL A 183 2.96 -17.59 -31.34
N HIS A 184 3.37 -18.82 -31.61
CA HIS A 184 4.63 -19.03 -32.21
C HIS A 184 4.49 -19.07 -33.73
N HIS A 185 5.39 -18.35 -34.40
CA HIS A 185 5.46 -18.32 -35.84
C HIS A 185 6.77 -18.91 -36.31
N PRO A 186 6.78 -20.16 -36.75
CA PRO A 186 7.96 -20.73 -37.40
C PRO A 186 8.37 -20.00 -38.66
N PRO A 187 9.63 -20.15 -39.10
CA PRO A 187 10.07 -19.46 -40.32
C PRO A 187 9.71 -20.21 -41.63
N ASP A 188 9.22 -21.44 -41.55
CA ASP A 188 8.89 -22.23 -42.73
C ASP A 188 7.94 -23.39 -42.40
N ASP A 189 7.37 -23.99 -43.44
CA ASP A 189 6.38 -25.05 -43.28
C ASP A 189 6.97 -26.35 -42.74
N VAL A 190 8.26 -26.55 -42.88
CA VAL A 190 8.90 -27.80 -42.41
C VAL A 190 8.98 -27.82 -40.89
N GLU A 191 9.37 -26.69 -40.32
CA GLU A 191 9.40 -26.54 -38.89
C GLU A 191 7.97 -26.55 -38.34
N GLN A 192 7.07 -25.84 -39.01
CA GLN A 192 5.66 -25.88 -38.64
C GLN A 192 5.16 -27.31 -38.55
N ALA A 193 5.45 -28.12 -39.54
CA ALA A 193 4.98 -29.51 -39.57
C ALA A 193 5.59 -30.33 -38.44
N ASN A 194 6.86 -30.10 -38.20
CA ASN A 194 7.60 -30.81 -37.19
C ASN A 194 7.03 -30.62 -35.79
N LEU A 195 6.74 -29.36 -35.45
CA LEU A 195 6.39 -28.96 -34.10
C LEU A 195 4.91 -29.05 -33.82
N TYR A 196 4.10 -28.75 -34.81
CA TYR A 196 2.64 -28.65 -34.59
C TYR A 196 1.82 -29.50 -35.58
N GLY A 197 2.11 -29.38 -36.86
CA GLY A 197 1.39 -30.08 -37.90
C GLY A 197 0.96 -29.16 -39.01
N LEU A 198 0.58 -29.76 -40.13
CA LEU A 198 0.11 -29.00 -41.28
C LEU A 198 -1.38 -28.71 -41.10
N GLY A 199 -1.95 -27.97 -42.05
CA GLY A 199 -3.33 -27.60 -41.98
C GLY A 199 -3.47 -26.30 -41.25
N THR A 200 -4.71 -25.83 -41.15
CA THR A 200 -5.07 -24.69 -40.34
C THR A 200 -4.73 -25.01 -38.90
N ARG A 201 -4.06 -24.07 -38.24
CA ARG A 201 -3.83 -24.14 -36.80
C ARG A 201 -4.28 -22.86 -36.15
N TYR A 202 -4.74 -22.95 -34.91
CA TYR A 202 -5.26 -21.77 -34.20
C TYR A 202 -4.94 -21.77 -32.69
N VAL A 203 -4.87 -20.56 -32.17
CA VAL A 203 -4.74 -20.31 -30.76
C VAL A 203 -5.95 -19.45 -30.38
N ARG A 204 -6.83 -20.00 -29.55
CA ARG A 204 -8.02 -19.30 -29.15
C ARG A 204 -8.05 -19.08 -27.68
N MET A 205 -8.34 -17.85 -27.26
CA MET A 205 -8.48 -17.48 -25.86
C MET A 205 -9.78 -16.69 -25.71
N GLY A 206 -10.63 -17.07 -24.74
CA GLY A 206 -11.93 -16.44 -24.57
C GLY A 206 -12.28 -16.08 -23.14
N THR A 207 -12.89 -14.92 -22.97
CA THR A 207 -13.29 -14.43 -21.65
C THR A 207 -14.67 -13.78 -21.76
N GLU A 208 -15.28 -13.42 -20.64
CA GLU A 208 -16.55 -12.70 -20.72
C GLU A 208 -16.41 -11.42 -21.56
N SER A 209 -15.20 -10.89 -21.66
CA SER A 209 -14.95 -9.56 -22.23
C SER A 209 -13.79 -9.43 -23.22
N MET A 210 -13.04 -10.50 -23.52
CA MET A 210 -12.03 -10.43 -24.58
C MET A 210 -12.08 -11.69 -25.40
N ASN A 211 -11.83 -11.55 -26.70
CA ASN A 211 -11.87 -12.65 -27.61
C ASN A 211 -10.61 -12.65 -28.55
N PHE A 212 -10.06 -13.83 -28.83
CA PHE A 212 -8.79 -13.94 -29.41
C PHE A 212 -8.73 -15.20 -30.20
N ALA A 213 -8.40 -15.06 -31.47
CA ALA A 213 -8.30 -16.20 -32.37
C ALA A 213 -7.32 -15.88 -33.49
N LYS A 214 -6.19 -16.55 -33.47
CA LYS A 214 -5.10 -16.26 -34.40
C LYS A 214 -4.35 -17.52 -34.75
N GLY A 215 -3.67 -17.47 -35.89
CA GLY A 215 -2.91 -18.62 -36.39
C GLY A 215 -1.47 -18.24 -36.63
N PRO A 216 -0.67 -19.22 -37.04
CA PRO A 216 0.69 -18.95 -37.43
C PRO A 216 0.73 -18.02 -38.61
N GLU A 217 1.72 -17.13 -38.64
CA GLU A 217 1.97 -16.24 -39.73
C GLU A 217 3.39 -16.56 -40.18
N ILE A 218 3.50 -17.70 -40.84
CA ILE A 218 4.79 -18.27 -41.25
C ILE A 218 5.49 -17.39 -42.27
N ALA A 219 6.78 -17.18 -42.07
CA ALA A 219 7.60 -16.41 -43.00
C ALA A 219 9.08 -16.57 -42.71
N ASP A 220 9.89 -16.67 -43.75
CA ASP A 220 11.34 -16.65 -43.52
C ASP A 220 11.81 -15.24 -43.24
N ARG A 221 12.59 -15.15 -42.16
CA ARG A 221 13.08 -13.90 -41.64
C ARG A 221 14.48 -14.13 -41.14
N PRO A 222 15.24 -13.07 -41.02
CA PRO A 222 16.59 -13.24 -40.58
C PRO A 222 16.63 -13.62 -39.10
N PRO A 223 17.74 -14.26 -38.67
CA PRO A 223 17.80 -14.69 -37.29
C PRO A 223 17.93 -13.50 -36.38
N ALA A 224 17.26 -13.57 -35.25
CA ALA A 224 17.46 -12.63 -34.15
C ALA A 224 17.74 -13.49 -32.91
N ASN A 225 18.73 -13.11 -32.12
CA ASN A 225 19.22 -13.95 -31.01
C ASN A 225 19.35 -15.40 -31.44
N GLY A 226 19.80 -15.62 -32.67
CA GLY A 226 20.07 -16.99 -33.17
C GLY A 226 18.88 -17.75 -33.70
N GLN A 227 17.73 -17.09 -33.83
CA GLN A 227 16.48 -17.80 -34.12
C GLN A 227 15.70 -17.15 -35.26
N ARG A 228 15.28 -17.96 -36.20
CA ARG A 228 14.53 -17.45 -37.32
C ARG A 228 13.04 -17.44 -37.03
N GLY A 229 12.62 -18.18 -36.01
CA GLY A 229 11.25 -18.17 -35.58
C GLY A 229 10.94 -16.90 -34.78
N ARG A 230 9.66 -16.71 -34.44
CA ARG A 230 9.24 -15.57 -33.63
C ARG A 230 8.06 -15.94 -32.78
N ILE A 231 7.86 -15.19 -31.71
CA ILE A 231 6.69 -15.33 -30.89
C ILE A 231 6.04 -13.97 -30.79
N ASP A 232 4.75 -13.88 -31.07
CA ASP A 232 3.98 -12.71 -30.70
C ASP A 232 3.49 -12.94 -29.28
N TYR A 233 3.94 -12.10 -28.36
CA TYR A 233 3.55 -12.21 -26.97
C TYR A 233 2.37 -11.28 -26.70
N TYR A 234 1.41 -11.77 -25.91
CA TYR A 234 0.23 -11.00 -25.57
C TYR A 234 0.05 -11.03 -24.08
N TRP A 235 -0.64 -10.01 -23.56
CA TRP A 235 -0.95 -9.93 -22.14
C TRP A 235 -2.38 -9.49 -21.96
N SER A 236 -2.94 -9.77 -20.80
CA SER A 236 -4.26 -9.35 -20.51
C SER A 236 -4.53 -9.48 -19.06
N VAL A 237 -5.66 -8.96 -18.65
CA VAL A 237 -6.03 -8.95 -17.26
C VAL A 237 -7.35 -9.65 -17.13
N LEU A 238 -7.35 -10.76 -16.41
CA LEU A 238 -8.58 -11.48 -16.12
C LEU A 238 -9.19 -10.88 -14.88
N LYS A 239 -10.37 -10.27 -15.02
CA LYS A 239 -10.98 -9.50 -13.94
C LYS A 239 -11.64 -10.40 -12.92
N PRO A 240 -11.87 -9.91 -11.72
CA PRO A 240 -12.50 -10.77 -10.74
C PRO A 240 -13.84 -11.28 -11.26
N GLY A 241 -14.09 -12.59 -11.08
CA GLY A 241 -15.29 -13.23 -11.57
C GLY A 241 -15.15 -13.85 -12.94
N GLU A 242 -14.25 -13.32 -13.76
CA GLU A 242 -14.16 -13.77 -15.15
C GLU A 242 -13.52 -15.12 -15.25
N THR A 243 -13.80 -15.79 -16.34
CA THR A 243 -13.24 -17.10 -16.56
C THR A 243 -12.59 -17.11 -17.97
N LEU A 244 -11.47 -17.78 -18.09
CA LEU A 244 -10.70 -17.79 -19.28
C LEU A 244 -10.75 -19.19 -19.86
N ASN A 245 -11.02 -19.31 -21.16
CA ASN A 245 -10.92 -20.57 -21.84
C ASN A 245 -9.86 -20.54 -22.91
N VAL A 246 -9.10 -21.62 -23.00
CA VAL A 246 -8.00 -21.75 -23.90
C VAL A 246 -8.23 -22.99 -24.73
N GLU A 247 -8.10 -22.85 -26.05
CA GLU A 247 -8.16 -23.97 -26.99
C GLU A 247 -7.12 -23.73 -28.02
N SER A 248 -6.41 -24.80 -28.39
CA SER A 248 -5.50 -24.74 -29.52
C SER A 248 -5.17 -26.12 -30.05
N ASN A 249 -4.81 -26.15 -31.33
CA ASN A 249 -4.33 -27.33 -31.99
C ASN A 249 -2.99 -27.04 -32.59
N GLY A 250 -2.35 -25.98 -32.14
CA GLY A 250 -0.98 -25.69 -32.52
C GLY A 250 -0.55 -24.26 -32.31
N ASN A 251 0.76 -24.08 -32.19
CA ASN A 251 1.40 -22.77 -32.12
C ASN A 251 1.10 -21.96 -30.86
N LEU A 252 0.54 -22.61 -29.84
CA LEU A 252 0.21 -21.96 -28.59
C LEU A 252 1.43 -21.94 -27.69
N ILE A 253 1.76 -20.76 -27.19
CA ILE A 253 2.63 -20.58 -26.08
C ILE A 253 1.64 -20.27 -24.95
N ALA A 254 1.42 -21.23 -24.08
CA ALA A 254 0.35 -21.18 -23.15
C ALA A 254 0.75 -20.39 -21.95
N PRO A 255 -0.23 -19.71 -21.30
CA PRO A 255 0.04 -19.21 -19.98
C PRO A 255 0.36 -20.35 -19.02
N TRP A 256 1.31 -20.13 -18.12
CA TRP A 256 1.65 -21.15 -17.13
C TRP A 256 1.44 -20.55 -15.74
N TYR A 257 2.23 -19.53 -15.40
CA TYR A 257 2.09 -18.83 -14.15
C TYR A 257 1.67 -17.40 -14.47
N ALA A 258 0.86 -16.84 -13.59
CA ALA A 258 0.31 -15.53 -13.75
C ALA A 258 0.37 -14.83 -12.41
N TYR A 259 -0.12 -13.58 -12.36
CA TYR A 259 0.00 -12.77 -11.16
C TYR A 259 -1.34 -12.20 -10.68
N LYS A 260 -1.75 -12.57 -9.49
CA LYS A 260 -2.78 -11.82 -8.84
C LYS A 260 -2.11 -10.55 -8.40
N PHE A 261 -2.76 -9.40 -8.61
CA PHE A 261 -2.14 -8.12 -8.23
C PHE A 261 -3.11 -7.15 -7.57
N THR A 262 -2.55 -6.17 -6.89
CA THR A 262 -3.29 -5.06 -6.31
C THR A 262 -2.79 -3.75 -6.93
N SER A 263 -3.68 -2.76 -7.02
CA SER A 263 -3.33 -1.45 -7.57
C SER A 263 -2.96 -0.49 -6.46
N SER A 264 -1.84 0.20 -6.63
CA SER A 264 -1.35 1.08 -5.58
C SER A 264 -2.34 2.22 -5.29
N ARG A 265 -2.45 2.58 -4.00
CA ARG A 265 -3.19 3.77 -3.57
C ARG A 265 -2.31 5.00 -3.84
N HIS A 266 -1.04 4.80 -4.21
CA HIS A 266 -0.09 5.91 -4.42
C HIS A 266 0.44 5.95 -5.82
N LYS A 267 1.00 7.09 -6.19
CA LYS A 267 1.66 7.16 -7.48
C LYS A 267 2.93 6.30 -7.38
N GLY A 268 3.14 5.47 -8.39
CA GLY A 268 4.36 4.68 -8.53
C GLY A 268 5.13 5.11 -9.77
N ALA A 269 6.11 4.31 -10.14
CA ALA A 269 6.99 4.67 -11.25
C ALA A 269 7.95 3.52 -11.58
N ILE A 270 8.43 3.55 -12.81
CA ILE A 270 9.57 2.77 -13.20
C ILE A 270 10.71 3.71 -13.52
N PHE A 271 11.73 3.73 -12.68
CA PHE A 271 12.93 4.53 -12.92
C PHE A 271 13.97 3.75 -13.67
N ARG A 272 14.48 4.31 -14.75
CA ARG A 272 15.63 3.70 -15.41
C ARG A 272 16.87 4.40 -14.91
N SER A 273 17.61 3.75 -14.02
CA SER A 273 18.74 4.41 -13.37
C SER A 273 19.75 3.39 -12.87
N ASP A 274 20.98 3.84 -12.71
CA ASP A 274 22.07 3.02 -12.15
C ASP A 274 22.37 3.36 -10.70
N LEU A 275 21.62 4.28 -10.12
CA LEU A 275 21.85 4.67 -8.73
C LEU A 275 21.63 3.51 -7.76
N PRO A 276 22.42 3.45 -6.70
CA PRO A 276 22.28 2.34 -5.76
C PRO A 276 21.02 2.39 -4.90
N ILE A 277 20.50 1.22 -4.57
CA ILE A 277 19.43 1.14 -3.58
C ILE A 277 20.07 0.90 -2.23
N GLU A 278 19.70 1.69 -1.24
CA GLU A 278 20.33 1.61 0.07
C GLU A 278 19.28 1.54 1.14
N ASN A 279 19.72 1.28 2.36
CA ASN A 279 18.85 1.22 3.50
C ASN A 279 18.58 2.61 4.07
N CYS A 280 17.60 3.29 3.52
CA CYS A 280 17.29 4.66 3.90
C CYS A 280 15.80 4.91 3.66
N ASP A 281 15.31 6.06 4.11
CA ASP A 281 13.94 6.46 3.92
C ASP A 281 13.90 7.82 3.31
N ALA A 282 12.93 8.05 2.45
CA ALA A 282 12.78 9.34 1.82
C ALA A 282 11.32 9.74 1.74
N VAL A 283 11.04 10.98 2.08
CA VAL A 283 9.71 11.55 1.90
C VAL A 283 9.49 11.80 0.42
N CYS A 284 10.55 12.24 -0.24
CA CYS A 284 10.55 12.60 -1.65
C CYS A 284 11.66 11.81 -2.36
N GLN A 285 11.28 10.98 -3.34
CA GLN A 285 12.26 10.21 -4.10
C GLN A 285 12.19 10.52 -5.57
N THR A 286 13.22 11.18 -6.11
CA THR A 286 13.22 11.52 -7.53
C THR A 286 14.08 10.53 -8.28
N LEU A 287 13.89 10.51 -9.58
CA LEU A 287 14.68 9.71 -10.48
C LEU A 287 16.17 9.87 -10.29
N THR A 288 16.60 11.02 -9.82
CA THR A 288 18.05 11.25 -9.67
C THR A 288 18.49 11.36 -8.23
N GLY A 289 17.62 10.97 -7.30
CA GLY A 289 18.01 10.86 -5.91
C GLY A 289 16.93 11.30 -4.94
N ALA A 290 17.19 11.09 -3.65
CA ALA A 290 16.26 11.41 -2.60
C ALA A 290 16.46 12.83 -2.09
N ILE A 291 15.35 13.48 -1.75
CA ILE A 291 15.34 14.82 -1.23
C ILE A 291 14.70 14.83 0.15
N ASN A 292 15.38 15.47 1.09
CA ASN A 292 14.82 15.75 2.40
C ASN A 292 14.90 17.24 2.67
N THR A 293 13.75 17.91 2.63
CA THR A 293 13.75 19.36 2.62
C THR A 293 12.41 19.88 3.05
N ASN A 294 12.41 21.09 3.62
CA ASN A 294 11.20 21.83 3.95
C ASN A 294 10.93 22.87 2.86
N LYS A 295 11.88 23.03 1.93
CA LYS A 295 11.73 24.05 0.88
C LYS A 295 10.62 23.66 -0.07
N THR A 296 10.20 24.62 -0.88
CA THR A 296 8.98 24.49 -1.68
C THR A 296 9.26 24.36 -3.18
N PHE A 297 10.42 24.78 -3.64
CA PHE A 297 10.85 24.46 -5.00
C PHE A 297 12.07 23.57 -4.96
N GLN A 298 12.45 23.07 -6.13
CA GLN A 298 13.41 21.96 -6.24
C GLN A 298 13.89 21.88 -7.68
N ASN A 299 15.20 21.85 -7.92
CA ASN A 299 15.70 21.79 -9.30
C ASN A 299 16.43 20.49 -9.60
N VAL A 300 16.08 19.45 -8.85
CA VAL A 300 16.74 18.17 -8.93
C VAL A 300 16.23 17.30 -10.08
N SER A 301 14.93 17.07 -10.12
CA SER A 301 14.33 16.30 -11.20
C SER A 301 12.83 16.48 -11.27
N PRO A 302 12.26 16.48 -12.48
CA PRO A 302 10.81 16.57 -12.62
C PRO A 302 10.06 15.27 -12.34
N ILE A 303 10.78 14.18 -12.15
CA ILE A 303 10.18 12.86 -12.04
C ILE A 303 10.41 12.29 -10.68
N TRP A 304 9.33 11.96 -10.00
CA TRP A 304 9.45 11.49 -8.62
C TRP A 304 8.27 10.71 -8.15
N ILE A 305 8.43 10.09 -6.98
CA ILE A 305 7.30 9.63 -6.21
C ILE A 305 7.50 10.12 -4.81
N GLY A 306 6.43 10.03 -4.01
CA GLY A 306 6.42 10.60 -2.68
C GLY A 306 5.92 12.03 -2.75
N GLU A 307 6.26 12.83 -1.73
CA GLU A 307 5.85 14.22 -1.62
C GLU A 307 7.05 15.12 -1.87
N CYS A 308 7.15 15.60 -3.08
CA CYS A 308 8.24 16.46 -3.46
C CYS A 308 7.79 17.89 -3.69
N PRO A 309 8.74 18.81 -3.65
CA PRO A 309 8.45 20.18 -4.02
C PRO A 309 8.36 20.33 -5.53
N LYS A 310 7.75 21.43 -5.96
CA LYS A 310 7.66 21.79 -7.37
C LYS A 310 9.04 21.83 -8.10
N TYR A 311 9.14 21.20 -9.25
CA TYR A 311 10.36 21.25 -10.07
C TYR A 311 10.39 22.54 -10.85
N VAL A 312 11.55 23.18 -10.90
CA VAL A 312 11.77 24.35 -11.75
C VAL A 312 13.15 24.30 -12.29
N LYS A 313 13.40 25.04 -13.36
CA LYS A 313 14.74 25.10 -13.97
C LYS A 313 15.74 25.99 -13.21
N SER A 314 15.22 26.91 -12.39
CA SER A 314 16.04 27.89 -11.65
C SER A 314 17.26 27.31 -10.94
N LYS A 315 18.33 28.08 -10.85
CA LYS A 315 19.51 27.72 -10.07
C LYS A 315 19.41 28.22 -8.64
N SER A 316 18.56 29.23 -8.43
CA SER A 316 18.27 29.72 -7.08
C SER A 316 17.01 30.58 -7.06
N LEU A 317 16.38 30.65 -5.91
CA LEU A 317 15.23 31.51 -5.69
C LEU A 317 15.38 32.17 -4.33
N LYS A 318 16.30 33.11 -4.27
CA LYS A 318 16.63 33.77 -3.00
C LYS A 318 15.64 34.92 -2.76
N LEU A 319 14.87 34.79 -1.69
CA LEU A 319 13.88 35.78 -1.28
C LEU A 319 14.41 36.61 -0.13
N ALA A 320 14.47 37.92 -0.33
CA ALA A 320 14.87 38.83 0.74
C ALA A 320 13.86 38.85 1.89
N THR A 321 14.35 38.68 3.12
CA THR A 321 13.53 38.81 4.32
C THR A 321 13.97 39.96 5.19
N GLY A 322 15.11 40.56 4.89
CA GLY A 322 15.70 41.60 5.73
C GLY A 322 15.86 42.88 4.97
N LEU A 323 16.80 43.72 5.39
CA LEU A 323 17.03 45.03 4.78
C LEU A 323 18.20 44.99 3.84
N ARG A 324 18.32 46.02 3.02
CA ARG A 324 19.59 46.25 2.33
C ARG A 324 20.69 46.32 3.37
N ASN A 325 21.74 45.55 3.18
CA ASN A 325 22.84 45.55 4.14
C ASN A 325 23.87 46.56 3.68
N VAL A 326 23.92 47.72 4.32
CA VAL A 326 24.89 48.78 3.94
C VAL A 326 25.53 49.40 5.21
N PRO A 327 26.71 48.88 5.63
CA PRO A 327 27.41 49.47 6.80
C PRO A 327 28.28 50.72 6.45
N GLN A 328 28.68 51.58 7.41
CA GLN A 328 29.76 52.57 7.21
C GLN A 328 30.83 52.46 8.28
N ILE A 338 28.35 60.29 14.37
CA ILE A 338 27.55 59.09 14.06
C ILE A 338 26.74 59.18 12.72
N ALA A 339 25.50 59.67 12.70
CA ALA A 339 24.64 59.72 11.48
C ALA A 339 23.59 58.60 11.22
N GLY A 340 22.47 59.01 10.65
CA GLY A 340 21.30 58.17 10.48
C GLY A 340 21.20 57.52 9.12
N PHE A 341 19.98 57.14 8.78
CA PHE A 341 19.71 56.22 7.68
C PHE A 341 20.21 56.69 6.33
N ILE A 342 20.18 57.99 6.07
CA ILE A 342 20.56 58.48 4.76
C ILE A 342 22.01 58.11 4.37
N GLU A 343 22.90 57.95 5.36
CA GLU A 343 24.28 57.58 5.10
C GLU A 343 24.53 56.08 5.32
N GLY A 344 23.49 55.30 5.51
CA GLY A 344 23.65 53.84 5.68
C GLY A 344 23.05 53.19 6.92
N GLY A 345 23.46 51.94 7.17
CA GLY A 345 22.96 51.15 8.30
C GLY A 345 23.90 51.09 9.49
N TRP A 346 23.35 50.61 10.60
CA TRP A 346 24.02 50.60 11.89
C TRP A 346 24.32 49.18 12.35
N THR A 347 25.57 48.74 12.23
CA THR A 347 25.95 47.43 12.74
C THR A 347 25.67 47.36 14.23
N GLY A 348 25.81 48.48 14.90
CA GLY A 348 25.59 48.54 16.33
C GLY A 348 24.16 48.39 16.81
N MET A 349 23.14 48.37 15.92
CA MET A 349 21.77 48.38 16.44
C MET A 349 21.36 47.06 17.07
N VAL A 350 21.49 45.93 16.35
CA VAL A 350 21.37 44.56 16.93
C VAL A 350 20.00 44.19 17.53
N ASP A 351 19.48 45.02 18.42
CA ASP A 351 18.09 44.93 18.92
C ASP A 351 17.02 44.46 17.91
N GLY A 352 16.97 45.12 16.75
CA GLY A 352 15.87 44.95 15.80
C GLY A 352 16.23 45.50 14.44
N TRP A 353 15.22 45.92 13.67
CA TRP A 353 15.42 46.32 12.28
C TRP A 353 15.48 47.82 12.10
N TYR A 354 14.52 48.51 12.69
CA TYR A 354 14.49 49.97 12.64
C TYR A 354 14.56 50.53 14.06
N GLY A 355 15.22 51.67 14.21
CA GLY A 355 15.29 52.31 15.51
C GLY A 355 16.04 53.62 15.58
N TYR A 356 16.56 53.89 16.77
CA TYR A 356 17.06 55.21 17.14
C TYR A 356 18.47 55.12 17.67
N HIS A 357 19.23 56.20 17.48
CA HIS A 357 20.47 56.42 18.23
C HIS A 357 20.47 57.85 18.77
N HIS A 358 20.67 57.98 20.07
CA HIS A 358 20.59 59.28 20.75
C HIS A 358 21.95 59.64 21.31
N GLU A 359 22.13 60.93 21.62
CA GLU A 359 23.31 61.41 22.37
C GLU A 359 22.97 62.65 23.19
N ASN A 360 23.13 62.53 24.52
CA ASN A 360 22.95 63.64 25.44
C ASN A 360 24.08 63.63 26.50
N SER A 361 23.91 64.39 27.58
CA SER A 361 24.91 64.43 28.66
C SER A 361 24.95 63.15 29.50
N GLN A 362 23.85 62.39 29.51
CA GLN A 362 23.82 61.08 30.19
C GLN A 362 24.34 59.91 29.32
N GLY A 363 25.10 60.20 28.27
CA GLY A 363 25.69 59.17 27.41
C GLY A 363 25.03 59.09 26.04
N SER A 364 25.15 57.95 25.39
CA SER A 364 24.61 57.72 24.04
C SER A 364 24.32 56.23 23.84
N GLY A 365 23.70 55.88 22.72
CA GLY A 365 23.41 54.47 22.43
C GLY A 365 22.33 54.22 21.38
N TYR A 366 22.15 52.93 21.04
CA TYR A 366 21.17 52.47 20.05
C TYR A 366 20.00 51.72 20.69
N ALA A 367 18.82 51.83 20.10
CA ALA A 367 17.65 51.07 20.58
C ALA A 367 16.61 50.92 19.46
N ALA A 368 16.19 49.68 19.19
CA ALA A 368 15.21 49.42 18.12
C ALA A 368 13.81 49.84 18.51
N ASP A 369 13.00 50.19 17.51
CA ASP A 369 11.59 50.43 17.73
C ASP A 369 10.86 49.08 17.64
N LYS A 370 10.53 48.52 18.80
CA LYS A 370 9.84 47.26 18.95
C LYS A 370 8.61 47.15 18.02
N GLU A 371 7.71 48.14 18.10
CA GLU A 371 6.43 48.05 17.41
C GLU A 371 6.54 47.99 15.88
N SER A 372 7.37 48.84 15.28
CA SER A 372 7.54 48.86 13.81
C SER A 372 8.44 47.72 13.30
N THR A 373 9.44 47.33 14.08
CA THR A 373 10.21 46.13 13.79
C THR A 373 9.29 44.90 13.73
N GLN A 374 8.44 44.72 14.75
CA GLN A 374 7.55 43.56 14.83
C GLN A 374 6.49 43.53 13.74
N LYS A 375 5.89 44.68 13.43
CA LYS A 375 4.90 44.78 12.34
C LYS A 375 5.49 44.36 10.99
N ALA A 376 6.74 44.75 10.73
CA ALA A 376 7.44 44.35 9.52
C ALA A 376 7.83 42.86 9.51
N ILE A 377 8.28 42.35 10.65
CA ILE A 377 8.61 40.93 10.76
C ILE A 377 7.37 40.10 10.44
N ASP A 378 6.23 40.50 10.99
CA ASP A 378 4.98 39.77 10.75
C ASP A 378 4.51 39.81 9.28
N GLY A 379 4.61 40.97 8.65
CA GLY A 379 4.28 41.11 7.23
C GLY A 379 5.13 40.26 6.29
N ILE A 380 6.43 40.16 6.59
CA ILE A 380 7.36 39.36 5.78
C ILE A 380 7.11 37.89 6.01
N THR A 381 7.00 37.50 7.27
CA THR A 381 6.67 36.12 7.63
C THR A 381 5.39 35.67 6.96
N ASN A 382 4.39 36.52 6.96
CA ASN A 382 3.13 36.24 6.23
C ASN A 382 3.33 36.12 4.71
N LYS A 383 4.09 37.05 4.13
CA LYS A 383 4.48 36.96 2.71
C LYS A 383 5.14 35.61 2.36
N VAL A 384 6.14 35.22 3.13
CA VAL A 384 6.82 33.95 2.90
C VAL A 384 5.82 32.82 2.92
N ASN A 385 5.06 32.73 4.01
CA ASN A 385 4.04 31.67 4.16
C ASN A 385 2.98 31.70 3.09
N SER A 386 2.61 32.90 2.63
CA SER A 386 1.67 33.04 1.51
C SER A 386 2.25 32.49 0.20
N ILE A 387 3.50 32.82 -0.08
CA ILE A 387 4.20 32.20 -1.20
C ILE A 387 4.28 30.69 -1.08
N ILE A 388 4.79 30.19 0.04
CA ILE A 388 4.79 28.75 0.28
C ILE A 388 3.40 28.12 0.03
N ASP A 389 2.35 28.76 0.54
CA ASP A 389 1.01 28.26 0.41
C ASP A 389 0.59 28.18 -1.06
N LYS A 390 0.84 29.23 -1.84
CA LYS A 390 0.35 29.30 -3.23
C LYS A 390 1.14 28.44 -4.18
N MET A 391 2.33 28.05 -3.77
CA MET A 391 3.18 27.17 -4.56
C MET A 391 3.07 25.73 -4.10
N ASN A 392 2.02 25.41 -3.36
CA ASN A 392 1.88 24.11 -2.75
C ASN A 392 1.14 23.09 -3.63
N THR A 393 1.46 23.10 -4.91
CA THR A 393 0.98 22.08 -5.83
C THR A 393 2.14 21.75 -6.72
N GLN A 394 2.08 20.57 -7.35
CA GLN A 394 3.12 20.19 -8.30
C GLN A 394 2.52 19.66 -9.56
N PHE A 395 3.05 20.12 -10.69
CA PHE A 395 2.87 19.40 -11.93
C PHE A 395 3.78 18.17 -11.84
N GLU A 396 3.25 17.03 -12.25
CA GLU A 396 3.97 15.74 -12.11
C GLU A 396 4.19 15.09 -13.48
N ALA A 397 5.39 15.26 -14.02
CA ALA A 397 5.79 14.57 -15.24
C ALA A 397 5.86 13.08 -15.01
N VAL A 398 5.56 12.30 -16.04
CA VAL A 398 5.59 10.86 -15.93
C VAL A 398 6.49 10.26 -17.00
N GLU A 399 7.16 9.18 -16.65
CA GLU A 399 8.03 8.47 -17.56
C GLU A 399 7.29 7.34 -18.31
N HIS A 400 6.13 7.61 -18.87
CA HIS A 400 5.49 6.61 -19.70
C HIS A 400 6.28 6.45 -20.95
N GLU A 401 6.17 5.30 -21.59
CA GLU A 401 6.89 5.07 -22.81
C GLU A 401 6.01 5.08 -24.03
N PHE A 402 6.64 5.34 -25.17
CA PHE A 402 5.94 5.49 -26.44
C PHE A 402 6.69 4.72 -27.51
N SER A 403 5.94 4.03 -28.36
CA SER A 403 6.56 3.24 -29.41
C SER A 403 7.06 4.17 -30.51
N ASN A 404 7.79 3.57 -31.45
CA ASN A 404 8.30 4.27 -32.61
C ASN A 404 7.14 4.69 -33.51
N LEU A 405 5.93 4.12 -33.33
CA LEU A 405 4.74 4.61 -34.03
C LEU A 405 3.89 5.53 -33.20
N GLU A 406 4.48 6.15 -32.18
CA GLU A 406 3.74 7.05 -31.30
C GLU A 406 4.53 8.34 -31.11
N LYS A 407 5.18 8.80 -32.19
CA LYS A 407 6.00 10.00 -32.12
C LYS A 407 5.16 11.18 -31.78
N ARG A 408 3.96 11.24 -32.34
CA ARG A 408 3.07 12.38 -32.15
C ARG A 408 2.58 12.53 -30.72
N ILE A 409 2.06 11.47 -30.10
CA ILE A 409 1.64 11.62 -28.72
C ILE A 409 2.82 11.73 -27.79
N SER A 410 3.94 11.11 -28.15
CA SER A 410 5.16 11.31 -27.38
C SER A 410 5.56 12.76 -27.41
N ASN A 411 5.50 13.38 -28.57
CA ASN A 411 5.88 14.79 -28.66
C ASN A 411 4.86 15.69 -27.96
N LEU A 412 3.60 15.27 -27.99
CA LEU A 412 2.57 15.99 -27.31
C LEU A 412 2.85 16.00 -25.82
N ASN A 413 3.09 14.82 -25.25
CA ASN A 413 3.50 14.72 -23.85
C ASN A 413 4.72 15.58 -23.50
N LYS A 414 5.75 15.51 -24.32
CA LYS A 414 6.93 16.31 -24.07
C LYS A 414 6.63 17.81 -24.03
N ARG A 415 5.87 18.31 -25.01
CA ARG A 415 5.64 19.75 -25.11
C ARG A 415 4.80 20.21 -23.98
N MET A 416 3.91 19.33 -23.52
CA MET A 416 3.10 19.63 -22.37
C MET A 416 3.95 19.74 -21.11
N GLU A 417 4.77 18.75 -20.86
CA GLU A 417 5.61 18.77 -19.68
C GLU A 417 6.54 19.96 -19.67
N ASP A 418 7.18 20.27 -20.80
CA ASP A 418 8.09 21.43 -20.86
C ASP A 418 7.31 22.72 -20.80
N GLY A 419 6.10 22.70 -21.31
CA GLY A 419 5.18 23.83 -21.17
C GLY A 419 4.94 24.24 -19.72
N PHE A 420 4.49 23.30 -18.88
CA PHE A 420 4.24 23.63 -17.47
C PHE A 420 5.50 23.96 -16.70
N LEU A 421 6.59 23.30 -17.04
CA LEU A 421 7.86 23.65 -16.44
C LEU A 421 8.23 25.11 -16.74
N ASP A 422 7.97 25.56 -17.96
CA ASP A 422 8.35 26.92 -18.28
C ASP A 422 7.43 27.89 -17.63
N VAL A 423 6.16 27.55 -17.50
CA VAL A 423 5.28 28.47 -16.82
C VAL A 423 5.63 28.53 -15.37
N TRP A 424 5.88 27.40 -14.73
CA TRP A 424 6.10 27.48 -13.28
C TRP A 424 7.44 28.13 -12.97
N THR A 425 8.46 27.84 -13.76
CA THR A 425 9.73 28.48 -13.58
C THR A 425 9.55 30.00 -13.69
N TYR A 426 8.91 30.46 -14.76
CA TYR A 426 8.65 31.88 -14.94
C TYR A 426 7.88 32.44 -13.73
N ASN A 427 6.79 31.80 -13.35
CA ASN A 427 6.03 32.25 -12.21
C ASN A 427 6.88 32.42 -10.96
N ALA A 428 7.72 31.44 -10.65
CA ALA A 428 8.54 31.49 -9.46
C ALA A 428 9.63 32.57 -9.55
N GLU A 429 10.37 32.58 -10.64
CA GLU A 429 11.45 33.55 -10.80
C GLU A 429 10.89 34.96 -10.77
N LEU A 430 9.81 35.19 -11.48
CA LEU A 430 9.22 36.52 -11.56
C LEU A 430 8.68 36.96 -10.21
N LEU A 431 8.09 36.06 -9.46
CA LEU A 431 7.53 36.42 -8.16
C LEU A 431 8.63 36.89 -7.20
N VAL A 432 9.72 36.14 -7.15
CA VAL A 432 10.83 36.46 -6.28
C VAL A 432 11.40 37.82 -6.62
N LEU A 433 11.68 38.08 -7.90
CA LEU A 433 12.12 39.41 -8.33
C LEU A 433 11.18 40.54 -7.92
N LEU A 434 9.88 40.37 -8.15
CA LEU A 434 8.93 41.40 -7.84
C LEU A 434 8.72 41.62 -6.34
N GLU A 435 8.59 40.56 -5.58
CA GLU A 435 8.34 40.73 -4.16
C GLU A 435 9.59 41.17 -3.40
N ASN A 436 10.76 40.85 -3.93
CA ASN A 436 11.97 41.36 -3.32
C ASN A 436 12.03 42.88 -3.39
N GLU A 437 11.67 43.43 -4.54
CA GLU A 437 11.65 44.86 -4.69
C GLU A 437 10.64 45.42 -3.73
N ARG A 438 9.48 44.80 -3.58
CA ARG A 438 8.48 45.30 -2.61
C ARG A 438 9.00 45.24 -1.17
N THR A 439 9.60 44.12 -0.80
CA THR A 439 10.14 43.98 0.53
C THR A 439 11.12 45.11 0.84
N LEU A 440 12.06 45.40 -0.07
CA LEU A 440 13.06 46.44 0.20
C LEU A 440 12.48 47.87 0.19
N ASP A 441 11.41 48.10 -0.56
CA ASP A 441 10.74 49.39 -0.54
C ASP A 441 10.00 49.54 0.77
N MET A 442 9.38 48.48 1.25
CA MET A 442 8.69 48.50 2.53
C MET A 442 9.63 48.90 3.69
N HIS A 443 10.88 48.47 3.64
CA HIS A 443 11.86 48.94 4.63
C HIS A 443 12.08 50.43 4.50
N ASP A 444 12.48 50.88 3.31
CA ASP A 444 12.70 52.30 3.09
C ASP A 444 11.55 53.13 3.68
N ALA A 445 10.30 52.68 3.47
CA ALA A 445 9.12 53.41 3.94
C ALA A 445 8.97 53.37 5.46
N ASN A 446 9.18 52.22 6.07
CA ASN A 446 9.09 52.11 7.52
C ASN A 446 10.07 53.01 8.28
N VAL A 447 11.31 53.06 7.79
CA VAL A 447 12.34 53.96 8.29
C VAL A 447 11.84 55.40 8.11
N LYS A 448 11.37 55.77 6.90
CA LYS A 448 10.83 57.12 6.60
C LYS A 448 9.75 57.49 7.60
N ASN A 449 8.88 56.55 7.94
CA ASN A 449 7.83 56.77 8.91
C ASN A 449 8.30 57.16 10.32
N LEU A 450 9.29 56.47 10.85
CA LEU A 450 9.85 56.81 12.15
C LEU A 450 10.46 58.20 12.11
N HIS A 451 11.24 58.47 11.07
CA HIS A 451 11.89 59.76 10.88
C HIS A 451 10.88 60.87 10.82
N GLU A 452 9.78 60.65 10.10
CA GLU A 452 8.73 61.64 9.99
C GLU A 452 7.90 61.80 11.27
N LYS A 453 7.71 60.72 12.05
CA LYS A 453 7.00 60.81 13.34
C LYS A 453 7.77 61.71 14.33
N VAL A 454 9.08 61.54 14.33
CA VAL A 454 10.00 62.40 15.06
C VAL A 454 9.96 63.84 14.54
N LYS A 455 10.16 64.05 13.24
CA LYS A 455 10.16 65.40 12.66
C LYS A 455 8.90 66.21 13.02
N SER A 456 7.71 65.64 12.76
CA SER A 456 6.45 66.33 13.08
C SER A 456 6.37 66.76 14.53
N GLN A 457 6.91 65.94 15.43
CA GLN A 457 6.91 66.27 16.87
C GLN A 457 7.80 67.47 17.25
N LEU A 458 9.02 67.51 16.71
CA LEU A 458 10.02 68.51 17.09
C LEU A 458 9.89 69.86 16.40
N ARG A 459 9.19 69.89 15.27
CA ARG A 459 9.02 71.11 14.51
C ARG A 459 10.34 71.87 14.42
N ASP A 460 10.39 73.11 14.92
CA ASP A 460 11.61 73.93 14.85
C ASP A 460 12.42 73.97 16.18
N ASN A 461 12.07 73.10 17.16
CA ASN A 461 12.94 72.86 18.32
C ASN A 461 14.14 71.97 18.04
N ALA A 462 14.33 71.63 16.77
CA ALA A 462 15.50 70.87 16.35
C ALA A 462 15.76 71.07 14.86
N LYS A 463 17.00 70.80 14.45
CA LYS A 463 17.44 71.02 13.07
C LYS A 463 17.49 69.67 12.34
N ASP A 464 17.04 69.63 11.09
CA ASP A 464 16.98 68.38 10.34
C ASP A 464 18.37 67.80 10.04
N LEU A 465 19.28 68.60 9.48
CA LEU A 465 20.61 68.11 9.02
C LEU A 465 20.59 67.33 7.71
N GLY A 466 19.40 67.00 7.17
CA GLY A 466 19.26 66.35 5.84
C GLY A 466 19.95 65.00 5.76
N ASN A 467 19.97 64.32 6.89
CA ASN A 467 20.97 63.34 7.21
C ASN A 467 20.38 62.14 8.00
N GLY A 468 19.15 62.25 8.47
CA GLY A 468 18.50 61.21 9.26
C GLY A 468 18.50 61.52 10.74
N CYS A 469 19.34 62.45 11.16
CA CYS A 469 19.42 62.83 12.55
C CYS A 469 18.84 64.20 12.78
N PHE A 470 18.52 64.48 14.03
CA PHE A 470 18.04 65.79 14.44
C PHE A 470 18.92 66.35 15.55
N GLU A 471 19.42 67.58 15.38
CA GLU A 471 20.18 68.26 16.43
C GLU A 471 19.24 69.15 17.22
N PHE A 472 19.15 68.87 18.51
CA PHE A 472 18.24 69.60 19.37
C PHE A 472 18.78 71.00 19.63
N TRP A 473 17.92 71.99 19.44
CA TRP A 473 18.22 73.35 19.86
C TRP A 473 18.15 73.51 21.37
N HIS A 474 17.99 72.43 22.13
CA HIS A 474 17.91 72.50 23.59
C HIS A 474 18.51 71.25 24.24
N LYS A 475 18.47 71.20 25.57
CA LYS A 475 18.89 69.98 26.30
C LYS A 475 17.75 68.94 26.26
N CYS A 476 18.11 67.71 25.92
CA CYS A 476 17.17 66.60 25.88
C CYS A 476 17.73 65.42 26.69
N ASP A 477 17.30 65.37 27.95
CA ASP A 477 17.58 64.24 28.84
C ASP A 477 16.98 62.90 28.37
N ASN A 478 17.32 61.82 29.06
CA ASN A 478 16.77 60.49 28.73
C ASN A 478 15.26 60.40 28.82
N GLU A 479 14.67 61.17 29.73
CA GLU A 479 13.21 61.21 29.90
C GLU A 479 12.58 62.01 28.69
N CYS A 480 13.27 63.05 28.20
CA CYS A 480 12.89 63.77 26.96
C CYS A 480 13.00 62.88 25.73
N ILE A 481 14.09 62.12 25.62
CA ILE A 481 14.36 61.27 24.45
C ILE A 481 13.30 60.15 24.35
N ASN A 482 12.96 59.56 25.51
CA ASN A 482 11.92 58.54 25.63
C ASN A 482 10.53 59.08 25.33
N SER A 483 10.31 60.34 25.69
CA SER A 483 9.06 61.04 25.36
C SER A 483 8.91 61.19 23.83
N VAL A 484 10.03 61.27 23.11
CA VAL A 484 10.01 61.30 21.64
C VAL A 484 9.70 59.91 21.10
N LYS A 485 10.33 58.87 21.66
CA LYS A 485 10.05 57.50 21.22
C LYS A 485 8.59 57.13 21.41
N ASN A 486 8.05 57.32 22.62
CA ASN A 486 6.64 56.96 22.88
C ASN A 486 5.62 57.91 22.20
N GLY A 487 6.11 58.96 21.54
CA GLY A 487 5.25 59.86 20.77
C GLY A 487 4.49 60.90 21.59
N THR A 488 5.04 61.30 22.75
CA THR A 488 4.41 62.26 23.69
C THR A 488 5.47 63.29 24.08
N TYR A 489 5.84 64.17 23.17
CA TYR A 489 7.09 64.91 23.29
C TYR A 489 6.97 66.16 24.15
N ASN A 490 6.08 67.08 23.78
CA ASN A 490 5.89 68.37 24.49
C ASN A 490 6.78 69.48 23.92
N TYR A 491 6.37 70.00 22.77
CA TYR A 491 7.05 71.11 22.08
C TYR A 491 7.10 72.39 22.92
N PRO A 492 5.94 72.83 23.48
CA PRO A 492 5.97 74.13 24.21
C PRO A 492 7.00 74.23 25.35
N LYS A 493 7.19 73.16 26.10
CA LYS A 493 8.12 73.16 27.23
C LYS A 493 9.54 73.61 26.86
N TYR A 494 9.99 73.24 25.67
CA TYR A 494 11.35 73.53 25.25
C TYR A 494 11.38 74.59 24.17
N GLN A 495 10.22 75.18 23.86
CA GLN A 495 10.10 76.14 22.75
C GLN A 495 10.82 77.46 22.96
N GLU A 496 10.74 78.00 24.18
CA GLU A 496 11.44 79.24 24.53
C GLU A 496 12.97 79.04 24.54
N GLU A 497 13.45 78.06 25.31
CA GLU A 497 14.87 77.70 25.34
C GLU A 497 15.41 77.54 23.93
N SER A 498 14.60 76.89 23.08
CA SER A 498 14.93 76.65 21.68
C SER A 498 15.12 77.93 20.89
N ARG A 499 14.06 78.73 20.80
CA ARG A 499 14.06 79.93 19.97
C ARG A 499 15.20 80.88 20.28
N LEU A 500 15.64 80.95 21.54
CA LEU A 500 16.75 81.87 21.87
C LEU A 500 18.07 81.44 21.22
N ASN A 501 18.28 80.13 21.07
CA ASN A 501 19.49 79.58 20.47
C ASN A 501 19.36 79.48 18.94
N ARG A 502 18.12 79.46 18.43
CA ARG A 502 17.83 79.38 17.00
C ARG A 502 17.92 80.75 16.32
N GLU A 503 17.96 81.82 17.14
CA GLU A 503 18.17 83.22 16.69
C GLU A 503 19.55 83.78 17.13
N ASP B 5 14.29 85.83 -6.49
CA ASP B 5 15.27 84.70 -6.60
C ASP B 5 14.61 83.38 -6.26
N LYS B 6 14.77 82.37 -7.12
CA LYS B 6 14.05 81.09 -6.94
C LYS B 6 14.70 79.83 -7.52
N ILE B 7 14.23 78.69 -7.04
CA ILE B 7 14.65 77.37 -7.54
C ILE B 7 13.42 76.46 -7.63
N CYS B 8 13.31 75.70 -8.71
CA CYS B 8 12.19 74.80 -8.91
C CYS B 8 12.66 73.37 -9.07
N ILE B 9 11.79 72.44 -8.65
CA ILE B 9 11.97 71.02 -8.91
C ILE B 9 10.93 70.60 -9.94
N GLY B 10 11.38 69.88 -10.95
CA GLY B 10 10.51 69.46 -12.03
C GLY B 10 11.02 68.23 -12.76
N TYR B 11 10.30 67.83 -13.80
CA TYR B 11 10.63 66.65 -14.55
C TYR B 11 10.51 66.89 -16.05
N HIS B 12 11.11 65.97 -16.80
CA HIS B 12 11.22 66.04 -18.23
C HIS B 12 9.86 65.91 -18.94
N ALA B 13 9.74 66.56 -20.08
CA ALA B 13 8.64 66.35 -21.01
C ALA B 13 9.21 66.47 -22.42
N ASN B 14 8.41 66.07 -23.42
CA ASN B 14 8.83 66.13 -24.82
C ASN B 14 7.63 66.08 -25.78
N ASN B 15 7.89 65.87 -27.08
CA ASN B 15 6.85 65.89 -28.12
C ASN B 15 6.13 64.56 -28.36
N SER B 16 6.52 63.51 -27.62
CA SER B 16 5.97 62.15 -27.79
C SER B 16 4.43 62.03 -27.56
N THR B 17 3.77 61.25 -28.41
CA THR B 17 2.33 61.01 -28.29
C THR B 17 2.02 59.54 -28.01
N THR B 18 3.05 58.74 -27.78
CA THR B 18 2.91 57.33 -27.47
C THR B 18 2.20 57.12 -26.16
N GLN B 19 1.24 56.19 -26.16
CA GLN B 19 0.46 55.91 -24.96
C GLN B 19 0.65 54.47 -24.48
N VAL B 20 0.53 54.30 -23.17
CA VAL B 20 0.61 52.97 -22.57
C VAL B 20 -0.60 52.83 -21.66
N ASP B 21 -0.79 51.62 -21.15
CA ASP B 21 -1.84 51.37 -20.17
C ASP B 21 -1.24 50.93 -18.84
N THR B 22 -2.03 51.11 -17.79
CA THR B 22 -1.70 50.61 -16.46
C THR B 22 -2.96 49.98 -15.90
N ILE B 23 -2.79 49.27 -14.80
CA ILE B 23 -3.90 48.63 -14.13
C ILE B 23 -4.93 49.66 -13.67
N LEU B 24 -4.47 50.88 -13.35
CA LEU B 24 -5.34 51.96 -12.84
C LEU B 24 -5.92 52.92 -13.88
N GLU B 25 -5.24 53.09 -15.00
CA GLU B 25 -5.70 54.06 -16.00
C GLU B 25 -5.16 53.74 -17.38
N LYS B 26 -5.83 54.27 -18.38
CA LYS B 26 -5.59 53.90 -19.77
C LYS B 26 -5.17 55.10 -20.59
N ASN B 27 -4.64 54.84 -21.78
CA ASN B 27 -4.30 55.88 -22.73
C ASN B 27 -3.46 56.99 -22.06
N VAL B 28 -2.44 56.57 -21.34
CA VAL B 28 -1.56 57.51 -20.64
C VAL B 28 -0.34 57.84 -21.50
N THR B 29 -0.18 59.11 -21.87
CA THR B 29 0.92 59.53 -22.76
C THR B 29 2.23 59.55 -21.97
N VAL B 30 3.29 59.00 -22.56
CA VAL B 30 4.59 58.97 -21.88
C VAL B 30 5.70 59.49 -22.78
N THR B 31 6.82 59.83 -22.15
CA THR B 31 7.95 60.43 -22.84
C THR B 31 8.73 59.39 -23.64
N HIS B 32 8.77 58.17 -23.12
CA HIS B 32 9.53 57.08 -23.71
C HIS B 32 8.79 55.76 -23.47
N SER B 33 8.87 54.88 -24.46
CA SER B 33 8.30 53.54 -24.35
C SER B 33 9.00 52.57 -25.31
N VAL B 34 8.96 51.29 -24.96
CA VAL B 34 9.47 50.24 -25.81
C VAL B 34 8.27 49.29 -26.08
N GLU B 35 8.05 48.96 -27.35
CA GLU B 35 7.04 47.97 -27.75
C GLU B 35 7.74 46.62 -27.73
N LEU B 36 7.17 45.69 -26.99
CA LEU B 36 7.77 44.36 -26.79
C LEU B 36 7.28 43.33 -27.79
N LEU B 37 6.21 43.65 -28.52
CA LEU B 37 5.58 42.71 -29.43
C LEU B 37 5.99 42.96 -30.86
N GLU B 38 6.43 41.90 -31.53
CA GLU B 38 6.73 41.98 -32.93
C GLU B 38 5.48 41.59 -33.69
N THR B 39 5.06 42.43 -34.61
CA THR B 39 3.87 42.15 -35.42
C THR B 39 4.16 42.03 -36.93
N GLN B 40 5.40 42.29 -37.33
CA GLN B 40 5.80 42.28 -38.74
C GLN B 40 6.52 40.98 -39.15
N LYS B 41 6.27 40.55 -40.37
CA LYS B 41 6.87 39.35 -40.94
C LYS B 41 7.04 39.56 -42.41
N GLU B 42 8.03 38.91 -42.98
CA GLU B 42 8.18 38.86 -44.44
C GLU B 42 7.37 37.68 -44.94
N SER B 43 6.38 37.93 -45.78
CA SER B 43 5.51 36.88 -46.28
C SER B 43 6.18 35.98 -47.30
N ARG B 44 7.14 35.19 -46.82
CA ARG B 44 7.87 34.25 -47.68
C ARG B 44 8.62 33.21 -46.84
N PHE B 45 9.17 32.21 -47.53
CA PHE B 45 9.89 31.12 -46.91
C PHE B 45 11.37 31.20 -47.23
N CYS B 46 12.19 31.19 -46.19
CA CYS B 46 13.60 31.45 -46.28
C CYS B 46 14.39 30.25 -45.85
N ARG B 47 15.70 30.31 -46.04
CA ARG B 47 16.58 29.27 -45.56
C ARG B 47 16.65 29.37 -44.05
N VAL B 48 16.90 28.24 -43.40
CA VAL B 48 17.09 28.21 -41.96
C VAL B 48 18.36 27.39 -41.63
N LEU B 49 19.26 27.96 -40.84
CA LEU B 49 20.61 27.43 -40.67
C LEU B 49 21.20 27.02 -42.02
N ASN B 50 21.04 27.93 -42.97
CA ASN B 50 21.59 27.78 -44.32
C ASN B 50 21.07 26.64 -45.16
N LYS B 51 19.99 26.02 -44.78
CA LYS B 51 19.42 24.96 -45.60
C LYS B 51 18.03 25.38 -46.06
N ALA B 52 17.75 25.09 -47.32
CA ALA B 52 16.54 25.54 -47.95
C ALA B 52 15.40 24.60 -47.71
N PRO B 53 14.18 25.12 -47.75
CA PRO B 53 13.07 24.22 -47.68
C PRO B 53 12.91 23.51 -49.00
N LEU B 54 12.18 22.41 -48.99
CA LEU B 54 11.84 21.62 -50.17
C LEU B 54 10.42 21.94 -50.60
N ASP B 55 10.28 22.43 -51.82
CA ASP B 55 9.01 22.79 -52.40
C ASP B 55 8.43 21.60 -53.12
N LEU B 56 7.28 21.11 -52.68
CA LEU B 56 6.70 19.90 -53.25
C LEU B 56 5.86 20.18 -54.47
N GLY B 57 5.69 21.46 -54.81
CA GLY B 57 5.03 21.83 -56.05
C GLY B 57 3.60 21.34 -56.10
N ASP B 58 3.25 20.61 -57.16
CA ASP B 58 1.91 20.04 -57.31
C ASP B 58 1.78 18.66 -56.66
N CYS B 59 2.73 18.31 -55.81
CA CYS B 59 2.70 16.99 -55.15
C CYS B 59 2.44 17.10 -53.67
N THR B 60 1.79 16.05 -53.16
CA THR B 60 1.60 15.93 -51.72
C THR B 60 2.78 15.17 -51.20
N THR B 61 2.96 15.22 -49.89
CA THR B 61 4.04 14.49 -49.22
C THR B 61 4.05 13.01 -49.63
N GLU B 62 2.87 12.42 -49.74
CA GLU B 62 2.76 11.04 -50.12
C GLU B 62 3.12 10.78 -51.55
N GLY B 63 2.64 11.63 -52.45
CA GLY B 63 2.99 11.48 -53.85
C GLY B 63 4.51 11.60 -54.05
N TRP B 64 5.10 12.52 -53.34
CA TRP B 64 6.52 12.70 -53.37
C TRP B 64 7.23 11.44 -52.94
N ILE B 65 6.91 10.93 -51.78
CA ILE B 65 7.72 9.90 -51.16
C ILE B 65 7.46 8.50 -51.71
N LEU B 66 6.30 8.28 -52.29
CA LEU B 66 6.02 6.99 -52.95
C LEU B 66 6.51 7.03 -54.35
N GLY B 67 6.84 8.23 -54.83
CA GLY B 67 7.34 8.44 -56.20
C GLY B 67 6.27 8.40 -57.28
N ASN B 68 5.12 9.02 -57.01
CA ASN B 68 4.08 9.21 -58.02
C ASN B 68 4.80 9.77 -59.25
N PRO B 69 4.58 9.19 -60.43
CA PRO B 69 5.38 9.55 -61.58
C PRO B 69 5.15 10.94 -62.12
N ARG B 70 4.11 11.64 -61.67
CA ARG B 70 3.94 13.06 -62.01
C ARG B 70 4.73 13.96 -61.06
N CYS B 71 5.51 13.38 -60.17
CA CYS B 71 6.33 14.14 -59.22
C CYS B 71 7.83 14.08 -59.49
N ASP B 72 8.19 13.75 -60.73
CA ASP B 72 9.61 13.52 -61.11
C ASP B 72 10.52 14.72 -60.79
N LYS B 73 9.95 15.91 -60.69
CA LYS B 73 10.75 17.07 -60.28
C LYS B 73 11.42 16.90 -58.92
N LEU B 74 10.88 16.03 -58.08
CA LEU B 74 11.44 15.80 -56.75
C LEU B 74 12.35 14.56 -56.66
N LEU B 75 12.41 13.79 -57.73
CA LEU B 75 12.96 12.42 -57.70
C LEU B 75 14.44 12.43 -57.38
N GLY B 76 14.84 11.63 -56.38
CA GLY B 76 16.24 11.47 -56.02
C GLY B 76 16.64 12.05 -54.70
N ASP B 77 17.92 12.27 -54.55
CA ASP B 77 18.47 12.73 -53.31
C ASP B 77 18.00 14.14 -53.05
N ARG B 78 17.51 14.40 -51.85
CA ARG B 78 17.10 15.75 -51.46
C ARG B 78 17.43 16.03 -50.01
N SER B 79 17.46 17.29 -49.67
CA SER B 79 17.76 17.65 -48.34
C SER B 79 17.07 18.98 -48.07
N TRP B 80 16.71 19.23 -46.82
CA TRP B 80 15.85 20.35 -46.49
C TRP B 80 15.80 20.65 -45.00
N SER B 81 15.55 21.90 -44.67
CA SER B 81 15.31 22.35 -43.31
C SER B 81 13.84 22.24 -42.91
N TYR B 82 12.96 22.30 -43.93
CA TYR B 82 11.56 22.08 -43.74
C TYR B 82 10.91 21.82 -45.09
N ILE B 83 9.66 21.39 -45.05
CA ILE B 83 8.95 21.02 -46.25
C ILE B 83 7.77 21.97 -46.45
N VAL B 84 7.55 22.38 -47.68
CA VAL B 84 6.47 23.25 -48.01
C VAL B 84 5.59 22.49 -48.95
N GLU B 85 4.41 22.14 -48.46
CA GLU B 85 3.42 21.47 -49.28
C GLU B 85 2.38 22.51 -49.68
N ARG B 86 2.03 22.53 -50.96
CA ARG B 86 1.04 23.46 -51.46
C ARG B 86 -0.38 22.93 -51.19
N PRO B 87 -1.29 23.82 -50.76
CA PRO B 87 -2.60 23.36 -50.30
C PRO B 87 -3.39 22.63 -51.37
N ASP B 88 -3.21 23.05 -52.61
CA ASP B 88 -4.00 22.53 -53.70
C ASP B 88 -3.28 21.46 -54.51
N ALA B 89 -2.21 20.87 -53.95
CA ALA B 89 -1.47 19.82 -54.63
C ALA B 89 -2.37 18.65 -55.02
N GLN B 90 -2.24 18.21 -56.28
CA GLN B 90 -3.15 17.22 -56.83
C GLN B 90 -2.54 15.82 -56.94
N ASN B 91 -1.22 15.71 -56.89
CA ASN B 91 -0.55 14.43 -57.14
C ASN B 91 -0.10 13.80 -55.84
N GLY B 92 -0.84 12.77 -55.42
CA GLY B 92 -0.60 12.06 -54.18
C GLY B 92 -0.77 10.57 -54.43
N ILE B 93 -1.68 9.93 -53.72
CA ILE B 93 -1.90 8.51 -53.86
C ILE B 93 -2.88 8.30 -54.97
N CYS B 94 -2.34 8.03 -56.14
CA CYS B 94 -3.12 8.03 -57.37
C CYS B 94 -3.91 6.75 -57.50
N TYR B 95 -3.32 5.59 -57.26
CA TYR B 95 -4.12 4.34 -57.22
C TYR B 95 -4.76 4.22 -55.85
N PRO B 96 -6.10 4.07 -55.81
CA PRO B 96 -6.80 4.26 -54.55
C PRO B 96 -6.45 3.25 -53.48
N GLY B 97 -6.41 3.73 -52.26
CA GLY B 97 -6.12 2.90 -51.10
C GLY B 97 -5.53 3.74 -49.95
N VAL B 98 -5.07 3.04 -48.94
CA VAL B 98 -4.78 3.70 -47.69
C VAL B 98 -3.35 3.46 -47.36
N LEU B 99 -2.69 4.53 -46.98
CA LEU B 99 -1.37 4.44 -46.44
C LEU B 99 -1.56 4.21 -44.95
N LYS B 100 -1.13 3.06 -44.46
CA LYS B 100 -1.17 2.79 -43.04
C LYS B 100 -0.21 3.69 -42.23
N GLU B 101 -0.72 4.22 -41.12
CA GLU B 101 0.01 5.08 -40.21
C GLU B 101 0.57 6.28 -40.95
N ALA B 102 -0.28 6.90 -41.77
CA ALA B 102 0.15 8.01 -42.61
C ALA B 102 0.63 9.21 -41.82
N GLU B 103 -0.02 9.45 -40.69
CA GLU B 103 0.23 10.63 -39.88
C GLU B 103 1.55 10.48 -39.19
N GLU B 104 1.90 9.26 -38.81
CA GLU B 104 3.19 8.97 -38.20
C GLU B 104 4.31 9.06 -39.23
N LEU B 105 4.04 8.61 -40.44
CA LEU B 105 4.98 8.80 -41.54
C LEU B 105 5.31 10.26 -41.73
N LYS B 106 4.32 11.13 -41.69
CA LYS B 106 4.58 12.54 -41.87
C LYS B 106 5.41 13.12 -40.77
N ALA B 107 5.14 12.71 -39.54
CA ALA B 107 5.97 13.15 -38.41
C ALA B 107 7.43 12.69 -38.65
N LEU B 108 7.62 11.46 -39.11
CA LEU B 108 8.94 10.97 -39.35
C LEU B 108 9.61 11.87 -40.36
N ILE B 109 8.93 12.08 -41.48
CA ILE B 109 9.47 12.85 -42.60
C ILE B 109 9.83 14.27 -42.18
N GLY B 110 9.00 14.86 -41.33
CA GLY B 110 9.29 16.18 -40.77
C GLY B 110 10.55 16.21 -39.92
N SER B 111 10.99 15.06 -39.42
CA SER B 111 12.17 15.02 -38.59
C SER B 111 13.41 14.60 -39.40
N ILE B 112 13.23 14.42 -40.71
CA ILE B 112 14.32 14.02 -41.53
C ILE B 112 14.99 15.22 -42.18
N ASP B 113 16.28 15.10 -42.37
CA ASP B 113 16.91 16.24 -43.04
C ASP B 113 17.45 15.97 -44.41
N THR B 114 17.88 14.76 -44.71
CA THR B 114 18.41 14.41 -46.02
C THR B 114 18.00 12.99 -46.34
N ILE B 115 17.75 12.73 -47.63
CA ILE B 115 17.44 11.38 -48.08
C ILE B 115 18.26 11.08 -49.32
N GLN B 116 18.59 9.81 -49.49
CA GLN B 116 19.32 9.32 -50.67
C GLN B 116 18.61 8.11 -51.25
N ARG B 117 18.12 8.26 -52.47
CA ARG B 117 17.27 7.25 -53.07
C ARG B 117 18.15 6.24 -53.71
N PHE B 118 17.80 4.98 -53.59
CA PHE B 118 18.58 3.92 -54.17
C PHE B 118 17.66 2.72 -54.47
N GLU B 119 18.11 1.86 -55.36
CA GLU B 119 17.35 0.67 -55.76
C GLU B 119 17.54 -0.39 -54.72
N MET B 120 16.47 -0.71 -53.98
CA MET B 120 16.56 -1.68 -52.90
C MET B 120 16.42 -3.11 -53.44
N PHE B 121 15.45 -3.30 -54.33
CA PHE B 121 15.11 -4.60 -54.91
C PHE B 121 14.91 -4.39 -56.38
N PRO B 122 15.91 -4.76 -57.19
CA PRO B 122 15.75 -4.57 -58.64
C PRO B 122 14.77 -5.58 -59.18
N LYS B 123 14.29 -5.34 -60.39
CA LYS B 123 13.28 -6.19 -60.96
C LYS B 123 13.74 -7.64 -61.08
N SER B 124 15.04 -7.83 -61.36
CA SER B 124 15.61 -9.16 -61.48
C SER B 124 15.49 -9.98 -60.19
N THR B 125 15.17 -9.36 -59.03
CA THR B 125 15.05 -10.15 -57.79
C THR B 125 13.86 -11.08 -57.87
N TRP B 126 12.85 -10.72 -58.64
CA TRP B 126 11.59 -11.50 -58.67
C TRP B 126 11.54 -12.30 -59.95
N THR B 127 11.68 -13.63 -59.84
CA THR B 127 11.84 -14.49 -61.05
C THR B 127 10.60 -15.32 -61.33
N GLY B 128 10.32 -15.54 -62.61
CA GLY B 128 9.14 -16.27 -63.02
C GLY B 128 7.86 -15.45 -62.96
N VAL B 129 7.98 -14.13 -63.00
CA VAL B 129 6.82 -13.27 -62.97
C VAL B 129 7.06 -12.11 -63.90
N ASP B 130 6.02 -11.31 -64.11
CA ASP B 130 6.05 -10.15 -65.00
C ASP B 130 6.27 -8.87 -64.18
N THR B 131 7.46 -8.30 -64.37
CA THR B 131 7.85 -7.13 -63.66
C THR B 131 7.66 -5.91 -64.53
N ASN B 132 7.08 -6.05 -65.72
CA ASN B 132 7.01 -4.92 -66.68
C ASN B 132 5.63 -4.52 -67.14
N SER B 133 4.60 -5.03 -66.48
CA SER B 133 3.23 -4.69 -66.85
C SER B 133 2.47 -4.07 -65.68
N GLY B 134 3.21 -3.65 -64.65
CA GLY B 134 2.57 -3.13 -63.44
C GLY B 134 2.23 -1.67 -63.49
N VAL B 135 1.24 -1.32 -64.32
CA VAL B 135 0.91 0.08 -64.57
C VAL B 135 -0.60 0.30 -64.55
N THR B 136 -1.03 1.54 -64.32
CA THR B 136 -2.45 1.87 -64.28
C THR B 136 -2.73 3.20 -64.89
N SER B 137 -3.96 3.33 -65.38
CA SER B 137 -4.50 4.62 -65.81
C SER B 137 -4.71 5.62 -64.66
N ALA B 138 -4.74 5.14 -63.42
CA ALA B 138 -4.85 6.01 -62.28
C ALA B 138 -3.56 6.77 -61.98
N CYS B 139 -2.44 6.22 -62.38
CA CYS B 139 -1.12 6.87 -62.17
C CYS B 139 -0.49 7.10 -63.54
N THR B 140 -0.79 8.24 -64.13
CA THR B 140 -0.36 8.51 -65.49
C THR B 140 0.97 9.23 -65.50
N TYR B 141 1.66 9.14 -66.64
CA TYR B 141 2.93 9.84 -66.85
C TYR B 141 3.02 10.18 -68.33
N ASN B 142 2.93 11.47 -68.64
CA ASN B 142 2.78 11.93 -70.03
C ASN B 142 1.57 11.28 -70.75
N GLY B 143 0.39 11.24 -70.09
CA GLY B 143 -0.81 10.64 -70.67
C GLY B 143 -0.95 9.12 -70.63
N GLY B 144 0.15 8.39 -70.61
CA GLY B 144 0.10 6.93 -70.60
C GLY B 144 0.07 6.37 -69.18
N SER B 145 -0.29 5.11 -69.07
CA SER B 145 -0.42 4.44 -67.79
C SER B 145 0.95 4.17 -67.21
N SER B 146 1.04 4.24 -65.89
CA SER B 146 2.33 4.13 -65.20
C SER B 146 2.08 3.75 -63.76
N PHE B 147 3.06 4.01 -62.89
CA PHE B 147 2.98 3.58 -61.48
C PHE B 147 4.03 4.28 -60.63
N TYR B 148 3.87 4.17 -59.33
CA TYR B 148 4.80 4.81 -58.42
C TYR B 148 6.19 4.33 -58.77
N ARG B 149 7.18 5.23 -58.76
CA ARG B 149 8.57 4.87 -59.09
C ARG B 149 9.30 4.18 -57.96
N ASN B 150 8.76 4.22 -56.73
CA ASN B 150 9.37 3.51 -55.62
C ASN B 150 8.75 2.12 -55.28
N LEU B 151 7.73 1.71 -56.04
CA LEU B 151 7.02 0.45 -55.84
C LEU B 151 6.94 -0.29 -57.15
N LEU B 152 6.88 -1.60 -57.09
CA LEU B 152 6.78 -2.41 -58.29
C LEU B 152 5.59 -3.30 -58.21
N TRP B 153 4.70 -3.16 -59.18
CA TRP B 153 3.49 -3.95 -59.23
C TRP B 153 3.75 -5.17 -60.07
N ILE B 154 3.97 -6.29 -59.41
CA ILE B 154 4.25 -7.56 -60.05
C ILE B 154 2.97 -8.32 -60.29
N ILE B 155 2.86 -8.89 -61.48
CA ILE B 155 1.77 -9.79 -61.84
C ILE B 155 2.32 -11.06 -62.53
N LYS B 156 1.50 -12.08 -62.68
CA LYS B 156 1.92 -13.31 -63.33
C LYS B 156 2.11 -13.13 -64.84
N ILE B 157 2.99 -13.94 -65.43
CA ILE B 157 3.05 -14.06 -66.89
C ILE B 157 1.81 -14.86 -67.29
N ARG B 158 1.18 -14.48 -68.39
CA ARG B 158 -0.11 -15.08 -68.76
C ARG B 158 -0.11 -16.60 -68.83
N SER B 159 0.91 -17.16 -69.47
CA SER B 159 1.03 -18.61 -69.64
C SER B 159 1.34 -19.37 -68.34
N ASP B 160 2.14 -18.78 -67.46
CA ASP B 160 2.68 -19.49 -66.30
C ASP B 160 1.96 -19.16 -65.00
N PRO B 161 2.05 -20.05 -64.01
CA PRO B 161 1.58 -19.68 -62.70
C PRO B 161 2.52 -18.68 -62.05
N TYR B 162 2.00 -17.93 -61.09
CA TYR B 162 2.78 -17.01 -60.29
C TYR B 162 3.57 -17.87 -59.34
N SER B 163 4.88 -17.94 -59.58
CA SER B 163 5.78 -18.74 -58.77
C SER B 163 6.00 -18.06 -57.42
N LEU B 164 6.38 -18.84 -56.41
CA LEU B 164 6.88 -18.24 -55.19
C LEU B 164 8.09 -17.36 -55.55
N ILE B 165 8.12 -16.13 -55.02
CA ILE B 165 9.20 -15.19 -55.31
C ILE B 165 9.79 -14.71 -53.99
N LYS B 166 11.07 -14.41 -54.03
CA LYS B 166 11.83 -14.11 -52.83
C LYS B 166 12.80 -12.99 -53.09
N GLY B 167 13.08 -12.24 -52.04
CA GLY B 167 14.08 -11.20 -52.12
C GLY B 167 14.61 -10.84 -50.75
N THR B 168 15.88 -10.47 -50.69
CA THR B 168 16.43 -9.99 -49.44
C THR B 168 17.26 -8.74 -49.65
N TYR B 169 17.35 -7.91 -48.63
CA TYR B 169 18.25 -6.76 -48.65
C TYR B 169 18.76 -6.53 -47.24
N THR B 170 20.03 -6.17 -47.12
CA THR B 170 20.65 -5.96 -45.81
C THR B 170 21.21 -4.56 -45.74
N ASN B 171 20.79 -3.83 -44.73
CA ASN B 171 21.27 -2.51 -44.51
C ASN B 171 22.62 -2.61 -43.83
N THR B 172 23.68 -2.38 -44.61
CA THR B 172 25.03 -2.46 -44.13
C THR B 172 25.62 -1.10 -43.82
N GLY B 173 24.81 -0.05 -43.89
CA GLY B 173 25.28 1.30 -43.59
C GLY B 173 24.91 1.71 -42.18
N SER B 174 25.18 2.96 -41.86
CA SER B 174 24.87 3.52 -40.55
C SER B 174 23.58 4.35 -40.55
N GLN B 175 23.02 4.59 -41.74
CA GLN B 175 21.82 5.34 -41.90
C GLN B 175 20.64 4.41 -41.94
N SER B 176 19.53 4.84 -41.35
CA SER B 176 18.29 4.06 -41.42
C SER B 176 17.73 4.14 -42.82
N ILE B 177 16.87 3.20 -43.18
CA ILE B 177 16.29 3.19 -44.52
C ILE B 177 14.78 3.19 -44.44
N LEU B 178 14.17 4.10 -45.18
CA LEU B 178 12.72 4.22 -45.24
C LEU B 178 12.27 3.53 -46.51
N TYR B 179 11.36 2.58 -46.41
CA TYR B 179 10.90 1.87 -47.59
C TYR B 179 9.38 1.60 -47.53
N PHE B 180 8.82 1.18 -48.66
CA PHE B 180 7.38 1.05 -48.79
C PHE B 180 7.02 -0.23 -49.52
N TRP B 181 5.81 -0.73 -49.23
CA TRP B 181 5.27 -1.86 -49.99
C TRP B 181 3.79 -1.79 -49.92
N GLY B 182 3.12 -2.73 -50.56
CA GLY B 182 1.68 -2.78 -50.53
C GLY B 182 1.14 -4.15 -50.79
N VAL B 183 -0.15 -4.30 -50.49
CA VAL B 183 -0.89 -5.50 -50.85
C VAL B 183 -2.02 -5.05 -51.74
N HIS B 184 -2.12 -5.69 -52.89
CA HIS B 184 -3.18 -5.33 -53.81
C HIS B 184 -4.41 -6.20 -53.52
N HIS B 185 -5.56 -5.54 -53.45
CA HIS B 185 -6.85 -6.21 -53.29
C HIS B 185 -7.74 -6.01 -54.52
N PRO B 186 -7.80 -7.01 -55.42
CA PRO B 186 -8.71 -6.91 -56.57
C PRO B 186 -10.13 -6.84 -56.14
N PRO B 187 -11.02 -6.38 -57.03
CA PRO B 187 -12.43 -6.24 -56.65
C PRO B 187 -13.26 -7.53 -56.83
N ASP B 188 -12.69 -8.55 -57.47
CA ASP B 188 -13.36 -9.82 -57.68
C ASP B 188 -12.39 -10.96 -57.98
N ASP B 189 -12.89 -12.19 -57.92
CA ASP B 189 -12.05 -13.39 -58.07
C ASP B 189 -11.52 -13.56 -59.49
N VAL B 190 -12.19 -12.96 -60.46
CA VAL B 190 -11.78 -13.12 -61.86
C VAL B 190 -10.50 -12.36 -62.11
N GLU B 191 -10.44 -11.13 -61.61
CA GLU B 191 -9.26 -10.31 -61.72
C GLU B 191 -8.15 -10.93 -60.86
N GLN B 192 -8.48 -11.36 -59.66
CA GLN B 192 -7.52 -12.08 -58.84
C GLN B 192 -6.85 -13.22 -59.64
N ALA B 193 -7.66 -14.03 -60.30
CA ALA B 193 -7.15 -15.21 -61.01
C ALA B 193 -6.29 -14.79 -62.16
N ASN B 194 -6.73 -13.76 -62.85
CA ASN B 194 -6.01 -13.21 -63.97
C ASN B 194 -4.58 -12.75 -63.67
N LEU B 195 -4.45 -11.99 -62.59
CA LEU B 195 -3.21 -11.29 -62.22
C LEU B 195 -2.26 -12.13 -61.37
N TYR B 196 -2.81 -12.95 -60.48
CA TYR B 196 -2.00 -13.68 -59.51
C TYR B 196 -2.29 -15.18 -59.51
N GLY B 197 -3.56 -15.54 -59.42
CA GLY B 197 -3.96 -16.93 -59.33
C GLY B 197 -4.93 -17.17 -58.20
N LEU B 198 -5.59 -18.32 -58.25
CA LEU B 198 -6.55 -18.65 -57.22
C LEU B 198 -5.83 -19.33 -56.07
N GLY B 199 -6.57 -19.67 -55.04
CA GLY B 199 -5.98 -20.30 -53.87
C GLY B 199 -5.56 -19.23 -52.91
N THR B 200 -5.05 -19.66 -51.75
CA THR B 200 -4.46 -18.77 -50.76
C THR B 200 -3.25 -18.08 -51.38
N ARG B 201 -3.18 -16.78 -51.19
CA ARG B 201 -2.07 -15.98 -51.60
C ARG B 201 -1.60 -15.16 -50.41
N TYR B 202 -0.30 -14.85 -50.36
CA TYR B 202 0.27 -14.10 -49.23
C TYR B 202 1.42 -13.16 -49.64
N VAL B 203 1.57 -12.12 -48.84
CA VAL B 203 2.66 -11.18 -48.91
C VAL B 203 3.33 -11.23 -47.56
N ARG B 204 4.58 -11.69 -47.53
CA ARG B 204 5.32 -11.78 -46.29
C ARG B 204 6.59 -10.95 -46.29
N MET B 205 6.78 -10.16 -45.22
CA MET B 205 7.95 -9.30 -45.05
C MET B 205 8.50 -9.55 -43.65
N GLY B 206 9.80 -9.80 -43.55
CA GLY B 206 10.41 -10.09 -42.26
C GLY B 206 11.72 -9.37 -41.98
N THR B 207 11.90 -8.98 -40.73
CA THR B 207 13.11 -8.30 -40.28
C THR B 207 13.52 -8.85 -38.90
N GLU B 208 14.66 -8.44 -38.38
CA GLU B 208 15.01 -8.83 -37.02
C GLU B 208 13.96 -8.38 -36.01
N SER B 209 13.21 -7.33 -36.37
CA SER B 209 12.29 -6.66 -35.43
C SER B 209 10.83 -6.44 -35.88
N MET B 210 10.45 -6.81 -37.10
CA MET B 210 9.06 -6.64 -37.56
C MET B 210 8.69 -7.85 -38.38
N ASN B 211 7.43 -8.25 -38.27
CA ASN B 211 6.91 -9.40 -39.00
C ASN B 211 5.57 -9.04 -39.69
N PHE B 212 5.34 -9.51 -40.91
CA PHE B 212 4.23 -9.06 -41.70
C PHE B 212 3.81 -10.21 -42.56
N ALA B 213 2.53 -10.54 -42.49
CA ALA B 213 1.98 -11.61 -43.32
C ALA B 213 0.49 -11.32 -43.57
N LYS B 214 0.13 -11.04 -44.82
CA LYS B 214 -1.22 -10.69 -45.18
C LYS B 214 -1.58 -11.21 -46.56
N GLY B 215 -2.88 -11.33 -46.83
CA GLY B 215 -3.39 -11.81 -48.10
C GLY B 215 -4.36 -10.82 -48.70
N PRO B 216 -4.88 -11.14 -49.91
CA PRO B 216 -5.90 -10.32 -50.54
C PRO B 216 -7.17 -10.35 -49.74
N GLU B 217 -7.86 -9.22 -49.69
CA GLU B 217 -9.12 -9.07 -49.02
C GLU B 217 -10.06 -8.60 -50.12
N ILE B 218 -10.38 -9.53 -51.01
CA ILE B 218 -11.15 -9.25 -52.21
C ILE B 218 -12.56 -8.77 -51.93
N ALA B 219 -12.97 -7.72 -52.63
CA ALA B 219 -14.31 -7.16 -52.45
C ALA B 219 -14.65 -6.17 -53.57
N ASP B 220 -15.89 -6.19 -54.04
CA ASP B 220 -16.30 -5.14 -54.96
C ASP B 220 -16.57 -3.83 -54.20
N ARG B 221 -15.93 -2.78 -54.68
CA ARG B 221 -15.89 -1.45 -54.01
C ARG B 221 -16.05 -0.39 -55.05
N PRO B 222 -16.61 0.77 -54.68
CA PRO B 222 -17.00 1.66 -55.78
C PRO B 222 -15.75 2.26 -56.32
N PRO B 223 -15.78 2.71 -57.58
CA PRO B 223 -14.52 3.06 -58.21
C PRO B 223 -14.05 4.35 -57.61
N ALA B 224 -12.75 4.43 -57.42
CA ALA B 224 -12.11 5.63 -57.01
C ALA B 224 -11.01 5.81 -58.02
N ASN B 225 -10.89 7.03 -58.51
CA ASN B 225 -9.94 7.34 -59.56
C ASN B 225 -10.01 6.30 -60.70
N GLY B 226 -11.24 5.87 -60.99
CA GLY B 226 -11.48 4.90 -62.07
C GLY B 226 -11.21 3.43 -61.78
N GLN B 227 -10.94 3.09 -60.51
CA GLN B 227 -10.48 1.78 -60.16
C GLN B 227 -11.28 1.19 -59.02
N ARG B 228 -11.75 -0.02 -59.20
CA ARG B 228 -12.53 -0.72 -58.19
C ARG B 228 -11.62 -1.53 -57.29
N GLY B 229 -10.37 -1.74 -57.70
CA GLY B 229 -9.36 -2.36 -56.85
C GLY B 229 -8.89 -1.41 -55.76
N ARG B 230 -8.05 -1.93 -54.86
CA ARG B 230 -7.36 -1.08 -53.89
C ARG B 230 -5.99 -1.61 -53.56
N ILE B 231 -5.15 -0.75 -53.01
CA ILE B 231 -3.87 -1.15 -52.50
C ILE B 231 -3.80 -0.64 -51.09
N ASP B 232 -3.46 -1.54 -50.16
CA ASP B 232 -3.06 -1.10 -48.82
C ASP B 232 -1.58 -0.85 -48.88
N TYR B 233 -1.17 0.41 -48.66
CA TYR B 233 0.23 0.78 -48.66
C TYR B 233 0.78 0.74 -47.24
N TYR B 234 1.99 0.24 -47.09
CA TYR B 234 2.67 0.17 -45.80
C TYR B 234 4.08 0.78 -45.92
N TRP B 235 4.59 1.27 -44.80
CA TRP B 235 5.92 1.84 -44.74
C TRP B 235 6.63 1.35 -43.50
N SER B 236 7.96 1.38 -43.53
CA SER B 236 8.72 0.96 -42.39
C SER B 236 10.12 1.44 -42.52
N VAL B 237 10.87 1.27 -41.46
CA VAL B 237 12.25 1.71 -41.40
C VAL B 237 13.13 0.53 -41.10
N LEU B 238 14.01 0.19 -42.03
CA LEU B 238 15.00 -0.88 -41.84
C LEU B 238 16.19 -0.25 -41.17
N LYS B 239 16.48 -0.66 -39.94
CA LYS B 239 17.51 -0.04 -39.11
C LYS B 239 18.91 -0.50 -39.53
N PRO B 240 19.94 0.24 -39.15
CA PRO B 240 21.29 -0.19 -39.56
C PRO B 240 21.60 -1.57 -39.03
N GLY B 241 22.16 -2.43 -39.88
CA GLY B 241 22.41 -3.82 -39.54
C GLY B 241 21.30 -4.77 -39.92
N GLU B 242 20.05 -4.30 -39.98
CA GLU B 242 18.93 -5.22 -40.15
C GLU B 242 18.84 -5.69 -41.57
N THR B 243 18.16 -6.81 -41.74
CA THR B 243 18.03 -7.38 -43.05
C THR B 243 16.52 -7.68 -43.25
N LEU B 244 16.04 -7.45 -44.46
CA LEU B 244 14.64 -7.59 -44.80
C LEU B 244 14.48 -8.75 -45.72
N ASN B 245 13.55 -9.64 -45.43
CA ASN B 245 13.24 -10.71 -46.39
C ASN B 245 11.83 -10.59 -46.88
N VAL B 246 11.65 -10.84 -48.17
CA VAL B 246 10.38 -10.67 -48.85
C VAL B 246 10.05 -11.99 -49.52
N GLU B 247 8.83 -12.48 -49.31
CA GLU B 247 8.36 -13.71 -49.99
C GLU B 247 6.89 -13.51 -50.30
N SER B 248 6.51 -13.85 -51.54
CA SER B 248 5.11 -13.80 -51.94
C SER B 248 4.83 -14.73 -53.11
N ASN B 249 3.58 -15.17 -53.19
CA ASN B 249 3.05 -15.89 -54.35
C ASN B 249 1.86 -15.14 -54.95
N GLY B 250 1.70 -13.87 -54.59
CA GLY B 250 0.67 -13.05 -55.17
C GLY B 250 0.35 -11.78 -54.40
N ASN B 251 -0.14 -10.79 -55.14
CA ASN B 251 -0.72 -9.58 -54.57
C ASN B 251 0.27 -8.63 -53.96
N LEU B 252 1.56 -8.87 -54.24
CA LEU B 252 2.61 -8.06 -53.67
C LEU B 252 2.78 -6.87 -54.56
N ILE B 253 2.78 -5.69 -53.95
CA ILE B 253 3.34 -4.50 -54.51
C ILE B 253 4.67 -4.40 -53.77
N ALA B 254 5.75 -4.70 -54.48
CA ALA B 254 7.07 -4.84 -53.87
C ALA B 254 7.73 -3.51 -53.69
N PRO B 255 8.53 -3.36 -52.63
CA PRO B 255 9.47 -2.24 -52.64
C PRO B 255 10.42 -2.29 -53.84
N TRP B 256 10.71 -1.13 -54.43
CA TRP B 256 11.64 -1.05 -55.54
C TRP B 256 12.79 -0.13 -55.16
N TYR B 257 12.48 1.16 -54.94
CA TYR B 257 13.47 2.14 -54.49
C TYR B 257 13.07 2.57 -53.11
N ALA B 258 14.07 2.86 -52.29
CA ALA B 258 13.87 3.28 -50.92
C ALA B 258 14.86 4.41 -50.60
N TYR B 259 14.85 4.91 -49.39
CA TYR B 259 15.63 6.07 -49.03
C TYR B 259 16.48 5.87 -47.80
N LYS B 260 17.78 5.98 -47.97
CA LYS B 260 18.63 6.09 -46.82
C LYS B 260 18.39 7.49 -46.33
N PHE B 261 18.24 7.69 -45.02
CA PHE B 261 18.01 9.02 -44.50
C PHE B 261 18.78 9.34 -43.23
N THR B 262 18.87 10.63 -42.94
CA THR B 262 19.47 11.15 -41.72
C THR B 262 18.41 11.94 -40.95
N SER B 263 18.52 11.94 -39.62
CA SER B 263 17.58 12.61 -38.76
C SER B 263 18.11 13.97 -38.36
N SER B 264 17.27 14.97 -38.48
CA SER B 264 17.69 16.34 -38.24
C SER B 264 18.07 16.52 -36.80
N ARG B 265 19.11 17.30 -36.59
CA ARG B 265 19.49 17.75 -35.27
C ARG B 265 18.52 18.83 -34.76
N HIS B 266 17.66 19.33 -35.65
CA HIS B 266 16.75 20.43 -35.36
C HIS B 266 15.29 20.09 -35.57
N LYS B 267 14.44 20.92 -34.99
CA LYS B 267 13.04 20.78 -35.18
C LYS B 267 12.81 21.14 -36.63
N GLY B 268 12.05 20.28 -37.30
CA GLY B 268 11.58 20.54 -38.64
C GLY B 268 10.05 20.66 -38.66
N ALA B 269 9.49 20.66 -39.87
CA ALA B 269 8.08 20.91 -40.06
C ALA B 269 7.66 20.70 -41.52
N ILE B 270 6.38 20.40 -41.69
CA ILE B 270 5.73 20.45 -42.97
C ILE B 270 4.72 21.57 -42.93
N PHE B 271 4.98 22.64 -43.67
CA PHE B 271 4.08 23.79 -43.75
C PHE B 271 3.15 23.62 -44.97
N ARG B 272 1.84 23.77 -44.75
CA ARG B 272 0.93 23.77 -45.85
C ARG B 272 0.66 25.24 -46.15
N SER B 273 1.27 25.75 -47.21
CA SER B 273 1.23 27.19 -47.49
C SER B 273 1.51 27.48 -48.95
N ASP B 274 0.99 28.61 -49.44
CA ASP B 274 1.20 29.03 -50.82
C ASP B 274 2.26 30.11 -50.90
N LEU B 275 2.87 30.47 -49.78
CA LEU B 275 3.86 31.56 -49.75
C LEU B 275 5.09 31.23 -50.57
N PRO B 276 5.69 32.22 -51.23
CA PRO B 276 6.81 31.94 -52.15
C PRO B 276 8.11 31.61 -51.40
N ILE B 277 8.91 30.73 -51.98
CA ILE B 277 10.22 30.46 -51.43
C ILE B 277 11.22 31.37 -52.13
N GLU B 278 12.04 32.08 -51.38
CA GLU B 278 12.91 33.09 -51.98
C GLU B 278 14.30 32.94 -51.44
N ASN B 279 15.23 33.68 -52.02
CA ASN B 279 16.67 33.65 -51.63
C ASN B 279 16.94 34.55 -50.43
N CYS B 280 16.71 34.03 -49.23
CA CYS B 280 16.80 34.81 -48.02
C CYS B 280 17.16 33.87 -46.89
N ASP B 281 17.53 34.45 -45.76
CA ASP B 281 17.84 33.68 -44.56
C ASP B 281 16.97 34.18 -43.42
N ALA B 282 16.52 33.27 -42.56
CA ALA B 282 15.69 33.63 -41.43
C ALA B 282 16.13 32.90 -40.20
N VAL B 283 16.30 33.67 -39.13
CA VAL B 283 16.61 33.09 -37.84
C VAL B 283 15.36 32.39 -37.37
N CYS B 284 14.22 33.04 -37.63
CA CYS B 284 12.91 32.58 -37.22
C CYS B 284 12.02 32.47 -38.46
N GLN B 285 11.52 31.27 -38.74
CA GLN B 285 10.63 31.06 -39.88
C GLN B 285 9.30 30.50 -39.43
N THR B 286 8.22 31.29 -39.53
CA THR B 286 6.91 30.81 -39.12
C THR B 286 6.14 30.37 -40.33
N LEU B 287 5.10 29.60 -40.09
CA LEU B 287 4.17 29.19 -41.14
C LEU B 287 3.67 30.33 -42.01
N THR B 288 3.62 31.54 -41.47
CA THR B 288 3.05 32.67 -42.21
C THR B 288 4.07 33.70 -42.53
N GLY B 289 5.34 33.38 -42.36
CA GLY B 289 6.42 34.22 -42.86
C GLY B 289 7.59 34.28 -41.93
N ALA B 290 8.64 34.93 -42.37
CA ALA B 290 9.90 35.03 -41.63
C ALA B 290 9.91 36.27 -40.75
N ILE B 291 10.51 36.13 -39.60
CA ILE B 291 10.63 37.19 -38.61
C ILE B 291 12.10 37.46 -38.30
N ASN B 292 12.47 38.73 -38.37
CA ASN B 292 13.78 39.16 -37.94
C ASN B 292 13.52 40.27 -36.94
N THR B 293 13.80 39.98 -35.68
CA THR B 293 13.46 40.90 -34.63
C THR B 293 14.31 40.61 -33.42
N ASN B 294 14.49 41.64 -32.60
CA ASN B 294 15.09 41.49 -31.32
C ASN B 294 14.03 41.45 -30.22
N LYS B 295 12.77 41.70 -30.59
CA LYS B 295 11.68 41.71 -29.62
C LYS B 295 11.44 40.30 -29.12
N THR B 296 10.71 40.21 -28.03
CA THR B 296 10.63 38.97 -27.26
C THR B 296 9.28 38.30 -27.36
N PHE B 297 8.26 39.05 -27.75
CA PHE B 297 6.96 38.46 -28.08
C PHE B 297 6.64 38.72 -29.51
N GLN B 298 5.59 38.07 -29.99
CA GLN B 298 5.33 37.96 -31.42
C GLN B 298 3.88 37.50 -31.58
N ASN B 299 3.10 38.17 -32.44
CA ASN B 299 1.72 37.75 -32.67
C ASN B 299 1.46 37.25 -34.11
N VAL B 300 2.51 36.77 -34.76
CA VAL B 300 2.47 36.39 -36.17
C VAL B 300 1.91 35.00 -36.36
N SER B 301 2.50 34.01 -35.69
CA SER B 301 2.04 32.63 -35.79
C SER B 301 2.61 31.78 -34.67
N PRO B 302 1.81 30.81 -34.17
CA PRO B 302 2.30 29.88 -33.16
C PRO B 302 3.14 28.75 -33.73
N ILE B 303 3.26 28.65 -35.06
CA ILE B 303 3.97 27.55 -35.69
C ILE B 303 5.21 28.01 -36.40
N TRP B 304 6.36 27.45 -36.03
CA TRP B 304 7.60 27.87 -36.64
C TRP B 304 8.72 26.86 -36.55
N ILE B 305 9.79 27.14 -37.27
CA ILE B 305 11.07 26.52 -36.97
C ILE B 305 12.08 27.62 -36.83
N GLY B 306 13.26 27.28 -36.29
CA GLY B 306 14.28 28.26 -35.98
C GLY B 306 14.07 28.77 -34.58
N GLU B 307 14.61 29.95 -34.29
CA GLU B 307 14.53 30.58 -32.98
C GLU B 307 13.58 31.78 -33.06
N CYS B 308 12.34 31.58 -32.63
CA CYS B 308 11.36 32.64 -32.64
C CYS B 308 11.04 33.14 -31.24
N PRO B 309 10.52 34.37 -31.14
CA PRO B 309 9.93 34.83 -29.89
C PRO B 309 8.60 34.17 -29.56
N LYS B 310 8.22 34.27 -28.30
CA LYS B 310 6.96 33.69 -27.79
C LYS B 310 5.71 34.20 -28.51
N TYR B 311 4.84 33.29 -28.92
CA TYR B 311 3.60 33.69 -29.58
C TYR B 311 2.59 34.13 -28.49
N VAL B 312 1.90 35.25 -28.72
CA VAL B 312 0.78 35.67 -27.90
C VAL B 312 -0.33 36.20 -28.78
N LYS B 313 -1.55 36.27 -28.24
CA LYS B 313 -2.71 36.88 -28.95
C LYS B 313 -2.75 38.41 -28.97
N SER B 314 -2.03 39.05 -28.04
CA SER B 314 -1.96 40.51 -27.95
C SER B 314 -1.73 41.26 -29.28
N LYS B 315 -2.32 42.45 -29.39
CA LYS B 315 -2.08 43.36 -30.52
C LYS B 315 -0.91 44.30 -30.24
N SER B 316 -0.59 44.48 -28.96
CA SER B 316 0.54 45.28 -28.55
C SER B 316 0.89 45.04 -27.08
N LEU B 317 2.16 45.27 -26.75
CA LEU B 317 2.65 45.17 -25.38
C LEU B 317 3.60 46.32 -25.12
N LYS B 318 3.01 47.49 -24.98
CA LYS B 318 3.78 48.74 -24.85
C LYS B 318 4.15 48.97 -23.40
N LEU B 319 5.45 48.95 -23.15
CA LEU B 319 6.01 49.13 -21.83
C LEU B 319 6.55 50.53 -21.67
N ALA B 320 6.07 51.25 -20.68
CA ALA B 320 6.60 52.58 -20.36
C ALA B 320 8.05 52.51 -19.87
N THR B 321 8.91 53.31 -20.47
CA THR B 321 10.29 53.49 -20.02
C THR B 321 10.60 54.91 -19.57
N GLY B 322 9.68 55.84 -19.77
CA GLY B 322 9.88 57.24 -19.41
C GLY B 322 8.82 57.74 -18.43
N LEU B 323 8.58 59.05 -18.43
CA LEU B 323 7.66 59.68 -17.49
C LEU B 323 6.32 59.96 -18.14
N ARG B 324 5.32 60.24 -17.32
CA ARG B 324 4.10 60.83 -17.85
C ARG B 324 4.49 62.06 -18.63
N ASN B 325 4.05 62.19 -19.87
CA ASN B 325 4.39 63.34 -20.68
C ASN B 325 3.31 64.39 -20.52
N VAL B 326 3.58 65.45 -19.74
CA VAL B 326 2.61 66.51 -19.49
C VAL B 326 3.28 67.89 -19.63
N PRO B 327 3.27 68.49 -20.84
CA PRO B 327 3.83 69.83 -21.00
C PRO B 327 2.81 70.87 -20.57
N GLY B 344 3.07 70.71 -14.09
CA GLY B 344 3.46 69.84 -15.22
C GLY B 344 4.96 69.62 -15.43
N GLY B 345 5.29 69.18 -16.64
CA GLY B 345 6.67 68.89 -17.03
C GLY B 345 7.31 70.01 -17.82
N TRP B 346 8.62 69.91 -17.97
CA TRP B 346 9.45 70.93 -18.58
C TRP B 346 10.05 70.45 -19.91
N THR B 347 9.50 70.91 -21.04
CA THR B 347 10.08 70.57 -22.34
C THR B 347 11.52 71.09 -22.42
N GLY B 348 11.79 72.19 -21.73
CA GLY B 348 13.12 72.75 -21.69
C GLY B 348 14.18 72.00 -20.90
N MET B 349 13.85 70.93 -20.16
CA MET B 349 14.90 70.30 -19.34
C MET B 349 15.96 69.53 -20.16
N VAL B 350 15.53 68.59 -21.01
CA VAL B 350 16.43 67.96 -22.01
C VAL B 350 17.63 67.16 -21.46
N ASP B 351 18.43 67.75 -20.58
CA ASP B 351 19.49 67.07 -19.82
C ASP B 351 19.20 65.63 -19.35
N GLY B 352 18.06 65.47 -18.70
CA GLY B 352 17.73 64.22 -18.01
C GLY B 352 16.25 64.13 -17.69
N TRP B 353 15.92 63.40 -16.62
CA TRP B 353 14.52 63.08 -16.29
C TRP B 353 13.98 63.94 -15.15
N TYR B 354 14.75 64.06 -14.08
CA TYR B 354 14.38 64.92 -12.96
C TYR B 354 15.45 65.98 -12.73
N GLY B 355 15.03 67.17 -12.31
CA GLY B 355 15.99 68.23 -12.06
C GLY B 355 15.45 69.55 -11.54
N TYR B 356 16.21 70.60 -11.83
CA TYR B 356 16.02 71.91 -11.25
C TYR B 356 15.90 73.00 -12.30
N HIS B 357 15.17 74.07 -11.99
CA HIS B 357 15.26 75.34 -12.74
C HIS B 357 15.45 76.47 -11.75
N HIS B 358 16.51 77.24 -11.93
CA HIS B 358 16.87 78.32 -11.02
C HIS B 358 16.72 79.65 -11.71
N GLU B 359 16.64 80.73 -10.93
CA GLU B 359 16.70 82.10 -11.45
C GLU B 359 17.31 83.06 -10.42
N ASN B 360 18.44 83.68 -10.78
CA ASN B 360 19.11 84.68 -9.96
C ASN B 360 19.57 85.84 -10.84
N SER B 361 20.43 86.71 -10.31
CA SER B 361 20.93 87.85 -11.08
C SER B 361 21.97 87.44 -12.16
N GLN B 362 22.58 86.25 -12.02
CA GLN B 362 23.48 85.70 -13.06
C GLN B 362 22.74 84.91 -14.17
N GLY B 363 21.43 85.13 -14.32
CA GLY B 363 20.63 84.46 -15.36
C GLY B 363 19.70 83.40 -14.80
N SER B 364 19.33 82.45 -15.65
CA SER B 364 18.43 81.36 -15.27
C SER B 364 18.69 80.14 -16.16
N GLY B 365 18.05 79.01 -15.85
CA GLY B 365 18.22 77.83 -16.68
C GLY B 365 17.78 76.53 -16.02
N TYR B 366 17.79 75.46 -16.81
CA TYR B 366 17.42 74.12 -16.37
C TYR B 366 18.64 73.22 -16.24
N ALA B 367 18.61 72.28 -15.30
CA ALA B 367 19.71 71.32 -15.14
C ALA B 367 19.23 70.06 -14.44
N ALA B 368 19.44 68.90 -15.06
CA ALA B 368 18.99 67.63 -14.50
C ALA B 368 19.82 67.20 -13.31
N ASP B 369 19.23 66.44 -12.39
CA ASP B 369 19.97 65.80 -11.31
C ASP B 369 20.52 64.47 -11.82
N LYS B 370 21.81 64.47 -12.14
CA LYS B 370 22.49 63.30 -12.70
C LYS B 370 22.27 62.06 -11.87
N GLU B 371 22.51 62.13 -10.57
CA GLU B 371 22.47 60.93 -9.71
C GLU B 371 21.10 60.21 -9.67
N SER B 372 20.01 60.97 -9.50
CA SER B 372 18.67 60.39 -9.44
C SER B 372 18.12 60.03 -10.83
N THR B 373 18.45 60.82 -11.86
CA THR B 373 18.16 60.44 -13.25
C THR B 373 18.82 59.09 -13.61
N GLN B 374 20.10 58.96 -13.32
CA GLN B 374 20.86 57.74 -13.66
C GLN B 374 20.37 56.50 -12.91
N LYS B 375 20.08 56.64 -11.62
CA LYS B 375 19.57 55.53 -10.80
C LYS B 375 18.24 55.01 -11.35
N ALA B 376 17.38 55.92 -11.82
CA ALA B 376 16.11 55.55 -12.45
C ALA B 376 16.28 54.92 -13.84
N ILE B 377 17.20 55.46 -14.65
CA ILE B 377 17.50 54.87 -15.96
C ILE B 377 17.97 53.43 -15.78
N ASP B 378 18.86 53.20 -14.83
CA ASP B 378 19.40 51.88 -14.57
C ASP B 378 18.34 50.89 -14.10
N GLY B 379 17.47 51.33 -13.19
CA GLY B 379 16.36 50.48 -12.71
C GLY B 379 15.40 50.05 -13.80
N ILE B 380 15.09 50.96 -14.74
CA ILE B 380 14.20 50.68 -15.86
C ILE B 380 14.85 49.77 -16.87
N THR B 381 16.08 50.10 -17.27
CA THR B 381 16.84 49.24 -18.16
C THR B 381 16.93 47.82 -17.61
N ASN B 382 17.20 47.69 -16.32
CA ASN B 382 17.24 46.39 -15.67
C ASN B 382 15.88 45.68 -15.73
N LYS B 383 14.81 46.40 -15.40
CA LYS B 383 13.44 45.88 -15.52
C LYS B 383 13.17 45.33 -16.93
N VAL B 384 13.46 46.09 -17.97
CA VAL B 384 13.26 45.64 -19.34
C VAL B 384 14.03 44.36 -19.61
N ASN B 385 15.32 44.37 -19.32
CA ASN B 385 16.14 43.18 -19.50
C ASN B 385 15.73 42.00 -18.67
N SER B 386 15.25 42.24 -17.46
CA SER B 386 14.72 41.17 -16.61
C SER B 386 13.49 40.54 -17.25
N ILE B 387 12.59 41.37 -17.75
CA ILE B 387 11.42 40.88 -18.47
C ILE B 387 11.88 40.06 -19.67
N ILE B 388 12.72 40.64 -20.51
CA ILE B 388 13.26 39.91 -21.66
C ILE B 388 13.85 38.56 -21.25
N ASP B 389 14.61 38.56 -20.17
CA ASP B 389 15.23 37.34 -19.69
C ASP B 389 14.19 36.28 -19.25
N LYS B 390 13.18 36.68 -18.48
CA LYS B 390 12.20 35.72 -17.96
C LYS B 390 11.20 35.21 -19.01
N MET B 391 11.07 35.94 -20.12
CA MET B 391 10.19 35.54 -21.20
C MET B 391 10.97 34.84 -22.30
N ASN B 392 12.17 34.37 -21.97
CA ASN B 392 13.09 33.81 -22.96
C ASN B 392 12.90 32.32 -23.18
N THR B 393 11.66 31.92 -23.26
CA THR B 393 11.34 30.57 -23.47
C THR B 393 10.09 30.57 -24.39
N GLN B 394 9.88 29.51 -25.17
CA GLN B 394 8.68 29.43 -26.01
C GLN B 394 7.98 28.10 -25.91
N PHE B 395 6.67 28.17 -25.74
CA PHE B 395 5.87 27.02 -26.04
C PHE B 395 5.80 26.88 -27.57
N GLU B 396 5.96 25.65 -28.07
CA GLU B 396 6.05 25.37 -29.49
C GLU B 396 4.92 24.44 -29.98
N ALA B 397 3.87 25.05 -30.55
CA ALA B 397 2.81 24.31 -31.21
C ALA B 397 3.33 23.57 -32.43
N VAL B 398 2.75 22.41 -32.73
CA VAL B 398 3.20 21.60 -33.85
C VAL B 398 2.04 21.23 -34.73
N GLU B 399 2.30 21.17 -36.03
CA GLU B 399 1.31 20.84 -37.04
C GLU B 399 1.27 19.34 -37.35
N HIS B 400 1.28 18.49 -36.33
CA HIS B 400 1.13 17.08 -36.60
C HIS B 400 -0.29 16.86 -37.06
N GLU B 401 -0.51 15.80 -37.80
CA GLU B 401 -1.84 15.52 -38.29
C GLU B 401 -2.47 14.40 -37.50
N PHE B 402 -3.81 14.41 -37.52
CA PHE B 402 -4.59 13.44 -36.81
C PHE B 402 -5.66 12.91 -37.74
N SER B 403 -5.90 11.60 -37.69
CA SER B 403 -6.90 11.01 -38.54
C SER B 403 -8.30 11.36 -37.98
N ASN B 404 -9.31 10.97 -38.74
CA ASN B 404 -10.71 11.11 -38.33
C ASN B 404 -11.01 10.21 -37.15
N LEU B 405 -10.16 9.21 -36.87
CA LEU B 405 -10.32 8.40 -35.66
C LEU B 405 -9.42 8.85 -34.52
N GLU B 406 -8.97 10.09 -34.56
CA GLU B 406 -8.09 10.60 -33.53
C GLU B 406 -8.61 11.95 -33.09
N LYS B 407 -9.94 12.09 -33.02
CA LYS B 407 -10.56 13.35 -32.62
C LYS B 407 -10.14 13.69 -31.22
N ARG B 408 -10.07 12.68 -30.34
CA ARG B 408 -9.76 12.95 -28.94
C ARG B 408 -8.35 13.49 -28.74
N ILE B 409 -7.33 12.85 -29.30
CA ILE B 409 -5.98 13.38 -29.10
C ILE B 409 -5.77 14.63 -29.91
N SER B 410 -6.44 14.76 -31.04
CA SER B 410 -6.43 16.03 -31.77
C SER B 410 -7.00 17.14 -30.93
N ASN B 411 -8.13 16.91 -30.26
CA ASN B 411 -8.73 17.94 -29.42
C ASN B 411 -7.85 18.18 -28.18
N LEU B 412 -7.21 17.12 -27.68
CA LEU B 412 -6.32 17.24 -26.55
C LEU B 412 -5.16 18.17 -26.90
N ASN B 413 -4.50 17.91 -28.03
CA ASN B 413 -3.50 18.81 -28.55
C ASN B 413 -3.98 20.23 -28.72
N LYS B 414 -5.15 20.43 -29.30
CA LYS B 414 -5.69 21.77 -29.47
C LYS B 414 -5.90 22.50 -28.14
N ARG B 415 -6.52 21.84 -27.17
CA ARG B 415 -6.83 22.51 -25.91
C ARG B 415 -5.57 22.83 -25.16
N MET B 416 -4.58 21.98 -25.33
CA MET B 416 -3.28 22.24 -24.72
C MET B 416 -2.61 23.46 -25.35
N GLU B 417 -2.54 23.49 -26.67
CA GLU B 417 -1.91 24.61 -27.34
C GLU B 417 -2.61 25.92 -27.03
N ASP B 418 -3.93 25.94 -27.05
CA ASP B 418 -4.69 27.14 -26.69
C ASP B 418 -4.59 27.45 -25.20
N GLY B 419 -4.46 26.43 -24.38
CA GLY B 419 -4.17 26.59 -22.95
C GLY B 419 -2.92 27.40 -22.67
N PHE B 420 -1.79 27.01 -23.22
CA PHE B 420 -0.54 27.76 -22.99
C PHE B 420 -0.59 29.12 -23.60
N LEU B 421 -1.22 29.22 -24.75
CA LEU B 421 -1.35 30.51 -25.39
C LEU B 421 -2.10 31.45 -24.47
N ASP B 422 -3.14 30.96 -23.81
CA ASP B 422 -3.92 31.86 -22.97
C ASP B 422 -3.14 32.20 -21.72
N VAL B 423 -2.37 31.27 -21.19
CA VAL B 423 -1.60 31.58 -20.00
C VAL B 423 -0.49 32.54 -20.34
N TRP B 424 0.21 32.34 -21.44
CA TRP B 424 1.30 33.26 -21.74
C TRP B 424 0.79 34.64 -22.12
N THR B 425 -0.30 34.71 -22.88
CA THR B 425 -0.87 35.99 -23.22
C THR B 425 -1.22 36.74 -21.95
N TYR B 426 -1.94 36.08 -21.05
CA TYR B 426 -2.32 36.69 -19.78
C TYR B 426 -1.08 37.15 -19.03
N ASN B 427 -0.10 36.28 -18.87
CA ASN B 427 1.12 36.66 -18.19
C ASN B 427 1.75 37.88 -18.75
N ALA B 428 1.86 37.96 -20.07
CA ALA B 428 2.49 39.10 -20.73
C ALA B 428 1.66 40.38 -20.59
N GLU B 429 0.37 40.33 -20.91
CA GLU B 429 -0.49 41.50 -20.81
C GLU B 429 -0.57 42.03 -19.39
N LEU B 430 -0.72 41.12 -18.44
CA LEU B 430 -0.81 41.50 -17.03
C LEU B 430 0.48 42.12 -16.53
N LEU B 431 1.62 41.60 -16.95
CA LEU B 431 2.91 42.10 -16.49
C LEU B 431 3.12 43.51 -16.95
N VAL B 432 2.81 43.77 -18.20
CA VAL B 432 2.96 45.11 -18.75
C VAL B 432 2.09 46.13 -18.01
N LEU B 433 0.81 45.82 -17.84
CA LEU B 433 -0.07 46.69 -17.05
C LEU B 433 0.46 46.98 -15.63
N LEU B 434 0.87 45.94 -14.92
CA LEU B 434 1.36 46.11 -13.55
C LEU B 434 2.70 46.84 -13.42
N GLU B 435 3.67 46.50 -14.27
CA GLU B 435 4.95 47.18 -14.18
C GLU B 435 4.91 48.61 -14.74
N ASN B 436 3.99 48.90 -15.64
CA ASN B 436 3.84 50.27 -16.09
C ASN B 436 3.39 51.18 -14.96
N GLU B 437 2.45 50.70 -14.17
CA GLU B 437 2.02 51.45 -13.03
C GLU B 437 3.16 51.64 -12.04
N ARG B 438 3.97 50.62 -11.81
CA ARG B 438 5.12 50.77 -10.92
C ARG B 438 6.14 51.78 -11.49
N THR B 439 6.41 51.69 -12.77
CA THR B 439 7.33 52.60 -13.40
C THR B 439 6.89 54.06 -13.18
N LEU B 440 5.61 54.36 -13.44
CA LEU B 440 5.14 55.75 -13.30
C LEU B 440 5.04 56.25 -11.84
N ASP B 441 4.85 55.33 -10.89
CA ASP B 441 4.89 55.70 -9.46
C ASP B 441 6.30 56.04 -9.05
N MET B 442 7.26 55.25 -9.51
CA MET B 442 8.66 55.49 -9.21
C MET B 442 9.10 56.88 -9.64
N HIS B 443 8.60 57.39 -10.77
CA HIS B 443 8.88 58.79 -11.17
C HIS B 443 8.31 59.79 -10.17
N ASP B 444 7.01 59.71 -9.92
CA ASP B 444 6.35 60.58 -8.93
C ASP B 444 7.17 60.66 -7.64
N ALA B 445 7.67 59.52 -7.16
CA ALA B 445 8.43 59.47 -5.91
C ALA B 445 9.80 60.13 -6.01
N ASN B 446 10.53 59.85 -7.09
CA ASN B 446 11.87 60.43 -7.29
C ASN B 446 11.84 61.97 -7.32
N VAL B 447 10.84 62.53 -8.02
CA VAL B 447 10.62 63.97 -8.06
C VAL B 447 10.33 64.49 -6.66
N LYS B 448 9.39 63.86 -5.96
CA LYS B 448 9.05 64.28 -4.60
C LYS B 448 10.27 64.32 -3.70
N ASN B 449 11.16 63.34 -3.86
CA ASN B 449 12.38 63.31 -3.07
C ASN B 449 13.29 64.52 -3.22
N LEU B 450 13.49 64.94 -4.46
CA LEU B 450 14.33 66.10 -4.72
C LEU B 450 13.73 67.31 -4.08
N HIS B 451 12.41 67.46 -4.25
CA HIS B 451 11.67 68.60 -3.71
C HIS B 451 11.78 68.66 -2.21
N GLU B 452 11.65 67.51 -1.56
CA GLU B 452 11.76 67.46 -0.10
C GLU B 452 13.22 67.57 0.43
N LYS B 453 14.22 67.15 -0.35
CA LYS B 453 15.63 67.40 0.02
C LYS B 453 15.97 68.90 0.05
N VAL B 454 15.47 69.60 -0.95
CA VAL B 454 15.60 71.05 -1.04
C VAL B 454 14.81 71.78 0.07
N LYS B 455 13.54 71.42 0.29
CA LYS B 455 12.73 72.01 1.38
C LYS B 455 13.37 71.91 2.78
N SER B 456 13.73 70.70 3.19
CA SER B 456 14.38 70.50 4.49
C SER B 456 15.63 71.38 4.69
N GLN B 457 16.39 71.60 3.61
CA GLN B 457 17.59 72.44 3.67
C GLN B 457 17.31 73.93 3.92
N LEU B 458 16.33 74.49 3.21
CA LEU B 458 16.04 75.93 3.24
C LEU B 458 15.19 76.40 4.41
N ARG B 459 14.46 75.49 5.04
CA ARG B 459 13.57 75.82 6.14
C ARG B 459 12.80 77.12 5.85
N ASP B 460 12.97 78.18 6.66
CA ASP B 460 12.25 79.45 6.43
C ASP B 460 13.08 80.56 5.81
N ASN B 461 14.28 80.23 5.34
CA ASN B 461 15.02 81.17 4.50
C ASN B 461 14.48 81.20 3.02
N ALA B 462 13.33 80.54 2.78
CA ALA B 462 12.65 80.60 1.48
C ALA B 462 11.18 80.20 1.64
N LYS B 463 10.36 80.60 0.66
CA LYS B 463 8.91 80.38 0.71
C LYS B 463 8.52 79.22 -0.21
N ASP B 464 7.62 78.34 0.23
CA ASP B 464 7.26 77.15 -0.56
C ASP B 464 6.54 77.49 -1.86
N LEU B 465 5.50 78.33 -1.79
CA LEU B 465 4.63 78.63 -2.95
C LEU B 465 3.63 77.52 -3.33
N GLY B 466 3.73 76.33 -2.72
CA GLY B 466 2.78 75.21 -2.94
C GLY B 466 2.70 74.74 -4.39
N ASN B 467 3.84 74.84 -5.05
CA ASN B 467 3.91 75.01 -6.49
C ASN B 467 5.08 74.24 -7.09
N GLY B 468 5.99 73.74 -6.26
CA GLY B 468 7.18 73.02 -6.73
C GLY B 468 8.43 73.86 -6.71
N CYS B 469 8.26 75.18 -6.61
CA CYS B 469 9.38 76.11 -6.55
C CYS B 469 9.53 76.74 -5.18
N PHE B 470 10.72 77.29 -4.93
CA PHE B 470 11.00 78.02 -3.70
C PHE B 470 11.49 79.42 -4.01
N GLU B 471 10.87 80.43 -3.41
CA GLU B 471 11.33 81.81 -3.55
C GLU B 471 12.23 82.14 -2.37
N PHE B 472 13.47 82.49 -2.67
CA PHE B 472 14.46 82.80 -1.65
C PHE B 472 14.18 84.17 -1.01
N TRP B 473 14.15 84.19 0.33
CA TRP B 473 14.11 85.44 1.08
C TRP B 473 15.44 86.18 1.06
N HIS B 474 16.40 85.70 0.27
CA HIS B 474 17.71 86.33 0.16
C HIS B 474 18.30 86.19 -1.24
N LYS B 475 19.51 86.72 -1.43
CA LYS B 475 20.24 86.53 -2.68
C LYS B 475 20.87 85.14 -2.71
N CYS B 476 20.68 84.44 -3.82
CA CYS B 476 21.28 83.13 -4.02
C CYS B 476 22.02 83.07 -5.37
N ASP B 477 23.34 83.33 -5.30
CA ASP B 477 24.26 83.19 -6.43
C ASP B 477 24.37 81.75 -6.95
N ASN B 478 25.06 81.58 -8.08
CA ASN B 478 25.26 80.25 -8.66
C ASN B 478 25.99 79.30 -7.73
N GLU B 479 26.86 79.84 -6.89
CA GLU B 479 27.56 79.04 -5.88
C GLU B 479 26.59 78.59 -4.77
N CYS B 480 25.68 79.47 -4.38
CA CYS B 480 24.60 79.14 -3.42
C CYS B 480 23.66 78.08 -4.00
N ILE B 481 23.28 78.23 -5.27
CA ILE B 481 22.32 77.32 -5.92
C ILE B 481 22.91 75.92 -6.04
N ASN B 482 24.18 75.86 -6.40
CA ASN B 482 24.89 74.58 -6.46
C ASN B 482 25.13 73.95 -5.11
N SER B 483 25.28 74.78 -4.07
CA SER B 483 25.37 74.28 -2.71
C SER B 483 24.05 73.59 -2.29
N VAL B 484 22.93 74.03 -2.88
CA VAL B 484 21.64 73.37 -2.65
C VAL B 484 21.57 72.04 -3.40
N LYS B 485 22.02 72.03 -4.65
CA LYS B 485 22.06 70.80 -5.46
C LYS B 485 22.94 69.72 -4.82
N ASN B 486 24.18 70.06 -4.45
CA ASN B 486 25.08 69.07 -3.80
C ASN B 486 24.69 68.75 -2.33
N GLY B 487 23.69 69.43 -1.78
CA GLY B 487 23.14 69.12 -0.46
C GLY B 487 23.95 69.67 0.72
N THR B 488 24.65 70.78 0.50
CA THR B 488 25.54 71.40 1.51
C THR B 488 25.24 72.91 1.53
N TYR B 489 24.08 73.27 2.05
CA TYR B 489 23.50 74.59 1.74
C TYR B 489 24.05 75.68 2.63
N ASN B 490 23.89 75.54 3.95
CA ASN B 490 24.33 76.55 4.94
C ASN B 490 23.22 77.57 5.26
N TYR B 491 22.26 77.13 6.06
CA TYR B 491 21.14 77.96 6.50
C TYR B 491 21.59 79.18 7.32
N PRO B 492 22.44 79.00 8.35
CA PRO B 492 22.83 80.15 9.18
C PRO B 492 23.40 81.38 8.42
N LYS B 493 24.22 81.13 7.40
CA LYS B 493 24.83 82.22 6.63
C LYS B 493 23.83 83.24 6.07
N TYR B 494 22.66 82.76 5.65
CA TYR B 494 21.68 83.61 5.02
C TYR B 494 20.48 83.83 5.93
N GLN B 495 20.56 83.34 7.18
CA GLN B 495 19.43 83.43 8.12
C GLN B 495 19.12 84.85 8.58
N GLU B 496 20.15 85.65 8.84
CA GLU B 496 19.95 87.05 9.22
C GLU B 496 19.33 87.84 8.08
N GLU B 497 20.01 87.88 6.94
CA GLU B 497 19.52 88.56 5.74
C GLU B 497 18.06 88.18 5.46
N SER B 498 17.77 86.90 5.65
CA SER B 498 16.41 86.36 5.50
C SER B 498 15.43 87.01 6.47
N ARG B 499 15.70 86.86 7.77
CA ARG B 499 14.82 87.35 8.84
C ARG B 499 14.44 88.84 8.71
N LEU B 500 15.35 89.67 8.19
CA LEU B 500 15.14 91.13 7.92
C LEU B 500 13.91 91.31 7.05
N ASN B 501 13.79 90.44 6.04
CA ASN B 501 12.67 90.44 5.12
C ASN B 501 11.46 89.76 5.74
N ASP C 5 -10.68 77.11 16.50
CA ASP C 5 -10.99 76.96 15.05
C ASP C 5 -10.07 75.91 14.41
N LYS C 6 -10.64 74.95 13.67
CA LYS C 6 -9.85 73.84 13.15
C LYS C 6 -10.37 73.16 11.86
N ILE C 7 -9.46 72.40 11.23
CA ILE C 7 -9.76 71.60 10.05
C ILE C 7 -9.03 70.27 10.16
N CYS C 8 -9.72 69.19 9.82
CA CYS C 8 -9.15 67.84 9.90
C CYS C 8 -9.16 67.15 8.55
N ILE C 9 -8.19 66.28 8.34
CA ILE C 9 -8.18 65.37 7.23
C ILE C 9 -8.46 63.99 7.74
N GLY C 10 -9.36 63.29 7.06
CA GLY C 10 -9.75 61.93 7.45
C GLY C 10 -10.29 61.11 6.28
N TYR C 11 -10.71 59.89 6.59
CA TYR C 11 -11.23 59.00 5.58
C TYR C 11 -12.50 58.31 6.04
N HIS C 12 -13.19 57.73 5.06
CA HIS C 12 -14.49 57.12 5.25
C HIS C 12 -14.42 55.85 6.11
N ALA C 13 -15.50 55.60 6.84
CA ALA C 13 -15.74 54.33 7.51
C ALA C 13 -17.23 54.04 7.47
N ASN C 14 -17.60 52.80 7.80
CA ASN C 14 -19.00 52.35 7.74
C ASN C 14 -19.23 51.09 8.57
N ASN C 15 -20.40 50.48 8.40
CA ASN C 15 -20.82 49.32 9.22
C ASN C 15 -20.38 47.94 8.68
N SER C 16 -19.66 47.92 7.56
CA SER C 16 -19.25 46.67 6.88
C SER C 16 -18.35 45.77 7.73
N THR C 17 -18.58 44.46 7.67
CA THR C 17 -17.73 43.48 8.38
C THR C 17 -17.01 42.53 7.41
N THR C 18 -17.11 42.81 6.11
CA THR C 18 -16.44 42.02 5.09
C THR C 18 -14.94 42.13 5.23
N GLN C 19 -14.26 40.98 5.12
CA GLN C 19 -12.81 40.93 5.22
C GLN C 19 -12.18 40.46 3.92
N VAL C 20 -10.96 40.94 3.68
CA VAL C 20 -10.16 40.48 2.58
C VAL C 20 -8.78 40.09 3.10
N ASP C 21 -7.96 39.48 2.25
CA ASP C 21 -6.58 39.18 2.59
C ASP C 21 -5.62 39.96 1.71
N THR C 22 -4.40 40.09 2.19
CA THR C 22 -3.31 40.65 1.42
C THR C 22 -2.11 39.77 1.63
N ILE C 23 -1.08 40.00 0.84
CA ILE C 23 0.16 39.26 0.98
C ILE C 23 0.80 39.49 2.37
N LEU C 24 0.56 40.66 2.97
CA LEU C 24 1.15 41.03 4.27
C LEU C 24 0.30 40.72 5.51
N GLU C 25 -1.02 40.68 5.36
CA GLU C 25 -1.88 40.46 6.51
C GLU C 25 -3.24 39.92 6.11
N LYS C 26 -3.91 39.32 7.07
CA LYS C 26 -5.13 38.55 6.81
C LYS C 26 -6.30 39.11 7.58
N ASN C 27 -7.49 38.68 7.20
CA ASN C 27 -8.70 39.04 7.90
C ASN C 27 -8.81 40.57 8.13
N VAL C 28 -8.55 41.33 7.08
CA VAL C 28 -8.58 42.79 7.16
C VAL C 28 -9.98 43.29 6.76
N THR C 29 -10.66 43.96 7.68
CA THR C 29 -12.00 44.48 7.41
C THR C 29 -11.93 45.70 6.50
N VAL C 30 -12.78 45.73 5.48
CA VAL C 30 -12.81 46.87 4.55
C VAL C 30 -14.23 47.43 4.37
N THR C 31 -14.29 48.64 3.84
CA THR C 31 -15.54 49.34 3.67
C THR C 31 -16.34 48.78 2.49
N HIS C 32 -15.61 48.32 1.48
CA HIS C 32 -16.21 47.85 0.23
C HIS C 32 -15.35 46.73 -0.36
N SER C 33 -16.02 45.77 -0.97
CA SER C 33 -15.34 44.68 -1.65
C SER C 33 -16.26 44.05 -2.66
N VAL C 34 -15.66 43.43 -3.66
CA VAL C 34 -16.38 42.67 -4.66
C VAL C 34 -15.83 41.22 -4.60
N GLU C 35 -16.74 40.23 -4.53
CA GLU C 35 -16.37 38.82 -4.58
C GLU C 35 -16.38 38.42 -6.04
N LEU C 36 -15.27 37.87 -6.50
CA LEU C 36 -15.07 37.61 -7.90
C LEU C 36 -15.46 36.20 -8.27
N LEU C 37 -15.64 35.36 -7.26
CA LEU C 37 -15.89 33.93 -7.47
C LEU C 37 -17.37 33.58 -7.32
N GLU C 38 -17.91 32.89 -8.31
CA GLU C 38 -19.26 32.40 -8.25
C GLU C 38 -19.25 31.00 -7.69
N THR C 39 -20.03 30.75 -6.64
CA THR C 39 -20.06 29.45 -5.98
C THR C 39 -21.41 28.79 -6.00
N GLN C 40 -22.41 29.49 -6.53
CA GLN C 40 -23.78 28.99 -6.57
C GLN C 40 -24.18 28.48 -7.97
N LYS C 41 -24.99 27.44 -7.96
CA LYS C 41 -25.50 26.83 -9.17
C LYS C 41 -26.91 26.28 -8.88
N GLU C 42 -27.74 26.23 -9.92
CA GLU C 42 -29.02 25.55 -9.85
C GLU C 42 -28.76 24.11 -10.23
N SER C 43 -29.02 23.19 -9.31
CA SER C 43 -28.80 21.77 -9.52
C SER C 43 -29.80 21.15 -10.50
N ARG C 44 -29.70 21.55 -11.76
CA ARG C 44 -30.55 21.02 -12.83
C ARG C 44 -29.97 21.31 -14.20
N PHE C 45 -30.58 20.70 -15.22
CA PHE C 45 -30.14 20.86 -16.61
C PHE C 45 -31.17 21.67 -17.39
N CYS C 46 -30.69 22.75 -18.00
CA CYS C 46 -31.51 23.73 -18.66
C CYS C 46 -31.22 23.75 -20.14
N ARG C 47 -32.04 24.49 -20.87
CA ARG C 47 -31.83 24.70 -22.30
C ARG C 47 -30.64 25.61 -22.47
N VAL C 48 -29.92 25.44 -23.57
CA VAL C 48 -28.77 26.31 -23.90
C VAL C 48 -28.94 26.81 -25.34
N LEU C 49 -28.87 28.13 -25.50
CA LEU C 49 -29.25 28.80 -26.74
C LEU C 49 -30.59 28.25 -27.23
N ASN C 50 -31.53 28.13 -26.28
CA ASN C 50 -32.89 27.68 -26.51
C ASN C 50 -33.07 26.27 -27.04
N LYS C 51 -32.06 25.42 -26.93
CA LYS C 51 -32.20 24.03 -27.36
C LYS C 51 -32.03 23.13 -26.15
N ALA C 52 -32.87 22.12 -26.08
CA ALA C 52 -32.93 21.26 -24.93
C ALA C 52 -31.91 20.11 -25.02
N PRO C 53 -31.48 19.63 -23.85
CA PRO C 53 -30.68 18.44 -23.88
C PRO C 53 -31.52 17.24 -24.19
N LEU C 54 -30.87 16.15 -24.56
CA LEU C 54 -31.52 14.87 -24.80
C LEU C 54 -31.30 14.00 -23.59
N ASP C 55 -32.38 13.57 -22.97
CA ASP C 55 -32.35 12.66 -21.85
C ASP C 55 -32.37 11.21 -22.35
N LEU C 56 -31.33 10.43 -22.06
CA LEU C 56 -31.27 9.06 -22.55
C LEU C 56 -31.99 8.09 -21.63
N GLY C 57 -32.51 8.56 -20.52
CA GLY C 57 -33.36 7.73 -19.66
C GLY C 57 -32.60 6.52 -19.13
N ASP C 58 -33.18 5.33 -19.32
CA ASP C 58 -32.57 4.08 -18.88
C ASP C 58 -31.63 3.52 -19.93
N CYS C 59 -31.28 4.34 -20.91
CA CYS C 59 -30.35 3.87 -21.95
C CYS C 59 -28.97 4.53 -21.87
N THR C 60 -27.97 3.77 -22.29
CA THR C 60 -26.63 4.32 -22.48
C THR C 60 -26.54 4.88 -23.90
N THR C 61 -25.52 5.70 -24.13
CA THR C 61 -25.26 6.29 -25.45
C THR C 61 -25.23 5.19 -26.52
N GLU C 62 -24.63 4.06 -26.18
CA GLU C 62 -24.54 2.97 -27.11
C GLU C 62 -25.86 2.29 -27.38
N GLY C 63 -26.63 2.05 -26.32
CA GLY C 63 -27.96 1.43 -26.49
C GLY C 63 -28.84 2.33 -27.32
N TRP C 64 -28.77 3.62 -27.05
CA TRP C 64 -29.47 4.59 -27.85
C TRP C 64 -29.11 4.45 -29.33
N ILE C 65 -27.83 4.59 -29.67
CA ILE C 65 -27.44 4.82 -31.06
C ILE C 65 -27.42 3.55 -31.87
N LEU C 66 -27.31 2.39 -31.23
CA LEU C 66 -27.40 1.10 -31.91
C LEU C 66 -28.82 0.66 -32.00
N GLY C 67 -29.69 1.31 -31.21
CA GLY C 67 -31.12 1.05 -31.28
C GLY C 67 -31.48 -0.19 -30.54
N ASN C 68 -30.91 -0.38 -29.36
CA ASN C 68 -31.37 -1.40 -28.43
C ASN C 68 -32.89 -1.27 -28.31
N PRO C 69 -33.62 -2.38 -28.49
CA PRO C 69 -35.07 -2.28 -28.57
C PRO C 69 -35.80 -1.85 -27.30
N ARG C 70 -35.12 -1.83 -26.15
CA ARG C 70 -35.71 -1.28 -24.94
C ARG C 70 -35.54 0.23 -24.89
N CYS C 71 -34.99 0.83 -25.95
CA CYS C 71 -34.70 2.26 -25.97
C CYS C 71 -35.58 2.97 -26.95
N ASP C 72 -36.73 2.35 -27.28
CA ASP C 72 -37.63 2.90 -28.29
C ASP C 72 -38.09 4.35 -27.98
N LYS C 73 -38.09 4.75 -26.73
CA LYS C 73 -38.41 6.11 -26.40
C LYS C 73 -37.52 7.16 -27.09
N LEU C 74 -36.32 6.76 -27.50
CA LEU C 74 -35.38 7.67 -28.20
C LEU C 74 -35.32 7.47 -29.73
N LEU C 75 -36.01 6.46 -30.23
CA LEU C 75 -35.94 6.06 -31.61
C LEU C 75 -36.37 7.22 -32.54
N GLY C 76 -35.56 7.51 -33.55
CA GLY C 76 -35.93 8.43 -34.62
C GLY C 76 -35.16 9.74 -34.60
N ASP C 77 -35.71 10.72 -35.30
CA ASP C 77 -35.05 11.97 -35.45
C ASP C 77 -34.98 12.67 -34.10
N ARG C 78 -33.80 13.19 -33.74
CA ARG C 78 -33.64 13.94 -32.50
C ARG C 78 -32.65 15.07 -32.71
N SER C 79 -32.68 16.01 -31.79
CA SER C 79 -31.76 17.11 -31.85
C SER C 79 -31.56 17.66 -30.42
N TRP C 80 -30.41 18.25 -30.13
CA TRP C 80 -30.03 18.53 -28.77
C TRP C 80 -28.85 19.44 -28.69
N SER C 81 -28.77 20.20 -27.60
CA SER C 81 -27.63 21.07 -27.24
C SER C 81 -26.61 20.31 -26.45
N TYR C 82 -27.05 19.25 -25.75
CA TYR C 82 -26.14 18.30 -25.08
C TYR C 82 -26.87 17.05 -24.69
N ILE C 83 -26.12 16.04 -24.26
CA ILE C 83 -26.69 14.74 -23.96
C ILE C 83 -26.53 14.47 -22.49
N VAL C 84 -27.56 13.91 -21.88
CA VAL C 84 -27.54 13.59 -20.48
C VAL C 84 -27.73 12.09 -20.40
N GLU C 85 -26.67 11.41 -19.98
CA GLU C 85 -26.73 9.99 -19.75
C GLU C 85 -26.83 9.75 -18.27
N ARG C 86 -27.74 8.86 -17.88
CA ARG C 86 -27.91 8.52 -16.48
C ARG C 86 -26.88 7.48 -16.05
N PRO C 87 -26.26 7.68 -14.89
CA PRO C 87 -25.15 6.80 -14.47
C PRO C 87 -25.54 5.32 -14.40
N ASP C 88 -26.77 5.05 -13.99
CA ASP C 88 -27.26 3.72 -13.73
C ASP C 88 -28.07 3.14 -14.88
N ALA C 89 -27.94 3.72 -16.07
CA ALA C 89 -28.65 3.22 -17.25
C ALA C 89 -28.33 1.77 -17.51
N GLN C 90 -29.36 0.99 -17.77
CA GLN C 90 -29.25 -0.46 -17.83
C GLN C 90 -29.23 -0.99 -19.25
N ASN C 91 -29.73 -0.23 -20.21
CA ASN C 91 -29.88 -0.73 -21.59
C ASN C 91 -28.81 -0.14 -22.51
N GLY C 92 -27.85 -0.99 -22.84
CA GLY C 92 -26.73 -0.61 -23.70
C GLY C 92 -26.46 -1.69 -24.70
N ILE C 93 -25.27 -2.26 -24.64
CA ILE C 93 -24.91 -3.32 -25.57
C ILE C 93 -25.36 -4.65 -24.99
N CYS C 94 -26.53 -5.09 -25.42
CA CYS C 94 -27.20 -6.22 -24.78
C CYS C 94 -26.61 -7.54 -25.23
N TYR C 95 -26.38 -7.72 -26.54
CA TYR C 95 -25.67 -8.93 -26.98
C TYR C 95 -24.17 -8.67 -26.78
N PRO C 96 -23.50 -9.57 -26.06
CA PRO C 96 -22.15 -9.24 -25.61
C PRO C 96 -21.14 -9.05 -26.73
N GLY C 97 -20.22 -8.12 -26.50
CA GLY C 97 -19.15 -7.83 -27.42
C GLY C 97 -18.59 -6.44 -27.23
N VAL C 98 -17.81 -6.01 -28.20
CA VAL C 98 -17.11 -4.75 -28.10
C VAL C 98 -17.52 -3.83 -29.21
N LEU C 99 -17.78 -2.58 -28.86
CA LEU C 99 -17.91 -1.55 -29.85
C LEU C 99 -16.50 -1.06 -30.12
N LYS C 100 -16.02 -1.23 -31.34
CA LYS C 100 -14.74 -0.67 -31.69
C LYS C 100 -14.74 0.83 -31.74
N GLU C 101 -13.68 1.40 -31.19
CA GLU C 101 -13.45 2.83 -31.19
C GLU C 101 -14.62 3.53 -30.54
N ALA C 102 -15.08 2.98 -29.42
CA ALA C 102 -16.29 3.47 -28.75
C ALA C 102 -16.11 4.87 -28.27
N GLU C 103 -14.89 5.17 -27.85
CA GLU C 103 -14.60 6.45 -27.23
C GLU C 103 -14.58 7.55 -28.28
N GLU C 104 -14.12 7.22 -29.48
CA GLU C 104 -14.11 8.15 -30.58
C GLU C 104 -15.53 8.38 -31.10
N LEU C 105 -16.33 7.33 -31.09
CA LEU C 105 -17.75 7.50 -31.39
C LEU C 105 -18.43 8.46 -30.45
N LYS C 106 -18.14 8.37 -29.16
CA LYS C 106 -18.78 9.29 -28.23
C LYS C 106 -18.37 10.72 -28.47
N ALA C 107 -17.09 10.93 -28.81
CA ALA C 107 -16.61 12.28 -29.13
C ALA C 107 -17.36 12.80 -30.34
N LEU C 108 -17.56 11.94 -31.33
CA LEU C 108 -18.30 12.34 -32.50
C LEU C 108 -19.70 12.79 -32.10
N ILE C 109 -20.39 11.92 -31.36
CA ILE C 109 -21.79 12.13 -30.98
C ILE C 109 -21.95 13.40 -30.20
N GLY C 110 -20.96 13.69 -29.34
CA GLY C 110 -20.94 14.92 -28.59
C GLY C 110 -20.84 16.16 -29.45
N SER C 111 -20.35 16.03 -30.68
CA SER C 111 -20.23 17.17 -31.59
C SER C 111 -21.37 17.25 -32.57
N ILE C 112 -22.33 16.34 -32.43
CA ILE C 112 -23.50 16.36 -33.28
C ILE C 112 -24.69 17.15 -32.68
N ASP C 113 -25.43 17.77 -33.58
CA ASP C 113 -26.48 18.73 -33.36
C ASP C 113 -27.87 18.07 -33.49
N THR C 114 -28.05 17.36 -34.61
CA THR C 114 -29.30 16.75 -35.02
C THR C 114 -28.99 15.47 -35.77
N ILE C 115 -29.87 14.49 -35.64
CA ILE C 115 -29.78 13.25 -36.43
C ILE C 115 -31.15 12.90 -37.02
N GLN C 116 -31.11 12.28 -38.19
CA GLN C 116 -32.34 11.84 -38.88
C GLN C 116 -32.18 10.38 -39.29
N ARG C 117 -33.01 9.53 -38.72
CA ARG C 117 -32.85 8.10 -38.88
C ARG C 117 -33.55 7.70 -40.14
N PHE C 118 -32.96 6.78 -40.90
CA PHE C 118 -33.55 6.32 -42.13
C PHE C 118 -33.07 4.89 -42.43
N GLU C 119 -33.79 4.18 -43.28
CA GLU C 119 -33.45 2.80 -43.65
C GLU C 119 -32.35 2.87 -44.71
N MET C 120 -31.16 2.41 -44.36
CA MET C 120 -30.04 2.45 -45.29
C MET C 120 -30.02 1.22 -46.22
N PHE C 121 -30.26 0.04 -45.65
CA PHE C 121 -30.25 -1.24 -46.36
C PHE C 121 -31.45 -2.04 -45.91
N PRO C 122 -32.52 -2.05 -46.74
CA PRO C 122 -33.69 -2.84 -46.35
C PRO C 122 -33.39 -4.32 -46.45
N LYS C 123 -34.24 -5.14 -45.83
CA LYS C 123 -33.96 -6.58 -45.76
C LYS C 123 -33.83 -7.22 -47.15
N SER C 124 -34.64 -6.72 -48.08
CA SER C 124 -34.65 -7.23 -49.44
C SER C 124 -33.29 -7.08 -50.14
N THR C 125 -32.39 -6.28 -49.59
CA THR C 125 -31.07 -6.14 -50.18
C THR C 125 -30.29 -7.45 -50.18
N TRP C 126 -30.52 -8.25 -49.16
CA TRP C 126 -29.70 -9.46 -48.94
C TRP C 126 -30.50 -10.66 -49.41
N THR C 127 -30.08 -11.28 -50.52
CA THR C 127 -30.88 -12.34 -51.14
C THR C 127 -30.26 -13.71 -50.93
N GLY C 128 -31.11 -14.71 -50.79
CA GLY C 128 -30.65 -16.08 -50.59
C GLY C 128 -30.22 -16.33 -49.16
N VAL C 129 -30.71 -15.52 -48.22
CA VAL C 129 -30.41 -15.72 -46.81
C VAL C 129 -31.65 -15.42 -45.98
N ASP C 130 -31.55 -15.70 -44.68
CA ASP C 130 -32.64 -15.50 -43.74
C ASP C 130 -32.43 -14.16 -43.02
N THR C 131 -33.32 -13.21 -43.34
CA THR C 131 -33.31 -11.88 -42.75
C THR C 131 -34.32 -11.77 -41.61
N ASN C 132 -34.96 -12.87 -41.21
CA ASN C 132 -36.06 -12.78 -40.21
C ASN C 132 -35.90 -13.63 -38.95
N SER C 133 -34.71 -14.17 -38.75
CA SER C 133 -34.45 -14.99 -37.56
C SER C 133 -33.38 -14.38 -36.66
N GLY C 134 -33.01 -13.13 -36.90
CA GLY C 134 -31.86 -12.54 -36.23
C GLY C 134 -32.16 -11.89 -34.90
N VAL C 135 -32.52 -12.67 -33.90
CA VAL C 135 -32.98 -12.18 -32.59
C VAL C 135 -32.29 -12.93 -31.45
N THR C 136 -32.27 -12.35 -30.25
CA THR C 136 -31.69 -13.01 -29.09
C THR C 136 -32.39 -12.72 -27.83
N SER C 137 -32.28 -13.63 -26.89
CA SER C 137 -32.80 -13.43 -25.53
C SER C 137 -32.02 -12.38 -24.78
N ALA C 138 -30.83 -12.07 -25.24
CA ALA C 138 -30.03 -11.04 -24.61
C ALA C 138 -30.60 -9.64 -24.88
N CYS C 139 -31.32 -9.47 -25.98
CA CYS C 139 -31.90 -8.15 -26.37
C CYS C 139 -33.37 -8.31 -26.46
N THR C 140 -34.02 -8.12 -25.34
CA THR C 140 -35.40 -8.48 -25.18
C THR C 140 -36.29 -7.27 -25.44
N TYR C 141 -37.54 -7.49 -25.86
CA TYR C 141 -38.49 -6.42 -26.13
C TYR C 141 -39.84 -6.97 -25.77
N ASN C 142 -40.42 -6.46 -24.70
CA ASN C 142 -41.71 -6.99 -24.18
C ASN C 142 -41.62 -8.48 -23.92
N GLY C 143 -40.53 -8.93 -23.28
CA GLY C 143 -40.37 -10.34 -22.94
C GLY C 143 -39.93 -11.31 -24.03
N GLY C 144 -40.17 -10.98 -25.31
CA GLY C 144 -39.68 -11.80 -26.41
C GLY C 144 -38.27 -11.40 -26.86
N SER C 145 -37.61 -12.33 -27.54
CA SER C 145 -36.29 -12.13 -28.09
C SER C 145 -36.36 -11.12 -29.21
N SER C 146 -35.33 -10.31 -29.34
CA SER C 146 -35.30 -9.24 -30.32
C SER C 146 -33.84 -8.87 -30.66
N PHE C 147 -33.64 -7.67 -31.19
CA PHE C 147 -32.33 -7.24 -31.60
C PHE C 147 -32.28 -5.74 -31.81
N TYR C 148 -31.08 -5.21 -31.94
CA TYR C 148 -30.90 -3.80 -32.17
C TYR C 148 -31.70 -3.41 -33.41
N ARG C 149 -32.37 -2.26 -33.38
CA ARG C 149 -33.20 -1.81 -34.48
C ARG C 149 -32.43 -1.20 -35.62
N ASN C 150 -31.16 -0.84 -35.39
CA ASN C 150 -30.35 -0.30 -36.45
C ASN C 150 -29.42 -1.33 -37.11
N LEU C 151 -29.47 -2.58 -36.66
CA LEU C 151 -28.63 -3.66 -37.21
C LEU C 151 -29.51 -4.84 -37.62
N LEU C 152 -29.04 -5.63 -38.57
CA LEU C 152 -29.75 -6.81 -39.01
C LEU C 152 -28.85 -8.03 -38.92
N TRP C 153 -29.29 -9.00 -38.14
CA TRP C 153 -28.53 -10.25 -37.96
C TRP C 153 -28.99 -11.29 -38.97
N ILE C 154 -28.20 -11.46 -40.02
CA ILE C 154 -28.48 -12.39 -41.11
C ILE C 154 -27.85 -13.73 -40.80
N ILE C 155 -28.60 -14.80 -41.05
CA ILE C 155 -28.10 -16.18 -41.01
C ILE C 155 -28.56 -16.94 -42.26
N LYS C 156 -28.00 -18.12 -42.50
CA LYS C 156 -28.34 -18.90 -43.68
C LYS C 156 -29.71 -19.51 -43.51
N ILE C 157 -30.39 -19.77 -44.62
CA ILE C 157 -31.57 -20.63 -44.63
C ILE C 157 -31.05 -22.04 -44.38
N ARG C 158 -31.75 -22.83 -43.58
CA ARG C 158 -31.29 -24.17 -43.21
C ARG C 158 -30.91 -25.06 -44.43
N SER C 159 -31.77 -25.11 -45.45
CA SER C 159 -31.55 -25.95 -46.64
C SER C 159 -30.41 -25.46 -47.54
N ASP C 160 -30.24 -24.14 -47.66
CA ASP C 160 -29.33 -23.55 -48.66
C ASP C 160 -28.01 -23.08 -48.09
N PRO C 161 -26.97 -22.97 -48.94
CA PRO C 161 -25.75 -22.35 -48.48
C PRO C 161 -25.95 -20.84 -48.37
N TYR C 162 -25.13 -20.22 -47.53
CA TYR C 162 -25.12 -18.78 -47.37
C TYR C 162 -24.45 -18.28 -48.64
N SER C 163 -25.26 -17.70 -49.51
CA SER C 163 -24.78 -17.20 -50.79
C SER C 163 -23.95 -15.95 -50.53
N LEU C 164 -23.05 -15.61 -51.44
CA LEU C 164 -22.46 -14.28 -51.44
C LEU C 164 -23.60 -13.25 -51.52
N ILE C 165 -23.57 -12.24 -50.64
CA ILE C 165 -24.63 -11.21 -50.59
C ILE C 165 -23.97 -9.87 -50.74
N LYS C 166 -24.71 -8.94 -51.35
CA LYS C 166 -24.16 -7.65 -51.75
C LYS C 166 -25.19 -6.60 -51.52
N GLY C 167 -24.72 -5.43 -51.19
CA GLY C 167 -25.59 -4.29 -51.03
C GLY C 167 -24.84 -3.03 -51.23
N THR C 168 -25.50 -2.03 -51.81
CA THR C 168 -24.84 -0.74 -51.95
C THR C 168 -25.77 0.39 -51.55
N TYR C 169 -25.19 1.47 -51.08
CA TYR C 169 -25.96 2.67 -50.75
C TYR C 169 -25.09 3.87 -51.08
N THR C 170 -25.70 4.90 -51.65
CA THR C 170 -24.98 6.07 -52.03
C THR C 170 -25.57 7.28 -51.28
N ASN C 171 -24.72 8.01 -50.59
CA ASN C 171 -25.12 9.22 -49.91
C ASN C 171 -25.18 10.37 -50.92
N THR C 172 -26.40 10.70 -51.32
CA THR C 172 -26.63 11.72 -52.34
C THR C 172 -27.01 13.07 -51.71
N GLY C 173 -26.94 13.18 -50.40
CA GLY C 173 -27.25 14.43 -49.72
C GLY C 173 -26.00 15.20 -49.36
N SER C 174 -26.17 16.27 -48.58
CA SER C 174 -25.05 17.11 -48.13
C SER C 174 -24.64 16.81 -46.69
N GLN C 175 -25.41 15.96 -46.02
CA GLN C 175 -25.17 15.59 -44.63
C GLN C 175 -24.39 14.30 -44.60
N SER C 176 -23.48 14.18 -43.66
CA SER C 176 -22.76 12.95 -43.47
C SER C 176 -23.69 11.92 -42.91
N ILE C 177 -23.32 10.66 -43.01
CA ILE C 177 -24.14 9.60 -42.44
C ILE C 177 -23.34 8.73 -41.47
N LEU C 178 -23.92 8.50 -40.29
CA LEU C 178 -23.33 7.65 -39.26
C LEU C 178 -24.01 6.31 -39.31
N TYR C 179 -23.24 5.24 -39.48
CA TYR C 179 -23.81 3.91 -39.63
C TYR C 179 -22.99 2.85 -38.91
N PHE C 180 -23.60 1.68 -38.73
CA PHE C 180 -23.06 0.65 -37.87
C PHE C 180 -23.16 -0.71 -38.51
N TRP C 181 -22.23 -1.58 -38.15
CA TRP C 181 -22.32 -2.96 -38.56
C TRP C 181 -21.61 -3.79 -37.51
N GLY C 182 -21.56 -5.10 -37.74
CA GLY C 182 -20.82 -5.96 -36.84
C GLY C 182 -20.41 -7.24 -37.50
N VAL C 183 -19.53 -7.95 -36.83
CA VAL C 183 -19.11 -9.26 -37.25
C VAL C 183 -19.48 -10.16 -36.06
N HIS C 184 -20.19 -11.23 -36.35
CA HIS C 184 -20.55 -12.18 -35.31
C HIS C 184 -19.53 -13.31 -35.19
N HIS C 185 -19.16 -13.59 -33.96
CA HIS C 185 -18.16 -14.61 -33.67
C HIS C 185 -18.80 -15.71 -32.82
N PRO C 186 -19.09 -16.85 -33.43
CA PRO C 186 -19.60 -17.98 -32.68
C PRO C 186 -18.54 -18.54 -31.76
N PRO C 187 -18.93 -19.30 -30.76
CA PRO C 187 -17.97 -19.84 -29.79
C PRO C 187 -17.34 -21.15 -30.25
N ASP C 188 -17.83 -21.72 -31.35
CA ASP C 188 -17.29 -22.97 -31.87
C ASP C 188 -17.63 -23.18 -33.36
N ASP C 189 -16.95 -24.14 -33.98
CA ASP C 189 -17.15 -24.42 -35.40
C ASP C 189 -18.51 -25.02 -35.75
N VAL C 190 -19.18 -25.64 -34.79
CA VAL C 190 -20.47 -26.25 -35.06
C VAL C 190 -21.52 -25.19 -35.28
N GLU C 191 -21.51 -24.19 -34.42
CA GLU C 191 -22.44 -23.08 -34.53
C GLU C 191 -22.11 -22.31 -35.77
N GLN C 192 -20.83 -22.06 -35.99
CA GLN C 192 -20.41 -21.41 -37.22
C GLN C 192 -20.99 -22.10 -38.45
N ALA C 193 -20.89 -23.43 -38.49
CA ALA C 193 -21.40 -24.19 -39.65
C ALA C 193 -22.92 -24.09 -39.79
N ASN C 194 -23.61 -24.14 -38.66
CA ASN C 194 -25.06 -24.02 -38.61
C ASN C 194 -25.59 -22.72 -39.18
N LEU C 195 -24.98 -21.61 -38.75
CA LEU C 195 -25.49 -20.27 -39.02
C LEU C 195 -25.01 -19.67 -40.32
N TYR C 196 -23.77 -19.99 -40.70
CA TYR C 196 -23.15 -19.37 -41.88
C TYR C 196 -22.54 -20.37 -42.85
N GLY C 197 -21.74 -21.29 -42.32
CA GLY C 197 -21.08 -22.29 -43.15
C GLY C 197 -19.62 -22.40 -42.81
N LEU C 198 -19.01 -23.49 -43.27
CA LEU C 198 -17.59 -23.69 -43.03
C LEU C 198 -16.79 -22.99 -44.11
N GLY C 199 -15.47 -23.06 -44.02
CA GLY C 199 -14.62 -22.42 -44.98
C GLY C 199 -14.34 -21.01 -44.52
N THR C 200 -13.52 -20.30 -45.29
CA THR C 200 -13.24 -18.91 -45.06
C THR C 200 -14.52 -18.13 -45.22
N ARG C 201 -14.79 -17.26 -44.25
CA ARG C 201 -15.92 -16.35 -44.31
C ARG C 201 -15.44 -14.93 -44.05
N TYR C 202 -16.10 -13.95 -44.65
CA TYR C 202 -15.63 -12.57 -44.59
C TYR C 202 -16.82 -11.59 -44.57
N VAL C 203 -16.55 -10.46 -43.93
CA VAL C 203 -17.41 -9.31 -43.96
C VAL C 203 -16.56 -8.20 -44.56
N ARG C 204 -16.95 -7.73 -45.75
CA ARG C 204 -16.23 -6.67 -46.42
C ARG C 204 -17.09 -5.45 -46.71
N MET C 205 -16.57 -4.29 -46.32
CA MET C 205 -17.27 -3.02 -46.45
C MET C 205 -16.30 -2.10 -47.18
N GLY C 206 -16.76 -1.43 -48.23
CA GLY C 206 -15.90 -0.55 -49.01
C GLY C 206 -16.50 0.80 -49.37
N THR C 207 -15.66 1.81 -49.42
CA THR C 207 -16.07 3.15 -49.76
C THR C 207 -15.02 3.80 -50.64
N GLU C 208 -15.28 4.98 -51.17
CA GLU C 208 -14.21 5.71 -51.92
C GLU C 208 -12.93 5.89 -51.06
N SER C 209 -13.08 5.89 -49.73
CA SER C 209 -12.02 6.28 -48.80
C SER C 209 -11.75 5.32 -47.62
N MET C 210 -12.54 4.26 -47.40
CA MET C 210 -12.29 3.35 -46.29
C MET C 210 -12.48 1.95 -46.80
N ASN C 211 -11.76 1.02 -46.21
CA ASN C 211 -12.11 -0.33 -46.46
C ASN C 211 -11.92 -1.20 -45.24
N PHE C 212 -12.58 -2.34 -45.29
CA PHE C 212 -12.80 -3.16 -44.15
C PHE C 212 -12.95 -4.55 -44.62
N ALA C 213 -12.20 -5.46 -44.00
CA ALA C 213 -12.30 -6.85 -44.33
C ALA C 213 -11.90 -7.65 -43.10
N LYS C 214 -12.88 -8.41 -42.56
CA LYS C 214 -12.63 -9.26 -41.39
C LYS C 214 -13.46 -10.52 -41.39
N GLY C 215 -13.02 -11.49 -40.60
CA GLY C 215 -13.66 -12.80 -40.55
C GLY C 215 -14.06 -13.14 -39.15
N PRO C 216 -14.69 -14.29 -38.98
CA PRO C 216 -14.97 -14.78 -37.66
C PRO C 216 -13.67 -15.07 -36.90
N GLU C 217 -13.70 -14.82 -35.61
CA GLU C 217 -12.62 -15.11 -34.72
C GLU C 217 -13.20 -16.04 -33.68
N ILE C 218 -13.41 -17.27 -34.10
CA ILE C 218 -14.09 -18.27 -33.30
C ILE C 218 -13.26 -18.68 -32.10
N ALA C 219 -13.91 -18.75 -30.95
CA ALA C 219 -13.23 -19.15 -29.71
C ALA C 219 -14.23 -19.45 -28.59
N ASP C 220 -13.92 -20.50 -27.82
CA ASP C 220 -14.61 -20.91 -26.64
C ASP C 220 -14.45 -19.83 -25.61
N ARG C 221 -15.57 -19.33 -25.10
CA ARG C 221 -15.57 -18.32 -24.09
C ARG C 221 -16.72 -18.59 -23.15
N PRO C 222 -16.59 -18.07 -21.94
CA PRO C 222 -17.72 -18.11 -21.05
C PRO C 222 -18.92 -17.25 -21.50
N PRO C 223 -20.12 -17.64 -21.06
CA PRO C 223 -21.26 -16.82 -21.40
C PRO C 223 -21.17 -15.44 -20.78
N ALA C 224 -21.64 -14.44 -21.52
CA ALA C 224 -21.95 -13.09 -21.00
C ALA C 224 -23.39 -12.74 -21.42
N ASN C 225 -24.18 -12.16 -20.51
CA ASN C 225 -25.61 -11.98 -20.73
C ASN C 225 -26.29 -13.25 -21.31
N GLY C 226 -25.85 -14.41 -20.87
CA GLY C 226 -26.42 -15.68 -21.30
C GLY C 226 -25.96 -16.21 -22.64
N GLN C 227 -24.93 -15.62 -23.23
CA GLN C 227 -24.52 -15.98 -24.58
C GLN C 227 -23.03 -16.22 -24.72
N ARG C 228 -22.66 -17.32 -25.36
CA ARG C 228 -21.23 -17.64 -25.52
C ARG C 228 -20.66 -16.99 -26.78
N GLY C 229 -21.55 -16.56 -27.67
CA GLY C 229 -21.17 -15.86 -28.89
C GLY C 229 -20.88 -14.40 -28.58
N ARG C 230 -20.35 -13.70 -29.57
CA ARG C 230 -19.99 -12.29 -29.43
C ARG C 230 -20.18 -11.59 -30.73
N ILE C 231 -20.31 -10.27 -30.65
CA ILE C 231 -20.36 -9.45 -31.83
C ILE C 231 -19.37 -8.33 -31.66
N ASP C 232 -18.50 -8.15 -32.65
CA ASP C 232 -17.68 -6.95 -32.70
C ASP C 232 -18.49 -5.94 -33.45
N TYR C 233 -18.86 -4.87 -32.77
CA TYR C 233 -19.61 -3.80 -33.39
C TYR C 233 -18.67 -2.72 -33.94
N TYR C 234 -18.97 -2.17 -35.11
CA TYR C 234 -18.16 -1.14 -35.75
C TYR C 234 -19.05 0.01 -36.17
N TRP C 235 -18.47 1.19 -36.30
CA TRP C 235 -19.17 2.38 -36.77
C TRP C 235 -18.32 3.16 -37.78
N SER C 236 -18.96 3.95 -38.61
CA SER C 236 -18.23 4.77 -39.54
C SER C 236 -19.11 5.86 -40.08
N VAL C 237 -18.51 6.77 -40.84
CA VAL C 237 -19.21 7.88 -41.41
C VAL C 237 -19.08 7.88 -42.92
N LEU C 238 -20.20 7.74 -43.61
CA LEU C 238 -20.23 7.82 -45.05
C LEU C 238 -20.42 9.26 -45.45
N LYS C 239 -19.43 9.84 -46.14
CA LYS C 239 -19.42 11.27 -46.40
C LYS C 239 -20.34 11.62 -47.54
N PRO C 240 -20.77 12.88 -47.63
CA PRO C 240 -21.58 13.24 -48.78
C PRO C 240 -20.92 12.89 -50.14
N GLY C 241 -21.69 12.27 -51.04
CA GLY C 241 -21.19 11.79 -52.31
C GLY C 241 -20.73 10.34 -52.30
N GLU C 242 -20.29 9.83 -51.15
CA GLU C 242 -19.66 8.52 -51.12
C GLU C 242 -20.66 7.44 -51.25
N THR C 243 -20.19 6.29 -51.65
CA THR C 243 -21.02 5.12 -51.79
C THR C 243 -20.41 4.03 -50.94
N LEU C 244 -21.25 3.23 -50.30
CA LEU C 244 -20.83 2.12 -49.50
C LEU C 244 -21.20 0.80 -50.17
N ASN C 245 -20.26 -0.15 -50.27
CA ASN C 245 -20.57 -1.45 -50.77
C ASN C 245 -20.32 -2.46 -49.69
N VAL C 246 -21.22 -3.42 -49.61
CA VAL C 246 -21.20 -4.41 -48.58
C VAL C 246 -21.23 -5.73 -49.30
N GLU C 247 -20.36 -6.63 -48.86
CA GLU C 247 -20.21 -7.91 -49.47
C GLU C 247 -19.81 -8.91 -48.37
N SER C 248 -20.57 -9.98 -48.25
CA SER C 248 -20.26 -10.99 -47.26
C SER C 248 -20.82 -12.34 -47.68
N ASN C 249 -20.15 -13.38 -47.19
CA ASN C 249 -20.64 -14.74 -47.29
C ASN C 249 -20.79 -15.36 -45.92
N GLY C 250 -20.83 -14.52 -44.89
CA GLY C 250 -21.08 -15.01 -43.53
C GLY C 250 -20.71 -14.03 -42.43
N ASN C 251 -21.38 -14.18 -41.29
CA ASN C 251 -21.01 -13.53 -40.05
C ASN C 251 -21.27 -12.04 -40.03
N LEU C 252 -22.01 -11.55 -41.01
CA LEU C 252 -22.30 -10.11 -41.16
C LEU C 252 -23.53 -9.76 -40.34
N ILE C 253 -23.37 -8.75 -39.50
CA ILE C 253 -24.44 -8.08 -38.83
C ILE C 253 -24.49 -6.82 -39.66
N ALA C 254 -25.49 -6.74 -40.53
CA ALA C 254 -25.53 -5.72 -41.54
C ALA C 254 -26.10 -4.44 -41.01
N PRO C 255 -25.69 -3.31 -41.58
CA PRO C 255 -26.38 -2.06 -41.24
C PRO C 255 -27.80 -2.13 -41.73
N TRP C 256 -28.73 -1.57 -40.97
CA TRP C 256 -30.13 -1.56 -41.37
C TRP C 256 -30.60 -0.13 -41.43
N TYR C 257 -30.62 0.55 -40.29
CA TYR C 257 -30.96 1.98 -40.22
C TYR C 257 -29.74 2.74 -39.77
N ALA C 258 -29.60 3.96 -40.26
CA ALA C 258 -28.45 4.79 -39.98
C ALA C 258 -28.94 6.21 -39.75
N TYR C 259 -28.00 7.14 -39.54
CA TYR C 259 -28.36 8.50 -39.22
C TYR C 259 -27.70 9.55 -40.10
N LYS C 260 -28.49 10.33 -40.82
CA LYS C 260 -27.97 11.53 -41.42
C LYS C 260 -27.81 12.49 -40.27
N PHE C 261 -26.68 13.20 -40.19
CA PHE C 261 -26.46 14.11 -39.06
C PHE C 261 -25.85 15.43 -39.47
N THR C 262 -25.97 16.42 -38.58
CA THR C 262 -25.34 17.72 -38.73
C THR C 262 -24.43 17.96 -37.55
N SER C 263 -23.39 18.74 -37.78
CA SER C 263 -22.38 18.99 -36.74
C SER C 263 -22.69 20.31 -36.08
N SER C 264 -22.67 20.33 -34.77
CA SER C 264 -23.00 21.52 -34.07
C SER C 264 -22.01 22.63 -34.38
N ARG C 265 -22.54 23.85 -34.44
CA ARG C 265 -21.72 25.06 -34.49
C ARG C 265 -21.14 25.41 -33.11
N HIS C 266 -21.63 24.72 -32.07
CA HIS C 266 -21.23 24.97 -30.68
C HIS C 266 -20.60 23.77 -30.02
N LYS C 267 -19.90 24.03 -28.93
CA LYS C 267 -19.34 22.94 -28.16
C LYS C 267 -20.53 22.24 -27.53
N GLY C 268 -20.50 20.92 -27.62
CA GLY C 268 -21.49 20.05 -26.97
C GLY C 268 -20.82 19.17 -25.94
N ALA C 269 -21.57 18.19 -25.43
CA ALA C 269 -21.11 17.36 -24.36
C ALA C 269 -22.06 16.21 -24.09
N ILE C 270 -21.51 15.16 -23.49
CA ILE C 270 -22.26 14.12 -22.85
C ILE C 270 -21.99 14.17 -21.35
N PHE C 271 -23.01 14.58 -20.59
CA PHE C 271 -22.94 14.60 -19.14
C PHE C 271 -23.47 13.32 -18.55
N ARG C 272 -22.68 12.69 -17.68
CA ARG C 272 -23.17 11.55 -16.93
C ARG C 272 -23.66 12.08 -15.59
N SER C 273 -24.97 12.19 -15.42
CA SER C 273 -25.52 12.84 -14.25
C SER C 273 -26.94 12.42 -13.99
N ASP C 274 -27.36 12.52 -12.73
CA ASP C 274 -28.72 12.19 -12.35
C ASP C 274 -29.56 13.42 -12.13
N LEU C 275 -29.00 14.59 -12.37
CA LEU C 275 -29.72 15.85 -12.17
C LEU C 275 -30.93 15.98 -13.08
N PRO C 276 -32.00 16.57 -12.59
CA PRO C 276 -33.20 16.65 -13.40
C PRO C 276 -33.09 17.63 -14.56
N ILE C 277 -33.77 17.32 -15.66
CA ILE C 277 -33.92 18.27 -16.73
C ILE C 277 -35.23 19.06 -16.53
N GLU C 278 -35.17 20.38 -16.57
CA GLU C 278 -36.33 21.20 -16.26
C GLU C 278 -36.55 22.22 -17.32
N ASN C 279 -37.68 22.92 -17.25
CA ASN C 279 -38.03 23.97 -18.19
C ASN C 279 -37.37 25.29 -17.76
N CYS C 280 -36.13 25.49 -18.17
CA CYS C 280 -35.37 26.67 -17.76
C CYS C 280 -34.37 26.97 -18.86
N ASP C 281 -33.73 28.13 -18.75
CA ASP C 281 -32.69 28.52 -19.68
C ASP C 281 -31.41 28.83 -18.93
N ALA C 282 -30.26 28.51 -19.53
CA ALA C 282 -28.99 28.83 -18.89
C ALA C 282 -27.99 29.36 -19.89
N VAL C 283 -27.31 30.45 -19.53
CA VAL C 283 -26.21 30.96 -20.33
C VAL C 283 -25.00 30.03 -20.20
N CYS C 284 -24.83 29.53 -18.99
CA CYS C 284 -23.75 28.61 -18.63
C CYS C 284 -24.34 27.35 -18.00
N GLN C 285 -24.08 26.19 -18.61
CA GLN C 285 -24.58 24.92 -18.06
C GLN C 285 -23.43 23.98 -17.75
N THR C 286 -23.17 23.72 -16.47
CA THR C 286 -22.07 22.82 -16.10
C THR C 286 -22.61 21.46 -15.81
N LEU C 287 -21.72 20.49 -15.80
CA LEU C 287 -22.04 19.13 -15.41
C LEU C 287 -22.81 19.03 -14.10
N THR C 288 -22.59 19.97 -13.19
CA THR C 288 -23.21 19.87 -11.88
C THR C 288 -24.27 20.95 -11.65
N GLY C 289 -24.66 21.65 -12.70
CA GLY C 289 -25.77 22.58 -12.60
C GLY C 289 -25.57 23.84 -13.40
N ALA C 290 -26.63 24.65 -13.46
CA ALA C 290 -26.66 25.88 -14.26
C ALA C 290 -26.20 27.07 -13.43
N ILE C 291 -25.45 27.95 -14.08
CA ILE C 291 -24.90 29.14 -13.46
C ILE C 291 -25.42 30.38 -14.17
N ASN C 292 -25.94 31.32 -13.39
CA ASN C 292 -26.32 32.62 -13.90
C ASN C 292 -25.59 33.65 -13.07
N THR C 293 -24.57 34.29 -13.65
CA THR C 293 -23.70 35.13 -12.89
C THR C 293 -23.00 36.11 -13.80
N ASN C 294 -22.63 37.26 -13.23
CA ASN C 294 -21.82 38.27 -13.91
C ASN C 294 -20.36 38.12 -13.42
N LYS C 295 -20.11 37.24 -12.45
CA LYS C 295 -18.75 37.05 -11.94
C LYS C 295 -17.88 36.34 -12.96
N THR C 296 -16.57 36.41 -12.75
CA THR C 296 -15.61 36.02 -13.77
C THR C 296 -14.89 34.70 -13.43
N PHE C 297 -14.89 34.30 -12.16
CA PHE C 297 -14.44 32.97 -11.79
C PHE C 297 -15.58 32.18 -11.23
N GLN C 298 -15.34 30.90 -11.01
CA GLN C 298 -16.40 29.95 -10.73
C GLN C 298 -15.77 28.66 -10.16
N ASN C 299 -16.27 28.14 -9.04
CA ASN C 299 -15.69 26.92 -8.47
C ASN C 299 -16.67 25.74 -8.47
N VAL C 300 -17.62 25.79 -9.40
CA VAL C 300 -18.67 24.80 -9.49
C VAL C 300 -18.24 23.55 -10.21
N SER C 301 -17.76 23.69 -11.44
CA SER C 301 -17.29 22.56 -12.20
C SER C 301 -16.44 22.97 -13.38
N PRO C 302 -15.40 22.18 -13.70
CA PRO C 302 -14.57 22.44 -14.87
C PRO C 302 -15.19 22.03 -16.21
N ILE C 303 -16.35 21.38 -16.17
CA ILE C 303 -16.98 20.83 -17.38
C ILE C 303 -18.31 21.50 -17.65
N TRP C 304 -18.44 22.09 -18.82
CA TRP C 304 -19.63 22.85 -19.14
C TRP C 304 -19.86 23.01 -20.63
N ILE C 305 -21.03 23.47 -20.98
CA ILE C 305 -21.27 24.06 -22.27
C ILE C 305 -21.93 25.42 -22.04
N GLY C 306 -21.98 26.22 -23.09
CA GLY C 306 -22.39 27.60 -22.98
C GLY C 306 -21.22 28.50 -22.61
N GLU C 307 -21.50 29.67 -22.07
CA GLU C 307 -20.52 30.67 -21.73
C GLU C 307 -20.39 30.74 -20.22
N CYS C 308 -19.39 30.08 -19.71
CA CYS C 308 -19.15 30.05 -18.29
C CYS C 308 -17.92 30.85 -17.92
N PRO C 309 -17.83 31.25 -16.66
CA PRO C 309 -16.59 31.79 -16.14
C PRO C 309 -15.50 30.72 -15.90
N LYS C 310 -14.26 31.17 -15.78
CA LYS C 310 -13.13 30.32 -15.52
C LYS C 310 -13.29 29.47 -14.25
N TYR C 311 -13.00 28.19 -14.34
CA TYR C 311 -13.01 27.31 -13.18
C TYR C 311 -11.74 27.49 -12.41
N VAL C 312 -11.85 27.58 -11.10
CA VAL C 312 -10.69 27.53 -10.20
C VAL C 312 -11.04 26.71 -8.95
N LYS C 313 -10.03 26.28 -8.22
CA LYS C 313 -10.22 25.53 -6.97
C LYS C 313 -10.60 26.40 -5.79
N SER C 314 -10.30 27.70 -5.86
CA SER C 314 -10.56 28.65 -4.76
C SER C 314 -11.95 28.56 -4.14
N LYS C 315 -12.03 28.82 -2.83
CA LYS C 315 -13.31 28.93 -2.11
C LYS C 315 -13.83 30.38 -2.15
N SER C 316 -12.94 31.33 -2.36
CA SER C 316 -13.31 32.72 -2.50
C SER C 316 -12.18 33.53 -3.13
N LEU C 317 -12.55 34.62 -3.79
CA LEU C 317 -11.61 35.57 -4.34
C LEU C 317 -12.11 37.00 -4.05
N LYS C 318 -11.98 37.41 -2.79
CA LYS C 318 -12.51 38.70 -2.34
C LYS C 318 -11.52 39.81 -2.60
N LEU C 319 -11.93 40.75 -3.46
CA LEU C 319 -11.10 41.88 -3.87
C LEU C 319 -11.55 43.14 -3.17
N ALA C 320 -10.64 43.77 -2.45
CA ALA C 320 -10.93 45.05 -1.81
C ALA C 320 -11.14 46.15 -2.84
N THR C 321 -12.25 46.87 -2.69
CA THR C 321 -12.55 48.06 -3.49
C THR C 321 -12.62 49.33 -2.67
N GLY C 322 -12.60 49.21 -1.34
CA GLY C 322 -12.73 50.36 -0.44
C GLY C 322 -11.54 50.51 0.48
N LEU C 323 -11.75 51.14 1.63
CA LEU C 323 -10.68 51.43 2.57
C LEU C 323 -10.67 50.42 3.70
N ARG C 324 -9.57 50.38 4.46
CA ARG C 324 -9.60 49.72 5.74
C ARG C 324 -10.73 50.34 6.56
N ASN C 325 -11.61 49.51 7.09
CA ASN C 325 -12.73 50.02 7.86
C ASN C 325 -12.35 50.08 9.31
N VAL C 326 -12.07 51.29 9.83
CA VAL C 326 -11.65 51.47 11.24
C VAL C 326 -12.39 52.66 11.91
N PRO C 327 -13.53 52.39 12.61
CA PRO C 327 -14.29 53.53 13.25
C PRO C 327 -13.81 53.93 14.65
N GLY C 344 -8.22 57.03 13.37
CA GLY C 344 -9.17 56.17 12.63
C GLY C 344 -10.03 56.84 11.55
N GLY C 345 -11.11 56.18 11.17
CA GLY C 345 -12.02 56.65 10.13
C GLY C 345 -13.26 57.33 10.67
N TRP C 346 -13.98 58.00 9.77
CA TRP C 346 -15.13 58.83 10.10
C TRP C 346 -16.42 58.25 9.55
N THR C 347 -17.23 57.63 10.41
CA THR C 347 -18.53 57.10 9.97
C THR C 347 -19.41 58.24 9.44
N GLY C 348 -19.22 59.43 10.00
CA GLY C 348 -19.95 60.61 9.57
C GLY C 348 -19.61 61.19 8.20
N MET C 349 -18.57 60.72 7.51
CA MET C 349 -18.20 61.40 6.25
C MET C 349 -19.20 61.16 5.11
N VAL C 350 -19.48 59.90 4.79
CA VAL C 350 -20.60 59.53 3.88
C VAL C 350 -20.51 60.04 2.42
N ASP C 351 -20.31 61.34 2.23
CA ASP C 351 -19.99 61.96 0.94
C ASP C 351 -19.10 61.13 -0.01
N GLY C 352 -17.95 60.69 0.50
CA GLY C 352 -16.91 60.11 -0.33
C GLY C 352 -15.90 59.36 0.51
N TRP C 353 -14.67 59.25 0.02
CA TRP C 353 -13.68 58.36 0.62
C TRP C 353 -12.68 59.12 1.47
N TYR C 354 -12.15 60.19 0.92
CA TYR C 354 -11.22 61.06 1.65
C TYR C 354 -11.77 62.47 1.73
N GLY C 355 -11.52 63.15 2.84
CA GLY C 355 -12.03 64.51 2.99
C GLY C 355 -11.66 65.26 4.26
N TYR C 356 -12.52 66.21 4.60
CA TYR C 356 -12.26 67.21 5.63
C TYR C 356 -13.37 67.28 6.67
N HIS C 357 -13.00 67.63 7.89
CA HIS C 357 -13.97 68.06 8.90
C HIS C 357 -13.49 69.38 9.49
N HIS C 358 -14.34 70.41 9.41
CA HIS C 358 -13.98 71.75 9.87
C HIS C 358 -14.83 72.13 11.06
N GLU C 359 -14.38 73.13 11.82
CA GLU C 359 -15.17 73.74 12.88
C GLU C 359 -14.81 75.22 13.06
N ASN C 360 -15.80 76.10 12.85
CA ASN C 360 -15.66 77.53 13.07
C ASN C 360 -16.92 78.08 13.78
N SER C 361 -17.09 79.40 13.82
CA SER C 361 -18.28 80.00 14.45
C SER C 361 -19.57 79.79 13.63
N GLN C 362 -19.44 79.52 12.32
CA GLN C 362 -20.61 79.20 11.48
C GLN C 362 -21.00 77.71 11.51
N GLY C 363 -20.55 76.98 12.53
CA GLY C 363 -20.90 75.57 12.70
C GLY C 363 -19.74 74.64 12.42
N SER C 364 -20.05 73.39 12.08
CA SER C 364 -19.03 72.38 11.78
C SER C 364 -19.61 71.35 10.80
N GLY C 365 -18.80 70.41 10.33
CA GLY C 365 -19.30 69.37 9.45
C GLY C 365 -18.23 68.63 8.67
N TYR C 366 -18.65 67.59 7.97
CA TYR C 366 -17.78 66.77 7.13
C TYR C 366 -18.04 67.04 5.65
N ALA C 367 -17.01 66.93 4.82
CA ALA C 367 -17.16 67.08 3.36
C ALA C 367 -16.02 66.39 2.62
N ALA C 368 -16.35 65.50 1.69
CA ALA C 368 -15.34 64.72 0.95
C ALA C 368 -14.61 65.59 -0.06
N ASP C 369 -13.37 65.23 -0.36
CA ASP C 369 -12.64 65.85 -1.46
C ASP C 369 -13.00 65.13 -2.76
N LYS C 370 -13.88 65.77 -3.55
CA LYS C 370 -14.40 65.21 -4.78
C LYS C 370 -13.29 64.72 -5.71
N GLU C 371 -12.31 65.57 -5.98
CA GLU C 371 -11.28 65.25 -6.97
C GLU C 371 -10.42 64.01 -6.63
N SER C 372 -9.96 63.90 -5.39
CA SER C 372 -9.13 62.75 -4.98
C SER C 372 -9.96 61.49 -4.74
N THR C 373 -11.19 61.65 -4.21
CA THR C 373 -12.14 60.53 -4.12
C THR C 373 -12.37 59.95 -5.52
N GLN C 374 -12.69 60.79 -6.49
CA GLN C 374 -13.03 60.33 -7.83
C GLN C 374 -11.85 59.65 -8.53
N LYS C 375 -10.66 60.23 -8.39
CA LYS C 375 -9.45 59.68 -9.01
C LYS C 375 -9.17 58.27 -8.49
N ALA C 376 -9.38 58.04 -7.20
CA ALA C 376 -9.23 56.72 -6.59
C ALA C 376 -10.35 55.75 -6.98
N ILE C 377 -11.60 56.23 -7.04
CA ILE C 377 -12.71 55.40 -7.54
C ILE C 377 -12.40 54.90 -8.97
N ASP C 378 -11.93 55.80 -9.84
CA ASP C 378 -11.64 55.47 -11.24
C ASP C 378 -10.49 54.47 -11.38
N GLY C 379 -9.42 54.65 -10.60
CA GLY C 379 -8.31 53.69 -10.58
C GLY C 379 -8.71 52.28 -10.15
N ILE C 380 -9.60 52.17 -9.16
CA ILE C 380 -10.09 50.89 -8.66
C ILE C 380 -11.04 50.26 -9.64
N THR C 381 -12.01 51.04 -10.11
CA THR C 381 -12.97 50.53 -11.09
C THR C 381 -12.18 50.05 -12.34
N ASN C 382 -11.15 50.76 -12.76
CA ASN C 382 -10.31 50.33 -13.86
C ASN C 382 -9.60 49.03 -13.53
N LYS C 383 -9.00 48.95 -12.34
CA LYS C 383 -8.35 47.72 -11.85
C LYS C 383 -9.30 46.51 -11.94
N VAL C 384 -10.51 46.64 -11.38
CA VAL C 384 -11.48 45.57 -11.43
C VAL C 384 -11.74 45.16 -12.87
N ASN C 385 -12.08 46.12 -13.71
CA ASN C 385 -12.37 45.85 -15.10
C ASN C 385 -11.20 45.28 -15.85
N SER C 386 -9.99 45.72 -15.53
CA SER C 386 -8.77 45.16 -16.12
C SER C 386 -8.59 43.68 -15.74
N ILE C 387 -8.81 43.36 -14.47
CA ILE C 387 -8.80 41.98 -14.02
C ILE C 387 -9.87 41.19 -14.76
N ILE C 388 -11.12 41.65 -14.74
CA ILE C 388 -12.19 40.99 -15.50
C ILE C 388 -11.78 40.74 -16.95
N ASP C 389 -11.20 41.75 -17.58
CA ASP C 389 -10.81 41.66 -18.97
C ASP C 389 -9.74 40.58 -19.16
N LYS C 390 -8.71 40.56 -18.32
CA LYS C 390 -7.60 39.63 -18.53
C LYS C 390 -7.93 38.20 -18.18
N MET C 391 -8.99 38.02 -17.39
CA MET C 391 -9.42 36.70 -17.00
C MET C 391 -10.57 36.23 -17.87
N ASN C 392 -10.73 36.84 -19.04
CA ASN C 392 -11.87 36.58 -19.91
C ASN C 392 -11.62 35.49 -20.91
N THR C 393 -10.95 34.43 -20.47
CA THR C 393 -10.77 33.23 -21.30
C THR C 393 -11.00 32.07 -20.36
N GLN C 394 -11.32 30.92 -20.93
CA GLN C 394 -11.43 29.72 -20.12
C GLN C 394 -10.65 28.54 -20.74
N PHE C 395 -9.89 27.83 -19.91
CA PHE C 395 -9.49 26.51 -20.25
C PHE C 395 -10.72 25.61 -20.10
N GLU C 396 -10.94 24.74 -21.08
CA GLU C 396 -12.14 23.92 -21.17
C GLU C 396 -11.81 22.44 -21.13
N ALA C 397 -11.93 21.84 -19.94
CA ALA C 397 -11.79 20.41 -19.77
C ALA C 397 -12.91 19.69 -20.52
N VAL C 398 -12.61 18.50 -21.01
CA VAL C 398 -13.58 17.73 -21.73
C VAL C 398 -13.71 16.35 -21.14
N GLU C 399 -14.92 15.82 -21.17
CA GLU C 399 -15.24 14.49 -20.64
C GLU C 399 -15.09 13.40 -21.67
N HIS C 400 -14.03 13.43 -22.45
CA HIS C 400 -13.78 12.33 -23.35
C HIS C 400 -13.40 11.12 -22.54
N GLU C 401 -13.64 9.95 -23.09
CA GLU C 401 -13.36 8.72 -22.40
C GLU C 401 -12.14 8.03 -22.99
N PHE C 402 -11.54 7.14 -22.21
CA PHE C 402 -10.34 6.40 -22.62
C PHE C 402 -10.47 4.97 -22.22
N SER C 403 -10.04 4.08 -23.10
CA SER C 403 -10.19 2.67 -22.84
C SER C 403 -9.16 2.26 -21.83
N ASN C 404 -9.28 1.01 -21.41
CA ASN C 404 -8.33 0.42 -20.48
C ASN C 404 -6.95 0.25 -21.14
N LEU C 405 -6.88 0.33 -22.49
CA LEU C 405 -5.60 0.35 -23.18
C LEU C 405 -5.19 1.75 -23.60
N GLU C 406 -5.70 2.77 -22.91
CA GLU C 406 -5.33 4.14 -23.19
C GLU C 406 -5.03 4.85 -21.87
N LYS C 407 -4.38 4.14 -20.97
CA LYS C 407 -4.04 4.66 -19.70
C LYS C 407 -3.09 5.87 -19.87
N ARG C 408 -2.16 5.78 -20.82
CA ARG C 408 -1.15 6.82 -20.99
C ARG C 408 -1.75 8.11 -21.48
N ILE C 409 -2.56 8.10 -22.53
CA ILE C 409 -3.17 9.37 -23.00
C ILE C 409 -4.24 9.86 -22.05
N SER C 410 -4.91 8.94 -21.35
CA SER C 410 -5.79 9.33 -20.30
C SER C 410 -5.06 10.06 -19.22
N ASN C 411 -3.91 9.56 -18.81
CA ASN C 411 -3.17 10.23 -17.76
C ASN C 411 -2.60 11.54 -18.27
N LEU C 412 -2.26 11.56 -19.54
CA LEU C 412 -1.75 12.77 -20.15
C LEU C 412 -2.83 13.86 -20.09
N ASN C 413 -4.04 13.53 -20.55
CA ASN C 413 -5.17 14.43 -20.47
C ASN C 413 -5.43 14.92 -19.06
N LYS C 414 -5.42 14.01 -18.10
CA LYS C 414 -5.62 14.37 -16.70
C LYS C 414 -4.58 15.36 -16.19
N ARG C 415 -3.30 15.10 -16.42
CA ARG C 415 -2.22 15.95 -15.90
C ARG C 415 -2.28 17.32 -16.55
N MET C 416 -2.72 17.34 -17.81
CA MET C 416 -2.87 18.59 -18.51
C MET C 416 -3.99 19.42 -17.90
N GLU C 417 -5.17 18.82 -17.77
CA GLU C 417 -6.29 19.53 -17.21
C GLU C 417 -6.00 20.03 -15.80
N ASP C 418 -5.40 19.21 -14.96
CA ASP C 418 -5.09 19.66 -13.61
C ASP C 418 -3.98 20.70 -13.65
N GLY C 419 -3.09 20.58 -14.63
CA GLY C 419 -2.00 21.54 -14.83
C GLY C 419 -2.53 22.94 -15.01
N PHE C 420 -3.45 23.13 -15.96
CA PHE C 420 -4.02 24.47 -16.19
C PHE C 420 -4.85 24.95 -15.03
N LEU C 421 -5.57 24.03 -14.41
CA LEU C 421 -6.34 24.40 -13.25
C LEU C 421 -5.43 24.93 -12.15
N ASP C 422 -4.27 24.30 -11.95
CA ASP C 422 -3.37 24.78 -10.89
C ASP C 422 -2.73 26.09 -11.29
N VAL C 423 -2.43 26.31 -12.56
CA VAL C 423 -1.86 27.60 -12.92
C VAL C 423 -2.90 28.69 -12.83
N TRP C 424 -4.13 28.44 -13.26
CA TRP C 424 -5.12 29.52 -13.20
C TRP C 424 -5.52 29.81 -11.77
N THR C 425 -5.66 28.78 -10.95
CA THR C 425 -6.00 29.01 -9.55
C THR C 425 -4.91 29.89 -8.89
N TYR C 426 -3.65 29.49 -9.09
CA TYR C 426 -2.52 30.25 -8.55
C TYR C 426 -2.58 31.68 -9.06
N ASN C 427 -2.73 31.86 -10.36
CA ASN C 427 -2.80 33.20 -10.91
C ASN C 427 -3.85 34.05 -10.27
N ALA C 428 -5.05 33.50 -10.11
CA ALA C 428 -6.16 34.24 -9.53
C ALA C 428 -5.94 34.54 -8.04
N GLU C 429 -5.57 33.53 -7.26
CA GLU C 429 -5.37 33.74 -5.82
C GLU C 429 -4.28 34.73 -5.53
N LEU C 430 -3.18 34.59 -6.25
CA LEU C 430 -2.03 35.46 -6.07
C LEU C 430 -2.33 36.89 -6.48
N LEU C 431 -3.08 37.07 -7.56
CA LEU C 431 -3.41 38.41 -8.01
C LEU C 431 -4.25 39.16 -7.00
N VAL C 432 -5.26 38.50 -6.46
CA VAL C 432 -6.12 39.12 -5.46
C VAL C 432 -5.32 39.55 -4.23
N LEU C 433 -4.52 38.66 -3.67
CA LEU C 433 -3.65 39.03 -2.55
C LEU C 433 -2.77 40.24 -2.85
N LEU C 434 -2.10 40.24 -4.01
CA LEU C 434 -1.18 41.31 -4.34
C LEU C 434 -1.86 42.64 -4.63
N GLU C 435 -2.94 42.62 -5.39
CA GLU C 435 -3.61 43.86 -5.70
C GLU C 435 -4.42 44.40 -4.52
N ASN C 436 -4.82 43.54 -3.61
CA ASN C 436 -5.45 44.06 -2.39
C ASN C 436 -4.49 44.91 -1.56
N GLU C 437 -3.28 44.43 -1.42
CA GLU C 437 -2.28 45.20 -0.71
C GLU C 437 -2.01 46.52 -1.41
N ARG C 438 -1.96 46.53 -2.73
CA ARG C 438 -1.78 47.80 -3.44
C ARG C 438 -2.94 48.74 -3.23
N THR C 439 -4.14 48.20 -3.31
CA THR C 439 -5.34 49.01 -3.12
C THR C 439 -5.32 49.73 -1.77
N LEU C 440 -5.01 49.01 -0.70
CA LEU C 440 -4.98 49.63 0.64
C LEU C 440 -3.82 50.60 0.88
N ASP C 441 -2.69 50.41 0.20
CA ASP C 441 -1.59 51.39 0.27
C ASP C 441 -1.99 52.66 -0.42
N MET C 442 -2.62 52.53 -1.56
CA MET C 442 -3.05 53.69 -2.31
C MET C 442 -3.96 54.60 -1.47
N HIS C 443 -4.81 54.01 -0.61
CA HIS C 443 -5.63 54.84 0.30
C HIS C 443 -4.77 55.63 1.31
N ASP C 444 -3.93 54.91 2.04
CA ASP C 444 -3.00 55.54 2.98
C ASP C 444 -2.30 56.76 2.35
N ALA C 445 -1.85 56.62 1.11
CA ALA C 445 -1.11 57.69 0.42
C ALA C 445 -2.01 58.87 0.05
N ASN C 446 -3.19 58.59 -0.48
CA ASN C 446 -4.12 59.65 -0.87
C ASN C 446 -4.51 60.55 0.30
N VAL C 447 -4.78 59.93 1.45
CA VAL C 447 -5.06 60.66 2.70
C VAL C 447 -3.87 61.53 3.10
N LYS C 448 -2.68 60.94 3.12
CA LYS C 448 -1.48 61.69 3.43
C LYS C 448 -1.31 62.91 2.53
N ASN C 449 -1.62 62.75 1.25
CA ASN C 449 -1.52 63.88 0.30
C ASN C 449 -2.38 65.09 0.63
N LEU C 450 -3.63 64.83 1.02
CA LEU C 450 -4.52 65.91 1.41
C LEU C 450 -4.00 66.63 2.62
N HIS C 451 -3.58 65.85 3.60
CA HIS C 451 -3.04 66.38 4.84
C HIS C 451 -1.85 67.27 4.55
N GLU C 452 -0.99 66.81 3.67
CA GLU C 452 0.20 67.59 3.34
C GLU C 452 -0.08 68.81 2.47
N LYS C 453 -1.10 68.75 1.64
CA LYS C 453 -1.51 69.92 0.83
C LYS C 453 -1.99 71.06 1.72
N VAL C 454 -2.75 70.69 2.73
CA VAL C 454 -3.19 71.61 3.77
C VAL C 454 -2.01 72.15 4.58
N LYS C 455 -1.17 71.28 5.11
CA LYS C 455 -0.02 71.72 5.92
C LYS C 455 0.87 72.74 5.21
N SER C 456 1.31 72.42 4.00
CA SER C 456 2.15 73.33 3.23
C SER C 456 1.53 74.74 3.09
N GLN C 457 0.21 74.78 2.94
CA GLN C 457 -0.51 76.04 2.76
C GLN C 457 -0.52 76.92 4.01
N LEU C 458 -0.79 76.31 5.16
CA LEU C 458 -0.95 77.06 6.42
C LEU C 458 0.34 77.46 7.14
N ARG C 459 1.44 76.77 6.82
CA ARG C 459 2.73 77.01 7.47
C ARG C 459 2.52 77.19 8.97
N ASP C 460 2.87 78.35 9.52
CA ASP C 460 2.76 78.58 10.96
C ASP C 460 1.53 79.43 11.37
N ASN C 461 0.60 79.65 10.43
CA ASN C 461 -0.70 80.19 10.80
C ASN C 461 -1.64 79.18 11.44
N ALA C 462 -1.15 77.97 11.70
CA ALA C 462 -1.91 76.94 12.37
C ALA C 462 -0.99 75.90 13.00
N LYS C 463 -1.51 75.16 13.96
CA LYS C 463 -0.74 74.19 14.72
C LYS C 463 -1.06 72.78 14.24
N ASP C 464 -0.04 71.93 14.10
CA ASP C 464 -0.26 70.59 13.56
C ASP C 464 -1.09 69.68 14.47
N LEU C 465 -0.74 69.60 15.75
CA LEU C 465 -1.38 68.66 16.69
C LEU C 465 -0.96 67.19 16.53
N GLY C 466 -0.22 66.84 15.47
CA GLY C 466 0.33 65.46 15.24
C GLY C 466 -0.75 64.38 15.13
N ASN C 467 -1.89 64.79 14.61
CA ASN C 467 -3.16 64.19 14.93
C ASN C 467 -4.07 64.12 13.69
N GLY C 468 -3.67 64.81 12.61
CA GLY C 468 -4.47 64.86 11.39
C GLY C 468 -5.25 66.14 11.25
N CYS C 469 -5.41 66.88 12.34
CA CYS C 469 -6.11 68.16 12.32
C CYS C 469 -5.18 69.33 12.48
N PHE C 470 -5.66 70.51 12.13
CA PHE C 470 -4.92 71.74 12.31
C PHE C 470 -5.75 72.73 13.09
N GLU C 471 -5.18 73.29 14.16
CA GLU C 471 -5.84 74.35 14.91
C GLU C 471 -5.35 75.69 14.40
N PHE C 472 -6.28 76.50 13.92
CA PHE C 472 -5.96 77.80 13.36
C PHE C 472 -5.59 78.79 14.45
N TRP C 473 -4.46 79.47 14.27
CA TRP C 473 -4.08 80.59 15.13
C TRP C 473 -4.93 81.85 14.84
N HIS C 474 -5.94 81.73 14.00
CA HIS C 474 -6.79 82.86 13.65
C HIS C 474 -8.23 82.41 13.37
N LYS C 475 -9.08 83.37 13.03
CA LYS C 475 -10.44 83.07 12.63
C LYS C 475 -10.44 82.56 11.20
N CYS C 476 -11.13 81.44 10.97
CA CYS C 476 -11.28 80.90 9.61
C CYS C 476 -12.76 80.63 9.29
N ASP C 477 -13.38 81.62 8.63
CA ASP C 477 -14.77 81.52 8.12
C ASP C 477 -14.92 80.42 7.06
N ASN C 478 -16.15 80.15 6.66
CA ASN C 478 -16.42 79.17 5.61
C ASN C 478 -15.71 79.50 4.29
N GLU C 479 -15.54 80.79 4.02
CA GLU C 479 -14.87 81.24 2.81
C GLU C 479 -13.37 80.94 2.91
N CYS C 480 -12.82 81.13 4.09
CA CYS C 480 -11.42 80.77 4.38
C CYS C 480 -11.23 79.25 4.25
N ILE C 481 -12.15 78.46 4.80
CA ILE C 481 -12.03 77.00 4.85
C ILE C 481 -12.07 76.45 3.42
N ASN C 482 -12.95 77.03 2.61
CA ASN C 482 -13.09 76.67 1.20
C ASN C 482 -11.88 77.05 0.39
N SER C 483 -11.26 78.15 0.78
CA SER C 483 -10.02 78.60 0.13
C SER C 483 -8.88 77.59 0.41
N VAL C 484 -8.95 76.88 1.54
CA VAL C 484 -7.99 75.82 1.85
C VAL C 484 -8.28 74.57 1.03
N LYS C 485 -9.56 74.20 0.92
CA LYS C 485 -9.94 73.08 0.06
C LYS C 485 -9.57 73.26 -1.41
N ASN C 486 -9.92 74.39 -2.01
CA ASN C 486 -9.56 74.65 -3.42
C ASN C 486 -8.06 74.98 -3.64
N GLY C 487 -7.29 75.07 -2.57
CA GLY C 487 -5.84 75.24 -2.64
C GLY C 487 -5.34 76.66 -2.92
N THR C 488 -6.11 77.65 -2.51
CA THR C 488 -5.83 79.07 -2.76
C THR C 488 -6.04 79.81 -1.44
N TYR C 489 -5.15 79.61 -0.50
CA TYR C 489 -5.46 79.91 0.89
C TYR C 489 -5.23 81.37 1.23
N ASN C 490 -4.02 81.85 0.99
CA ASN C 490 -3.65 83.26 1.31
C ASN C 490 -3.09 83.39 2.73
N TYR C 491 -1.84 82.93 2.88
CA TYR C 491 -1.12 83.01 4.15
C TYR C 491 -0.94 84.44 4.65
N PRO C 492 -0.47 85.38 3.80
CA PRO C 492 -0.20 86.74 4.31
C PRO C 492 -1.39 87.43 4.98
N LYS C 493 -2.60 87.26 4.45
CA LYS C 493 -3.78 87.89 4.99
C LYS C 493 -4.03 87.63 6.48
N TYR C 494 -3.69 86.43 6.93
CA TYR C 494 -3.95 86.04 8.30
C TYR C 494 -2.63 85.93 9.08
N GLN C 495 -1.51 86.30 8.47
CA GLN C 495 -0.18 86.11 9.06
C GLN C 495 0.10 86.98 10.29
N GLU C 496 -0.35 88.23 10.24
CA GLU C 496 -0.24 89.13 11.37
C GLU C 496 -1.10 88.67 12.53
N GLU C 497 -2.41 88.56 12.29
CA GLU C 497 -3.35 88.12 13.30
C GLU C 497 -2.81 86.86 13.97
N SER C 498 -2.25 85.96 13.15
CA SER C 498 -1.66 84.70 13.60
C SER C 498 -0.48 84.85 14.55
N ARG C 499 0.63 85.39 14.04
CA ARG C 499 1.89 85.43 14.79
C ARG C 499 1.76 86.09 16.17
N LEU C 500 0.87 87.07 16.29
CA LEU C 500 0.65 87.71 17.58
C LEU C 500 0.07 86.77 18.64
N ASN C 501 -0.80 85.86 18.23
CA ASN C 501 -1.38 84.90 19.17
C ASN C 501 -0.35 83.88 19.69
N ARG C 502 0.95 84.16 19.56
CA ARG C 502 2.03 83.21 19.94
C ARG C 502 3.41 83.87 19.99
N ASP D 5 -12.03 35.24 49.13
CA ASP D 5 -11.82 35.08 47.65
C ASP D 5 -10.95 33.87 47.34
N LYS D 6 -11.39 33.01 46.43
CA LYS D 6 -10.70 31.74 46.21
C LYS D 6 -10.84 31.10 44.84
N ILE D 7 -9.91 30.17 44.55
CA ILE D 7 -9.90 29.38 43.32
C ILE D 7 -9.53 27.94 43.65
N CYS D 8 -10.23 26.99 43.04
CA CYS D 8 -10.00 25.59 43.29
C CYS D 8 -9.65 24.87 42.01
N ILE D 9 -8.85 23.82 42.16
CA ILE D 9 -8.58 22.88 41.09
C ILE D 9 -9.29 21.59 41.42
N GLY D 10 -9.98 21.04 40.44
CA GLY D 10 -10.76 19.84 40.65
C GLY D 10 -10.99 19.06 39.38
N TYR D 11 -11.77 17.99 39.50
CA TYR D 11 -12.07 17.16 38.36
C TYR D 11 -13.55 16.77 38.32
N HIS D 12 -13.95 16.29 37.15
CA HIS D 12 -15.29 15.90 36.86
C HIS D 12 -15.78 14.69 37.67
N ALA D 13 -17.09 14.70 37.94
CA ALA D 13 -17.80 13.55 38.50
C ALA D 13 -19.20 13.54 37.88
N ASN D 14 -19.90 12.42 38.05
CA ASN D 14 -21.24 12.24 37.49
C ASN D 14 -22.01 11.10 38.19
N ASN D 15 -23.14 10.69 37.61
CA ASN D 15 -24.03 9.71 38.23
C ASN D 15 -23.69 8.25 37.91
N SER D 16 -22.64 8.02 37.14
CA SER D 16 -22.23 6.66 36.72
C SER D 16 -21.86 5.71 37.87
N THR D 17 -22.28 4.46 37.76
CA THR D 17 -22.06 3.45 38.78
C THR D 17 -21.18 2.26 38.19
N THR D 18 -20.72 2.45 36.94
CA THR D 18 -19.85 1.50 36.27
C THR D 18 -18.48 1.35 36.93
N GLN D 19 -18.04 0.11 37.11
CA GLN D 19 -16.77 -0.16 37.74
C GLN D 19 -15.78 -0.82 36.80
N VAL D 20 -14.49 -0.59 37.02
CA VAL D 20 -13.43 -1.28 36.30
C VAL D 20 -12.43 -1.81 37.30
N ASP D 21 -11.49 -2.61 36.81
CA ASP D 21 -10.39 -3.12 37.64
C ASP D 21 -9.05 -2.56 37.17
N THR D 22 -8.09 -2.59 38.09
CA THR D 22 -6.70 -2.29 37.77
C THR D 22 -5.82 -3.34 38.46
N ILE D 23 -4.55 -3.34 38.11
CA ILE D 23 -3.61 -4.24 38.70
C ILE D 23 -3.51 -4.01 40.24
N LEU D 24 -3.73 -2.78 40.67
CA LEU D 24 -3.60 -2.39 42.09
C LEU D 24 -4.90 -2.47 42.91
N GLU D 25 -6.05 -2.32 42.27
CA GLU D 25 -7.30 -2.28 43.01
C GLU D 25 -8.48 -2.64 42.14
N LYS D 26 -9.56 -3.04 42.79
CA LYS D 26 -10.72 -3.63 42.12
C LYS D 26 -11.97 -2.83 42.38
N ASN D 27 -13.00 -3.08 41.58
CA ASN D 27 -14.31 -2.45 41.78
C ASN D 27 -14.23 -0.92 41.92
N VAL D 28 -13.51 -0.29 41.00
CA VAL D 28 -13.26 1.14 41.05
C VAL D 28 -14.27 1.83 40.17
N THR D 29 -15.11 2.68 40.75
CA THR D 29 -16.17 3.36 39.98
C THR D 29 -15.56 4.45 39.12
N VAL D 30 -15.98 4.55 37.86
CA VAL D 30 -15.45 5.58 36.96
C VAL D 30 -16.57 6.34 36.26
N THR D 31 -16.22 7.49 35.71
CA THR D 31 -17.18 8.37 35.07
C THR D 31 -17.60 7.87 33.70
N HIS D 32 -16.65 7.21 33.03
CA HIS D 32 -16.84 6.72 31.67
C HIS D 32 -16.04 5.42 31.47
N SER D 33 -16.61 4.52 30.68
CA SER D 33 -15.95 3.27 30.35
C SER D 33 -16.54 2.67 29.09
N VAL D 34 -15.73 1.85 28.42
CA VAL D 34 -16.15 1.08 27.27
C VAL D 34 -15.96 -0.37 27.63
N GLU D 35 -16.98 -1.19 27.40
CA GLU D 35 -16.86 -2.64 27.55
C GLU D 35 -16.43 -3.17 26.21
N LEU D 36 -15.33 -3.92 26.22
CA LEU D 36 -14.72 -4.41 25.01
C LEU D 36 -15.22 -5.80 24.63
N LEU D 37 -15.90 -6.48 25.56
CA LEU D 37 -16.30 -7.87 25.40
C LEU D 37 -17.77 -7.97 25.01
N GLU D 38 -18.04 -8.70 23.95
CA GLU D 38 -19.41 -8.96 23.58
C GLU D 38 -19.84 -10.27 24.22
N THR D 39 -20.97 -10.26 24.94
CA THR D 39 -21.45 -11.44 25.64
C THR D 39 -22.81 -11.91 25.17
N GLN D 40 -23.44 -11.15 24.28
CA GLN D 40 -24.78 -11.45 23.81
C GLN D 40 -24.76 -12.09 22.43
N LYS D 41 -25.71 -13.00 22.24
CA LYS D 41 -25.89 -13.70 21.00
C LYS D 41 -27.37 -13.98 20.81
N GLU D 42 -27.79 -14.07 19.56
CA GLU D 42 -29.12 -14.57 19.23
C GLU D 42 -29.03 -16.08 19.07
N SER D 43 -29.77 -16.83 19.89
CA SER D 43 -29.70 -18.29 19.90
C SER D 43 -30.36 -18.94 18.70
N ARG D 44 -29.77 -18.73 17.52
CA ARG D 44 -30.32 -19.24 16.28
C ARG D 44 -29.28 -19.20 15.16
N PHE D 45 -29.60 -19.81 14.04
CA PHE D 45 -28.71 -19.89 12.90
C PHE D 45 -29.25 -19.05 11.75
N CYS D 46 -28.40 -18.18 11.25
CA CYS D 46 -28.77 -17.18 10.26
C CYS D 46 -28.02 -17.39 8.97
N ARG D 47 -28.40 -16.63 7.95
CA ARG D 47 -27.68 -16.63 6.69
C ARG D 47 -26.35 -15.92 6.89
N VAL D 48 -25.34 -16.30 6.10
CA VAL D 48 -24.04 -15.67 6.17
C VAL D 48 -23.62 -15.33 4.75
N LEU D 49 -23.23 -14.08 4.52
CA LEU D 49 -23.04 -13.56 3.17
C LEU D 49 -24.22 -13.94 2.26
N ASN D 50 -25.41 -13.80 2.83
CA ASN D 50 -26.69 -14.09 2.18
C ASN D 50 -26.94 -15.53 1.73
N LYS D 51 -26.19 -16.49 2.26
CA LYS D 51 -26.41 -17.89 1.90
C LYS D 51 -26.81 -18.64 3.16
N ALA D 52 -27.80 -19.49 2.98
CA ALA D 52 -28.39 -20.17 4.11
C ALA D 52 -27.60 -21.44 4.49
N PRO D 53 -27.65 -21.82 5.75
CA PRO D 53 -27.14 -23.11 6.09
C PRO D 53 -28.06 -24.18 5.56
N LEU D 54 -27.52 -25.40 5.49
CA LEU D 54 -28.28 -26.61 5.14
C LEU D 54 -28.66 -27.39 6.41
N ASP D 55 -29.96 -27.54 6.64
CA ASP D 55 -30.48 -28.25 7.79
C ASP D 55 -30.62 -29.71 7.40
N LEU D 56 -29.90 -30.58 8.08
CA LEU D 56 -29.96 -31.99 7.76
C LEU D 56 -31.12 -32.71 8.41
N GLY D 57 -31.89 -32.02 9.26
CA GLY D 57 -33.12 -32.59 9.82
C GLY D 57 -32.88 -33.80 10.69
N ASP D 58 -33.58 -34.89 10.39
CA ASP D 58 -33.38 -36.16 11.11
C ASP D 58 -32.22 -37.01 10.47
N CYS D 59 -31.39 -36.39 9.62
CA CYS D 59 -30.29 -37.12 8.99
C CYS D 59 -28.93 -36.67 9.51
N THR D 60 -28.01 -37.61 9.53
CA THR D 60 -26.62 -37.31 9.79
C THR D 60 -25.92 -36.98 8.49
N THR D 61 -24.74 -36.37 8.58
CA THR D 61 -23.95 -35.97 7.42
C THR D 61 -23.77 -37.18 6.51
N GLU D 62 -23.56 -38.33 7.11
CA GLU D 62 -23.37 -39.54 6.34
C GLU D 62 -24.63 -40.05 5.66
N GLY D 63 -25.75 -40.05 6.38
CA GLY D 63 -27.02 -40.45 5.79
C GLY D 63 -27.38 -39.55 4.64
N TRP D 64 -27.12 -38.27 4.82
CA TRP D 64 -27.30 -37.31 3.76
C TRP D 64 -26.49 -37.68 2.53
N ILE D 65 -25.18 -37.78 2.68
CA ILE D 65 -24.28 -37.82 1.52
C ILE D 65 -24.22 -39.18 0.85
N LEU D 66 -24.56 -40.24 1.58
CA LEU D 66 -24.66 -41.57 0.99
C LEU D 66 -26.02 -41.78 0.39
N GLY D 67 -26.96 -40.91 0.73
CA GLY D 67 -28.29 -40.99 0.19
C GLY D 67 -29.12 -42.08 0.82
N ASN D 68 -29.07 -42.17 2.15
CA ASN D 68 -30.03 -42.96 2.92
C ASN D 68 -31.44 -42.58 2.48
N PRO D 69 -32.27 -43.58 2.11
CA PRO D 69 -33.53 -43.26 1.47
C PRO D 69 -34.55 -42.57 2.34
N ARG D 70 -34.32 -42.49 3.66
CA ARG D 70 -35.17 -41.70 4.55
C ARG D 70 -34.75 -40.23 4.58
N CYS D 71 -33.77 -39.87 3.76
CA CYS D 71 -33.25 -38.52 3.75
C CYS D 71 -33.55 -37.83 2.44
N ASP D 72 -34.58 -38.32 1.74
CA ASP D 72 -34.94 -37.79 0.41
C ASP D 72 -35.21 -36.28 0.43
N LYS D 73 -35.57 -35.72 1.57
CA LYS D 73 -35.73 -34.28 1.67
C LYS D 73 -34.45 -33.50 1.27
N LEU D 74 -33.29 -34.13 1.35
CA LEU D 74 -32.00 -33.47 1.03
C LEU D 74 -31.46 -33.88 -0.34
N LEU D 75 -32.12 -34.81 -0.99
CA LEU D 75 -31.62 -35.36 -2.23
C LEU D 75 -31.48 -34.35 -3.34
N GLY D 76 -30.32 -34.35 -4.01
CA GLY D 76 -30.08 -33.53 -5.20
C GLY D 76 -29.14 -32.36 -4.98
N ASP D 77 -29.22 -31.40 -5.88
CA ASP D 77 -28.31 -30.27 -5.86
C ASP D 77 -28.57 -29.42 -4.64
N ARG D 78 -27.53 -29.07 -3.89
CA ARG D 78 -27.68 -28.19 -2.73
C ARG D 78 -26.48 -27.26 -2.61
N SER D 79 -26.66 -26.17 -1.85
CA SER D 79 -25.62 -25.18 -1.66
C SER D 79 -25.83 -24.60 -0.28
N TRP D 80 -24.77 -24.15 0.36
CA TRP D 80 -24.88 -23.75 1.76
C TRP D 80 -23.65 -23.01 2.21
N SER D 81 -23.81 -22.16 3.21
CA SER D 81 -22.72 -21.44 3.84
C SER D 81 -22.16 -22.27 4.97
N TYR D 82 -23.00 -23.13 5.53
CA TYR D 82 -22.59 -24.07 6.58
C TYR D 82 -23.62 -25.13 6.77
N ILE D 83 -23.27 -26.16 7.53
CA ILE D 83 -24.15 -27.28 7.71
C ILE D 83 -24.57 -27.36 9.15
N VAL D 84 -25.84 -27.67 9.38
CA VAL D 84 -26.35 -27.85 10.72
C VAL D 84 -26.83 -29.28 10.84
N GLU D 85 -26.13 -30.05 11.67
CA GLU D 85 -26.52 -31.43 11.95
C GLU D 85 -27.11 -31.48 13.31
N ARG D 86 -28.25 -32.16 13.40
CA ARG D 86 -28.96 -32.28 14.69
C ARG D 86 -28.31 -33.38 15.50
N PRO D 87 -28.05 -33.14 16.79
CA PRO D 87 -27.37 -34.13 17.63
C PRO D 87 -28.04 -35.50 17.69
N ASP D 88 -29.36 -35.51 17.67
CA ASP D 88 -30.11 -36.74 17.82
C ASP D 88 -30.62 -37.33 16.51
N ALA D 89 -30.02 -36.93 15.39
CA ALA D 89 -30.41 -37.43 14.06
C ALA D 89 -30.31 -38.92 13.99
N GLN D 90 -31.33 -39.56 13.46
CA GLN D 90 -31.45 -41.02 13.54
C GLN D 90 -31.13 -41.72 12.24
N ASN D 91 -31.13 -41.00 11.12
CA ASN D 91 -30.90 -41.59 9.80
C ASN D 91 -29.49 -41.31 9.32
N GLY D 92 -28.66 -42.32 9.41
CA GLY D 92 -27.27 -42.24 8.97
C GLY D 92 -26.89 -43.49 8.22
N ILE D 93 -25.93 -44.22 8.75
CA ILE D 93 -25.49 -45.40 8.09
C ILE D 93 -26.39 -46.53 8.56
N CYS D 94 -27.40 -46.84 7.76
CA CYS D 94 -28.45 -47.74 8.17
C CYS D 94 -28.01 -49.18 8.07
N TYR D 95 -27.38 -49.58 6.98
CA TYR D 95 -26.81 -50.93 6.90
C TYR D 95 -25.48 -50.87 7.64
N PRO D 96 -25.32 -51.73 8.66
CA PRO D 96 -24.19 -51.55 9.54
C PRO D 96 -22.82 -51.66 8.87
N GLY D 97 -21.88 -50.86 9.36
CA GLY D 97 -20.52 -50.85 8.89
C GLY D 97 -19.81 -49.53 9.17
N VAL D 98 -18.65 -49.37 8.56
CA VAL D 98 -17.87 -48.21 8.87
C VAL D 98 -17.54 -47.46 7.59
N LEU D 99 -17.66 -46.15 7.69
CA LEU D 99 -17.23 -45.27 6.63
C LEU D 99 -15.75 -45.03 6.89
N LYS D 100 -14.91 -45.44 5.96
CA LYS D 100 -13.52 -45.17 6.11
C LYS D 100 -13.22 -43.71 5.97
N GLU D 101 -12.34 -43.25 6.84
CA GLU D 101 -11.81 -41.91 6.78
C GLU D 101 -12.98 -40.97 6.84
N ALA D 102 -13.92 -41.28 7.73
CA ALA D 102 -15.13 -40.50 7.89
C ALA D 102 -14.84 -39.06 8.30
N GLU D 103 -13.84 -38.91 9.16
CA GLU D 103 -13.54 -37.63 9.76
C GLU D 103 -12.94 -36.70 8.73
N GLU D 104 -12.15 -37.25 7.80
CA GLU D 104 -11.58 -36.49 6.72
C GLU D 104 -12.67 -36.12 5.72
N LEU D 105 -13.62 -37.03 5.48
CA LEU D 105 -14.77 -36.72 4.63
C LEU D 105 -15.51 -35.51 5.17
N LYS D 106 -15.70 -35.44 6.50
CA LYS D 106 -16.46 -34.33 7.06
C LYS D 106 -15.73 -33.04 6.90
N ALA D 107 -14.43 -33.07 7.08
CA ALA D 107 -13.61 -31.87 6.83
C ALA D 107 -13.74 -31.44 5.39
N LEU D 108 -13.73 -32.39 4.46
CA LEU D 108 -13.92 -32.04 3.06
C LEU D 108 -15.28 -31.34 2.85
N ILE D 109 -16.33 -31.99 3.34
CA ILE D 109 -17.70 -31.50 3.16
C ILE D 109 -17.88 -30.12 3.75
N GLY D 110 -17.23 -29.89 4.88
CA GLY D 110 -17.26 -28.57 5.49
C GLY D 110 -16.62 -27.49 4.64
N SER D 111 -15.74 -27.86 3.72
CA SER D 111 -15.08 -26.88 2.86
C SER D 111 -15.81 -26.76 1.53
N ILE D 112 -16.92 -27.47 1.37
CA ILE D 112 -17.67 -27.40 0.14
C ILE D 112 -18.81 -26.38 0.20
N ASP D 113 -19.03 -25.78 -0.95
CA ASP D 113 -19.93 -24.66 -1.20
C ASP D 113 -21.28 -25.14 -1.79
N THR D 114 -21.18 -25.95 -2.84
CA THR D 114 -22.31 -26.39 -3.64
C THR D 114 -22.01 -27.79 -4.16
N ILE D 115 -23.05 -28.60 -4.30
CA ILE D 115 -22.93 -29.91 -4.91
C ILE D 115 -24.02 -30.10 -5.96
N GLN D 116 -23.71 -30.89 -6.99
CA GLN D 116 -24.66 -31.25 -8.03
C GLN D 116 -24.64 -32.77 -8.21
N ARG D 117 -25.77 -33.41 -7.93
CA ARG D 117 -25.85 -34.86 -7.94
C ARG D 117 -26.14 -35.34 -9.36
N PHE D 118 -25.52 -36.44 -9.77
CA PHE D 118 -25.70 -36.95 -11.11
C PHE D 118 -25.40 -38.46 -11.11
N GLU D 119 -25.91 -39.17 -12.11
CA GLU D 119 -25.73 -40.62 -12.25
C GLU D 119 -24.35 -40.86 -12.83
N MET D 120 -23.45 -41.43 -12.03
CA MET D 120 -22.08 -41.68 -12.47
C MET D 120 -21.97 -43.00 -13.23
N PHE D 121 -22.59 -44.04 -12.69
CA PHE D 121 -22.58 -45.38 -13.26
C PHE D 121 -24.02 -45.92 -13.22
N PRO D 122 -24.71 -45.91 -14.38
CA PRO D 122 -26.06 -46.49 -14.40
C PRO D 122 -26.02 -48.00 -14.28
N LYS D 123 -27.17 -48.60 -13.99
CA LYS D 123 -27.21 -50.03 -13.73
C LYS D 123 -26.73 -50.89 -14.91
N SER D 124 -27.02 -50.39 -16.11
CA SER D 124 -26.61 -51.05 -17.34
C SER D 124 -25.09 -51.19 -17.48
N THR D 125 -24.31 -50.47 -16.66
CA THR D 125 -22.90 -50.61 -16.71
C THR D 125 -22.43 -52.01 -16.32
N TRP D 126 -23.14 -52.61 -15.40
CA TRP D 126 -22.72 -53.90 -14.82
C TRP D 126 -23.50 -55.03 -15.49
N THR D 127 -22.83 -55.84 -16.31
CA THR D 127 -23.50 -56.86 -17.10
C THR D 127 -23.25 -58.27 -16.54
N GLY D 128 -24.24 -59.13 -16.69
CA GLY D 128 -24.16 -60.51 -16.20
C GLY D 128 -24.33 -60.61 -14.71
N VAL D 129 -24.99 -59.63 -14.10
CA VAL D 129 -25.27 -59.67 -12.67
C VAL D 129 -26.65 -59.10 -12.40
N ASP D 130 -27.09 -59.22 -11.16
CA ASP D 130 -28.37 -58.72 -10.74
C ASP D 130 -28.21 -57.34 -10.09
N THR D 131 -28.71 -56.32 -10.79
CA THR D 131 -28.67 -54.94 -10.31
C THR D 131 -29.97 -54.51 -9.63
N ASN D 132 -30.91 -55.44 -9.45
CA ASN D 132 -32.25 -55.08 -9.00
C ASN D 132 -32.73 -55.77 -7.75
N SER D 133 -31.83 -56.45 -7.03
CA SER D 133 -32.21 -57.10 -5.77
C SER D 133 -31.44 -56.53 -4.58
N GLY D 134 -30.79 -55.37 -4.77
CA GLY D 134 -29.88 -54.85 -3.76
C GLY D 134 -30.52 -53.97 -2.73
N VAL D 135 -31.31 -54.58 -1.86
CA VAL D 135 -32.10 -53.86 -0.84
C VAL D 135 -32.04 -54.56 0.52
N THR D 136 -32.32 -53.82 1.60
CA THR D 136 -32.33 -54.38 2.97
C THR D 136 -33.40 -53.81 3.84
N SER D 137 -33.82 -54.60 4.82
CA SER D 137 -34.71 -54.13 5.88
C SER D 137 -34.05 -53.13 6.82
N ALA D 138 -32.73 -53.03 6.80
CA ALA D 138 -32.03 -52.03 7.59
C ALA D 138 -32.17 -50.62 7.01
N CYS D 139 -32.42 -50.51 5.71
CA CYS D 139 -32.57 -49.20 5.07
C CYS D 139 -33.92 -49.18 4.45
N THR D 140 -34.89 -48.76 5.23
CA THR D 140 -36.25 -48.84 4.82
C THR D 140 -36.65 -47.54 4.16
N TYR D 141 -37.71 -47.60 3.36
CA TYR D 141 -38.30 -46.44 2.71
C TYR D 141 -39.78 -46.74 2.59
N ASN D 142 -40.60 -45.99 3.34
CA ASN D 142 -42.05 -46.25 3.42
C ASN D 142 -42.35 -47.71 3.86
N GLY D 143 -41.64 -48.18 4.88
CA GLY D 143 -41.83 -49.55 5.38
C GLY D 143 -41.20 -50.71 4.61
N GLY D 144 -40.99 -50.57 3.30
CA GLY D 144 -40.34 -51.61 2.51
C GLY D 144 -38.82 -51.50 2.49
N SER D 145 -38.17 -52.60 2.12
CA SER D 145 -36.71 -52.69 2.08
C SER D 145 -36.17 -51.86 0.94
N SER D 146 -35.03 -51.23 1.17
CA SER D 146 -34.47 -50.31 0.21
C SER D 146 -32.95 -50.20 0.42
N PHE D 147 -32.34 -49.13 -0.07
CA PHE D 147 -30.90 -48.97 -0.01
C PHE D 147 -30.50 -47.54 -0.28
N TYR D 148 -29.26 -47.21 0.03
CA TYR D 148 -28.73 -45.86 -0.22
C TYR D 148 -28.95 -45.55 -1.69
N ARG D 149 -29.37 -44.33 -1.97
CA ARG D 149 -29.65 -43.92 -3.35
C ARG D 149 -28.41 -43.59 -4.14
N ASN D 150 -27.28 -43.40 -3.48
CA ASN D 150 -26.06 -43.14 -4.21
C ASN D 150 -25.19 -44.39 -4.44
N LEU D 151 -25.64 -45.55 -3.99
CA LEU D 151 -24.87 -46.78 -4.05
C LEU D 151 -25.73 -47.88 -4.64
N LEU D 152 -25.11 -48.85 -5.30
CA LEU D 152 -25.83 -49.96 -5.89
C LEU D 152 -25.28 -51.25 -5.39
N TRP D 153 -26.14 -52.04 -4.77
CA TRP D 153 -25.77 -53.34 -4.23
C TRP D 153 -26.01 -54.44 -5.25
N ILE D 154 -24.93 -54.88 -5.89
CA ILE D 154 -24.97 -55.89 -6.93
C ILE D 154 -24.74 -57.26 -6.32
N ILE D 155 -25.54 -58.23 -6.74
CA ILE D 155 -25.35 -59.65 -6.41
C ILE D 155 -25.46 -60.51 -7.69
N LYS D 156 -25.05 -61.78 -7.61
CA LYS D 156 -25.09 -62.66 -8.76
C LYS D 156 -26.53 -63.07 -9.09
N ILE D 157 -26.77 -63.40 -10.35
CA ILE D 157 -28.01 -64.03 -10.73
C ILE D 157 -27.88 -65.46 -10.20
N ARG D 158 -28.96 -66.03 -9.68
CA ARG D 158 -28.92 -67.36 -9.06
C ARG D 158 -28.30 -68.46 -9.97
N SER D 159 -28.73 -68.50 -11.24
CA SER D 159 -28.26 -69.53 -12.17
C SER D 159 -26.81 -69.33 -12.62
N ASP D 160 -26.37 -68.09 -12.77
CA ASP D 160 -25.07 -67.78 -13.39
C ASP D 160 -23.98 -67.41 -12.39
N PRO D 161 -22.72 -67.56 -12.79
CA PRO D 161 -21.66 -67.06 -11.93
C PRO D 161 -21.61 -65.56 -12.02
N TYR D 162 -21.07 -64.95 -10.97
CA TYR D 162 -20.84 -63.51 -10.93
C TYR D 162 -19.66 -63.28 -11.88
N SER D 163 -19.98 -62.70 -13.03
CA SER D 163 -18.99 -62.44 -14.07
C SER D 163 -18.10 -61.30 -13.62
N LEU D 164 -16.89 -61.23 -14.16
CA LEU D 164 -16.09 -60.03 -14.02
C LEU D 164 -16.88 -58.87 -14.60
N ILE D 165 -16.93 -57.77 -13.86
CA ILE D 165 -17.74 -56.62 -14.20
C ILE D 165 -16.86 -55.44 -14.29
N LYS D 166 -17.20 -54.50 -15.16
CA LYS D 166 -16.34 -53.37 -15.42
C LYS D 166 -17.16 -52.13 -15.68
N GLY D 167 -16.60 -51.00 -15.29
CA GLY D 167 -17.23 -49.73 -15.56
C GLY D 167 -16.22 -48.63 -15.55
N THR D 168 -16.42 -47.62 -16.37
CA THR D 168 -15.53 -46.48 -16.38
C THR D 168 -16.30 -45.18 -16.45
N TYR D 169 -15.73 -44.13 -15.90
CA TYR D 169 -16.31 -42.80 -15.99
C TYR D 169 -15.18 -41.80 -16.04
N THR D 170 -15.33 -40.77 -16.85
CA THR D 170 -14.32 -39.78 -17.01
C THR D 170 -14.89 -38.45 -16.63
N ASN D 171 -14.21 -37.75 -15.73
CA ASN D 171 -14.56 -36.41 -15.36
C ASN D 171 -14.04 -35.42 -16.40
N THR D 172 -14.95 -34.96 -17.25
CA THR D 172 -14.64 -34.05 -18.34
C THR D 172 -15.00 -32.60 -18.01
N GLY D 173 -15.41 -32.33 -16.78
CA GLY D 173 -15.69 -30.96 -16.34
C GLY D 173 -14.51 -30.35 -15.60
N SER D 174 -14.72 -29.18 -15.03
CA SER D 174 -13.71 -28.45 -14.27
C SER D 174 -13.93 -28.57 -12.76
N GLN D 175 -15.05 -29.17 -12.37
CA GLN D 175 -15.37 -29.39 -10.96
C GLN D 175 -14.91 -30.77 -10.56
N SER D 176 -14.44 -30.88 -9.34
CA SER D 176 -14.05 -32.16 -8.80
C SER D 176 -15.30 -32.98 -8.44
N ILE D 177 -15.17 -34.30 -8.34
CA ILE D 177 -16.29 -35.16 -8.08
C ILE D 177 -16.06 -36.02 -6.85
N LEU D 178 -17.04 -36.01 -5.95
CA LEU D 178 -17.02 -36.81 -4.73
C LEU D 178 -17.88 -38.01 -4.99
N TYR D 179 -17.35 -39.20 -4.78
CA TYR D 179 -18.09 -40.43 -5.03
C TYR D 179 -17.82 -41.48 -3.98
N PHE D 180 -18.69 -42.50 -3.93
CA PHE D 180 -18.68 -43.47 -2.84
C PHE D 180 -18.79 -44.88 -3.37
N TRP D 181 -18.25 -45.82 -2.62
CA TRP D 181 -18.44 -47.22 -2.91
C TRP D 181 -18.29 -47.99 -1.64
N GLY D 182 -18.43 -49.29 -1.72
CA GLY D 182 -18.28 -50.13 -0.54
C GLY D 182 -17.87 -51.53 -0.90
N VAL D 183 -17.46 -52.27 0.12
CA VAL D 183 -17.20 -53.67 -0.02
C VAL D 183 -18.13 -54.32 0.99
N HIS D 184 -18.89 -55.29 0.53
CA HIS D 184 -19.77 -56.03 1.42
C HIS D 184 -19.08 -57.27 2.02
N HIS D 185 -19.22 -57.42 3.33
CA HIS D 185 -18.63 -58.52 4.07
C HIS D 185 -19.72 -59.37 4.70
N PRO D 186 -20.04 -60.52 4.09
CA PRO D 186 -20.96 -61.45 4.67
C PRO D 186 -20.43 -62.00 5.99
N PRO D 187 -21.31 -62.51 6.84
CA PRO D 187 -20.89 -63.11 8.08
C PRO D 187 -20.35 -64.56 7.98
N ASP D 188 -20.47 -65.19 6.81
CA ASP D 188 -20.08 -66.59 6.64
C ASP D 188 -19.92 -66.97 5.19
N ASP D 189 -19.25 -68.10 4.93
CA ASP D 189 -18.94 -68.54 3.56
C ASP D 189 -20.16 -69.00 2.77
N VAL D 190 -21.23 -69.39 3.45
CA VAL D 190 -22.44 -69.80 2.77
C VAL D 190 -23.14 -68.62 2.10
N GLU D 191 -23.25 -67.53 2.83
CA GLU D 191 -23.85 -66.31 2.27
C GLU D 191 -22.95 -65.78 1.17
N GLN D 192 -21.64 -65.76 1.44
CA GLN D 192 -20.67 -65.35 0.42
C GLN D 192 -20.88 -66.13 -0.87
N ALA D 193 -21.04 -67.45 -0.78
CA ALA D 193 -21.24 -68.28 -1.98
C ALA D 193 -22.54 -67.96 -2.69
N ASN D 194 -23.57 -67.73 -1.90
CA ASN D 194 -24.90 -67.41 -2.42
C ASN D 194 -24.98 -66.16 -3.26
N LEU D 195 -24.39 -65.09 -2.71
CA LEU D 195 -24.51 -63.75 -3.27
C LEU D 195 -23.47 -63.44 -4.34
N TYR D 196 -22.25 -63.98 -4.19
CA TYR D 196 -21.14 -63.62 -5.08
C TYR D 196 -20.42 -64.83 -5.65
N GLY D 197 -20.06 -65.77 -4.79
CA GLY D 197 -19.33 -66.95 -5.21
C GLY D 197 -18.14 -67.21 -4.32
N LEU D 198 -17.60 -68.43 -4.43
CA LEU D 198 -16.43 -68.80 -3.66
C LEU D 198 -15.18 -68.39 -4.41
N GLY D 199 -14.02 -68.64 -3.82
CA GLY D 199 -12.77 -68.27 -4.44
C GLY D 199 -12.41 -66.88 -3.99
N THR D 200 -11.27 -66.42 -4.45
CA THR D 200 -10.84 -65.04 -4.26
C THR D 200 -11.83 -64.13 -4.95
N ARG D 201 -12.25 -63.09 -4.23
CA ARG D 201 -13.09 -62.04 -4.80
C ARG D 201 -12.49 -60.70 -4.49
N TYR D 202 -12.71 -59.74 -5.37
CA TYR D 202 -12.04 -58.44 -5.23
C TYR D 202 -12.92 -57.31 -5.74
N VAL D 203 -12.68 -56.15 -5.16
CA VAL D 203 -13.25 -54.90 -5.59
C VAL D 203 -12.05 -54.00 -5.91
N ARG D 204 -11.90 -53.64 -7.17
CA ARG D 204 -10.80 -52.81 -7.61
C ARG D 204 -11.26 -51.52 -8.27
N MET D 205 -10.70 -50.41 -7.80
CA MET D 205 -11.05 -49.07 -8.28
C MET D 205 -9.71 -48.42 -8.64
N GLY D 206 -9.62 -47.84 -9.83
CA GLY D 206 -8.40 -47.22 -10.29
C GLY D 206 -8.56 -45.85 -10.92
N THR D 207 -7.62 -44.94 -10.65
CA THR D 207 -7.56 -43.65 -11.33
C THR D 207 -6.12 -43.33 -11.73
N GLU D 208 -5.92 -42.19 -12.36
CA GLU D 208 -4.58 -41.75 -12.67
C GLU D 208 -3.73 -41.66 -11.40
N SER D 209 -4.38 -41.45 -10.25
CA SER D 209 -3.67 -41.11 -9.01
C SER D 209 -4.01 -41.92 -7.74
N MET D 210 -4.97 -42.84 -7.78
CA MET D 210 -5.31 -43.62 -6.61
C MET D 210 -5.58 -45.03 -7.08
N ASN D 211 -5.29 -45.99 -6.23
CA ASN D 211 -5.77 -47.29 -6.50
C ASN D 211 -6.18 -48.05 -5.23
N PHE D 212 -7.02 -49.01 -5.48
CA PHE D 212 -7.81 -49.61 -4.45
C PHE D 212 -8.08 -51.03 -4.83
N ALA D 213 -7.80 -51.94 -3.92
CA ALA D 213 -8.00 -53.33 -4.18
C ALA D 213 -8.23 -54.00 -2.85
N LYS D 214 -9.45 -54.51 -2.65
CA LYS D 214 -9.79 -55.22 -1.42
C LYS D 214 -10.78 -56.34 -1.65
N GLY D 215 -10.81 -57.27 -0.70
CA GLY D 215 -11.71 -58.41 -0.77
C GLY D 215 -12.64 -58.45 0.42
N PRO D 216 -13.52 -59.45 0.44
CA PRO D 216 -14.32 -59.72 1.59
C PRO D 216 -13.46 -60.05 2.80
N GLU D 217 -13.90 -59.62 3.96
CA GLU D 217 -13.29 -59.94 5.21
C GLU D 217 -14.38 -60.65 6.05
N ILE D 218 -14.67 -61.90 5.67
CA ILE D 218 -15.76 -62.66 6.23
C ILE D 218 -15.52 -62.94 7.70
N ALA D 219 -16.55 -62.77 8.51
CA ALA D 219 -16.49 -63.08 9.95
C ALA D 219 -17.87 -63.10 10.59
N ASP D 220 -18.13 -64.07 11.47
CA ASP D 220 -19.39 -64.02 12.17
C ASP D 220 -19.29 -62.97 13.24
N ARG D 221 -20.33 -62.18 13.26
CA ARG D 221 -20.46 -61.06 14.14
C ARG D 221 -21.91 -60.98 14.57
N PRO D 222 -22.12 -60.35 15.70
CA PRO D 222 -23.47 -60.16 16.12
C PRO D 222 -24.25 -59.19 15.21
N PRO D 223 -25.59 -59.29 15.25
CA PRO D 223 -26.37 -58.43 14.36
C PRO D 223 -26.30 -57.02 14.83
N ALA D 224 -26.25 -56.09 13.89
CA ALA D 224 -26.43 -54.66 14.14
C ALA D 224 -27.51 -54.17 13.17
N ASN D 225 -28.43 -53.33 13.65
CA ASN D 225 -29.63 -53.00 12.90
C ASN D 225 -30.26 -54.22 12.21
N GLY D 226 -30.26 -55.36 12.89
CA GLY D 226 -30.87 -56.59 12.36
C GLY D 226 -30.08 -57.37 11.34
N GLN D 227 -28.81 -57.03 11.13
CA GLN D 227 -27.99 -57.64 10.09
C GLN D 227 -26.64 -58.11 10.59
N ARG D 228 -26.27 -59.35 10.24
CA ARG D 228 -24.97 -59.89 10.63
C ARG D 228 -23.88 -59.50 9.62
N GLY D 229 -24.29 -59.08 8.43
CA GLY D 229 -23.35 -58.64 7.42
C GLY D 229 -22.90 -57.23 7.71
N ARG D 230 -21.91 -56.76 6.95
CA ARG D 230 -21.37 -55.40 7.11
C ARG D 230 -20.93 -54.87 5.76
N ILE D 231 -20.86 -53.56 5.66
CA ILE D 231 -20.32 -52.91 4.49
C ILE D 231 -19.25 -51.95 4.96
N ASP D 232 -18.05 -52.02 4.37
CA ASP D 232 -17.06 -50.98 4.56
C ASP D 232 -17.34 -49.99 3.48
N TYR D 233 -17.70 -48.78 3.88
CA TYR D 233 -17.97 -47.73 2.92
C TYR D 233 -16.70 -46.89 2.69
N TYR D 234 -16.47 -46.47 1.46
CA TYR D 234 -15.32 -45.66 1.10
C TYR D 234 -15.76 -44.47 0.30
N TRP D 235 -14.91 -43.44 0.29
CA TRP D 235 -15.14 -42.24 -0.51
C TRP D 235 -13.85 -41.75 -1.16
N SER D 236 -14.00 -40.98 -2.22
CA SER D 236 -12.83 -40.43 -2.88
C SER D 236 -13.24 -39.30 -3.78
N VAL D 237 -12.24 -38.60 -4.32
CA VAL D 237 -12.50 -37.49 -5.17
C VAL D 237 -11.84 -37.72 -6.51
N LEU D 238 -12.64 -37.77 -7.55
CA LEU D 238 -12.14 -37.85 -8.91
C LEU D 238 -11.89 -36.44 -9.42
N LYS D 239 -10.65 -36.11 -9.72
CA LYS D 239 -10.26 -34.73 -10.09
C LYS D 239 -10.60 -34.43 -11.52
N PRO D 240 -10.72 -33.16 -11.89
CA PRO D 240 -11.00 -32.84 -13.29
C PRO D 240 -9.99 -33.46 -14.23
N GLY D 241 -10.48 -34.10 -15.28
CA GLY D 241 -9.63 -34.80 -16.22
C GLY D 241 -9.47 -36.28 -15.92
N GLU D 242 -9.58 -36.68 -14.66
CA GLU D 242 -9.28 -38.05 -14.30
C GLU D 242 -10.35 -38.99 -14.72
N THR D 243 -10.01 -40.26 -14.81
CA THR D 243 -10.92 -41.30 -15.21
C THR D 243 -10.88 -42.36 -14.12
N LEU D 244 -12.04 -42.94 -13.83
CA LEU D 244 -12.17 -43.97 -12.84
C LEU D 244 -12.54 -45.27 -13.51
N ASN D 245 -11.82 -46.34 -13.17
CA ASN D 245 -12.17 -47.67 -13.64
C ASN D 245 -12.52 -48.54 -12.48
N VAL D 246 -13.57 -49.32 -12.66
CA VAL D 246 -14.12 -50.17 -11.64
C VAL D 246 -14.13 -51.55 -12.21
N GLU D 247 -13.65 -52.49 -11.42
CA GLU D 247 -13.55 -53.85 -11.81
C GLU D 247 -13.75 -54.74 -10.59
N SER D 248 -14.70 -55.68 -10.69
CA SER D 248 -15.00 -56.58 -9.57
C SER D 248 -15.63 -57.88 -10.05
N ASN D 249 -15.37 -58.93 -9.28
CA ASN D 249 -16.02 -60.21 -9.46
C ASN D 249 -16.77 -60.59 -8.20
N GLY D 250 -17.03 -59.63 -7.31
CA GLY D 250 -17.83 -59.88 -6.14
C GLY D 250 -17.70 -58.82 -5.07
N ASN D 251 -18.77 -58.72 -4.27
CA ASN D 251 -18.77 -57.97 -3.01
C ASN D 251 -18.78 -56.45 -3.20
N LEU D 252 -19.03 -56.00 -4.42
CA LEU D 252 -18.92 -54.58 -4.76
C LEU D 252 -20.24 -53.97 -4.46
N ILE D 253 -20.20 -52.88 -3.70
CA ILE D 253 -21.26 -51.93 -3.58
C ILE D 253 -20.76 -50.82 -4.47
N ALA D 254 -21.35 -50.72 -5.64
CA ALA D 254 -20.86 -49.85 -6.68
C ALA D 254 -21.31 -48.42 -6.49
N PRO D 255 -20.52 -47.46 -6.97
CA PRO D 255 -21.03 -46.09 -7.01
C PRO D 255 -22.16 -46.02 -8.01
N TRP D 256 -23.17 -45.23 -7.69
CA TRP D 256 -24.31 -45.07 -8.58
C TRP D 256 -24.45 -43.60 -8.92
N TYR D 257 -24.74 -42.76 -7.93
CA TYR D 257 -24.80 -41.31 -8.09
C TYR D 257 -23.67 -40.71 -7.27
N ALA D 258 -23.12 -39.62 -7.78
CA ALA D 258 -22.00 -38.92 -7.14
C ALA D 258 -22.25 -37.42 -7.24
N TYR D 259 -21.31 -36.61 -6.74
CA TYR D 259 -21.50 -35.18 -6.65
C TYR D 259 -20.36 -34.40 -7.29
N LYS D 260 -20.70 -33.61 -8.30
CA LYS D 260 -19.81 -32.56 -8.73
C LYS D 260 -19.89 -31.49 -7.68
N PHE D 261 -18.77 -30.95 -7.23
CA PHE D 261 -18.81 -29.93 -6.18
C PHE D 261 -17.84 -28.77 -6.42
N THR D 262 -18.09 -27.67 -5.73
CA THR D 262 -17.20 -26.52 -5.72
C THR D 262 -16.70 -26.30 -4.29
N SER D 263 -15.49 -25.75 -4.18
CA SER D 263 -14.91 -25.49 -2.87
C SER D 263 -15.16 -24.05 -2.49
N SER D 264 -15.59 -23.85 -1.25
CA SER D 264 -15.96 -22.54 -0.82
C SER D 264 -14.75 -21.62 -0.82
N ARG D 265 -14.99 -20.35 -1.15
CA ARG D 265 -14.02 -19.29 -0.93
C ARG D 265 -13.93 -18.88 0.53
N HIS D 266 -14.90 -19.32 1.33
CA HIS D 266 -15.00 -18.94 2.71
C HIS D 266 -14.85 -20.12 3.65
N LYS D 267 -14.54 -19.82 4.90
CA LYS D 267 -14.46 -20.87 5.85
C LYS D 267 -15.89 -21.32 6.05
N GLY D 268 -16.07 -22.63 6.05
CA GLY D 268 -17.34 -23.25 6.38
C GLY D 268 -17.26 -24.05 7.65
N ALA D 269 -18.31 -24.82 7.93
CA ALA D 269 -18.36 -25.60 9.15
C ALA D 269 -19.55 -26.56 9.17
N ILE D 270 -19.43 -27.61 10.00
CA ILE D 270 -20.56 -28.43 10.38
C ILE D 270 -20.80 -28.18 11.84
N PHE D 271 -21.92 -27.55 12.15
CA PHE D 271 -22.35 -27.36 13.52
C PHE D 271 -23.26 -28.49 14.01
N ARG D 272 -22.92 -29.11 15.13
CA ARG D 272 -23.84 -30.07 15.74
C ARG D 272 -24.65 -29.32 16.78
N SER D 273 -25.89 -28.98 16.46
CA SER D 273 -26.67 -28.13 17.32
C SER D 273 -28.16 -28.32 17.08
N ASP D 274 -28.95 -28.03 18.10
CA ASP D 274 -30.41 -28.15 18.03
C ASP D 274 -31.05 -26.73 17.88
N LEU D 275 -30.23 -25.70 17.74
CA LEU D 275 -30.73 -24.33 17.57
C LEU D 275 -31.53 -24.14 16.27
N PRO D 276 -32.58 -23.34 16.30
CA PRO D 276 -33.41 -23.16 15.11
C PRO D 276 -32.74 -22.35 14.00
N ILE D 277 -33.07 -22.69 12.76
CA ILE D 277 -32.65 -21.88 11.62
C ILE D 277 -33.78 -20.91 11.30
N GLU D 278 -33.46 -19.62 11.21
CA GLU D 278 -34.51 -18.63 11.04
C GLU D 278 -34.16 -17.72 9.88
N ASN D 279 -35.10 -16.87 9.50
CA ASN D 279 -34.91 -15.92 8.41
C ASN D 279 -34.22 -14.65 8.93
N CYS D 280 -32.90 -14.68 9.00
CA CYS D 280 -32.10 -13.59 9.55
C CYS D 280 -30.74 -13.57 8.85
N ASP D 281 -29.96 -12.52 9.08
CA ASP D 281 -28.60 -12.39 8.54
C ASP D 281 -27.64 -12.14 9.69
N ALA D 282 -26.45 -12.71 9.57
CA ALA D 282 -25.44 -12.53 10.60
C ALA D 282 -24.08 -12.29 9.97
N VAL D 283 -23.38 -11.28 10.47
CA VAL D 283 -22.02 -11.04 10.04
C VAL D 283 -21.14 -12.12 10.66
N CYS D 284 -21.47 -12.47 11.90
CA CYS D 284 -20.74 -13.45 12.69
C CYS D 284 -21.72 -14.53 13.17
N GLN D 285 -21.49 -15.79 12.79
CA GLN D 285 -22.35 -16.89 13.22
C GLN D 285 -21.56 -17.95 13.98
N THR D 286 -21.81 -18.08 15.27
CA THR D 286 -21.07 -19.06 16.07
C THR D 286 -21.92 -20.27 16.27
N LEU D 287 -21.28 -21.35 16.71
CA LEU D 287 -21.94 -22.58 17.04
C LEU D 287 -23.10 -22.43 18.03
N THR D 288 -23.06 -21.39 18.86
CA THR D 288 -24.09 -21.22 19.85
C THR D 288 -24.91 -19.97 19.62
N GLY D 289 -24.79 -19.37 18.44
CA GLY D 289 -25.72 -18.31 18.05
C GLY D 289 -25.03 -17.21 17.29
N ALA D 290 -25.85 -16.29 16.78
CA ALA D 290 -25.36 -15.18 15.94
C ALA D 290 -25.01 -13.97 16.79
N ILE D 291 -23.94 -13.28 16.36
CA ILE D 291 -23.43 -12.10 17.03
C ILE D 291 -23.47 -10.92 16.10
N ASN D 292 -24.05 -9.81 16.56
CA ASN D 292 -24.00 -8.53 15.84
C ASN D 292 -23.40 -7.47 16.76
N THR D 293 -22.14 -7.10 16.49
CA THR D 293 -21.38 -6.31 17.43
C THR D 293 -20.24 -5.63 16.73
N ASN D 294 -19.86 -4.46 17.27
CA ASN D 294 -18.68 -3.71 16.84
C ASN D 294 -17.54 -4.00 17.84
N LYS D 295 -17.83 -4.72 18.93
CA LYS D 295 -16.81 -5.00 19.93
C LYS D 295 -15.78 -5.96 19.36
N THR D 296 -14.64 -6.05 20.05
CA THR D 296 -13.47 -6.70 19.49
C THR D 296 -13.19 -8.04 20.17
N PHE D 297 -13.71 -8.28 21.38
CA PHE D 297 -13.65 -9.59 21.99
C PHE D 297 -15.04 -10.11 22.16
N GLN D 298 -15.12 -11.37 22.57
CA GLN D 298 -16.37 -12.12 22.52
C GLN D 298 -16.19 -13.39 23.37
N ASN D 299 -17.14 -13.68 24.28
CA ASN D 299 -17.05 -14.89 25.12
C ASN D 299 -18.15 -15.91 24.84
N VAL D 300 -18.71 -15.86 23.64
CA VAL D 300 -19.85 -16.68 23.26
C VAL D 300 -19.44 -18.07 22.83
N SER D 301 -18.57 -18.16 21.84
CA SER D 301 -18.04 -19.45 21.39
C SER D 301 -16.78 -19.33 20.58
N PRO D 302 -15.88 -20.31 20.69
CA PRO D 302 -14.64 -20.30 19.90
C PRO D 302 -14.86 -20.78 18.48
N ILE D 303 -16.06 -21.27 18.15
CA ILE D 303 -16.31 -21.89 16.85
C ILE D 303 -17.32 -21.10 16.06
N TRP D 304 -16.93 -20.67 14.88
CA TRP D 304 -17.77 -19.82 14.09
C TRP D 304 -17.45 -19.81 12.64
N ILE D 305 -18.33 -19.21 11.87
CA ILE D 305 -18.00 -18.74 10.53
C ILE D 305 -18.42 -17.27 10.42
N GLY D 306 -17.98 -16.62 9.36
CA GLY D 306 -18.20 -15.21 9.17
C GLY D 306 -17.09 -14.45 9.82
N GLU D 307 -17.34 -13.19 10.14
CA GLU D 307 -16.36 -12.30 10.73
C GLU D 307 -16.74 -12.08 12.19
N CYS D 308 -16.09 -12.83 13.09
CA CYS D 308 -16.31 -12.70 14.49
C CYS D 308 -15.12 -12.05 15.23
N PRO D 309 -15.39 -11.52 16.41
CA PRO D 309 -14.33 -11.04 17.29
C PRO D 309 -13.61 -12.19 17.99
N LYS D 310 -12.43 -11.90 18.52
CA LYS D 310 -11.61 -12.86 19.22
C LYS D 310 -12.36 -13.51 20.40
N TYR D 311 -12.30 -14.84 20.51
CA TYR D 311 -12.89 -15.56 21.63
C TYR D 311 -11.96 -15.50 22.83
N VAL D 312 -12.51 -15.23 24.01
CA VAL D 312 -11.76 -15.28 25.26
C VAL D 312 -12.65 -15.82 26.35
N LYS D 313 -12.07 -16.30 27.44
CA LYS D 313 -12.82 -16.83 28.57
C LYS D 313 -13.39 -15.78 29.51
N SER D 314 -12.85 -14.57 29.45
CA SER D 314 -13.29 -13.44 30.30
C SER D 314 -14.80 -13.25 30.37
N LYS D 315 -15.26 -12.79 31.54
CA LYS D 315 -16.68 -12.42 31.74
C LYS D 315 -16.90 -10.95 31.43
N SER D 316 -15.83 -10.15 31.45
CA SER D 316 -15.90 -8.76 31.02
C SER D 316 -14.50 -8.20 30.80
N LEU D 317 -14.43 -7.16 29.96
CA LEU D 317 -13.18 -6.45 29.72
C LEU D 317 -13.49 -4.98 29.68
N LYS D 318 -13.75 -4.45 30.86
CA LYS D 318 -14.18 -3.07 31.01
C LYS D 318 -12.96 -2.16 31.06
N LEU D 319 -12.85 -1.28 30.08
CA LEU D 319 -11.77 -0.37 29.97
C LEU D 319 -12.20 1.01 30.40
N ALA D 320 -11.50 1.57 31.38
CA ALA D 320 -11.77 2.92 31.82
C ALA D 320 -11.42 3.94 30.74
N THR D 321 -12.38 4.83 30.44
CA THR D 321 -12.15 5.97 29.58
C THR D 321 -12.32 7.33 30.28
N GLY D 322 -12.77 7.32 31.52
CA GLY D 322 -12.96 8.54 32.29
C GLY D 322 -12.17 8.55 33.57
N LEU D 323 -12.65 9.31 34.56
CA LEU D 323 -11.94 9.48 35.82
C LEU D 323 -12.51 8.60 36.89
N ARG D 324 -11.79 8.46 38.00
CA ARG D 324 -12.40 7.94 39.22
C ARG D 324 -13.62 8.78 39.54
N ASN D 325 -14.78 8.16 39.72
CA ASN D 325 -16.02 8.90 40.00
C ASN D 325 -16.21 8.99 41.48
N VAL D 326 -15.92 10.15 42.04
CA VAL D 326 -16.03 10.30 43.51
C VAL D 326 -16.69 11.64 43.85
N PRO D 327 -18.04 11.65 44.01
CA PRO D 327 -18.71 12.91 44.37
C PRO D 327 -18.47 13.26 45.85
N GLN D 328 -18.29 14.54 46.18
CA GLN D 328 -17.44 14.88 47.35
C GLN D 328 -18.07 15.00 48.78
N ILE D 338 -17.01 25.04 49.58
CA ILE D 338 -16.65 24.30 48.34
C ILE D 338 -15.14 24.07 48.18
N ALA D 339 -14.75 22.87 47.76
CA ALA D 339 -13.39 22.41 47.99
C ALA D 339 -12.90 21.70 46.72
N GLY D 340 -11.60 21.54 46.61
CA GLY D 340 -11.00 21.03 45.40
C GLY D 340 -10.74 19.55 45.41
N PHE D 341 -9.81 19.13 44.55
CA PHE D 341 -9.65 17.71 44.18
C PHE D 341 -9.33 16.79 45.34
N ILE D 342 -8.62 17.30 46.34
CA ILE D 342 -8.26 16.45 47.47
C ILE D 342 -9.47 15.87 48.21
N GLU D 343 -10.60 16.56 48.22
CA GLU D 343 -11.80 16.04 48.86
C GLU D 343 -12.78 15.40 47.86
N GLY D 344 -12.36 15.16 46.62
CA GLY D 344 -13.24 14.52 45.63
C GLY D 344 -13.52 15.27 44.33
N GLY D 345 -14.53 14.79 43.60
CA GLY D 345 -14.91 15.33 42.31
C GLY D 345 -16.12 16.25 42.36
N TRP D 346 -16.33 16.96 41.26
CA TRP D 346 -17.31 17.99 41.15
C TRP D 346 -18.38 17.60 40.16
N THR D 347 -19.56 17.22 40.65
CA THR D 347 -20.70 16.93 39.74
C THR D 347 -21.05 18.18 38.94
N GLY D 348 -20.83 19.35 39.55
CA GLY D 348 -21.12 20.60 38.90
C GLY D 348 -20.20 21.03 37.77
N MET D 349 -19.10 20.32 37.50
CA MET D 349 -18.19 20.83 36.47
C MET D 349 -18.72 20.69 35.04
N VAL D 350 -19.11 19.50 34.63
CA VAL D 350 -19.90 19.31 33.36
C VAL D 350 -19.19 19.70 32.04
N ASP D 351 -18.68 20.92 31.96
CA ASP D 351 -17.78 21.38 30.87
C ASP D 351 -16.79 20.34 30.30
N GLY D 352 -16.03 19.70 31.19
CA GLY D 352 -14.91 18.88 30.80
C GLY D 352 -14.45 18.03 31.96
N TRP D 353 -13.17 17.65 31.94
CA TRP D 353 -12.67 16.64 32.87
C TRP D 353 -11.89 17.26 34.03
N TYR D 354 -11.00 18.19 33.72
CA TYR D 354 -10.24 18.90 34.73
C TYR D 354 -10.47 20.38 34.62
N GLY D 355 -10.47 21.06 35.75
CA GLY D 355 -10.74 22.49 35.71
C GLY D 355 -10.72 23.24 37.03
N TYR D 356 -11.42 24.36 37.05
CA TYR D 356 -11.36 25.34 38.14
C TYR D 356 -12.76 25.68 38.70
N HIS D 357 -12.80 26.04 39.98
CA HIS D 357 -13.96 26.68 40.56
C HIS D 357 -13.49 27.88 41.33
N HIS D 358 -14.07 29.03 41.02
CA HIS D 358 -13.66 30.30 41.63
C HIS D 358 -14.80 30.86 42.46
N GLU D 359 -14.49 31.80 43.35
CA GLU D 359 -15.48 32.59 44.08
C GLU D 359 -14.95 33.99 44.42
N ASN D 360 -15.62 35.01 43.88
CA ASN D 360 -15.30 36.40 44.18
C ASN D 360 -16.60 37.18 44.40
N SER D 361 -16.52 38.50 44.41
CA SER D 361 -17.72 39.32 44.61
C SER D 361 -18.63 39.33 43.38
N GLN D 362 -18.11 38.99 42.20
CA GLN D 362 -18.94 38.84 40.99
C GLN D 362 -19.61 37.46 40.85
N GLY D 363 -19.71 36.72 41.96
CA GLY D 363 -20.34 35.41 41.95
C GLY D 363 -19.32 34.27 42.04
N SER D 364 -19.72 33.11 41.55
CA SER D 364 -18.87 31.92 41.60
C SER D 364 -19.24 30.96 40.44
N GLY D 365 -18.49 29.89 40.25
CA GLY D 365 -18.82 28.95 39.21
C GLY D 365 -17.69 28.01 38.85
N TYR D 366 -18.02 27.03 38.00
CA TYR D 366 -17.05 26.02 37.51
C TYR D 366 -16.69 26.22 36.04
N ALA D 367 -15.48 25.88 35.65
CA ALA D 367 -15.06 25.97 34.25
C ALA D 367 -13.89 25.03 33.95
N ALA D 368 -14.04 24.17 32.95
CA ALA D 368 -13.01 23.19 32.62
C ALA D 368 -11.81 23.83 31.94
N ASP D 369 -10.65 23.22 32.09
CA ASP D 369 -9.47 23.60 31.31
C ASP D 369 -9.48 22.86 29.97
N LYS D 370 -9.90 23.57 28.92
CA LYS D 370 -10.06 23.00 27.60
C LYS D 370 -8.83 22.26 27.13
N GLU D 371 -7.67 22.89 27.23
CA GLU D 371 -6.44 22.33 26.66
C GLU D 371 -6.03 20.97 27.27
N SER D 372 -6.05 20.87 28.60
CA SER D 372 -5.66 19.62 29.28
C SER D 372 -6.76 18.56 29.22
N THR D 373 -8.02 18.98 29.27
CA THR D 373 -9.13 18.07 29.01
C THR D 373 -8.98 17.43 27.63
N GLN D 374 -8.77 18.25 26.61
CA GLN D 374 -8.72 17.74 25.22
C GLN D 374 -7.52 16.83 24.97
N LYS D 375 -6.36 17.19 25.52
CA LYS D 375 -5.16 16.37 25.39
C LYS D 375 -5.35 14.98 25.99
N ALA D 376 -6.07 14.91 27.10
CA ALA D 376 -6.41 13.64 27.73
C ALA D 376 -7.44 12.85 26.96
N ILE D 377 -8.46 13.52 26.44
CA ILE D 377 -9.48 12.85 25.62
C ILE D 377 -8.80 12.19 24.40
N ASP D 378 -7.90 12.92 23.76
CA ASP D 378 -7.23 12.42 22.56
C ASP D 378 -6.33 11.20 22.87
N GLY D 379 -5.60 11.27 23.98
CA GLY D 379 -4.75 10.15 24.39
C GLY D 379 -5.54 8.87 24.65
N ILE D 380 -6.70 9.01 25.26
CA ILE D 380 -7.54 7.88 25.60
C ILE D 380 -8.17 7.29 24.35
N THR D 381 -8.75 8.16 23.54
CA THR D 381 -9.34 7.73 22.28
C THR D 381 -8.32 6.96 21.45
N ASN D 382 -7.09 7.47 21.39
CA ASN D 382 -6.01 6.79 20.67
C ASN D 382 -5.67 5.42 21.29
N LYS D 383 -5.54 5.39 22.62
CA LYS D 383 -5.37 4.13 23.35
C LYS D 383 -6.45 3.10 22.98
N VAL D 384 -7.71 3.48 23.03
CA VAL D 384 -8.79 2.56 22.68
C VAL D 384 -8.59 1.98 21.28
N ASN D 385 -8.44 2.88 20.33
CA ASN D 385 -8.26 2.47 18.95
C ASN D 385 -7.02 1.64 18.72
N SER D 386 -5.95 1.93 19.47
CA SER D 386 -4.73 1.12 19.40
C SER D 386 -4.97 -0.30 19.86
N ILE D 387 -5.70 -0.42 20.97
CA ILE D 387 -6.10 -1.73 21.46
C ILE D 387 -6.97 -2.48 20.45
N ILE D 388 -8.05 -1.85 20.00
CA ILE D 388 -8.85 -2.43 18.91
C ILE D 388 -7.97 -2.89 17.73
N ASP D 389 -7.02 -2.04 17.31
CA ASP D 389 -6.19 -2.35 16.18
C ASP D 389 -5.35 -3.60 16.46
N LYS D 390 -4.73 -3.69 17.63
CA LYS D 390 -3.79 -4.79 17.91
C LYS D 390 -4.48 -6.11 18.18
N MET D 391 -5.76 -6.05 18.50
CA MET D 391 -6.54 -7.26 18.76
C MET D 391 -7.36 -7.66 17.57
N ASN D 392 -7.03 -7.15 16.37
CA ASN D 392 -7.86 -7.37 15.18
C ASN D 392 -7.48 -8.67 14.44
N THR D 393 -7.21 -9.75 15.16
CA THR D 393 -6.95 -11.05 14.55
C THR D 393 -7.68 -12.05 15.40
N GLN D 394 -7.98 -13.22 14.84
CA GLN D 394 -8.59 -14.29 15.64
C GLN D 394 -7.92 -15.64 15.42
N PHE D 395 -7.66 -16.34 16.52
CA PHE D 395 -7.41 -17.74 16.43
C PHE D 395 -8.76 -18.40 16.18
N GLU D 396 -8.78 -19.37 15.28
CA GLU D 396 -10.01 -20.00 14.83
C GLU D 396 -10.01 -21.52 15.09
N ALA D 397 -10.65 -21.92 16.21
CA ALA D 397 -10.82 -23.33 16.53
C ALA D 397 -11.72 -23.99 15.50
N VAL D 398 -11.49 -25.26 15.23
CA VAL D 398 -12.29 -25.95 14.26
C VAL D 398 -12.89 -27.18 14.90
N GLU D 399 -14.08 -27.52 14.44
CA GLU D 399 -14.87 -28.66 14.91
C GLU D 399 -14.56 -29.95 14.17
N HIS D 400 -13.29 -30.21 13.85
CA HIS D 400 -12.98 -31.46 13.20
C HIS D 400 -13.14 -32.59 14.19
N GLU D 401 -13.39 -33.77 13.68
CA GLU D 401 -13.64 -34.93 14.52
C GLU D 401 -12.47 -35.87 14.46
N PHE D 402 -12.39 -36.71 15.46
CA PHE D 402 -11.28 -37.68 15.59
C PHE D 402 -11.82 -39.02 16.00
N SER D 403 -11.30 -40.09 15.42
CA SER D 403 -11.79 -41.42 15.74
C SER D 403 -11.25 -41.84 17.09
N ASN D 404 -11.75 -42.98 17.53
CA ASN D 404 -11.30 -43.58 18.77
C ASN D 404 -9.87 -44.03 18.69
N LEU D 405 -9.33 -44.14 17.48
CA LEU D 405 -7.91 -44.42 17.31
C LEU D 405 -7.09 -43.19 16.99
N GLU D 406 -7.59 -42.02 17.37
CA GLU D 406 -6.90 -40.76 17.11
C GLU D 406 -6.92 -39.92 18.37
N LYS D 407 -6.77 -40.57 19.51
CA LYS D 407 -6.83 -39.92 20.79
C LYS D 407 -5.66 -38.95 20.89
N ARG D 408 -4.50 -39.34 20.36
CA ARG D 408 -3.30 -38.47 20.46
C ARG D 408 -3.41 -37.17 19.65
N ILE D 409 -3.83 -37.23 18.39
CA ILE D 409 -3.94 -35.98 17.64
C ILE D 409 -5.15 -35.18 18.08
N SER D 410 -6.19 -35.86 18.54
CA SER D 410 -7.31 -35.16 19.15
C SER D 410 -6.86 -34.39 20.35
N ASN D 411 -6.06 -34.99 21.21
CA ASN D 411 -5.61 -34.28 22.39
C ASN D 411 -4.64 -33.18 22.00
N LEU D 412 -3.87 -33.42 20.95
CA LEU D 412 -2.93 -32.43 20.49
C LEU D 412 -3.69 -31.18 20.04
N ASN D 413 -4.70 -31.38 19.21
CA ASN D 413 -5.58 -30.30 18.81
C ASN D 413 -6.18 -29.57 20.00
N LYS D 414 -6.68 -30.32 20.97
CA LYS D 414 -7.34 -29.71 22.10
C LYS D 414 -6.38 -28.84 22.86
N ARG D 415 -5.19 -29.34 23.14
CA ARG D 415 -4.22 -28.58 23.95
C ARG D 415 -3.72 -27.36 23.20
N MET D 416 -3.65 -27.45 21.87
CA MET D 416 -3.32 -26.29 21.03
C MET D 416 -4.44 -25.22 21.11
N GLU D 417 -5.68 -25.60 20.87
CA GLU D 417 -6.79 -24.65 20.94
C GLU D 417 -6.91 -24.01 22.32
N ASP D 418 -6.80 -24.79 23.39
CA ASP D 418 -6.90 -24.22 24.74
C ASP D 418 -5.67 -23.39 25.04
N GLY D 419 -4.52 -23.77 24.46
CA GLY D 419 -3.28 -23.02 24.60
C GLY D 419 -3.45 -21.62 24.12
N PHE D 420 -3.90 -21.42 22.88
CA PHE D 420 -4.11 -20.06 22.36
C PHE D 420 -5.22 -19.29 23.08
N LEU D 421 -6.27 -19.97 23.45
CA LEU D 421 -7.31 -19.36 24.24
C LEU D 421 -6.75 -18.81 25.57
N ASP D 422 -5.88 -19.57 26.23
CA ASP D 422 -5.35 -19.09 27.50
C ASP D 422 -4.40 -17.97 27.24
N VAL D 423 -3.64 -17.99 26.15
CA VAL D 423 -2.71 -16.87 25.96
C VAL D 423 -3.50 -15.63 25.58
N TRP D 424 -4.50 -15.75 24.73
CA TRP D 424 -5.20 -14.53 24.37
C TRP D 424 -5.99 -13.98 25.54
N THR D 425 -6.63 -14.85 26.33
CA THR D 425 -7.39 -14.39 27.46
C THR D 425 -6.48 -13.63 28.40
N TYR D 426 -5.35 -14.23 28.74
CA TYR D 426 -4.33 -13.55 29.56
C TYR D 426 -3.92 -12.24 28.94
N ASN D 427 -3.58 -12.23 27.67
CA ASN D 427 -3.20 -10.98 27.03
C ASN D 427 -4.24 -9.88 27.18
N ALA D 428 -5.50 -10.22 26.94
CA ALA D 428 -6.59 -9.24 26.99
C ALA D 428 -6.85 -8.78 28.40
N GLU D 429 -7.00 -9.71 29.33
CA GLU D 429 -7.25 -9.37 30.72
C GLU D 429 -6.13 -8.54 31.28
N LEU D 430 -4.89 -8.95 31.03
CA LEU D 430 -3.72 -8.26 31.56
C LEU D 430 -3.61 -6.86 30.98
N LEU D 431 -3.90 -6.69 29.70
CA LEU D 431 -3.80 -5.37 29.08
C LEU D 431 -4.81 -4.36 29.66
N VAL D 432 -6.06 -4.77 29.78
CA VAL D 432 -7.08 -3.94 30.38
C VAL D 432 -6.69 -3.54 31.81
N LEU D 433 -6.31 -4.50 32.65
CA LEU D 433 -5.84 -4.17 34.00
C LEU D 433 -4.73 -3.14 33.99
N LEU D 434 -3.71 -3.35 33.16
CA LEU D 434 -2.52 -2.47 33.16
C LEU D 434 -2.79 -1.10 32.60
N GLU D 435 -3.54 -1.02 31.51
CA GLU D 435 -3.85 0.28 30.94
C GLU D 435 -4.90 1.03 31.71
N ASN D 436 -5.76 0.34 32.43
CA ASN D 436 -6.67 1.06 33.31
C ASN D 436 -5.91 1.82 34.40
N GLU D 437 -4.92 1.17 34.99
CA GLU D 437 -4.17 1.80 36.01
C GLU D 437 -3.44 2.99 35.43
N ARG D 438 -2.90 2.87 34.22
CA ARG D 438 -2.25 4.00 33.58
C ARG D 438 -3.24 5.14 33.32
N THR D 439 -4.40 4.80 32.80
CA THR D 439 -5.42 5.80 32.54
C THR D 439 -5.74 6.62 33.82
N LEU D 440 -5.98 5.95 34.94
CA LEU D 440 -6.34 6.66 36.16
C LEU D 440 -5.19 7.42 36.79
N ASP D 441 -3.95 6.97 36.58
CA ASP D 441 -2.76 7.72 37.05
C ASP D 441 -2.62 8.99 36.23
N MET D 442 -2.84 8.88 34.92
CA MET D 442 -2.76 10.03 34.04
C MET D 442 -3.71 11.13 34.51
N HIS D 443 -4.90 10.77 35.00
CA HIS D 443 -5.82 11.77 35.53
C HIS D 443 -5.21 12.45 36.77
N ASP D 444 -4.83 11.66 37.77
CA ASP D 444 -4.18 12.17 38.98
C ASP D 444 -3.11 13.19 38.64
N ALA D 445 -2.28 12.86 37.65
CA ALA D 445 -1.17 13.74 37.25
C ALA D 445 -1.65 15.04 36.58
N ASN D 446 -2.62 14.94 35.67
CA ASN D 446 -3.14 16.12 34.96
C ASN D 446 -3.72 17.13 35.94
N VAL D 447 -4.46 16.65 36.92
CA VAL D 447 -5.03 17.47 37.96
C VAL D 447 -3.92 18.12 38.74
N LYS D 448 -2.95 17.34 39.19
CA LYS D 448 -1.81 17.87 39.93
C LYS D 448 -1.09 18.99 39.17
N ASN D 449 -0.98 18.84 37.85
CA ASN D 449 -0.34 19.86 37.01
C ASN D 449 -1.02 21.21 37.02
N LEU D 450 -2.34 21.20 36.93
CA LEU D 450 -3.09 22.43 36.99
C LEU D 450 -2.91 23.10 38.34
N HIS D 451 -3.02 22.31 39.40
CA HIS D 451 -2.86 22.79 40.75
C HIS D 451 -1.50 23.41 40.97
N GLU D 452 -0.47 22.77 40.45
CA GLU D 452 0.89 23.29 40.58
C GLU D 452 1.16 24.51 39.69
N LYS D 453 0.52 24.59 38.51
CA LYS D 453 0.64 25.79 37.64
C LYS D 453 0.08 27.03 38.35
N VAL D 454 -1.05 26.86 39.02
CA VAL D 454 -1.64 27.89 39.85
C VAL D 454 -0.76 28.24 41.05
N LYS D 455 -0.32 27.24 41.83
CA LYS D 455 0.53 27.49 43.02
C LYS D 455 1.79 28.30 42.72
N SER D 456 2.57 27.87 41.73
CA SER D 456 3.79 28.57 41.34
C SER D 456 3.52 30.06 40.97
N GLN D 457 2.37 30.34 40.37
CA GLN D 457 2.00 31.70 39.99
C GLN D 457 1.69 32.63 41.19
N LEU D 458 0.93 32.13 42.15
CA LEU D 458 0.47 32.93 43.27
C LEU D 458 1.46 33.12 44.41
N ARG D 459 2.45 32.24 44.49
CA ARG D 459 3.43 32.28 45.56
C ARG D 459 2.73 32.57 46.90
N ASP D 460 3.08 33.67 47.58
CA ASP D 460 2.50 33.97 48.90
C ASP D 460 1.40 35.04 48.85
N ASN D 461 0.93 35.41 47.65
CA ASN D 461 -0.32 36.20 47.51
C ASN D 461 -1.59 35.39 47.74
N ALA D 462 -1.46 34.13 48.15
CA ALA D 462 -2.60 33.29 48.46
C ALA D 462 -2.16 32.14 49.36
N LYS D 463 -3.13 31.57 50.06
CA LYS D 463 -2.88 30.50 51.01
C LYS D 463 -3.25 29.15 50.41
N ASP D 464 -2.45 28.09 50.63
CA ASP D 464 -2.72 26.78 50.03
C ASP D 464 -3.99 26.11 50.56
N LEU D 465 -4.15 26.04 51.88
CA LEU D 465 -5.28 25.29 52.50
C LEU D 465 -5.17 23.75 52.44
N GLY D 466 -4.18 23.20 51.73
CA GLY D 466 -3.87 21.75 51.74
C GLY D 466 -5.04 20.90 51.25
N ASN D 467 -5.79 21.50 50.33
CA ASN D 467 -7.19 21.17 50.12
C ASN D 467 -7.56 21.19 48.63
N GLY D 468 -6.67 21.71 47.78
CA GLY D 468 -6.92 21.82 46.34
C GLY D 468 -7.34 23.23 45.94
N CYS D 469 -7.72 24.04 46.93
CA CYS D 469 -8.07 25.43 46.68
C CYS D 469 -7.04 26.42 47.21
N PHE D 470 -7.11 27.65 46.72
CA PHE D 470 -6.27 28.74 47.20
C PHE D 470 -7.11 29.92 47.64
N GLU D 471 -6.88 30.42 48.84
CA GLU D 471 -7.58 31.61 49.33
C GLU D 471 -6.70 32.80 49.07
N PHE D 472 -7.22 33.74 48.30
CA PHE D 472 -6.47 34.92 47.93
C PHE D 472 -6.35 35.88 49.12
N TRP D 473 -5.12 36.33 49.37
CA TRP D 473 -4.88 37.41 50.32
C TRP D 473 -5.31 38.78 49.76
N HIS D 474 -5.93 38.80 48.59
CA HIS D 474 -6.37 40.06 47.99
C HIS D 474 -7.68 39.89 47.22
N LYS D 475 -8.17 40.98 46.61
CA LYS D 475 -9.35 40.90 45.74
C LYS D 475 -8.93 40.35 44.37
N CYS D 476 -9.68 39.35 43.90
CA CYS D 476 -9.42 38.77 42.58
C CYS D 476 -10.74 38.75 41.77
N ASP D 477 -10.90 39.79 40.96
CA ASP D 477 -11.99 39.91 39.97
C ASP D 477 -11.92 38.79 38.90
N ASN D 478 -12.96 38.73 38.07
CA ASN D 478 -12.98 37.75 36.98
C ASN D 478 -11.81 37.88 36.04
N GLU D 479 -11.35 39.10 35.87
CA GLU D 479 -10.24 39.36 34.99
C GLU D 479 -8.95 38.82 35.61
N CYS D 480 -8.83 38.96 36.93
CA CYS D 480 -7.72 38.40 37.70
C CYS D 480 -7.75 36.86 37.65
N ILE D 481 -8.93 36.29 37.81
CA ILE D 481 -9.09 34.85 37.83
C ILE D 481 -8.70 34.23 36.46
N ASN D 482 -9.13 34.90 35.39
CA ASN D 482 -8.84 34.50 34.02
C ASN D 482 -7.39 34.63 33.70
N SER D 483 -6.75 35.63 34.31
CA SER D 483 -5.30 35.83 34.17
C SER D 483 -4.54 34.66 34.83
N VAL D 484 -5.14 34.03 35.83
CA VAL D 484 -4.56 32.82 36.44
C VAL D 484 -4.76 31.61 35.52
N LYS D 485 -5.95 31.46 34.95
CA LYS D 485 -6.22 30.38 34.01
C LYS D 485 -5.31 30.41 32.80
N ASN D 486 -5.21 31.56 32.12
CA ASN D 486 -4.34 31.67 30.93
C ASN D 486 -2.84 31.68 31.27
N GLY D 487 -2.49 31.69 32.55
CA GLY D 487 -1.10 31.59 33.00
C GLY D 487 -0.31 32.90 32.95
N THR D 488 -1.00 34.04 33.08
CA THR D 488 -0.40 35.37 32.98
C THR D 488 -0.92 36.22 34.15
N TYR D 489 -0.46 35.90 35.34
CA TYR D 489 -1.17 36.32 36.53
C TYR D 489 -0.78 37.73 36.94
N ASN D 490 0.50 37.96 37.20
CA ASN D 490 1.01 39.28 37.69
C ASN D 490 1.04 39.39 39.22
N TYR D 491 2.04 38.71 39.80
CA TYR D 491 2.25 38.70 41.24
C TYR D 491 2.51 40.09 41.83
N PRO D 492 3.45 40.87 41.24
CA PRO D 492 3.76 42.18 41.84
C PRO D 492 2.55 43.12 42.05
N LYS D 493 1.61 43.16 41.10
CA LYS D 493 0.46 44.04 41.19
C LYS D 493 -0.34 43.89 42.49
N TYR D 494 -0.42 42.67 42.99
CA TYR D 494 -1.22 42.39 44.15
C TYR D 494 -0.34 42.04 45.34
N GLN D 495 0.97 42.18 45.20
CA GLN D 495 1.94 41.80 46.26
C GLN D 495 1.90 42.66 47.52
N GLU D 496 1.77 43.98 47.34
CA GLU D 496 1.64 44.92 48.47
C GLU D 496 0.31 44.72 49.21
N GLU D 497 -0.83 44.82 48.49
CA GLU D 497 -2.14 44.59 49.05
C GLU D 497 -2.13 43.28 49.84
N SER D 498 -1.50 42.26 49.27
CA SER D 498 -1.37 40.93 49.87
C SER D 498 -0.63 40.96 51.19
N ARG D 499 0.63 41.37 51.12
CA ARG D 499 1.50 41.35 52.26
C ARG D 499 0.98 42.15 53.46
N LEU D 500 0.19 43.19 53.21
CA LEU D 500 -0.41 43.96 54.27
C LEU D 500 -1.38 43.13 55.13
N ASN D 501 -2.12 42.25 54.49
CA ASN D 501 -3.11 41.43 55.16
C ASN D 501 -2.47 40.32 56.03
N ARG D 502 -1.22 40.54 56.45
CA ARG D 502 -0.52 39.63 57.34
C ARG D 502 0.67 40.36 58.02
N ASP E 5 21.17 38.93 32.39
CA ASP E 5 21.94 37.68 32.68
C ASP E 5 20.99 36.51 32.91
N LYS E 6 21.22 35.38 32.23
CA LYS E 6 20.28 34.26 32.29
C LYS E 6 20.88 32.86 32.03
N ILE E 7 20.10 31.86 32.44
CA ILE E 7 20.41 30.44 32.20
C ILE E 7 19.12 29.71 31.83
N CYS E 8 19.19 28.85 30.82
CA CYS E 8 18.03 28.08 30.37
C CYS E 8 18.28 26.58 30.49
N ILE E 9 17.20 25.85 30.72
CA ILE E 9 17.21 24.39 30.65
C ILE E 9 16.46 24.01 29.41
N GLY E 10 17.04 23.12 28.62
CA GLY E 10 16.44 22.69 27.38
C GLY E 10 16.92 21.32 26.94
N TYR E 11 16.45 20.90 25.77
CA TYR E 11 16.76 19.59 25.28
C TYR E 11 17.08 19.63 23.81
N HIS E 12 17.70 18.54 23.37
CA HIS E 12 18.21 18.42 22.03
C HIS E 12 17.09 18.37 20.98
N ALA E 13 17.40 18.89 19.79
CA ALA E 13 16.59 18.71 18.60
C ALA E 13 17.53 18.60 17.40
N ASN E 14 16.98 18.19 16.26
CA ASN E 14 17.78 17.97 15.04
C ASN E 14 16.89 17.93 13.80
N ASN E 15 17.45 17.52 12.66
CA ASN E 15 16.74 17.56 11.38
C ASN E 15 15.90 16.32 11.08
N SER E 16 15.90 15.35 11.99
CA SER E 16 15.22 14.05 11.76
C SER E 16 13.71 14.17 11.52
N THR E 17 13.19 13.37 10.59
CA THR E 17 11.74 13.31 10.33
C THR E 17 11.14 11.92 10.64
N THR E 18 11.96 11.04 11.24
CA THR E 18 11.51 9.70 11.61
C THR E 18 10.45 9.79 12.66
N GLN E 19 9.39 9.01 12.47
CA GLN E 19 8.29 8.95 13.40
C GLN E 19 8.14 7.57 14.07
N VAL E 20 7.65 7.58 15.30
CA VAL E 20 7.33 6.36 16.00
C VAL E 20 5.91 6.52 16.55
N ASP E 21 5.39 5.43 17.06
CA ASP E 21 4.06 5.44 17.66
C ASP E 21 4.18 5.08 19.13
N THR E 22 3.15 5.48 19.86
CA THR E 22 3.00 5.12 21.24
C THR E 22 1.56 4.72 21.42
N ILE E 23 1.27 4.16 22.58
CA ILE E 23 -0.07 3.75 22.89
C ILE E 23 -1.02 4.97 22.91
N LEU E 24 -0.50 6.14 23.27
CA LEU E 24 -1.31 7.36 23.44
C LEU E 24 -1.40 8.23 22.21
N GLU E 25 -0.38 8.19 21.35
CA GLU E 25 -0.36 9.07 20.20
C GLU E 25 0.49 8.52 19.08
N LYS E 26 0.21 9.00 17.87
CA LYS E 26 0.75 8.43 16.68
C LYS E 26 1.57 9.45 15.94
N ASN E 27 2.37 8.96 14.99
CA ASN E 27 3.14 9.84 14.10
C ASN E 27 3.96 10.90 14.88
N VAL E 28 4.67 10.47 15.91
CA VAL E 28 5.44 11.37 16.75
C VAL E 28 6.88 11.41 16.27
N THR E 29 7.33 12.58 15.86
CA THR E 29 8.65 12.73 15.32
C THR E 29 9.69 12.68 16.45
N VAL E 30 10.77 11.93 16.25
CA VAL E 30 11.80 11.84 17.27
C VAL E 30 13.19 12.10 16.69
N THR E 31 14.14 12.37 17.59
CA THR E 31 15.50 12.71 17.19
C THR E 31 16.28 11.47 16.76
N HIS E 32 16.00 10.34 17.40
CA HIS E 32 16.71 9.09 17.18
C HIS E 32 15.77 7.90 17.34
N SER E 33 16.00 6.88 16.52
CA SER E 33 15.20 5.65 16.56
C SER E 33 15.98 4.51 15.93
N VAL E 34 15.71 3.33 16.44
CA VAL E 34 16.35 2.13 15.96
C VAL E 34 15.22 1.26 15.42
N GLU E 35 15.54 0.62 14.31
CA GLU E 35 14.65 -0.34 13.70
C GLU E 35 15.04 -1.73 14.15
N LEU E 36 14.08 -2.43 14.72
CA LEU E 36 14.33 -3.76 15.28
C LEU E 36 14.07 -4.89 14.30
N LEU E 37 13.41 -4.56 13.19
CA LEU E 37 12.96 -5.54 12.23
C LEU E 37 13.90 -5.61 11.04
N GLU E 38 14.38 -6.81 10.71
CA GLU E 38 15.23 -7.00 9.55
C GLU E 38 14.29 -7.31 8.39
N THR E 39 14.43 -6.59 7.30
CA THR E 39 13.60 -6.79 6.14
C THR E 39 14.40 -7.19 4.90
N GLN E 40 15.71 -7.23 5.01
CA GLN E 40 16.63 -7.47 3.87
C GLN E 40 17.21 -8.89 3.88
N LYS E 41 17.35 -9.45 2.68
CA LYS E 41 17.85 -10.80 2.48
C LYS E 41 18.61 -10.84 1.18
N GLU E 42 19.57 -11.75 1.09
CA GLU E 42 20.20 -12.08 -0.19
C GLU E 42 19.36 -13.18 -0.85
N SER E 43 18.82 -12.91 -2.04
CA SER E 43 17.98 -13.86 -2.73
C SER E 43 18.77 -15.00 -3.34
N ARG E 44 19.31 -15.86 -2.46
CA ARG E 44 20.03 -17.03 -2.89
C ARG E 44 20.19 -18.04 -1.77
N PHE E 45 20.69 -19.22 -2.10
CA PHE E 45 20.88 -20.31 -1.16
C PHE E 45 22.37 -20.56 -0.93
N CYS E 46 22.76 -20.55 0.35
CA CYS E 46 24.16 -20.58 0.75
C CYS E 46 24.45 -21.84 1.54
N ARG E 47 25.72 -22.06 1.85
CA ARG E 47 26.13 -23.13 2.75
C ARG E 47 25.74 -22.76 4.16
N VAL E 48 25.47 -23.78 4.97
CA VAL E 48 25.11 -23.59 6.37
C VAL E 48 25.93 -24.53 7.21
N LEU E 49 26.60 -23.99 8.22
CA LEU E 49 27.67 -24.72 8.91
C LEU E 49 28.59 -25.49 7.91
N ASN E 50 28.99 -24.77 6.88
CA ASN E 50 29.93 -25.25 5.86
C ASN E 50 29.47 -26.40 5.02
N LYS E 51 28.19 -26.73 5.03
CA LYS E 51 27.70 -27.82 4.17
C LYS E 51 26.71 -27.24 3.17
N ALA E 52 26.86 -27.68 1.94
CA ALA E 52 26.10 -27.12 0.85
C ALA E 52 24.72 -27.75 0.70
N PRO E 53 23.79 -27.03 0.10
CA PRO E 53 22.51 -27.67 -0.09
C PRO E 53 22.65 -28.53 -1.31
N LEU E 54 21.71 -29.43 -1.47
CA LEU E 54 21.65 -30.29 -2.62
C LEU E 54 20.57 -29.80 -3.58
N ASP E 55 20.97 -29.48 -4.79
CA ASP E 55 20.10 -29.01 -5.85
C ASP E 55 19.57 -30.17 -6.66
N LEU E 56 18.25 -30.36 -6.65
CA LEU E 56 17.71 -31.53 -7.28
C LEU E 56 17.42 -31.28 -8.73
N GLY E 57 17.64 -30.06 -9.20
CA GLY E 57 17.57 -29.78 -10.64
C GLY E 57 16.18 -29.98 -11.20
N ASP E 58 16.08 -30.76 -12.28
CA ASP E 58 14.78 -31.10 -12.85
C ASP E 58 14.14 -32.34 -12.17
N CYS E 59 14.66 -32.74 -11.00
CA CYS E 59 14.13 -33.92 -10.30
C CYS E 59 13.38 -33.57 -9.04
N THR E 60 12.39 -34.39 -8.74
CA THR E 60 11.70 -34.32 -7.46
C THR E 60 12.47 -35.18 -6.47
N THR E 61 12.20 -34.97 -5.19
CA THR E 61 12.76 -35.80 -4.14
C THR E 61 12.61 -37.31 -4.41
N GLU E 62 11.45 -37.71 -4.91
CA GLU E 62 11.20 -39.11 -5.22
C GLU E 62 11.98 -39.61 -6.41
N GLY E 63 12.02 -38.83 -7.46
CA GLY E 63 12.84 -39.20 -8.63
C GLY E 63 14.30 -39.34 -8.25
N TRP E 64 14.75 -38.45 -7.40
CA TRP E 64 16.10 -38.51 -6.89
C TRP E 64 16.37 -39.79 -6.16
N ILE E 65 15.56 -40.09 -5.17
CA ILE E 65 15.88 -41.15 -4.25
C ILE E 65 15.57 -42.54 -4.78
N LEU E 66 14.66 -42.64 -5.73
CA LEU E 66 14.36 -43.92 -6.36
C LEU E 66 15.32 -44.15 -7.51
N GLY E 67 15.98 -43.08 -7.94
CA GLY E 67 16.98 -43.17 -8.99
C GLY E 67 16.36 -43.23 -10.35
N ASN E 68 15.35 -42.38 -10.58
CA ASN E 68 14.85 -42.12 -11.93
C ASN E 68 16.02 -41.82 -12.85
N PRO E 69 16.10 -42.49 -14.00
CA PRO E 69 17.35 -42.44 -14.77
C PRO E 69 17.64 -41.11 -15.42
N ARG E 70 16.65 -40.21 -15.43
CA ARG E 70 16.88 -38.85 -15.90
C ARG E 70 17.48 -37.98 -14.79
N CYS E 71 17.78 -38.57 -13.64
CA CYS E 71 18.32 -37.84 -12.50
C CYS E 71 19.75 -38.26 -12.17
N ASP E 72 20.45 -38.81 -13.16
CA ASP E 72 21.83 -39.30 -12.97
C ASP E 72 22.80 -38.26 -12.43
N LYS E 73 22.51 -37.00 -12.67
CA LYS E 73 23.35 -35.95 -12.11
C LYS E 73 23.45 -36.04 -10.57
N LEU E 74 22.46 -36.66 -9.91
CA LEU E 74 22.43 -36.77 -8.45
C LEU E 74 22.92 -38.11 -7.92
N LEU E 75 23.17 -39.03 -8.83
CA LEU E 75 23.41 -40.43 -8.48
C LEU E 75 24.64 -40.58 -7.63
N GLY E 76 24.52 -41.27 -6.50
CA GLY E 76 25.64 -41.61 -5.66
C GLY E 76 25.68 -40.94 -4.32
N ASP E 77 26.87 -40.97 -3.71
CA ASP E 77 27.03 -40.45 -2.40
C ASP E 77 26.80 -38.96 -2.44
N ARG E 78 25.98 -38.46 -1.53
CA ARG E 78 25.77 -37.01 -1.40
C ARG E 78 25.66 -36.62 0.06
N SER E 79 25.86 -35.34 0.33
CA SER E 79 25.70 -34.83 1.66
C SER E 79 25.25 -33.37 1.55
N TRP E 80 24.45 -32.92 2.54
CA TRP E 80 23.77 -31.68 2.41
C TRP E 80 23.27 -31.17 3.72
N SER E 81 23.17 -29.84 3.82
CA SER E 81 22.58 -29.14 4.98
C SER E 81 21.12 -28.92 4.78
N TYR E 82 20.69 -28.90 3.52
CA TYR E 82 19.27 -28.86 3.18
C TYR E 82 19.08 -29.20 1.73
N ILE E 83 17.84 -29.41 1.33
CA ILE E 83 17.54 -29.82 -0.04
C ILE E 83 16.77 -28.73 -0.72
N VAL E 84 17.10 -28.47 -1.98
CA VAL E 84 16.41 -27.47 -2.77
C VAL E 84 15.73 -28.18 -3.93
N GLU E 85 14.41 -28.24 -3.89
CA GLU E 85 13.63 -28.87 -4.92
C GLU E 85 13.05 -27.75 -5.73
N ARG E 86 13.15 -27.87 -7.05
CA ARG E 86 12.60 -26.87 -7.93
C ARG E 86 11.11 -27.14 -8.06
N PRO E 87 10.29 -26.12 -7.92
CA PRO E 87 8.85 -26.27 -8.03
C PRO E 87 8.34 -27.00 -9.27
N ASP E 88 8.98 -26.76 -10.40
CA ASP E 88 8.49 -27.27 -11.67
C ASP E 88 9.26 -28.52 -12.13
N ALA E 89 9.95 -29.20 -11.20
CA ALA E 89 10.70 -30.43 -11.52
C ALA E 89 9.81 -31.48 -12.17
N GLN E 90 10.30 -32.05 -13.26
CA GLN E 90 9.50 -32.94 -14.10
C GLN E 90 9.77 -34.41 -13.83
N ASN E 91 10.92 -34.75 -13.27
CA ASN E 91 11.31 -36.14 -13.17
C ASN E 91 11.12 -36.64 -11.76
N GLY E 92 10.09 -37.47 -11.58
CA GLY E 92 9.76 -38.06 -10.31
C GLY E 92 9.41 -39.53 -10.49
N ILE E 93 8.20 -39.91 -10.12
CA ILE E 93 7.81 -41.30 -10.24
C ILE E 93 7.29 -41.52 -11.65
N CYS E 94 8.16 -42.02 -12.52
CA CYS E 94 7.88 -42.07 -13.93
C CYS E 94 6.96 -43.21 -14.30
N TYR E 95 7.19 -44.42 -13.77
CA TYR E 95 6.23 -45.48 -13.95
C TYR E 95 5.11 -45.31 -12.90
N PRO E 96 3.86 -45.26 -13.36
CA PRO E 96 2.82 -44.79 -12.47
C PRO E 96 2.59 -45.72 -11.27
N GLY E 97 2.25 -45.10 -10.16
CA GLY E 97 1.89 -45.81 -8.96
C GLY E 97 2.08 -44.95 -7.73
N VAL E 98 2.02 -45.59 -6.58
CA VAL E 98 2.01 -44.85 -5.34
C VAL E 98 3.21 -45.24 -4.51
N LEU E 99 3.88 -44.24 -3.98
CA LEU E 99 4.88 -44.45 -2.98
C LEU E 99 4.13 -44.44 -1.65
N LYS E 100 4.14 -45.58 -0.97
CA LYS E 100 3.55 -45.66 0.33
C LYS E 100 4.29 -44.80 1.39
N GLU E 101 3.52 -44.05 2.18
CA GLU E 101 4.02 -43.21 3.24
C GLU E 101 5.02 -42.21 2.71
N ALA E 102 4.66 -41.59 1.58
CA ALA E 102 5.58 -40.69 0.91
C ALA E 102 5.97 -39.48 1.75
N GLU E 103 5.03 -38.98 2.54
CA GLU E 103 5.23 -37.76 3.28
C GLU E 103 6.15 -38.02 4.43
N GLU E 104 6.08 -39.21 4.98
CA GLU E 104 6.96 -39.60 6.07
C GLU E 104 8.37 -39.82 5.54
N LEU E 105 8.47 -40.39 4.34
CA LEU E 105 9.76 -40.51 3.68
C LEU E 105 10.41 -39.16 3.52
N LYS E 106 9.66 -38.14 3.12
CA LYS E 106 10.26 -36.81 2.97
C LYS E 106 10.74 -36.23 4.27
N ALA E 107 9.97 -36.44 5.33
CA ALA E 107 10.39 -35.97 6.63
C ALA E 107 11.72 -36.68 7.00
N LEU E 108 11.79 -37.99 6.75
CA LEU E 108 13.01 -38.72 7.05
C LEU E 108 14.18 -38.10 6.30
N ILE E 109 14.00 -37.93 4.99
CA ILE E 109 15.04 -37.39 4.12
C ILE E 109 15.49 -35.99 4.54
N GLY E 110 14.55 -35.17 4.97
CA GLY E 110 14.88 -33.85 5.51
C GLY E 110 15.75 -33.89 6.76
N SER E 111 15.74 -35.01 7.48
CA SER E 111 16.51 -35.13 8.70
C SER E 111 17.84 -35.83 8.42
N ILE E 112 18.09 -36.16 7.17
CA ILE E 112 19.33 -36.83 6.80
C ILE E 112 20.43 -35.85 6.36
N ASP E 113 21.64 -36.22 6.71
CA ASP E 113 22.87 -35.43 6.61
C ASP E 113 23.70 -35.86 5.38
N THR E 114 23.89 -37.17 5.26
CA THR E 114 24.73 -37.77 4.24
C THR E 114 24.14 -39.11 3.86
N ILE E 115 24.30 -39.49 2.60
CA ILE E 115 23.94 -40.84 2.15
C ILE E 115 25.09 -41.44 1.33
N GLN E 116 25.21 -42.76 1.39
CA GLN E 116 26.20 -43.49 0.60
C GLN E 116 25.49 -44.64 -0.12
N ARG E 117 25.51 -44.56 -1.43
CA ARG E 117 24.75 -45.49 -2.23
C ARG E 117 25.60 -46.74 -2.39
N PHE E 118 24.99 -47.91 -2.36
CA PHE E 118 25.71 -49.14 -2.54
C PHE E 118 24.76 -50.19 -3.08
N GLU E 119 25.33 -51.22 -3.68
CA GLU E 119 24.55 -52.31 -4.27
C GLU E 119 24.12 -53.24 -3.15
N MET E 120 22.83 -53.30 -2.85
CA MET E 120 22.35 -54.13 -1.76
C MET E 120 22.12 -55.56 -2.21
N PHE E 121 21.51 -55.71 -3.38
CA PHE E 121 21.17 -57.00 -3.99
C PHE E 121 21.56 -56.95 -5.45
N PRO E 122 22.72 -57.53 -5.79
CA PRO E 122 23.11 -57.53 -7.21
C PRO E 122 22.20 -58.43 -8.02
N LYS E 123 22.25 -58.29 -9.32
CA LYS E 123 21.36 -59.05 -10.19
C LYS E 123 21.53 -60.57 -10.03
N SER E 124 22.77 -61.00 -9.80
CA SER E 124 23.08 -62.41 -9.63
C SER E 124 22.35 -63.03 -8.43
N THR E 125 21.78 -62.22 -7.52
CA THR E 125 21.07 -62.80 -6.35
C THR E 125 19.80 -63.52 -6.79
N TRP E 126 19.21 -63.08 -7.90
CA TRP E 126 17.98 -63.66 -8.37
C TRP E 126 18.25 -64.64 -9.51
N THR E 127 18.08 -65.94 -9.27
CA THR E 127 18.44 -66.97 -10.25
C THR E 127 17.20 -67.60 -10.92
N GLY E 128 17.36 -67.95 -12.21
CA GLY E 128 16.29 -68.56 -12.99
C GLY E 128 15.29 -67.54 -13.47
N VAL E 129 15.69 -66.29 -13.55
CA VAL E 129 14.78 -65.23 -14.02
C VAL E 129 15.57 -64.24 -14.86
N ASP E 130 14.85 -63.32 -15.51
CA ASP E 130 15.42 -62.34 -16.39
C ASP E 130 15.58 -61.04 -15.62
N THR E 131 16.85 -60.70 -15.37
CA THR E 131 17.21 -59.49 -14.66
C THR E 131 17.62 -58.38 -15.63
N ASN E 132 17.49 -58.59 -16.94
CA ASN E 132 17.96 -57.60 -17.93
C ASN E 132 16.94 -57.03 -18.91
N SER E 133 15.65 -57.26 -18.65
CA SER E 133 14.60 -56.77 -19.53
C SER E 133 13.65 -55.87 -18.79
N GLY E 134 14.03 -55.45 -17.59
CA GLY E 134 13.09 -54.68 -16.74
C GLY E 134 13.04 -53.19 -17.00
N VAL E 135 12.50 -52.79 -18.14
CA VAL E 135 12.57 -51.41 -18.62
C VAL E 135 11.24 -50.96 -19.18
N THR E 136 11.02 -49.66 -19.22
CA THR E 136 9.74 -49.13 -19.68
C THR E 136 9.89 -47.79 -20.39
N SER E 137 8.99 -47.53 -21.34
CA SER E 137 8.95 -46.27 -22.04
C SER E 137 8.57 -45.10 -21.13
N ALA E 138 8.01 -45.41 -19.97
CA ALA E 138 7.66 -44.38 -19.03
C ALA E 138 8.88 -43.79 -18.34
N CYS E 139 9.96 -44.56 -18.25
CA CYS E 139 11.17 -44.10 -17.62
C CYS E 139 12.24 -44.16 -18.65
N THR E 140 12.38 -43.08 -19.39
CA THR E 140 13.31 -43.05 -20.52
C THR E 140 14.64 -42.53 -20.08
N TYR E 141 15.64 -42.82 -20.89
CA TYR E 141 16.98 -42.36 -20.65
C TYR E 141 17.60 -42.21 -22.03
N ASN E 142 17.90 -40.97 -22.42
CA ASN E 142 18.43 -40.70 -23.76
C ASN E 142 17.44 -41.25 -24.83
N GLY E 143 16.13 -41.04 -24.66
CA GLY E 143 15.12 -41.53 -25.64
C GLY E 143 14.74 -43.02 -25.61
N GLY E 144 15.61 -43.90 -25.13
CA GLY E 144 15.27 -45.34 -24.99
C GLY E 144 14.67 -45.72 -23.64
N SER E 145 14.06 -46.90 -23.59
CA SER E 145 13.34 -47.38 -22.40
C SER E 145 14.33 -47.76 -21.34
N SER E 146 13.96 -47.51 -20.08
CA SER E 146 14.85 -47.71 -18.94
C SER E 146 14.03 -47.87 -17.66
N PHE E 147 14.66 -47.65 -16.51
CA PHE E 147 14.03 -47.89 -15.21
C PHE E 147 14.82 -47.28 -14.08
N TYR E 148 14.21 -47.20 -12.92
CA TYR E 148 14.84 -46.61 -11.75
C TYR E 148 16.12 -47.36 -11.52
N ARG E 149 17.18 -46.64 -11.19
CA ARG E 149 18.47 -47.25 -10.94
C ARG E 149 18.62 -47.92 -9.58
N ASN E 150 17.73 -47.63 -8.64
CA ASN E 150 17.73 -48.26 -7.33
C ASN E 150 16.75 -49.44 -7.17
N LEU E 151 16.01 -49.75 -8.22
CA LEU E 151 15.07 -50.86 -8.25
C LEU E 151 15.35 -51.77 -9.45
N LEU E 152 15.03 -53.05 -9.33
CA LEU E 152 15.22 -53.98 -10.40
C LEU E 152 13.94 -54.65 -10.73
N TRP E 153 13.50 -54.49 -11.99
CA TRP E 153 12.28 -55.09 -12.44
C TRP E 153 12.55 -56.44 -13.05
N ILE E 154 12.27 -57.47 -12.28
CA ILE E 154 12.52 -58.86 -12.69
C ILE E 154 11.26 -59.39 -13.36
N ILE E 155 11.47 -60.11 -14.47
CA ILE E 155 10.44 -60.89 -15.13
C ILE E 155 10.94 -62.30 -15.46
N LYS E 156 10.02 -63.18 -15.84
CA LYS E 156 10.40 -64.54 -16.18
C LYS E 156 11.15 -64.61 -17.52
N ILE E 157 11.99 -65.64 -17.67
CA ILE E 157 12.54 -65.97 -18.98
C ILE E 157 11.39 -66.59 -19.77
N ARG E 158 11.28 -66.29 -21.07
CA ARG E 158 10.13 -66.74 -21.85
C ARG E 158 9.86 -68.23 -21.80
N SER E 159 10.92 -69.02 -21.96
CA SER E 159 10.81 -70.49 -21.98
C SER E 159 10.49 -71.10 -20.60
N ASP E 160 11.02 -70.52 -19.54
CA ASP E 160 10.96 -71.12 -18.20
C ASP E 160 9.90 -70.51 -17.31
N PRO E 161 9.46 -71.26 -16.29
CA PRO E 161 8.63 -70.63 -15.29
C PRO E 161 9.45 -69.72 -14.40
N TYR E 162 8.79 -68.75 -13.78
CA TYR E 162 9.40 -67.86 -12.81
C TYR E 162 9.61 -68.68 -11.54
N SER E 163 10.87 -69.01 -11.28
CA SER E 163 11.23 -69.86 -10.15
C SER E 163 11.08 -69.05 -8.88
N LEU E 164 10.92 -69.74 -7.76
CA LEU E 164 11.07 -69.08 -6.48
C LEU E 164 12.46 -68.44 -6.43
N ILE E 165 12.54 -67.17 -6.03
CA ILE E 165 13.82 -66.46 -5.91
C ILE E 165 13.99 -65.91 -4.52
N LYS E 166 15.23 -65.81 -4.10
CA LYS E 166 15.56 -65.51 -2.71
C LYS E 166 16.78 -64.63 -2.65
N GLY E 167 16.81 -63.79 -1.63
CA GLY E 167 17.96 -62.94 -1.40
C GLY E 167 18.01 -62.49 0.03
N THR E 168 19.22 -62.33 0.53
CA THR E 168 19.38 -61.79 1.88
C THR E 168 20.46 -60.73 1.94
N TYR E 169 20.33 -59.79 2.87
CA TYR E 169 21.35 -58.81 3.11
C TYR E 169 21.34 -58.50 4.58
N THR E 170 22.53 -58.33 5.15
CA THR E 170 22.65 -58.04 6.57
C THR E 170 23.39 -56.73 6.74
N ASN E 171 22.80 -55.83 7.48
CA ASN E 171 23.44 -54.57 7.79
C ASN E 171 24.41 -54.77 8.93
N THR E 172 25.69 -54.80 8.59
CA THR E 172 26.76 -55.06 9.56
C THR E 172 27.47 -53.80 9.97
N GLY E 173 26.96 -52.65 9.54
CA GLY E 173 27.53 -51.36 9.93
C GLY E 173 26.77 -50.72 11.08
N SER E 174 27.13 -49.49 11.39
CA SER E 174 26.50 -48.70 12.44
C SER E 174 25.49 -47.66 11.88
N GLN E 175 25.46 -47.51 10.55
CA GLN E 175 24.54 -46.61 9.89
C GLN E 175 23.30 -47.35 9.49
N SER E 176 22.15 -46.70 9.63
CA SER E 176 20.90 -47.26 9.14
C SER E 176 20.91 -47.27 7.61
N ILE E 177 20.08 -48.11 7.00
CA ILE E 177 20.02 -48.21 5.56
C ILE E 177 18.59 -47.96 5.06
N LEU E 178 18.47 -47.06 4.08
CA LEU E 178 17.19 -46.72 3.47
C LEU E 178 17.11 -47.48 2.19
N TYR E 179 16.05 -48.26 1.99
CA TYR E 179 15.93 -49.05 0.77
C TYR E 179 14.50 -49.09 0.28
N PHE E 180 14.34 -49.54 -0.96
CA PHE E 180 13.05 -49.46 -1.64
C PHE E 180 12.71 -50.74 -2.37
N TRP E 181 11.42 -51.02 -2.50
CA TRP E 181 10.98 -52.13 -3.34
C TRP E 181 9.60 -51.81 -3.85
N GLY E 182 9.04 -52.72 -4.63
CA GLY E 182 7.72 -52.53 -5.16
C GLY E 182 7.04 -53.82 -5.56
N VAL E 183 5.74 -53.72 -5.76
CA VAL E 183 4.95 -54.84 -6.27
C VAL E 183 4.29 -54.34 -7.55
N HIS E 184 4.47 -55.08 -8.62
CA HIS E 184 3.94 -54.66 -9.90
C HIS E 184 2.56 -55.28 -10.07
N HIS E 185 1.62 -54.44 -10.49
CA HIS E 185 0.25 -54.87 -10.75
C HIS E 185 -0.05 -54.66 -12.22
N PRO E 186 0.04 -55.73 -13.02
CA PRO E 186 -0.41 -55.66 -14.42
C PRO E 186 -1.88 -55.29 -14.53
N PRO E 187 -2.29 -54.80 -15.71
CA PRO E 187 -3.68 -54.43 -15.91
C PRO E 187 -4.61 -55.59 -16.30
N ASP E 188 -4.05 -56.77 -16.60
CA ASP E 188 -4.85 -57.92 -16.98
C ASP E 188 -4.08 -59.23 -16.80
N ASP E 189 -4.80 -60.34 -16.87
CA ASP E 189 -4.24 -61.67 -16.63
C ASP E 189 -3.27 -62.11 -17.72
N VAL E 190 -3.40 -61.55 -18.92
CA VAL E 190 -2.56 -61.96 -20.04
C VAL E 190 -1.16 -61.45 -19.83
N GLU E 191 -1.05 -60.20 -19.43
CA GLU E 191 0.23 -59.61 -19.11
C GLU E 191 0.82 -60.30 -17.89
N GLN E 192 -0.01 -60.50 -16.87
CA GLN E 192 0.44 -61.24 -15.70
C GLN E 192 1.07 -62.57 -16.08
N ALA E 193 0.41 -63.32 -16.94
CA ALA E 193 0.91 -64.63 -17.32
C ALA E 193 2.22 -64.50 -18.08
N ASN E 194 2.29 -63.49 -18.94
CA ASN E 194 3.46 -63.27 -19.78
C ASN E 194 4.74 -62.99 -19.01
N LEU E 195 4.61 -62.12 -18.00
CA LEU E 195 5.74 -61.60 -17.25
C LEU E 195 6.12 -62.43 -16.03
N TYR E 196 5.13 -63.02 -15.36
CA TYR E 196 5.39 -63.76 -14.12
C TYR E 196 4.83 -65.19 -14.13
N GLY E 197 3.58 -65.33 -14.54
CA GLY E 197 2.89 -66.63 -14.48
C GLY E 197 1.52 -66.54 -13.80
N LEU E 198 0.70 -67.57 -14.03
CA LEU E 198 -0.63 -67.67 -13.42
C LEU E 198 -0.48 -68.25 -12.00
N GLY E 199 -1.58 -68.31 -11.29
CA GLY E 199 -1.57 -68.83 -9.94
C GLY E 199 -1.34 -67.69 -8.96
N THR E 200 -1.38 -68.02 -7.66
CA THR E 200 -1.03 -67.07 -6.61
C THR E 200 0.48 -66.75 -6.75
N ARG E 201 0.76 -65.47 -6.66
CA ARG E 201 2.10 -64.95 -6.68
C ARG E 201 2.25 -64.07 -5.46
N TYR E 202 3.45 -63.99 -4.94
CA TYR E 202 3.70 -63.20 -3.74
C TYR E 202 5.09 -62.52 -3.73
N VAL E 203 5.13 -61.40 -2.99
CA VAL E 203 6.35 -60.68 -2.74
C VAL E 203 6.46 -60.64 -1.23
N ARG E 204 7.48 -61.28 -0.71
CA ARG E 204 7.71 -61.34 0.71
C ARG E 204 9.04 -60.72 1.13
N MET E 205 8.98 -59.82 2.12
CA MET E 205 10.16 -59.14 2.67
C MET E 205 10.12 -59.27 4.18
N GLY E 206 11.23 -59.71 4.79
CA GLY E 206 11.25 -59.96 6.24
C GLY E 206 12.48 -59.43 6.94
N THR E 207 12.28 -58.88 8.13
CA THR E 207 13.38 -58.45 8.99
C THR E 207 13.11 -58.84 10.43
N GLU E 208 14.02 -58.52 11.32
CA GLU E 208 13.75 -58.70 12.73
C GLU E 208 12.47 -57.92 13.19
N SER E 209 12.11 -56.84 12.49
CA SER E 209 11.07 -55.90 12.95
C SER E 209 9.96 -55.52 11.95
N MET E 210 10.02 -56.02 10.71
CA MET E 210 9.00 -55.70 9.67
C MET E 210 8.66 -57.01 8.99
N ASN E 211 7.39 -57.22 8.68
CA ASN E 211 6.96 -58.36 7.89
C ASN E 211 6.06 -57.87 6.75
N PHE E 212 6.23 -58.44 5.57
CA PHE E 212 5.61 -57.92 4.38
C PHE E 212 5.31 -59.08 3.46
N ALA E 213 4.05 -59.19 3.05
CA ALA E 213 3.62 -60.26 2.15
C ALA E 213 2.40 -59.79 1.38
N LYS E 214 2.57 -59.62 0.08
CA LYS E 214 1.52 -59.11 -0.79
C LYS E 214 1.60 -59.75 -2.15
N GLY E 215 0.50 -59.66 -2.87
CA GLY E 215 0.40 -60.20 -4.24
C GLY E 215 -0.09 -59.17 -5.25
N PRO E 216 -0.20 -59.56 -6.52
CA PRO E 216 -0.71 -58.68 -7.54
C PRO E 216 -2.16 -58.40 -7.28
N GLU E 217 -2.59 -57.18 -7.59
CA GLU E 217 -3.97 -56.74 -7.43
C GLU E 217 -4.36 -56.28 -8.81
N ILE E 218 -4.51 -57.25 -9.70
CA ILE E 218 -4.71 -57.01 -11.13
C ILE E 218 -6.00 -56.29 -11.43
N ALA E 219 -5.94 -55.30 -12.31
CA ALA E 219 -7.12 -54.51 -12.68
C ALA E 219 -6.84 -53.63 -13.90
N ASP E 220 -7.79 -53.51 -14.79
CA ASP E 220 -7.62 -52.53 -15.85
C ASP E 220 -7.86 -51.13 -15.31
N ARG E 221 -6.90 -50.26 -15.59
CA ARG E 221 -6.86 -48.90 -15.06
C ARG E 221 -6.43 -48.00 -16.16
N PRO E 222 -6.89 -46.73 -16.13
CA PRO E 222 -6.64 -45.94 -17.34
C PRO E 222 -5.15 -45.69 -17.40
N PRO E 223 -4.63 -45.38 -18.60
CA PRO E 223 -3.19 -45.23 -18.70
C PRO E 223 -2.75 -43.98 -17.99
N ALA E 224 -1.61 -44.08 -17.33
CA ALA E 224 -0.92 -42.95 -16.78
C ALA E 224 0.50 -43.03 -17.31
N ASN E 225 1.05 -41.91 -17.75
CA ASN E 225 2.35 -41.90 -18.44
C ASN E 225 2.45 -43.03 -19.46
N GLY E 226 1.34 -43.30 -20.15
CA GLY E 226 1.32 -44.32 -21.20
C GLY E 226 1.21 -45.76 -20.76
N GLN E 227 0.94 -46.00 -19.48
CA GLN E 227 0.97 -47.34 -18.92
C GLN E 227 -0.26 -47.66 -18.12
N ARG E 228 -0.86 -48.81 -18.40
CA ARG E 228 -2.07 -49.22 -17.71
C ARG E 228 -1.72 -50.04 -16.48
N GLY E 229 -0.48 -50.50 -16.41
CA GLY E 229 0.04 -51.17 -15.21
C GLY E 229 0.32 -50.17 -14.10
N ARG E 230 0.66 -50.68 -12.92
CA ARG E 230 1.05 -49.85 -11.80
C ARG E 230 2.06 -50.55 -10.95
N ILE E 231 2.80 -49.76 -10.18
CA ILE E 231 3.69 -50.30 -9.17
C ILE E 231 3.33 -49.64 -7.86
N ASP E 232 3.12 -50.44 -6.82
CA ASP E 232 3.10 -49.92 -5.48
C ASP E 232 4.53 -49.91 -4.98
N TYR E 233 5.06 -48.73 -4.69
CA TYR E 233 6.42 -48.59 -4.21
C TYR E 233 6.39 -48.55 -2.69
N TYR E 234 7.36 -49.21 -2.08
CA TYR E 234 7.52 -49.19 -0.64
C TYR E 234 8.96 -48.77 -0.28
N TRP E 235 9.11 -48.22 0.93
CA TRP E 235 10.40 -47.89 1.48
C TRP E 235 10.49 -48.35 2.94
N SER E 236 11.71 -48.53 3.42
CA SER E 236 11.89 -48.92 4.79
C SER E 236 13.33 -48.69 5.19
N VAL E 237 13.60 -48.81 6.46
CA VAL E 237 14.91 -48.60 7.00
C VAL E 237 15.38 -49.86 7.69
N LEU E 238 16.45 -50.46 7.16
CA LEU E 238 17.05 -51.62 7.78
C LEU E 238 18.04 -51.10 8.82
N LYS E 239 17.79 -51.39 10.09
CA LYS E 239 18.56 -50.83 11.21
C LYS E 239 19.88 -51.56 11.38
N PRO E 240 20.83 -50.97 12.09
CA PRO E 240 22.13 -51.64 12.23
C PRO E 240 21.95 -52.98 12.91
N GLY E 241 22.58 -54.03 12.37
CA GLY E 241 22.42 -55.36 12.88
C GLY E 241 21.36 -56.17 12.19
N GLU E 242 20.34 -55.52 11.65
CA GLU E 242 19.18 -56.27 11.12
C GLU E 242 19.54 -56.93 9.83
N THR E 243 18.76 -57.93 9.48
CA THR E 243 18.99 -58.64 8.25
C THR E 243 17.65 -58.71 7.48
N LEU E 244 17.71 -58.57 6.16
CA LEU E 244 16.54 -58.53 5.32
C LEU E 244 16.51 -59.76 4.47
N ASN E 245 15.37 -60.44 4.42
CA ASN E 245 15.21 -61.58 3.51
C ASN E 245 14.11 -61.28 2.53
N VAL E 246 14.35 -61.68 1.29
CA VAL E 246 13.47 -61.41 0.19
C VAL E 246 13.16 -62.75 -0.44
N GLU E 247 11.87 -63.00 -0.68
CA GLU E 247 11.41 -64.16 -1.44
C GLU E 247 10.30 -63.70 -2.34
N SER E 248 10.31 -64.18 -3.57
CA SER E 248 9.19 -64.00 -4.47
C SER E 248 9.15 -65.02 -5.58
N ASN E 249 7.95 -65.26 -6.09
CA ASN E 249 7.74 -66.05 -7.31
C ASN E 249 7.03 -65.21 -8.36
N GLY E 250 7.02 -63.90 -8.19
CA GLY E 250 6.42 -63.01 -9.17
C GLY E 250 6.10 -61.62 -8.66
N ASN E 251 6.10 -60.69 -9.58
CA ASN E 251 5.62 -59.31 -9.37
C ASN E 251 6.51 -58.46 -8.47
N LEU E 252 7.73 -58.93 -8.22
CA LEU E 252 8.66 -58.24 -7.36
C LEU E 252 9.40 -57.22 -8.20
N ILE E 253 9.41 -56.00 -7.71
CA ILE E 253 10.35 -54.98 -8.10
C ILE E 253 11.32 -54.96 -6.94
N ALA E 254 12.50 -55.52 -7.18
CA ALA E 254 13.43 -55.83 -6.09
C ALA E 254 14.24 -54.64 -5.75
N PRO E 255 14.66 -54.51 -4.50
CA PRO E 255 15.68 -53.51 -4.20
C PRO E 255 16.95 -53.85 -4.94
N TRP E 256 17.64 -52.84 -5.43
CA TRP E 256 18.91 -53.05 -6.10
C TRP E 256 19.99 -52.28 -5.38
N TYR E 257 19.90 -50.95 -5.39
CA TYR E 257 20.83 -50.10 -4.66
C TYR E 257 20.04 -49.40 -3.55
N ALA E 258 20.72 -49.18 -2.44
CA ALA E 258 20.11 -48.58 -1.27
C ALA E 258 21.12 -47.59 -0.68
N TYR E 259 20.78 -46.95 0.42
CA TYR E 259 21.58 -45.87 0.97
C TYR E 259 21.88 -46.06 2.43
N LYS E 260 23.14 -46.18 2.76
CA LYS E 260 23.55 -46.04 4.14
C LYS E 260 23.44 -44.56 4.40
N PHE E 261 22.86 -44.15 5.52
CA PHE E 261 22.70 -42.73 5.84
C PHE E 261 22.98 -42.37 7.29
N THR E 262 23.24 -41.10 7.52
CA THR E 262 23.46 -40.55 8.85
C THR E 262 22.40 -39.48 9.10
N SER E 263 22.04 -39.31 10.36
CA SER E 263 20.98 -38.34 10.73
C SER E 263 21.61 -37.06 11.20
N SER E 264 21.12 -35.96 10.68
CA SER E 264 21.73 -34.68 10.93
C SER E 264 21.60 -34.36 12.40
N ARG E 265 22.65 -33.75 12.92
CA ARG E 265 22.63 -33.20 14.26
C ARG E 265 21.86 -31.86 14.29
N HIS E 266 21.52 -31.34 13.10
CA HIS E 266 20.86 -30.05 12.95
C HIS E 266 19.50 -30.15 12.26
N LYS E 267 18.71 -29.11 12.42
CA LYS E 267 17.46 -29.04 11.74
C LYS E 267 17.80 -28.89 10.27
N GLY E 268 17.11 -29.69 9.45
CA GLY E 268 17.19 -29.57 7.99
C GLY E 268 15.84 -29.20 7.40
N ALA E 269 15.75 -29.32 6.09
CA ALA E 269 14.60 -28.86 5.36
C ALA E 269 14.67 -29.22 3.88
N ILE E 270 13.48 -29.32 3.26
CA ILE E 270 13.35 -29.36 1.83
C ILE E 270 12.67 -28.08 1.41
N PHE E 271 13.39 -27.18 0.77
CA PHE E 271 12.84 -25.92 0.24
C PHE E 271 12.37 -26.10 -1.19
N ARG E 272 11.15 -25.71 -1.48
CA ARG E 272 10.66 -25.72 -2.87
C ARG E 272 10.82 -24.31 -3.40
N SER E 273 11.85 -24.08 -4.20
CA SER E 273 12.24 -22.71 -4.59
C SER E 273 13.03 -22.70 -5.85
N ASP E 274 12.99 -21.57 -6.57
CA ASP E 274 13.76 -21.40 -7.78
C ASP E 274 15.02 -20.54 -7.61
N LEU E 275 15.30 -20.10 -6.39
CA LEU E 275 16.45 -19.25 -6.12
C LEU E 275 17.78 -19.95 -6.40
N PRO E 276 18.79 -19.23 -6.86
CA PRO E 276 20.04 -19.87 -7.23
C PRO E 276 20.86 -20.30 -6.01
N ILE E 277 21.59 -21.38 -6.17
CA ILE E 277 22.57 -21.77 -5.19
C ILE E 277 23.93 -21.17 -5.57
N GLU E 278 24.58 -20.49 -4.63
CA GLU E 278 25.83 -19.81 -4.91
C GLU E 278 26.90 -20.22 -3.90
N ASN E 279 28.14 -19.84 -4.16
CA ASN E 279 29.28 -20.10 -3.29
C ASN E 279 29.37 -19.03 -2.18
N CYS E 280 28.61 -19.24 -1.10
CA CYS E 280 28.47 -18.26 -0.02
C CYS E 280 28.20 -19.01 1.25
N ASP E 281 28.23 -18.31 2.38
CA ASP E 281 27.94 -18.89 3.68
C ASP E 281 26.88 -18.07 4.37
N ALA E 282 25.97 -18.73 5.09
CA ALA E 282 24.91 -18.01 5.80
C ALA E 282 24.74 -18.55 7.19
N VAL E 283 24.65 -17.63 8.15
CA VAL E 283 24.30 -18.02 9.50
C VAL E 283 22.82 -18.41 9.52
N CYS E 284 22.01 -17.64 8.80
CA CYS E 284 20.58 -17.79 8.75
C CYS E 284 20.17 -17.96 7.29
N GLN E 285 19.55 -19.09 6.94
CA GLN E 285 19.10 -19.35 5.56
C GLN E 285 17.60 -19.61 5.51
N THR E 286 16.84 -18.68 4.95
CA THR E 286 15.40 -18.86 4.90
C THR E 286 15.04 -19.36 3.53
N LEU E 287 13.83 -19.88 3.42
CA LEU E 287 13.24 -20.27 2.14
C LEU E 287 13.34 -19.22 1.06
N THR E 288 13.37 -17.95 1.43
CA THR E 288 13.36 -16.89 0.44
C THR E 288 14.66 -16.10 0.42
N GLY E 289 15.70 -16.62 1.07
CA GLY E 289 17.01 -16.02 0.97
C GLY E 289 17.76 -16.02 2.28
N ALA E 290 19.05 -15.64 2.21
CA ALA E 290 19.96 -15.62 3.36
C ALA E 290 19.91 -14.28 4.05
N ILE E 291 19.98 -14.31 5.37
CA ILE E 291 19.91 -13.13 6.23
C ILE E 291 21.17 -13.01 7.05
N ASN E 292 21.74 -11.82 7.02
CA ASN E 292 22.88 -11.50 7.87
C ASN E 292 22.52 -10.22 8.63
N THR E 293 22.25 -10.36 9.92
CA THR E 293 21.72 -9.27 10.70
C THR E 293 21.99 -9.51 12.19
N ASN E 294 22.06 -8.41 12.94
CA ASN E 294 22.13 -8.44 14.41
C ASN E 294 20.71 -8.17 14.96
N LYS E 295 19.76 -7.80 14.09
CA LYS E 295 18.43 -7.45 14.54
C LYS E 295 17.76 -8.71 15.03
N THR E 296 16.67 -8.52 15.75
CA THR E 296 16.08 -9.65 16.46
C THR E 296 14.76 -10.09 15.95
N PHE E 297 14.09 -9.25 15.17
CA PHE E 297 12.92 -9.69 14.40
C PHE E 297 13.22 -9.62 12.93
N GLN E 298 12.30 -10.14 12.14
CA GLN E 298 12.57 -10.45 10.74
C GLN E 298 11.24 -10.70 10.07
N ASN E 299 10.98 -10.07 8.93
CA ASN E 299 9.73 -10.32 8.21
C ASN E 299 9.95 -10.95 6.82
N VAL E 300 11.08 -11.64 6.65
CA VAL E 300 11.47 -12.24 5.40
C VAL E 300 10.80 -13.56 5.11
N SER E 301 10.89 -14.51 6.04
CA SER E 301 10.18 -15.78 5.94
C SER E 301 10.10 -16.54 7.25
N PRO E 302 8.99 -17.24 7.49
CA PRO E 302 8.87 -18.08 8.70
C PRO E 302 9.64 -19.41 8.61
N ILE E 303 10.20 -19.74 7.45
CA ILE E 303 10.81 -21.03 7.21
C ILE E 303 12.29 -20.90 6.96
N TRP E 304 13.08 -21.58 7.78
CA TRP E 304 14.51 -21.45 7.69
C TRP E 304 15.30 -22.60 8.31
N ILE E 305 16.58 -22.62 8.04
CA ILE E 305 17.50 -23.39 8.84
C ILE E 305 18.62 -22.44 9.23
N GLY E 306 19.44 -22.88 10.18
CA GLY E 306 20.46 -22.04 10.78
C GLY E 306 19.86 -21.26 11.95
N GLU E 307 20.48 -20.15 12.31
CA GLU E 307 20.10 -19.30 13.42
C GLU E 307 19.53 -17.97 12.92
N CYS E 308 18.21 -17.90 12.88
CA CYS E 308 17.52 -16.71 12.37
C CYS E 308 16.79 -15.98 13.48
N PRO E 309 16.47 -14.71 13.28
CA PRO E 309 15.61 -13.98 14.19
C PRO E 309 14.17 -14.39 14.05
N LYS E 310 13.38 -14.04 15.05
CA LYS E 310 11.94 -14.33 15.10
C LYS E 310 11.20 -13.73 13.89
N TYR E 311 10.37 -14.54 13.24
CA TYR E 311 9.52 -14.06 12.13
C TYR E 311 8.30 -13.33 12.70
N VAL E 312 7.95 -12.18 12.12
CA VAL E 312 6.71 -11.48 12.46
C VAL E 312 6.11 -10.90 11.21
N LYS E 313 4.82 -10.58 11.26
CA LYS E 313 4.12 -9.97 10.14
C LYS E 313 4.37 -8.48 9.96
N SER E 314 4.81 -7.81 11.01
CA SER E 314 5.09 -6.38 10.97
C SER E 314 5.88 -5.89 9.75
N LYS E 315 5.59 -4.66 9.32
CA LYS E 315 6.39 -3.98 8.29
C LYS E 315 7.54 -3.14 8.89
N SER E 316 7.39 -2.79 10.16
CA SER E 316 8.46 -2.15 10.89
C SER E 316 8.21 -2.17 12.40
N LEU E 317 9.30 -2.11 13.14
CA LEU E 317 9.23 -2.06 14.59
C LEU E 317 10.20 -0.97 15.06
N LYS E 318 9.75 0.28 14.88
CA LYS E 318 10.48 1.55 15.12
C LYS E 318 10.41 1.89 16.61
N LEU E 319 11.54 1.71 17.26
CA LEU E 319 11.68 1.97 18.68
C LEU E 319 12.36 3.30 18.87
N ALA E 320 11.71 4.21 19.58
CA ALA E 320 12.31 5.50 19.89
C ALA E 320 13.49 5.33 20.81
N THR E 321 14.61 5.93 20.43
CA THR E 321 15.81 5.98 21.28
C THR E 321 16.18 7.39 21.68
N GLY E 322 15.51 8.39 21.11
CA GLY E 322 15.84 9.79 21.35
C GLY E 322 14.65 10.54 21.92
N LEU E 323 14.63 11.86 21.71
CA LEU E 323 13.60 12.73 22.28
C LEU E 323 12.58 13.09 21.25
N ARG E 324 11.45 13.63 21.71
CA ARG E 324 10.52 14.28 20.80
C ARG E 324 11.31 15.35 20.07
N ASN E 325 11.25 15.34 18.74
CA ASN E 325 11.98 16.33 17.97
C ASN E 325 11.09 17.52 17.70
N VAL E 326 11.32 18.63 18.43
CA VAL E 326 10.48 19.84 18.27
C VAL E 326 11.36 21.12 18.22
N PRO E 327 11.74 21.60 17.01
CA PRO E 327 12.59 22.82 16.91
C PRO E 327 11.86 24.16 16.96
N GLY E 333 10.77 34.49 14.61
CA GLY E 333 11.27 35.53 15.48
C GLY E 333 12.78 35.38 15.57
N LEU E 334 13.48 36.11 14.70
CA LEU E 334 14.98 36.11 14.62
C LEU E 334 15.68 37.14 15.54
N PHE E 335 14.88 37.83 16.37
CA PHE E 335 15.36 38.71 17.43
C PHE E 335 14.83 38.38 18.85
N GLY E 336 13.84 37.50 18.95
CA GLY E 336 13.29 37.13 20.25
C GLY E 336 14.29 36.49 21.19
N ALA E 337 13.86 36.25 22.42
CA ALA E 337 14.72 35.51 23.39
C ALA E 337 14.78 34.02 23.05
N ILE E 338 15.99 33.48 23.02
CA ILE E 338 16.20 32.04 23.03
C ILE E 338 15.85 31.51 24.44
N ALA E 339 14.95 30.52 24.50
CA ALA E 339 13.95 30.48 25.59
C ALA E 339 13.61 29.22 26.42
N GLY E 340 14.27 28.11 26.20
CA GLY E 340 14.16 26.96 27.14
C GLY E 340 13.08 25.95 26.77
N PHE E 341 13.03 24.85 27.54
CA PHE E 341 12.29 23.65 27.13
C PHE E 341 10.80 23.85 26.89
N ILE E 342 10.17 24.73 27.66
CA ILE E 342 8.72 24.89 27.54
C ILE E 342 8.28 25.30 26.13
N GLU E 343 9.15 25.99 25.39
CA GLU E 343 8.82 26.40 24.04
C GLU E 343 9.50 25.55 22.96
N GLY E 344 10.05 24.41 23.34
CA GLY E 344 10.64 23.49 22.37
C GLY E 344 12.10 23.10 22.58
N GLY E 345 12.67 22.48 21.54
CA GLY E 345 14.04 21.98 21.58
C GLY E 345 15.06 22.88 20.92
N TRP E 346 16.33 22.58 21.17
CA TRP E 346 17.45 23.39 20.74
C TRP E 346 18.30 22.68 19.70
N THR E 347 18.15 23.05 18.43
CA THR E 347 19.00 22.48 17.38
C THR E 347 20.48 22.76 17.69
N GLY E 348 20.74 23.89 18.32
CA GLY E 348 22.10 24.27 18.68
C GLY E 348 22.77 23.48 19.79
N MET E 349 22.07 22.58 20.50
CA MET E 349 22.73 21.94 21.65
C MET E 349 23.82 20.93 21.25
N VAL E 350 23.48 19.94 20.41
CA VAL E 350 24.48 19.06 19.77
C VAL E 350 25.32 18.18 20.71
N ASP E 351 25.97 18.77 21.71
CA ASP E 351 26.66 18.06 22.81
C ASP E 351 26.01 16.76 23.29
N GLY E 352 24.72 16.83 23.60
CA GLY E 352 24.03 15.74 24.29
C GLY E 352 22.53 15.92 24.20
N TRP E 353 21.81 15.41 25.19
CA TRP E 353 20.36 15.33 25.11
C TRP E 353 19.68 16.41 25.93
N TYR E 354 20.11 16.56 27.18
CA TYR E 354 19.58 17.57 28.06
C TYR E 354 20.71 18.50 28.49
N GLY E 355 20.40 19.78 28.66
CA GLY E 355 21.42 20.72 29.09
C GLY E 355 20.99 22.14 29.29
N TYR E 356 21.96 23.04 29.13
CA TYR E 356 21.84 24.42 29.53
C TYR E 356 22.20 25.36 28.39
N HIS E 357 21.58 26.55 28.40
CA HIS E 357 22.08 27.67 27.61
C HIS E 357 22.17 28.89 28.52
N HIS E 358 23.35 29.50 28.59
CA HIS E 358 23.62 30.64 29.48
C HIS E 358 23.91 31.89 28.65
N GLU E 359 23.79 33.06 29.29
CA GLU E 359 24.23 34.33 28.70
C GLU E 359 24.67 35.32 29.77
N ASN E 360 25.94 35.72 29.71
CA ASN E 360 26.51 36.72 30.61
C ASN E 360 27.40 37.68 29.82
N SER E 361 28.21 38.50 30.50
CA SER E 361 29.11 39.43 29.83
C SER E 361 30.30 38.74 29.12
N GLN E 362 30.64 37.52 29.55
CA GLN E 362 31.68 36.72 28.88
C GLN E 362 31.15 35.91 27.68
N GLY E 363 29.99 36.27 27.14
CA GLY E 363 29.43 35.59 25.97
C GLY E 363 28.22 34.76 26.31
N SER E 364 27.94 33.77 25.46
CA SER E 364 26.80 32.87 25.65
C SER E 364 27.07 31.52 24.97
N GLY E 365 26.18 30.55 25.15
CA GLY E 365 26.37 29.24 24.51
C GLY E 365 25.57 28.11 25.11
N TYR E 366 25.63 26.96 24.45
CA TYR E 366 24.94 25.75 24.88
C TYR E 366 25.91 24.72 25.44
N ALA E 367 25.47 23.91 26.41
CA ALA E 367 26.30 22.84 26.95
C ALA E 367 25.44 21.76 27.59
N ALA E 368 25.63 20.51 27.16
CA ALA E 368 24.83 19.40 27.68
C ALA E 368 25.22 19.02 29.09
N ASP E 369 24.27 18.49 29.86
CA ASP E 369 24.58 17.93 31.17
C ASP E 369 25.03 16.48 30.97
N LYS E 370 26.35 16.26 31.03
CA LYS E 370 26.95 14.94 30.80
C LYS E 370 26.33 13.86 31.66
N GLU E 371 26.21 14.09 32.98
CA GLU E 371 25.74 13.05 33.92
C GLU E 371 24.32 12.54 33.59
N SER E 372 23.37 13.44 33.36
CA SER E 372 21.97 13.05 33.08
C SER E 372 21.78 12.57 31.63
N THR E 373 22.50 13.15 30.69
CA THR E 373 22.53 12.63 29.31
C THR E 373 23.01 11.19 29.32
N GLN E 374 24.13 10.92 29.98
CA GLN E 374 24.73 9.57 29.99
C GLN E 374 23.85 8.54 30.70
N LYS E 375 23.26 8.90 31.83
CA LYS E 375 22.33 8.02 32.58
C LYS E 375 21.14 7.60 31.72
N ALA E 376 20.61 8.53 30.92
CA ALA E 376 19.52 8.24 29.98
C ALA E 376 19.98 7.40 28.78
N ILE E 377 21.16 7.69 28.23
CA ILE E 377 21.73 6.88 27.13
C ILE E 377 21.88 5.43 27.59
N ASP E 378 22.41 5.24 28.79
CA ASP E 378 22.61 3.89 29.35
C ASP E 378 21.30 3.14 29.60
N GLY E 379 20.29 3.83 30.14
CA GLY E 379 18.96 3.23 30.35
C GLY E 379 18.29 2.77 29.06
N ILE E 380 18.43 3.55 28.00
CA ILE E 380 17.85 3.24 26.69
C ILE E 380 18.60 2.10 26.04
N THR E 381 19.93 2.19 26.02
CA THR E 381 20.77 1.11 25.51
C THR E 381 20.45 -0.19 26.22
N ASN E 382 20.30 -0.15 27.53
CA ASN E 382 19.92 -1.32 28.30
C ASN E 382 18.54 -1.85 27.90
N LYS E 383 17.57 -0.94 27.77
CA LYS E 383 16.22 -1.29 27.28
C LYS E 383 16.28 -2.02 25.95
N VAL E 384 17.00 -1.46 24.98
CA VAL E 384 17.15 -2.09 23.67
C VAL E 384 17.72 -3.52 23.83
N ASN E 385 18.84 -3.64 24.52
CA ASN E 385 19.45 -4.94 24.76
C ASN E 385 18.57 -5.91 25.56
N SER E 386 17.78 -5.40 26.50
CA SER E 386 16.83 -6.22 27.26
C SER E 386 15.75 -6.78 26.36
N ILE E 387 15.25 -5.93 25.46
CA ILE E 387 14.31 -6.38 24.44
C ILE E 387 14.95 -7.44 23.55
N ILE E 388 16.12 -7.13 22.98
CA ILE E 388 16.86 -8.13 22.19
C ILE E 388 16.99 -9.47 22.96
N ASP E 389 17.36 -9.39 24.23
CA ASP E 389 17.54 -10.57 25.06
C ASP E 389 16.24 -11.37 25.24
N LYS E 390 15.13 -10.70 25.54
CA LYS E 390 13.87 -11.41 25.82
C LYS E 390 13.20 -11.97 24.58
N MET E 391 13.58 -11.46 23.41
CA MET E 391 13.04 -11.93 22.15
C MET E 391 13.96 -12.92 21.49
N ASN E 392 14.88 -13.50 22.27
CA ASN E 392 15.92 -14.35 21.76
C ASN E 392 15.54 -15.83 21.68
N THR E 393 14.31 -16.09 21.24
CA THR E 393 13.85 -17.44 20.95
C THR E 393 13.05 -17.36 19.65
N GLN E 394 12.89 -18.47 18.94
CA GLN E 394 12.05 -18.50 17.73
C GLN E 394 11.09 -19.67 17.68
N PHE E 395 9.84 -19.38 17.33
CA PHE E 395 8.97 -20.44 16.86
C PHE E 395 9.43 -20.80 15.44
N GLU E 396 9.49 -22.09 15.13
CA GLU E 396 10.04 -22.59 13.88
C GLU E 396 9.03 -23.39 13.07
N ALA E 397 8.39 -22.73 12.10
CA ALA E 397 7.49 -23.39 11.16
C ALA E 397 8.27 -24.39 10.31
N VAL E 398 7.60 -25.48 9.92
CA VAL E 398 8.22 -26.51 9.09
C VAL E 398 7.37 -26.80 7.87
N GLU E 399 8.03 -27.07 6.77
CA GLU E 399 7.36 -27.36 5.50
C GLU E 399 7.12 -28.87 5.29
N HIS E 400 6.61 -29.57 6.29
CA HIS E 400 6.27 -30.98 6.10
C HIS E 400 5.08 -31.04 5.17
N GLU E 401 4.90 -32.17 4.52
CA GLU E 401 3.81 -32.34 3.63
C GLU E 401 2.74 -33.22 4.18
N PHE E 402 1.54 -33.00 3.66
CA PHE E 402 0.35 -33.73 4.09
C PHE E 402 -0.40 -34.22 2.87
N SER E 403 -0.90 -35.44 2.92
CA SER E 403 -1.65 -35.98 1.81
C SER E 403 -3.03 -35.33 1.78
N ASN E 404 -3.76 -35.64 0.72
CA ASN E 404 -5.16 -35.24 0.57
C ASN E 404 -6.08 -35.90 1.61
N LEU E 405 -5.62 -36.97 2.26
CA LEU E 405 -6.34 -37.56 3.39
C LEU E 405 -5.81 -37.12 4.76
N GLU E 406 -5.13 -35.98 4.81
CA GLU E 406 -4.59 -35.48 6.04
C GLU E 406 -4.94 -34.00 6.16
N LYS E 407 -6.15 -33.65 5.74
CA LYS E 407 -6.58 -32.27 5.78
C LYS E 407 -6.59 -31.79 7.18
N ARG E 408 -7.03 -32.63 8.12
CA ARG E 408 -7.18 -32.19 9.50
C ARG E 408 -5.86 -31.87 10.17
N ILE E 409 -4.88 -32.76 10.09
CA ILE E 409 -3.59 -32.42 10.71
C ILE E 409 -2.87 -31.34 9.94
N SER E 410 -3.07 -31.29 8.63
CA SER E 410 -2.55 -30.18 7.86
C SER E 410 -3.13 -28.87 8.35
N ASN E 411 -4.44 -28.82 8.57
CA ASN E 411 -5.06 -27.58 9.02
C ASN E 411 -4.65 -27.29 10.44
N LEU E 412 -4.45 -28.34 11.23
CA LEU E 412 -4.02 -28.18 12.60
C LEU E 412 -2.67 -27.49 12.60
N ASN E 413 -1.72 -28.04 11.84
CA ASN E 413 -0.42 -27.40 11.66
C ASN E 413 -0.51 -25.93 11.24
N LYS E 414 -1.32 -25.65 10.23
CA LYS E 414 -1.46 -24.30 9.75
C LYS E 414 -1.96 -23.36 10.83
N ARG E 415 -3.02 -23.75 11.54
CA ARG E 415 -3.61 -22.85 12.54
C ARG E 415 -2.64 -22.62 13.70
N MET E 416 -1.86 -23.65 14.01
CA MET E 416 -0.87 -23.52 15.01
C MET E 416 0.21 -22.50 14.56
N GLU E 417 0.76 -22.68 13.36
CA GLU E 417 1.82 -21.80 12.91
C GLU E 417 1.35 -20.36 12.81
N ASP E 418 0.15 -20.14 12.29
CA ASP E 418 -0.40 -18.78 12.23
C ASP E 418 -0.74 -18.28 13.63
N GLY E 419 -1.13 -19.18 14.53
CA GLY E 419 -1.40 -18.83 15.90
C GLY E 419 -0.21 -18.18 16.55
N PHE E 420 0.94 -18.84 16.51
CA PHE E 420 2.14 -18.30 17.14
C PHE E 420 2.59 -17.03 16.45
N LEU E 421 2.47 -17.00 15.15
CA LEU E 421 2.81 -15.80 14.42
C LEU E 421 1.98 -14.60 14.89
N ASP E 422 0.69 -14.81 15.14
CA ASP E 422 -0.15 -13.70 15.61
C ASP E 422 0.17 -13.34 17.04
N VAL E 423 0.53 -14.31 17.88
CA VAL E 423 0.90 -13.92 19.23
C VAL E 423 2.25 -13.21 19.24
N TRP E 424 3.21 -13.67 18.46
CA TRP E 424 4.51 -12.99 18.52
C TRP E 424 4.47 -11.61 17.90
N THR E 425 3.76 -11.48 16.80
CA THR E 425 3.60 -10.19 16.16
C THR E 425 2.96 -9.22 17.16
N TYR E 426 1.85 -9.62 17.77
CA TYR E 426 1.23 -8.79 18.81
C TYR E 426 2.22 -8.44 19.93
N ASN E 427 2.91 -9.43 20.49
CA ASN E 427 3.87 -9.18 21.54
C ASN E 427 4.89 -8.13 21.17
N ALA E 428 5.44 -8.24 19.96
CA ALA E 428 6.46 -7.31 19.48
C ALA E 428 5.86 -5.92 19.24
N GLU E 429 4.75 -5.85 18.50
CA GLU E 429 4.16 -4.56 18.17
C GLU E 429 3.72 -3.84 19.47
N LEU E 430 3.11 -4.58 20.38
CA LEU E 430 2.63 -4.01 21.64
C LEU E 430 3.78 -3.50 22.51
N LEU E 431 4.87 -4.23 22.52
CA LEU E 431 6.01 -3.83 23.35
C LEU E 431 6.62 -2.51 22.87
N VAL E 432 6.80 -2.39 21.57
CA VAL E 432 7.30 -1.17 20.97
C VAL E 432 6.40 0.03 21.30
N LEU E 433 5.10 -0.09 21.09
CA LEU E 433 4.16 0.98 21.50
C LEU E 433 4.30 1.38 22.97
N LEU E 434 4.33 0.40 23.86
CA LEU E 434 4.36 0.66 25.29
C LEU E 434 5.70 1.24 25.77
N GLU E 435 6.80 0.69 25.30
CA GLU E 435 8.09 1.21 25.72
C GLU E 435 8.46 2.51 25.05
N ASN E 436 7.90 2.79 23.88
CA ASN E 436 8.09 4.12 23.31
C ASN E 436 7.48 5.22 24.18
N GLU E 437 6.27 4.98 24.68
CA GLU E 437 5.64 5.92 25.55
C GLU E 437 6.48 6.11 26.83
N ARG E 438 7.02 5.04 27.39
CA ARG E 438 7.88 5.18 28.56
C ARG E 438 9.14 5.96 28.25
N THR E 439 9.76 5.67 27.12
CA THR E 439 10.99 6.36 26.71
C THR E 439 10.74 7.87 26.66
N LEU E 440 9.65 8.30 26.02
CA LEU E 440 9.38 9.73 25.87
C LEU E 440 8.94 10.44 27.16
N ASP E 441 8.33 9.69 28.08
CA ASP E 441 8.03 10.24 29.41
C ASP E 441 9.32 10.41 30.22
N MET E 442 10.21 9.45 30.14
CA MET E 442 11.50 9.56 30.82
C MET E 442 12.27 10.83 30.41
N HIS E 443 12.19 11.24 29.15
CA HIS E 443 12.82 12.49 28.73
C HIS E 443 12.18 13.70 29.41
N ASP E 444 10.86 13.82 29.27
CA ASP E 444 10.12 14.89 29.94
C ASP E 444 10.55 15.03 31.41
N ALA E 445 10.70 13.90 32.12
CA ALA E 445 11.07 13.92 33.54
C ALA E 445 12.51 14.36 33.78
N ASN E 446 13.45 13.86 32.97
CA ASN E 446 14.86 14.25 33.12
C ASN E 446 15.08 15.75 32.95
N VAL E 447 14.43 16.33 31.94
CA VAL E 447 14.46 17.77 31.70
C VAL E 447 13.91 18.52 32.90
N LYS E 448 12.73 18.10 33.36
CA LYS E 448 12.11 18.71 34.55
C LYS E 448 13.04 18.68 35.76
N ASN E 449 13.77 17.57 35.94
CA ASN E 449 14.73 17.46 37.04
C ASN E 449 15.84 18.51 37.03
N LEU E 450 16.42 18.75 35.88
CA LEU E 450 17.47 19.77 35.75
C LEU E 450 16.93 21.14 36.07
N HIS E 451 15.77 21.44 35.51
CA HIS E 451 15.09 22.72 35.73
C HIS E 451 14.80 22.93 37.20
N GLU E 452 14.31 21.90 37.88
CA GLU E 452 13.99 22.02 39.30
C GLU E 452 15.25 22.00 40.22
N LYS E 453 16.35 21.34 39.81
CA LYS E 453 17.66 21.43 40.54
C LYS E 453 18.19 22.87 40.52
N VAL E 454 18.10 23.52 39.37
CA VAL E 454 18.43 24.94 39.23
C VAL E 454 17.51 25.85 40.04
N LYS E 455 16.19 25.70 39.88
CA LYS E 455 15.22 26.53 40.61
C LYS E 455 15.41 26.52 42.13
N SER E 456 15.46 25.33 42.74
CA SER E 456 15.66 25.20 44.18
C SER E 456 16.94 25.92 44.66
N GLN E 457 17.99 25.92 43.83
CA GLN E 457 19.25 26.59 44.16
C GLN E 457 19.15 28.13 44.20
N LEU E 458 18.51 28.72 43.19
CA LEU E 458 18.47 30.18 43.03
C LEU E 458 17.42 30.89 43.89
N ARG E 459 16.41 30.15 44.37
CA ARG E 459 15.28 30.71 45.13
C ARG E 459 14.85 32.08 44.47
N ASP E 460 14.95 33.21 45.19
CA ASP E 460 14.52 34.51 44.66
C ASP E 460 15.69 35.44 44.20
N ASN E 461 16.90 34.91 44.12
CA ASN E 461 18.00 35.62 43.45
C ASN E 461 17.92 35.52 41.88
N ALA E 462 16.80 34.99 41.37
CA ALA E 462 16.52 34.97 39.92
C ALA E 462 15.02 34.80 39.67
N LYS E 463 14.58 35.19 38.47
CA LYS E 463 13.15 35.18 38.11
C LYS E 463 12.88 33.96 37.23
N ASP E 464 11.76 33.27 37.46
CA ASP E 464 11.44 32.06 36.71
C ASP E 464 11.15 32.34 35.22
N LEU E 465 10.29 33.30 34.93
CA LEU E 465 9.82 33.57 33.55
C LEU E 465 8.79 32.56 33.00
N GLY E 466 8.54 31.44 33.70
CA GLY E 466 7.51 30.45 33.30
C GLY E 466 7.75 29.81 31.94
N ASN E 467 9.04 29.67 31.63
CA ASN E 467 9.50 29.61 30.26
C ASN E 467 10.67 28.66 30.08
N GLY E 468 11.25 28.19 31.19
CA GLY E 468 12.39 27.28 31.13
C GLY E 468 13.71 27.96 31.45
N CYS E 469 13.73 29.28 31.37
CA CYS E 469 14.93 30.04 31.68
C CYS E 469 14.79 30.81 32.96
N PHE E 470 15.93 31.23 33.50
CA PHE E 470 15.97 32.05 34.71
C PHE E 470 16.75 33.32 34.43
N GLU E 471 16.17 34.47 34.74
CA GLU E 471 16.88 35.74 34.63
C GLU E 471 17.45 36.09 36.00
N PHE E 472 18.77 36.24 36.05
CA PHE E 472 19.46 36.53 37.29
C PHE E 472 19.23 37.99 37.72
N TRP E 473 18.83 38.17 38.97
CA TRP E 473 18.77 39.51 39.58
C TRP E 473 20.17 40.05 39.89
N HIS E 474 21.23 39.35 39.46
CA HIS E 474 22.59 39.80 39.70
C HIS E 474 23.52 39.41 38.55
N LYS E 475 24.81 39.76 38.68
CA LYS E 475 25.84 39.33 37.72
C LYS E 475 26.23 37.88 38.00
N CYS E 476 26.23 37.07 36.94
CA CYS E 476 26.64 35.66 37.04
C CYS E 476 27.71 35.35 35.99
N ASP E 477 28.98 35.44 36.43
CA ASP E 477 30.16 35.03 35.63
C ASP E 477 30.17 33.52 35.30
N ASN E 478 31.11 33.12 34.46
CA ASN E 478 31.25 31.71 34.08
C ASN E 478 31.52 30.79 35.27
N GLU E 479 32.22 31.31 36.29
CA GLU E 479 32.49 30.55 37.52
C GLU E 479 31.19 30.39 38.33
N CYS E 480 30.34 31.40 38.33
CA CYS E 480 29.00 31.26 38.92
C CYS E 480 28.10 30.28 38.17
N ILE E 481 28.11 30.36 36.83
CA ILE E 481 27.18 29.55 35.99
C ILE E 481 27.56 28.08 36.18
N ASN E 482 28.86 27.81 36.25
CA ASN E 482 29.40 26.47 36.51
C ASN E 482 29.11 25.96 37.91
N SER E 483 29.06 26.88 38.87
CA SER E 483 28.67 26.55 40.24
C SER E 483 27.19 26.13 40.31
N VAL E 484 26.38 26.63 39.38
CA VAL E 484 24.99 26.18 39.25
C VAL E 484 24.92 24.79 38.62
N LYS E 485 25.72 24.55 37.57
CA LYS E 485 25.76 23.24 36.92
C LYS E 485 26.22 22.14 37.86
N ASN E 486 27.34 22.34 38.55
CA ASN E 486 27.82 21.32 39.52
C ASN E 486 26.98 21.23 40.83
N GLY E 487 26.00 22.12 40.99
CA GLY E 487 25.06 22.06 42.11
C GLY E 487 25.58 22.64 43.43
N THR E 488 26.50 23.60 43.34
CA THR E 488 27.15 24.22 44.51
C THR E 488 27.12 25.74 44.30
N TYR E 489 25.94 26.34 44.42
CA TYR E 489 25.71 27.67 43.86
C TYR E 489 26.17 28.80 44.79
N ASN E 490 25.63 28.84 46.01
CA ASN E 490 25.94 29.91 47.00
C ASN E 490 24.96 31.09 46.89
N TYR E 491 23.76 30.88 47.41
CA TYR E 491 22.71 31.91 47.44
C TYR E 491 23.10 33.16 48.25
N PRO E 492 23.61 33.00 49.50
CA PRO E 492 23.92 34.20 50.32
C PRO E 492 24.86 35.23 49.66
N LYS E 493 25.89 34.76 48.95
CA LYS E 493 26.86 35.66 48.30
C LYS E 493 26.22 36.71 47.39
N TYR E 494 25.15 36.34 46.70
CA TYR E 494 24.53 37.22 45.73
C TYR E 494 23.16 37.71 46.23
N GLN E 495 22.82 37.38 47.47
CA GLN E 495 21.50 37.72 48.03
C GLN E 495 21.27 39.22 48.25
N GLU E 496 22.29 39.92 48.74
CA GLU E 496 22.20 41.39 48.97
C GLU E 496 22.07 42.12 47.62
N GLU E 497 23.05 41.88 46.73
CA GLU E 497 23.03 42.45 45.38
C GLU E 497 21.68 42.24 44.71
N SER E 498 21.14 41.03 44.89
CA SER E 498 19.82 40.66 44.38
C SER E 498 18.69 41.53 44.92
N ARG E 499 18.50 41.50 46.26
CA ARG E 499 17.37 42.22 46.93
C ARG E 499 17.31 43.71 46.58
N LEU E 500 18.45 44.36 46.36
CA LEU E 500 18.41 45.80 45.98
C LEU E 500 17.72 46.02 44.63
N ASN E 501 17.90 45.11 43.69
CA ASN E 501 17.41 45.33 42.30
C ASN E 501 15.92 45.58 41.98
N ARG E 502 15.42 46.75 42.38
CA ARG E 502 14.05 47.21 42.04
C ARG E 502 13.88 48.69 42.36
N ASP F 5 16.60 22.71 65.37
CA ASP F 5 15.32 21.93 65.37
C ASP F 5 14.95 21.50 63.94
N LYS F 6 14.65 20.22 63.74
CA LYS F 6 14.43 19.69 62.39
C LYS F 6 13.52 18.47 62.27
N ILE F 7 13.06 18.24 61.04
CA ILE F 7 12.25 17.08 60.69
C ILE F 7 12.72 16.58 59.33
N CYS F 8 12.87 15.27 59.20
CA CYS F 8 13.28 14.67 57.94
C CYS F 8 12.23 13.71 57.42
N ILE F 9 12.17 13.59 56.10
CA ILE F 9 11.33 12.61 55.45
C ILE F 9 12.32 11.63 54.78
N GLY F 10 12.10 10.35 55.02
CA GLY F 10 13.02 9.30 54.57
C GLY F 10 12.31 7.97 54.40
N TYR F 11 13.10 6.97 54.04
CA TYR F 11 12.53 5.66 53.78
C TYR F 11 13.37 4.56 54.38
N HIS F 12 12.76 3.38 54.47
CA HIS F 12 13.33 2.22 55.13
C HIS F 12 14.55 1.67 54.35
N ALA F 13 15.47 1.09 55.11
CA ALA F 13 16.58 0.32 54.55
C ALA F 13 16.85 -0.83 55.54
N ASN F 14 17.65 -1.79 55.09
CA ASN F 14 18.01 -2.96 55.90
C ASN F 14 19.28 -3.65 55.36
N ASN F 15 19.57 -4.84 55.87
CA ASN F 15 20.80 -5.58 55.54
C ASN F 15 20.68 -6.48 54.30
N SER F 16 19.52 -6.51 53.63
CA SER F 16 19.26 -7.38 52.46
C SER F 16 20.21 -7.13 51.27
N THR F 17 20.65 -8.21 50.62
CA THR F 17 21.51 -8.12 49.43
C THR F 17 20.81 -8.67 48.18
N THR F 18 19.53 -9.02 48.31
CA THR F 18 18.74 -9.54 47.19
C THR F 18 18.62 -8.51 46.10
N GLN F 19 18.82 -8.95 44.86
CA GLN F 19 18.71 -8.07 43.70
C GLN F 19 17.58 -8.46 42.75
N VAL F 20 17.00 -7.46 42.09
CA VAL F 20 15.98 -7.69 41.07
C VAL F 20 16.39 -6.93 39.83
N ASP F 21 15.68 -7.15 38.74
CA ASP F 21 15.89 -6.40 37.52
C ASP F 21 14.66 -5.60 37.16
N THR F 22 14.88 -4.58 36.35
CA THR F 22 13.80 -3.79 35.78
C THR F 22 14.14 -3.59 34.32
N ILE F 23 13.17 -3.08 33.58
CA ILE F 23 13.36 -2.81 32.17
C ILE F 23 14.50 -1.78 31.96
N LEU F 24 14.68 -0.87 32.93
CA LEU F 24 15.67 0.21 32.81
C LEU F 24 17.04 -0.11 33.39
N GLU F 25 17.11 -0.99 34.37
CA GLU F 25 18.39 -1.24 35.06
C GLU F 25 18.40 -2.58 35.74
N LYS F 26 19.61 -3.07 36.00
CA LYS F 26 19.83 -4.43 36.44
C LYS F 26 20.52 -4.47 37.78
N ASN F 27 20.49 -5.64 38.41
CA ASN F 27 21.20 -5.88 39.66
C ASN F 27 20.88 -4.79 40.71
N VAL F 28 19.60 -4.49 40.88
CA VAL F 28 19.17 -3.44 41.81
C VAL F 28 18.83 -4.07 43.15
N THR F 29 19.55 -3.68 44.19
CA THR F 29 19.34 -4.27 45.52
C THR F 29 18.08 -3.71 46.15
N VAL F 30 17.27 -4.58 46.74
CA VAL F 30 16.03 -4.15 47.37
C VAL F 30 15.90 -4.68 48.79
N THR F 31 14.99 -4.07 49.54
CA THR F 31 14.76 -4.42 50.93
C THR F 31 13.97 -5.73 51.08
N HIS F 32 13.07 -5.96 50.15
CA HIS F 32 12.17 -7.11 50.18
C HIS F 32 11.87 -7.57 48.76
N SER F 33 11.76 -8.89 48.61
CA SER F 33 11.43 -9.49 47.33
C SER F 33 10.84 -10.87 47.53
N VAL F 34 10.04 -11.28 46.55
CA VAL F 34 9.48 -12.61 46.50
C VAL F 34 10.03 -13.20 45.22
N GLU F 35 10.60 -14.39 45.32
CA GLU F 35 10.94 -15.17 44.14
C GLU F 35 9.69 -15.96 43.75
N LEU F 36 9.27 -15.82 42.50
CA LEU F 36 8.03 -16.39 42.02
C LEU F 36 8.23 -17.76 41.43
N LEU F 37 9.50 -18.12 41.18
CA LEU F 37 9.83 -19.33 40.47
C LEU F 37 10.27 -20.41 41.43
N GLU F 38 9.64 -21.58 41.33
CA GLU F 38 10.05 -22.71 42.11
C GLU F 38 11.07 -23.51 41.31
N THR F 39 12.24 -23.77 41.90
CA THR F 39 13.29 -24.48 41.19
C THR F 39 13.65 -25.80 41.85
N GLN F 40 13.06 -26.06 43.01
CA GLN F 40 13.40 -27.25 43.80
C GLN F 40 12.34 -28.33 43.65
N LYS F 41 12.81 -29.57 43.68
CA LYS F 41 11.94 -30.71 43.60
C LYS F 41 12.55 -31.82 44.41
N GLU F 42 11.69 -32.69 44.92
CA GLU F 42 12.15 -33.90 45.55
C GLU F 42 12.25 -34.95 44.49
N SER F 43 13.45 -35.47 44.28
CA SER F 43 13.69 -36.45 43.22
C SER F 43 13.10 -37.82 43.50
N ARG F 44 11.77 -37.89 43.51
CA ARG F 44 11.05 -39.12 43.79
C ARG F 44 9.61 -39.04 43.35
N PHE F 45 8.93 -40.16 43.38
CA PHE F 45 7.51 -40.26 42.97
C PHE F 45 6.63 -40.50 44.20
N CYS F 46 5.63 -39.66 44.34
CA CYS F 46 4.79 -39.66 45.49
C CYS F 46 3.34 -40.00 45.13
N ARG F 47 2.52 -40.17 46.15
CA ARG F 47 1.09 -40.36 45.97
C ARG F 47 0.49 -39.05 45.52
N VAL F 48 -0.58 -39.13 44.74
CA VAL F 48 -1.31 -37.90 44.29
C VAL F 48 -2.80 -38.10 44.57
N LEU F 49 -3.43 -37.13 45.23
CA LEU F 49 -4.77 -37.31 45.81
C LEU F 49 -4.87 -38.62 46.57
N ASN F 50 -3.80 -38.90 47.33
CA ASN F 50 -3.65 -40.11 48.14
C ASN F 50 -3.63 -41.47 47.41
N LYS F 51 -3.42 -41.48 46.10
CA LYS F 51 -3.35 -42.72 45.36
C LYS F 51 -1.97 -42.89 44.81
N ALA F 52 -1.48 -44.11 44.90
CA ALA F 52 -0.13 -44.41 44.57
C ALA F 52 0.05 -44.70 43.08
N PRO F 53 1.25 -44.41 42.57
CA PRO F 53 1.50 -44.82 41.23
C PRO F 53 1.67 -46.31 41.18
N LEU F 54 1.55 -46.89 39.99
CA LEU F 54 1.86 -48.26 39.72
C LEU F 54 3.31 -48.36 39.17
N ASP F 55 4.15 -49.10 39.87
CA ASP F 55 5.50 -49.35 39.46
C ASP F 55 5.49 -50.58 38.60
N LEU F 56 5.94 -50.46 37.35
CA LEU F 56 5.99 -51.62 36.49
C LEU F 56 7.26 -52.44 36.65
N GLY F 57 8.23 -51.98 37.44
CA GLY F 57 9.43 -52.79 37.76
C GLY F 57 10.29 -53.07 36.56
N ASP F 58 10.60 -54.34 36.33
CA ASP F 58 11.36 -54.73 35.15
C ASP F 58 10.44 -54.97 33.93
N CYS F 59 9.19 -54.49 33.99
CA CYS F 59 8.26 -54.69 32.88
C CYS F 59 7.95 -53.39 32.13
N THR F 60 7.70 -53.54 30.82
CA THR F 60 7.20 -52.44 30.01
C THR F 60 5.68 -52.47 30.10
N THR F 61 5.05 -51.37 29.70
CA THR F 61 3.60 -51.25 29.67
C THR F 61 2.99 -52.42 28.91
N GLU F 62 3.63 -52.83 27.83
CA GLU F 62 3.13 -53.93 27.02
C GLU F 62 3.27 -55.25 27.71
N GLY F 63 4.42 -55.50 28.30
CA GLY F 63 4.63 -56.76 29.02
C GLY F 63 3.63 -56.88 30.13
N TRP F 64 3.39 -55.77 30.81
CA TRP F 64 2.41 -55.72 31.84
C TRP F 64 1.04 -56.13 31.31
N ILE F 65 0.55 -55.44 30.28
CA ILE F 65 -0.84 -55.53 29.92
C ILE F 65 -1.14 -56.77 29.11
N LEU F 66 -0.14 -57.35 28.47
CA LEU F 66 -0.31 -58.61 27.73
C LEU F 66 -0.11 -59.77 28.66
N GLY F 67 0.46 -59.50 29.82
CA GLY F 67 0.68 -60.51 30.83
C GLY F 67 1.87 -61.39 30.52
N ASN F 68 2.97 -60.80 30.09
CA ASN F 68 4.26 -61.47 30.03
C ASN F 68 4.51 -62.18 31.35
N PRO F 69 4.83 -63.47 31.32
CA PRO F 69 4.83 -64.22 32.57
C PRO F 69 5.92 -63.85 33.57
N ARG F 70 6.90 -63.05 33.16
CA ARG F 70 7.90 -62.54 34.09
C ARG F 70 7.38 -61.30 34.77
N CYS F 71 6.13 -60.93 34.54
CA CYS F 71 5.56 -59.74 35.13
C CYS F 71 4.47 -60.06 36.14
N ASP F 72 4.48 -61.28 36.68
CA ASP F 72 3.41 -61.76 37.59
C ASP F 72 3.20 -60.86 38.80
N LYS F 73 4.22 -60.12 39.20
CA LYS F 73 4.06 -59.20 40.27
C LYS F 73 2.95 -58.16 40.01
N LEU F 74 2.60 -57.93 38.75
CA LEU F 74 1.57 -56.93 38.40
C LEU F 74 0.21 -57.55 38.09
N LEU F 75 0.17 -58.86 38.05
CA LEU F 75 -0.98 -59.60 37.55
C LEU F 75 -2.23 -59.37 38.41
N GLY F 76 -3.34 -59.02 37.78
CA GLY F 76 -4.62 -58.85 38.44
C GLY F 76 -5.12 -57.41 38.54
N ASP F 77 -6.08 -57.22 39.44
CA ASP F 77 -6.77 -55.95 39.58
C ASP F 77 -5.79 -54.91 40.10
N ARG F 78 -5.73 -53.75 39.46
CA ARG F 78 -4.83 -52.68 39.89
C ARG F 78 -5.50 -51.36 39.67
N SER F 79 -5.00 -50.37 40.37
CA SER F 79 -5.52 -49.04 40.26
C SER F 79 -4.39 -48.06 40.64
N TRP F 80 -4.41 -46.87 40.08
CA TRP F 80 -3.23 -45.99 40.17
C TRP F 80 -3.57 -44.58 39.77
N SER F 81 -2.79 -43.63 40.29
CA SER F 81 -2.86 -42.22 39.92
C SER F 81 -1.99 -41.94 38.71
N TYR F 82 -0.94 -42.74 38.52
CA TYR F 82 -0.10 -42.70 37.33
C TYR F 82 0.77 -43.93 37.23
N ILE F 83 1.43 -44.11 36.10
CA ILE F 83 2.24 -45.28 35.85
C ILE F 83 3.69 -44.90 35.72
N VAL F 84 4.55 -45.69 36.32
CA VAL F 84 5.97 -45.43 36.28
C VAL F 84 6.59 -46.60 35.59
N GLU F 85 7.12 -46.36 34.39
CA GLU F 85 7.80 -47.37 33.63
C GLU F 85 9.27 -47.10 33.73
N ARG F 86 10.04 -48.13 34.01
CA ARG F 86 11.49 -47.99 34.08
C ARG F 86 12.09 -47.99 32.66
N PRO F 87 13.00 -47.06 32.35
CA PRO F 87 13.60 -46.97 31.01
C PRO F 87 14.25 -48.25 30.49
N ASP F 88 14.88 -49.00 31.38
CA ASP F 88 15.63 -50.19 30.99
C ASP F 88 14.84 -51.48 31.20
N ALA F 89 13.52 -51.39 31.33
CA ALA F 89 12.71 -52.57 31.58
C ALA F 89 12.89 -53.57 30.48
N GLN F 90 13.07 -54.82 30.88
CA GLN F 90 13.50 -55.86 29.94
C GLN F 90 12.36 -56.76 29.50
N ASN F 91 11.25 -56.77 30.24
CA ASN F 91 10.18 -57.69 29.96
C ASN F 91 9.02 -56.96 29.32
N GLY F 92 8.88 -57.17 28.00
CA GLY F 92 7.83 -56.57 27.22
C GLY F 92 7.26 -57.60 26.28
N ILE F 93 7.36 -57.33 24.98
CA ILE F 93 6.88 -58.27 23.98
C ILE F 93 7.98 -59.29 23.69
N CYS F 94 7.88 -60.42 24.38
CA CYS F 94 8.94 -61.39 24.40
C CYS F 94 8.95 -62.22 23.13
N TYR F 95 7.77 -62.70 22.67
CA TYR F 95 7.71 -63.38 21.35
C TYR F 95 7.65 -62.29 20.29
N PRO F 96 8.59 -62.32 19.33
CA PRO F 96 8.73 -61.16 18.47
C PRO F 96 7.50 -60.88 17.63
N GLY F 97 7.28 -59.59 17.39
CA GLY F 97 6.20 -59.12 16.51
C GLY F 97 5.79 -57.69 16.84
N VAL F 98 4.65 -57.29 16.30
CA VAL F 98 4.23 -55.93 16.42
C VAL F 98 2.90 -55.85 17.14
N LEU F 99 2.80 -54.92 18.08
CA LEU F 99 1.52 -54.56 18.64
C LEU F 99 0.93 -53.49 17.76
N LYS F 100 -0.20 -53.78 17.13
CA LYS F 100 -0.88 -52.79 16.29
C LYS F 100 -1.47 -51.64 17.09
N GLU F 101 -1.23 -50.44 16.61
CA GLU F 101 -1.68 -49.21 17.25
C GLU F 101 -1.20 -49.12 18.68
N ALA F 102 0.07 -49.41 18.88
CA ALA F 102 0.63 -49.46 20.23
C ALA F 102 0.58 -48.12 20.96
N GLU F 103 0.76 -47.04 20.21
CA GLU F 103 0.89 -45.72 20.79
C GLU F 103 -0.46 -45.24 21.23
N GLU F 104 -1.50 -45.62 20.51
CA GLU F 104 -2.85 -45.33 20.93
C GLU F 104 -3.25 -46.15 22.14
N LEU F 105 -2.83 -47.39 22.19
CA LEU F 105 -3.03 -48.19 23.39
C LEU F 105 -2.45 -47.49 24.63
N LYS F 106 -1.26 -46.93 24.53
CA LYS F 106 -0.65 -46.30 25.70
C LYS F 106 -1.40 -45.11 26.12
N ALA F 107 -1.89 -44.34 25.15
CA ALA F 107 -2.73 -43.18 25.47
C ALA F 107 -3.96 -43.63 26.21
N LEU F 108 -4.55 -44.72 25.75
CA LEU F 108 -5.72 -45.25 26.43
C LEU F 108 -5.38 -45.57 27.88
N ILE F 109 -4.32 -46.35 28.05
CA ILE F 109 -3.90 -46.82 29.38
C ILE F 109 -3.62 -45.68 30.33
N GLY F 110 -2.99 -44.62 29.81
CA GLY F 110 -2.71 -43.43 30.59
C GLY F 110 -3.95 -42.73 31.09
N SER F 111 -5.08 -42.98 30.44
CA SER F 111 -6.32 -42.36 30.82
C SER F 111 -7.15 -43.28 31.73
N ILE F 112 -6.62 -44.47 32.02
CA ILE F 112 -7.32 -45.42 32.85
C ILE F 112 -6.94 -45.30 34.32
N ASP F 113 -7.92 -45.56 35.15
CA ASP F 113 -7.93 -45.38 36.59
C ASP F 113 -7.69 -46.71 37.32
N THR F 114 -8.46 -47.72 36.92
CA THR F 114 -8.54 -49.01 37.57
C THR F 114 -8.82 -50.05 36.49
N ILE F 115 -8.29 -51.25 36.71
CA ILE F 115 -8.60 -52.39 35.83
C ILE F 115 -8.91 -53.62 36.68
N GLN F 116 -9.79 -54.48 36.15
CA GLN F 116 -10.13 -55.76 36.78
C GLN F 116 -9.92 -56.83 35.78
N ARG F 117 -9.05 -57.76 36.10
CA ARG F 117 -8.71 -58.81 35.18
C ARG F 117 -9.71 -59.94 35.37
N PHE F 118 -10.10 -60.58 34.28
CA PHE F 118 -11.04 -61.69 34.35
C PHE F 118 -10.86 -62.58 33.16
N GLU F 119 -11.31 -63.82 33.28
CA GLU F 119 -11.22 -64.80 32.20
C GLU F 119 -12.32 -64.52 31.18
N MET F 120 -11.96 -64.10 29.99
CA MET F 120 -12.96 -63.78 28.96
C MET F 120 -13.35 -65.00 28.14
N PHE F 121 -12.37 -65.81 27.77
CA PHE F 121 -12.56 -67.05 27.01
C PHE F 121 -11.72 -68.16 27.65
N PRO F 122 -12.36 -69.07 28.41
CA PRO F 122 -11.58 -70.17 29.00
C PRO F 122 -11.14 -71.17 27.94
N LYS F 123 -10.19 -72.03 28.28
CA LYS F 123 -9.62 -72.95 27.31
C LYS F 123 -10.65 -73.89 26.70
N SER F 124 -11.63 -74.26 27.53
CA SER F 124 -12.70 -75.13 27.10
C SER F 124 -13.54 -74.54 25.97
N THR F 125 -13.46 -73.22 25.71
CA THR F 125 -14.25 -72.65 24.62
C THR F 125 -13.77 -73.22 23.28
N TRP F 126 -12.51 -73.59 23.17
CA TRP F 126 -11.93 -74.03 21.87
C TRP F 126 -11.80 -75.55 21.84
N THR F 127 -12.64 -76.21 21.03
CA THR F 127 -12.70 -77.67 21.05
C THR F 127 -12.05 -78.29 19.80
N GLY F 128 -11.45 -79.46 19.98
CA GLY F 128 -10.79 -80.18 18.89
C GLY F 128 -9.43 -79.61 18.57
N VAL F 129 -8.81 -78.91 19.52
CA VAL F 129 -7.49 -78.36 19.31
C VAL F 129 -6.72 -78.46 20.60
N ASP F 130 -5.42 -78.14 20.52
CA ASP F 130 -4.53 -78.23 21.64
C ASP F 130 -4.41 -76.87 22.29
N THR F 131 -4.97 -76.75 23.49
CA THR F 131 -4.91 -75.53 24.26
C THR F 131 -3.77 -75.53 25.30
N ASN F 132 -2.94 -76.56 25.32
CA ASN F 132 -1.93 -76.74 26.40
C ASN F 132 -0.49 -76.84 25.96
N SER F 133 -0.21 -76.53 24.70
CA SER F 133 1.16 -76.60 24.19
C SER F 133 1.63 -75.24 23.68
N GLY F 134 0.89 -74.19 24.01
CA GLY F 134 1.16 -72.88 23.42
C GLY F 134 2.19 -72.08 24.19
N VAL F 135 3.44 -72.50 24.12
CA VAL F 135 4.52 -71.94 24.92
C VAL F 135 5.78 -71.73 24.06
N THR F 136 6.66 -70.85 24.51
CA THR F 136 7.88 -70.59 23.76
C THR F 136 9.05 -70.22 24.66
N SER F 137 10.26 -70.54 24.21
CA SER F 137 11.48 -70.19 24.94
C SER F 137 11.72 -68.70 24.98
N ALA F 138 11.04 -67.96 24.10
CA ALA F 138 11.16 -66.51 24.10
C ALA F 138 10.46 -65.89 25.30
N CYS F 139 9.46 -66.57 25.85
CA CYS F 139 8.70 -66.06 27.00
C CYS F 139 8.84 -67.06 28.11
N THR F 140 9.89 -66.89 28.91
CA THR F 140 10.24 -67.90 29.91
C THR F 140 9.60 -67.52 31.22
N TYR F 141 9.46 -68.50 32.08
CA TYR F 141 8.95 -68.31 33.44
C TYR F 141 9.65 -69.35 34.29
N ASN F 142 10.51 -68.87 35.20
CA ASN F 142 11.36 -69.75 36.00
C ASN F 142 12.21 -70.70 35.13
N GLY F 143 12.82 -70.15 34.08
CA GLY F 143 13.65 -70.96 33.17
C GLY F 143 12.96 -71.80 32.10
N GLY F 144 11.72 -72.24 32.33
CA GLY F 144 10.98 -73.03 31.34
C GLY F 144 10.18 -72.17 30.37
N SER F 145 9.78 -72.80 29.25
CA SER F 145 9.02 -72.13 28.20
C SER F 145 7.60 -71.85 28.66
N SER F 146 7.08 -70.70 28.23
CA SER F 146 5.78 -70.21 28.71
C SER F 146 5.21 -69.22 27.70
N PHE F 147 4.27 -68.39 28.13
CA PHE F 147 3.59 -67.48 27.22
C PHE F 147 2.83 -66.40 27.98
N TYR F 148 2.37 -65.39 27.27
CA TYR F 148 1.60 -64.32 27.87
C TYR F 148 0.42 -64.93 28.59
N ARG F 149 0.10 -64.42 29.76
CA ARG F 149 -1.02 -64.94 30.55
C ARG F 149 -2.38 -64.44 30.10
N ASN F 150 -2.43 -63.39 29.31
CA ASN F 150 -3.69 -62.90 28.79
C ASN F 150 -4.05 -63.41 27.39
N LEU F 151 -3.19 -64.24 26.82
CA LEU F 151 -3.38 -64.76 25.46
C LEU F 151 -3.22 -66.28 25.50
N LEU F 152 -3.86 -66.96 24.57
CA LEU F 152 -3.75 -68.41 24.49
C LEU F 152 -3.33 -68.81 23.12
N TRP F 153 -2.19 -69.50 23.03
CA TRP F 153 -1.64 -69.93 21.76
C TRP F 153 -2.14 -71.32 21.46
N ILE F 154 -3.12 -71.40 20.58
CA ILE F 154 -3.73 -72.65 20.19
C ILE F 154 -3.01 -73.21 18.97
N ILE F 155 -2.74 -74.52 19.01
CA ILE F 155 -2.25 -75.27 17.84
C ILE F 155 -3.07 -76.56 17.65
N LYS F 156 -2.92 -77.21 16.50
CA LYS F 156 -3.65 -78.43 16.23
C LYS F 156 -3.11 -79.58 17.06
N ILE F 157 -3.97 -80.54 17.33
CA ILE F 157 -3.49 -81.80 17.88
C ILE F 157 -2.82 -82.58 16.73
N ARG F 158 -1.71 -83.24 17.02
CA ARG F 158 -0.86 -83.80 15.95
C ARG F 158 -1.61 -84.73 14.98
N SER F 159 -2.42 -85.63 15.51
CA SER F 159 -3.17 -86.60 14.69
C SER F 159 -4.31 -85.97 13.89
N ASP F 160 -4.97 -84.95 14.45
CA ASP F 160 -6.22 -84.42 13.88
C ASP F 160 -6.02 -83.14 13.11
N PRO F 161 -6.94 -82.84 12.19
CA PRO F 161 -6.93 -81.49 11.63
C PRO F 161 -7.39 -80.43 12.66
N TYR F 162 -6.96 -79.20 12.42
CA TYR F 162 -7.39 -78.05 13.20
C TYR F 162 -8.84 -77.79 12.78
N SER F 163 -9.77 -78.10 13.69
CA SER F 163 -11.18 -77.91 13.43
C SER F 163 -11.53 -76.44 13.48
N LEU F 164 -12.61 -76.06 12.82
CA LEU F 164 -13.16 -74.73 13.00
C LEU F 164 -13.48 -74.58 14.49
N ILE F 165 -13.06 -73.47 15.09
CA ILE F 165 -13.30 -73.20 16.53
C ILE F 165 -14.02 -71.89 16.70
N LYS F 166 -14.84 -71.80 17.74
CA LYS F 166 -15.75 -70.68 17.92
C LYS F 166 -15.87 -70.31 19.38
N GLY F 167 -16.08 -69.02 19.61
CA GLY F 167 -16.26 -68.52 20.95
C GLY F 167 -16.98 -67.19 20.95
N THR F 168 -17.81 -66.96 21.98
CA THR F 168 -18.46 -65.68 22.09
C THR F 168 -18.38 -65.16 23.52
N TYR F 169 -18.41 -63.84 23.67
CA TYR F 169 -18.50 -63.22 24.99
C TYR F 169 -19.32 -61.96 24.85
N THR F 170 -20.16 -61.68 25.84
CA THR F 170 -20.97 -60.51 25.81
C THR F 170 -20.66 -59.68 27.03
N ASN F 171 -20.38 -58.40 26.80
CA ASN F 171 -20.15 -57.46 27.88
C ASN F 171 -21.50 -56.96 28.40
N THR F 172 -21.89 -57.50 29.55
CA THR F 172 -23.19 -57.18 30.16
C THR F 172 -23.06 -56.15 31.29
N GLY F 173 -21.85 -55.61 31.49
CA GLY F 173 -21.62 -54.60 32.51
C GLY F 173 -21.67 -53.21 31.93
N SER F 174 -21.34 -52.23 32.75
CA SER F 174 -21.32 -50.82 32.34
C SER F 174 -19.90 -50.34 32.04
N GLN F 175 -18.90 -51.16 32.36
CA GLN F 175 -17.51 -50.83 32.14
C GLN F 175 -17.10 -51.37 30.78
N SER F 176 -16.24 -50.62 30.09
CA SER F 176 -15.66 -51.08 28.86
C SER F 176 -14.63 -52.16 29.14
N ILE F 177 -14.34 -52.98 28.14
CA ILE F 177 -13.39 -54.05 28.32
C ILE F 177 -12.28 -53.96 27.31
N LEU F 178 -11.05 -54.05 27.82
CA LEU F 178 -9.84 -54.00 26.98
C LEU F 178 -9.38 -55.42 26.82
N TYR F 179 -9.21 -55.87 25.59
CA TYR F 179 -8.80 -57.24 25.34
C TYR F 179 -7.81 -57.32 24.18
N PHE F 180 -7.19 -58.49 24.04
CA PHE F 180 -6.08 -58.65 23.11
C PHE F 180 -6.22 -59.95 22.35
N TRP F 181 -5.68 -59.97 21.14
CA TRP F 181 -5.54 -61.21 20.40
C TRP F 181 -4.37 -61.06 19.45
N GLY F 182 -4.11 -62.11 18.68
CA GLY F 182 -2.99 -62.07 17.75
C GLY F 182 -3.17 -63.04 16.63
N VAL F 183 -2.38 -62.83 15.59
CA VAL F 183 -2.31 -63.76 14.48
C VAL F 183 -0.86 -64.20 14.42
N HIS F 184 -0.64 -65.52 14.41
CA HIS F 184 0.71 -66.04 14.34
C HIS F 184 1.12 -66.28 12.89
N HIS F 185 2.32 -65.81 12.55
CA HIS F 185 2.87 -65.94 11.21
C HIS F 185 4.11 -66.79 11.23
N PRO F 186 3.99 -68.05 10.84
CA PRO F 186 5.17 -68.89 10.72
C PRO F 186 6.11 -68.39 9.65
N PRO F 187 7.38 -68.81 9.69
CA PRO F 187 8.35 -68.36 8.70
C PRO F 187 8.30 -69.17 7.39
N ASP F 188 7.55 -70.27 7.36
CA ASP F 188 7.51 -71.14 6.18
C ASP F 188 6.27 -72.04 6.20
N ASP F 189 5.99 -72.66 5.05
CA ASP F 189 4.82 -73.53 4.89
C ASP F 189 4.91 -74.86 5.66
N VAL F 190 6.10 -75.32 6.00
CA VAL F 190 6.22 -76.60 6.73
C VAL F 190 5.81 -76.44 8.20
N GLU F 191 6.22 -75.33 8.81
CA GLU F 191 5.76 -75.00 10.16
C GLU F 191 4.25 -74.69 10.16
N GLN F 192 3.81 -73.90 9.18
CA GLN F 192 2.40 -73.64 9.03
C GLN F 192 1.61 -74.95 9.01
N ALA F 193 2.05 -75.91 8.22
CA ALA F 193 1.34 -77.18 8.11
C ALA F 193 1.34 -77.95 9.42
N ASN F 194 2.47 -77.92 10.09
CA ASN F 194 2.66 -78.59 11.35
C ASN F 194 1.71 -78.14 12.46
N LEU F 195 1.60 -76.82 12.61
CA LEU F 195 0.89 -76.19 13.72
C LEU F 195 -0.61 -75.96 13.47
N TYR F 196 -0.97 -75.67 12.23
CA TYR F 196 -2.36 -75.31 11.90
C TYR F 196 -2.94 -76.11 10.72
N GLY F 197 -2.19 -76.17 9.62
CA GLY F 197 -2.64 -76.90 8.43
C GLY F 197 -2.46 -76.05 7.19
N LEU F 198 -2.53 -76.69 6.04
CA LEU F 198 -2.38 -75.99 4.78
C LEU F 198 -3.74 -75.46 4.35
N GLY F 199 -3.78 -74.76 3.23
CA GLY F 199 -5.00 -74.18 2.74
C GLY F 199 -5.14 -72.80 3.31
N THR F 200 -6.22 -72.13 2.92
CA THR F 200 -6.59 -70.84 3.50
C THR F 200 -6.90 -71.02 4.98
N ARG F 201 -6.33 -70.14 5.79
CA ARG F 201 -6.58 -70.10 7.21
C ARG F 201 -6.93 -68.67 7.58
N TYR F 202 -7.76 -68.54 8.60
CA TYR F 202 -8.24 -67.22 8.98
C TYR F 202 -8.44 -67.10 10.50
N VAL F 203 -8.31 -65.86 10.95
CA VAL F 203 -8.65 -65.45 12.27
C VAL F 203 -9.73 -64.36 12.13
N ARG F 204 -10.93 -64.66 12.61
CA ARG F 204 -12.01 -63.74 12.50
C ARG F 204 -12.54 -63.31 13.84
N MET F 205 -12.69 -62.00 14.03
CA MET F 205 -13.24 -61.41 15.25
C MET F 205 -14.32 -60.40 14.86
N GLY F 206 -15.50 -60.51 15.47
CA GLY F 206 -16.63 -59.66 15.10
C GLY F 206 -17.37 -59.05 16.26
N THR F 207 -17.75 -57.79 16.13
CA THR F 207 -18.58 -57.12 17.14
C THR F 207 -19.62 -56.31 16.44
N GLU F 208 -20.48 -55.67 17.21
CA GLU F 208 -21.47 -54.78 16.60
C GLU F 208 -20.77 -53.68 15.77
N SER F 209 -19.53 -53.35 16.11
CA SER F 209 -18.85 -52.14 15.59
C SER F 209 -17.46 -52.34 15.02
N MET F 210 -16.89 -53.53 15.07
CA MET F 210 -15.55 -53.76 14.47
C MET F 210 -15.57 -55.11 13.78
N ASN F 211 -14.84 -55.21 12.68
CA ASN F 211 -14.75 -56.44 11.90
C ASN F 211 -13.29 -56.74 11.57
N PHE F 212 -12.91 -58.00 11.65
CA PHE F 212 -11.52 -58.39 11.60
C PHE F 212 -11.44 -59.77 10.97
N ALA F 213 -10.66 -59.87 9.93
CA ALA F 213 -10.49 -61.11 9.22
C ALA F 213 -9.14 -61.05 8.57
N LYS F 214 -8.25 -61.88 9.04
CA LYS F 214 -6.88 -61.89 8.54
C LYS F 214 -6.33 -63.30 8.56
N GLY F 215 -5.32 -63.50 7.74
CA GLY F 215 -4.68 -64.81 7.62
C GLY F 215 -3.20 -64.71 7.90
N PRO F 216 -2.53 -65.86 7.86
CA PRO F 216 -1.09 -65.89 8.00
C PRO F 216 -0.46 -65.15 6.87
N GLU F 217 0.63 -64.46 7.16
CA GLU F 217 1.44 -63.74 6.18
C GLU F 217 2.83 -64.37 6.28
N ILE F 218 2.91 -65.59 5.77
CA ILE F 218 4.10 -66.40 5.89
C ILE F 218 5.28 -65.80 5.13
N ALA F 219 6.45 -65.80 5.77
CA ALA F 219 7.69 -65.28 5.15
C ALA F 219 8.92 -65.66 5.95
N ASP F 220 10.00 -66.03 5.28
CA ASP F 220 11.24 -66.27 6.03
C ASP F 220 11.88 -64.95 6.38
N ARG F 221 12.29 -64.91 7.64
CA ARG F 221 12.84 -63.77 8.26
C ARG F 221 13.91 -64.25 9.20
N PRO F 222 14.83 -63.36 9.50
CA PRO F 222 15.77 -63.70 10.52
C PRO F 222 15.15 -63.89 11.95
N PRO F 223 15.85 -64.67 12.80
CA PRO F 223 15.33 -64.85 14.16
C PRO F 223 15.40 -63.55 14.95
N ALA F 224 14.38 -63.32 15.75
CA ALA F 224 14.38 -62.29 16.78
C ALA F 224 14.02 -62.98 18.10
N ASN F 225 14.73 -62.65 19.18
CA ASN F 225 14.61 -63.40 20.47
C ASN F 225 14.63 -64.94 20.28
N GLY F 226 15.44 -65.41 19.34
CA GLY F 226 15.54 -66.83 19.04
C GLY F 226 14.46 -67.45 18.19
N GLN F 227 13.60 -66.66 17.58
CA GLN F 227 12.42 -67.16 16.86
C GLN F 227 12.24 -66.55 15.47
N ARG F 228 12.00 -67.40 14.46
CA ARG F 228 11.83 -66.93 13.09
C ARG F 228 10.38 -66.61 12.84
N GLY F 229 9.50 -67.11 13.71
CA GLY F 229 8.07 -66.78 13.64
C GLY F 229 7.77 -65.42 14.23
N ARG F 230 6.54 -64.97 14.06
CA ARG F 230 6.12 -63.67 14.52
C ARG F 230 4.66 -63.72 14.92
N ILE F 231 4.25 -62.80 15.77
CA ILE F 231 2.85 -62.62 16.08
C ILE F 231 2.50 -61.16 15.87
N ASP F 232 1.43 -60.89 15.13
CA ASP F 232 0.85 -59.56 15.10
C ASP F 232 -0.15 -59.51 16.23
N TYR F 233 0.10 -58.65 17.21
CA TYR F 233 -0.76 -58.51 18.34
C TYR F 233 -1.75 -57.37 18.09
N TYR F 234 -2.99 -57.55 18.49
CA TYR F 234 -4.04 -56.55 18.32
C TYR F 234 -4.72 -56.33 19.64
N TRP F 235 -5.29 -55.15 19.81
CA TRP F 235 -6.08 -54.80 20.98
C TRP F 235 -7.36 -54.08 20.59
N SER F 236 -8.33 -54.13 21.46
CA SER F 236 -9.57 -53.45 21.17
C SER F 236 -10.34 -53.30 22.41
N VAL F 237 -11.39 -52.51 22.33
CA VAL F 237 -12.24 -52.27 23.47
C VAL F 237 -13.65 -52.75 23.14
N LEU F 238 -14.13 -53.74 23.88
CA LEU F 238 -15.53 -54.20 23.75
C LEU F 238 -16.38 -53.32 24.62
N LYS F 239 -17.27 -52.56 23.99
CA LYS F 239 -18.07 -51.55 24.73
C LYS F 239 -19.23 -52.17 25.50
N PRO F 240 -19.79 -51.46 26.47
CA PRO F 240 -20.86 -52.08 27.26
C PRO F 240 -22.00 -52.43 26.35
N GLY F 241 -22.52 -53.64 26.50
CA GLY F 241 -23.59 -54.16 25.64
C GLY F 241 -23.11 -54.96 24.45
N GLU F 242 -21.89 -54.72 23.98
CA GLU F 242 -21.44 -55.38 22.76
C GLU F 242 -21.11 -56.81 23.00
N THR F 243 -21.12 -57.60 21.94
CA THR F 243 -20.79 -59.01 21.98
C THR F 243 -19.66 -59.27 20.98
N LEU F 244 -18.74 -60.13 21.36
CA LEU F 244 -17.59 -60.46 20.52
C LEU F 244 -17.69 -61.90 20.07
N ASN F 245 -17.51 -62.15 18.77
CA ASN F 245 -17.49 -63.52 18.28
C ASN F 245 -16.18 -63.80 17.65
N VAL F 246 -15.69 -65.00 17.92
CA VAL F 246 -14.36 -65.40 17.51
C VAL F 246 -14.54 -66.69 16.75
N GLU F 247 -13.93 -66.75 15.57
CA GLU F 247 -13.92 -67.98 14.76
C GLU F 247 -12.59 -68.08 14.02
N SER F 248 -12.00 -69.26 14.07
CA SER F 248 -10.75 -69.50 13.39
C SER F 248 -10.57 -70.97 13.09
N ASN F 249 -9.81 -71.21 12.04
CA ASN F 249 -9.34 -72.54 11.69
C ASN F 249 -7.82 -72.56 11.62
N GLY F 250 -7.17 -71.55 12.19
CA GLY F 250 -5.73 -71.55 12.29
C GLY F 250 -5.12 -70.20 12.61
N ASN F 251 -3.95 -70.24 13.23
CA ASN F 251 -3.09 -69.09 13.44
C ASN F 251 -3.60 -68.10 14.48
N LEU F 252 -4.61 -68.49 15.25
CA LEU F 252 -5.23 -67.61 16.23
C LEU F 252 -4.43 -67.71 17.50
N ILE F 253 -4.07 -66.55 18.03
CA ILE F 253 -3.64 -66.37 19.40
C ILE F 253 -4.87 -65.73 20.04
N ALA F 254 -5.59 -66.53 20.80
CA ALA F 254 -6.91 -66.16 21.26
C ALA F 254 -6.81 -65.28 22.47
N PRO F 255 -7.81 -64.40 22.67
CA PRO F 255 -7.90 -63.73 23.97
C PRO F 255 -8.20 -64.74 25.06
N TRP F 256 -7.60 -64.57 26.23
CA TRP F 256 -7.83 -65.47 27.33
C TRP F 256 -8.37 -64.67 28.49
N TYR F 257 -7.54 -63.76 29.02
CA TYR F 257 -7.97 -62.84 30.08
C TYR F 257 -7.97 -61.42 29.51
N ALA F 258 -8.91 -60.61 30.00
CA ALA F 258 -9.05 -59.25 29.56
C ALA F 258 -9.31 -58.35 30.76
N TYR F 259 -9.50 -57.06 30.53
CA TYR F 259 -9.63 -56.12 31.63
C TYR F 259 -10.89 -55.27 31.54
N LYS F 260 -11.75 -55.36 32.55
CA LYS F 260 -12.80 -54.36 32.71
C LYS F 260 -12.09 -53.15 33.26
N PHE F 261 -12.35 -51.96 32.73
CA PHE F 261 -11.65 -50.77 33.21
C PHE F 261 -12.55 -49.55 33.35
N THR F 262 -12.04 -48.58 34.12
CA THR F 262 -12.69 -47.29 34.32
C THR F 262 -11.76 -46.18 33.87
N SER F 263 -12.34 -45.07 33.42
CA SER F 263 -11.58 -43.93 32.92
C SER F 263 -11.42 -42.88 34.00
N SER F 264 -10.20 -42.40 34.17
CA SER F 264 -9.89 -41.50 35.28
C SER F 264 -10.64 -40.20 35.17
N ARG F 265 -11.03 -39.67 36.33
CA ARG F 265 -11.56 -38.32 36.45
C ARG F 265 -10.47 -37.30 36.35
N HIS F 266 -9.22 -37.76 36.46
CA HIS F 266 -8.06 -36.86 36.53
C HIS F 266 -7.12 -37.13 35.37
N LYS F 267 -6.26 -36.17 35.11
CA LYS F 267 -5.25 -36.39 34.14
C LYS F 267 -4.31 -37.41 34.77
N GLY F 268 -3.95 -38.41 33.98
CA GLY F 268 -2.93 -39.40 34.37
C GLY F 268 -1.74 -39.26 33.46
N ALA F 269 -0.85 -40.24 33.54
CA ALA F 269 0.39 -40.22 32.79
C ALA F 269 1.16 -41.52 32.93
N ILE F 270 1.99 -41.76 31.93
CA ILE F 270 3.01 -42.77 32.02
C ILE F 270 4.34 -42.05 32.02
N PHE F 271 5.01 -42.09 33.17
CA PHE F 271 6.38 -41.56 33.29
C PHE F 271 7.43 -42.61 33.02
N ARG F 272 8.35 -42.32 32.12
CA ARG F 272 9.50 -43.19 31.93
C ARG F 272 10.61 -42.62 32.79
N SER F 273 10.87 -43.23 33.93
CA SER F 273 11.84 -42.69 34.86
C SER F 273 12.39 -43.74 35.78
N ASP F 274 13.58 -43.51 36.28
CA ASP F 274 14.27 -44.45 37.18
C ASP F 274 14.18 -43.91 38.66
N LEU F 275 13.48 -42.80 38.86
CA LEU F 275 13.32 -42.23 40.21
C LEU F 275 12.53 -43.15 41.17
N PRO F 276 12.91 -43.19 42.45
CA PRO F 276 12.28 -44.09 43.39
C PRO F 276 10.86 -43.70 43.77
N ILE F 277 10.00 -44.68 43.99
CA ILE F 277 8.67 -44.42 44.54
C ILE F 277 8.79 -44.52 46.05
N GLU F 278 8.35 -43.50 46.76
CA GLU F 278 8.51 -43.47 48.21
C GLU F 278 7.18 -43.19 48.89
N ASN F 279 7.16 -43.29 50.21
CA ASN F 279 6.02 -42.97 51.02
C ASN F 279 5.92 -41.47 51.26
N CYS F 280 5.30 -40.76 50.33
CA CYS F 280 5.15 -39.33 50.44
C CYS F 280 3.91 -38.92 49.67
N ASP F 281 3.55 -37.65 49.81
CA ASP F 281 2.39 -37.08 49.12
C ASP F 281 2.82 -35.88 48.37
N ALA F 282 2.25 -35.68 47.19
CA ALA F 282 2.56 -34.51 46.40
C ALA F 282 1.33 -33.89 45.79
N VAL F 283 1.22 -32.58 45.91
CA VAL F 283 0.13 -31.84 45.27
C VAL F 283 0.42 -31.79 43.79
N CYS F 284 1.71 -31.64 43.51
CA CYS F 284 2.24 -31.55 42.15
C CYS F 284 3.33 -32.59 41.93
N GLN F 285 3.13 -33.48 40.97
CA GLN F 285 4.13 -34.52 40.70
C GLN F 285 4.59 -34.42 39.26
N THR F 286 5.85 -34.02 39.04
CA THR F 286 6.37 -33.92 37.68
C THR F 286 7.23 -35.13 37.38
N LEU F 287 7.45 -35.33 36.10
CA LEU F 287 8.30 -36.41 35.60
C LEU F 287 9.64 -36.50 36.28
N THR F 288 10.15 -35.38 36.79
CA THR F 288 11.49 -35.36 37.38
C THR F 288 11.45 -35.10 38.85
N GLY F 289 10.27 -35.18 39.47
CA GLY F 289 10.16 -35.14 40.91
C GLY F 289 8.96 -34.39 41.40
N ALA F 290 8.74 -34.45 42.71
CA ALA F 290 7.62 -33.79 43.35
C ALA F 290 7.95 -32.38 43.75
N ILE F 291 6.94 -31.53 43.63
CA ILE F 291 7.01 -30.15 44.00
C ILE F 291 5.98 -29.84 45.08
N ASN F 292 6.44 -29.23 46.18
CA ASN F 292 5.54 -28.66 47.19
C ASN F 292 5.87 -27.20 47.33
N THR F 293 4.98 -26.36 46.84
CA THR F 293 5.29 -24.97 46.70
C THR F 293 4.03 -24.18 46.61
N ASN F 294 4.14 -22.94 47.05
CA ASN F 294 3.07 -21.99 46.92
C ASN F 294 3.34 -21.07 45.74
N LYS F 295 4.53 -21.19 45.15
CA LYS F 295 4.92 -20.35 44.04
C LYS F 295 4.10 -20.71 42.83
N THR F 296 4.13 -19.83 41.83
CA THR F 296 3.20 -19.91 40.69
C THR F 296 3.87 -20.26 39.39
N PHE F 297 5.19 -20.11 39.32
CA PHE F 297 5.96 -20.66 38.19
C PHE F 297 6.91 -21.70 38.69
N GLN F 298 7.56 -22.39 37.76
CA GLN F 298 8.26 -23.62 38.05
C GLN F 298 9.14 -23.96 36.86
N ASN F 299 10.42 -24.23 37.08
CA ASN F 299 11.31 -24.56 35.95
C ASN F 299 11.82 -25.99 36.02
N VAL F 300 11.06 -26.84 36.71
CA VAL F 300 11.45 -28.24 36.98
C VAL F 300 11.16 -29.18 35.81
N SER F 301 9.91 -29.23 35.36
CA SER F 301 9.53 -30.03 34.21
C SER F 301 8.18 -29.64 33.63
N PRO F 302 8.05 -29.76 32.32
CA PRO F 302 6.79 -29.42 31.68
C PRO F 302 5.77 -30.53 31.80
N ILE F 303 6.16 -31.68 32.32
CA ILE F 303 5.28 -32.86 32.33
C ILE F 303 4.93 -33.23 33.73
N TRP F 304 3.65 -33.29 34.02
CA TRP F 304 3.21 -33.57 35.37
C TRP F 304 1.81 -34.07 35.49
N ILE F 305 1.46 -34.53 36.68
CA ILE F 305 0.08 -34.66 37.07
C ILE F 305 -0.09 -33.94 38.37
N GLY F 306 -1.36 -33.73 38.76
CA GLY F 306 -1.69 -32.98 39.95
C GLY F 306 -1.84 -31.52 39.57
N GLU F 307 -1.66 -30.65 40.56
CA GLU F 307 -1.79 -29.21 40.40
C GLU F 307 -0.39 -28.61 40.51
N CYS F 308 0.20 -28.37 39.37
CA CYS F 308 1.50 -27.77 39.33
C CYS F 308 1.43 -26.35 38.87
N PRO F 309 2.42 -25.56 39.25
CA PRO F 309 2.58 -24.27 38.63
C PRO F 309 3.06 -24.31 37.19
N LYS F 310 2.84 -23.21 36.48
CA LYS F 310 3.24 -23.06 35.09
C LYS F 310 4.74 -23.30 34.85
N TYR F 311 5.06 -24.11 33.84
CA TYR F 311 6.47 -24.36 33.48
C TYR F 311 6.99 -23.17 32.68
N VAL F 312 8.20 -22.69 33.00
CA VAL F 312 8.90 -21.73 32.19
C VAL F 312 10.37 -22.08 32.14
N LYS F 313 11.09 -21.51 31.18
CA LYS F 313 12.54 -21.72 31.06
C LYS F 313 13.38 -20.89 32.01
N SER F 314 12.81 -19.80 32.52
CA SER F 314 13.53 -18.88 33.41
C SER F 314 14.32 -19.57 34.52
N LYS F 315 15.44 -18.96 34.91
CA LYS F 315 16.23 -19.40 36.06
C LYS F 315 15.79 -18.70 37.33
N SER F 316 15.13 -17.55 37.17
CA SER F 316 14.53 -16.85 38.31
C SER F 316 13.51 -15.81 37.85
N LEU F 317 12.57 -15.52 38.73
CA LEU F 317 11.58 -14.48 38.50
C LEU F 317 11.42 -13.72 39.80
N LYS F 318 12.43 -12.91 40.10
CA LYS F 318 12.46 -12.15 41.36
C LYS F 318 11.67 -10.84 41.27
N LEU F 319 10.60 -10.75 42.05
CA LEU F 319 9.69 -9.63 42.04
C LEU F 319 9.98 -8.77 43.24
N ALA F 320 10.31 -7.51 43.02
CA ALA F 320 10.49 -6.57 44.10
C ALA F 320 9.17 -6.33 44.84
N THR F 321 9.22 -6.44 46.18
CA THR F 321 8.10 -6.08 47.06
C THR F 321 8.45 -4.93 48.01
N GLY F 322 9.72 -4.52 48.05
CA GLY F 322 10.16 -3.47 48.96
C GLY F 322 10.77 -2.31 48.21
N LEU F 323 11.66 -1.58 48.88
CA LEU F 323 12.26 -0.37 48.32
C LEU F 323 13.66 -0.65 47.82
N ARG F 324 14.22 0.27 47.04
CA ARG F 324 15.64 0.25 46.75
C ARG F 324 16.40 0.28 48.05
N GLY F 344 20.02 8.75 50.81
CA GLY F 344 19.76 7.34 51.04
C GLY F 344 18.65 6.98 52.04
N GLY F 345 18.68 5.73 52.49
CA GLY F 345 17.67 5.18 53.39
C GLY F 345 18.12 5.12 54.84
N TRP F 346 17.16 4.83 55.72
CA TRP F 346 17.36 4.82 57.16
C TRP F 346 17.24 3.42 57.75
N THR F 347 18.37 2.80 58.08
CA THR F 347 18.34 1.47 58.72
C THR F 347 17.57 1.56 60.05
N GLY F 348 17.66 2.72 60.69
CA GLY F 348 16.98 2.95 61.95
C GLY F 348 15.46 3.07 61.91
N MET F 349 14.82 3.11 60.74
CA MET F 349 13.37 3.37 60.75
C MET F 349 12.55 2.19 61.27
N VAL F 350 12.73 1.00 60.68
CA VAL F 350 12.18 -0.25 61.22
C VAL F 350 10.63 -0.35 61.32
N ASP F 351 9.98 0.64 61.94
CA ASP F 351 8.51 0.82 61.95
C ASP F 351 7.76 0.42 60.66
N GLY F 352 8.21 0.97 59.53
CA GLY F 352 7.50 0.86 58.26
C GLY F 352 8.39 1.20 57.09
N TRP F 353 7.79 1.70 56.01
CA TRP F 353 8.50 1.92 54.76
C TRP F 353 8.88 3.38 54.55
N TYR F 354 7.92 4.27 54.75
CA TYR F 354 8.16 5.70 54.63
C TYR F 354 7.83 6.40 55.94
N GLY F 355 8.59 7.44 56.27
CA GLY F 355 8.32 8.16 57.50
C GLY F 355 9.20 9.35 57.79
N TYR F 356 9.33 9.64 59.09
CA TYR F 356 9.92 10.87 59.57
C TYR F 356 11.04 10.61 60.58
N HIS F 357 12.01 11.52 60.64
CA HIS F 357 12.96 11.61 61.77
C HIS F 357 12.99 13.06 62.23
N HIS F 358 12.69 13.28 63.52
CA HIS F 358 12.60 14.61 64.10
C HIS F 358 13.72 14.80 65.12
N GLU F 359 14.02 16.05 65.45
CA GLU F 359 14.93 16.39 66.55
C GLU F 359 14.54 17.75 67.19
N ASN F 360 14.18 17.72 68.47
CA ASN F 360 13.88 18.93 69.24
C ASN F 360 14.53 18.82 70.62
N SER F 361 14.14 19.70 71.56
CA SER F 361 14.68 19.68 72.92
C SER F 361 14.18 18.47 73.75
N GLN F 362 13.04 17.88 73.37
CA GLN F 362 12.53 16.66 74.01
C GLN F 362 13.12 15.35 73.41
N GLY F 363 14.25 15.44 72.71
CA GLY F 363 14.92 14.26 72.16
C GLY F 363 14.79 14.19 70.65
N SER F 364 14.93 12.97 70.12
CA SER F 364 14.86 12.73 68.67
C SER F 364 14.40 11.30 68.40
N GLY F 365 14.17 10.95 67.13
CA GLY F 365 13.78 9.57 66.81
C GLY F 365 13.14 9.41 65.45
N TYR F 366 12.90 8.14 65.08
CA TYR F 366 12.27 7.79 63.81
C TYR F 366 10.84 7.30 64.02
N ALA F 367 9.96 7.54 63.06
CA ALA F 367 8.57 7.06 63.12
C ALA F 367 7.96 6.96 61.71
N ALA F 368 7.47 5.78 61.34
CA ALA F 368 6.88 5.57 60.01
C ALA F 368 5.52 6.24 59.88
N ASP F 369 5.18 6.63 58.66
CA ASP F 369 3.84 7.11 58.38
C ASP F 369 2.94 5.90 58.08
N LYS F 370 2.14 5.53 59.08
CA LYS F 370 1.27 4.36 59.00
C LYS F 370 0.39 4.35 57.75
N GLU F 371 -0.30 5.45 57.48
CA GLU F 371 -1.29 5.50 56.39
C GLU F 371 -0.68 5.27 54.99
N SER F 372 0.44 5.92 54.67
CA SER F 372 1.10 5.75 53.37
C SER F 372 1.90 4.44 53.27
N THR F 373 2.52 4.00 54.38
CA THR F 373 3.13 2.67 54.43
C THR F 373 2.09 1.59 54.13
N GLN F 374 0.94 1.65 54.80
CA GLN F 374 -0.10 0.63 54.65
C GLN F 374 -0.73 0.61 53.24
N LYS F 375 -1.00 1.79 52.68
CA LYS F 375 -1.55 1.91 51.33
C LYS F 375 -0.63 1.28 50.29
N ALA F 376 0.69 1.46 50.46
CA ALA F 376 1.70 0.83 49.58
C ALA F 376 1.83 -0.67 49.80
N ILE F 377 1.79 -1.13 51.05
CA ILE F 377 1.81 -2.57 51.36
C ILE F 377 0.61 -3.25 50.68
N ASP F 378 -0.57 -2.64 50.78
CA ASP F 378 -1.80 -3.20 50.19
C ASP F 378 -1.75 -3.24 48.66
N GLY F 379 -1.25 -2.18 48.03
CA GLY F 379 -1.08 -2.13 46.58
C GLY F 379 -0.13 -3.20 46.04
N ILE F 380 0.96 -3.46 46.76
CA ILE F 380 1.96 -4.47 46.38
C ILE F 380 1.40 -5.88 46.58
N THR F 381 0.82 -6.12 47.76
CA THR F 381 0.18 -7.39 48.05
C THR F 381 -0.88 -7.70 47.00
N ASN F 382 -1.67 -6.72 46.63
CA ASN F 382 -2.67 -6.87 45.57
C ASN F 382 -2.03 -7.20 44.22
N LYS F 383 -0.98 -6.46 43.87
CA LYS F 383 -0.20 -6.73 42.65
C LYS F 383 0.28 -8.19 42.61
N VAL F 384 0.91 -8.65 43.70
CA VAL F 384 1.39 -10.02 43.77
C VAL F 384 0.24 -10.99 43.51
N ASN F 385 -0.84 -10.85 44.28
CA ASN F 385 -2.01 -11.71 44.12
C ASN F 385 -2.65 -11.63 42.77
N SER F 386 -2.64 -10.44 42.16
CA SER F 386 -3.15 -10.27 40.80
C SER F 386 -2.30 -11.05 39.79
N ILE F 387 -0.99 -10.97 39.95
CA ILE F 387 -0.07 -11.76 39.13
C ILE F 387 -0.34 -13.24 39.34
N ILE F 388 -0.33 -13.68 40.58
CA ILE F 388 -0.69 -15.07 40.89
C ILE F 388 -2.02 -15.50 40.22
N ASP F 389 -3.02 -14.65 40.31
CA ASP F 389 -4.32 -14.93 39.73
C ASP F 389 -4.26 -15.08 38.20
N LYS F 390 -3.57 -14.16 37.52
CA LYS F 390 -3.55 -14.16 36.05
C LYS F 390 -2.68 -15.24 35.45
N MET F 391 -1.78 -15.79 36.26
CA MET F 391 -0.91 -16.86 35.82
C MET F 391 -1.44 -18.20 36.27
N ASN F 392 -2.72 -18.25 36.61
CA ASN F 392 -3.32 -19.43 37.20
C ASN F 392 -3.91 -20.37 36.18
N THR F 393 -3.17 -20.57 35.09
CA THR F 393 -3.49 -21.62 34.12
C THR F 393 -2.15 -22.25 33.71
N GLN F 394 -2.21 -23.48 33.24
CA GLN F 394 -1.00 -24.12 32.75
C GLN F 394 -1.23 -24.73 31.38
N PHE F 395 -0.29 -24.49 30.47
CA PHE F 395 -0.20 -25.33 29.32
C PHE F 395 0.38 -26.65 29.80
N GLU F 396 -0.21 -27.76 29.33
CA GLU F 396 0.14 -29.10 29.82
C GLU F 396 0.68 -29.97 28.70
N ALA F 397 2.00 -30.08 28.62
CA ALA F 397 2.66 -30.99 27.69
C ALA F 397 2.35 -32.43 28.06
N VAL F 398 2.26 -33.31 27.06
CA VAL F 398 1.93 -34.70 27.31
C VAL F 398 2.95 -35.59 26.68
N GLU F 399 3.23 -36.68 27.36
CA GLU F 399 4.23 -37.67 26.99
C GLU F 399 3.68 -38.76 26.06
N HIS F 400 2.82 -38.41 25.10
CA HIS F 400 2.29 -39.42 24.19
C HIS F 400 3.43 -39.86 23.30
N GLU F 401 3.32 -41.06 22.75
CA GLU F 401 4.35 -41.59 21.91
C GLU F 401 3.96 -41.61 20.45
N PHE F 402 4.99 -41.64 19.61
CA PHE F 402 4.83 -41.59 18.17
C PHE F 402 5.72 -42.63 17.52
N SER F 403 5.18 -43.33 16.52
CA SER F 403 5.93 -44.35 15.83
C SER F 403 6.94 -43.71 14.91
N ASN F 404 7.76 -44.54 14.35
CA ASN F 404 8.73 -44.11 13.37
C ASN F 404 8.08 -43.64 12.08
N LEU F 405 6.81 -43.99 11.87
CA LEU F 405 6.05 -43.42 10.76
C LEU F 405 5.17 -42.25 11.16
N GLU F 406 5.51 -41.57 12.27
CA GLU F 406 4.74 -40.45 12.73
C GLU F 406 5.70 -39.32 13.10
N LYS F 407 6.75 -39.14 12.31
CA LYS F 407 7.73 -38.10 12.58
C LYS F 407 7.07 -36.75 12.49
N ARG F 408 6.20 -36.59 11.51
CA ARG F 408 5.57 -35.30 11.27
C ARG F 408 4.67 -34.86 12.41
N ILE F 409 3.75 -35.72 12.88
CA ILE F 409 2.91 -35.29 14.01
C ILE F 409 3.70 -35.24 15.29
N SER F 410 4.71 -36.07 15.41
CA SER F 410 5.61 -35.93 16.55
C SER F 410 6.28 -34.59 16.54
N ASN F 411 6.76 -34.15 15.39
CA ASN F 411 7.44 -32.86 15.35
C ASN F 411 6.45 -31.73 15.55
N LEU F 412 5.23 -31.96 15.08
CA LEU F 412 4.16 -30.97 15.25
C LEU F 412 3.88 -30.76 16.75
N ASN F 413 3.68 -31.85 17.47
CA ASN F 413 3.56 -31.79 18.90
C ASN F 413 4.71 -31.09 19.58
N LYS F 414 5.93 -31.44 19.20
CA LYS F 414 7.11 -30.80 19.79
C LYS F 414 7.16 -29.29 19.57
N ARG F 415 6.93 -28.85 18.35
CA ARG F 415 6.98 -27.42 18.05
C ARG F 415 5.87 -26.65 18.76
N MET F 416 4.73 -27.30 18.92
CA MET F 416 3.66 -26.71 19.67
C MET F 416 4.03 -26.53 21.15
N GLU F 417 4.50 -27.59 21.78
CA GLU F 417 4.87 -27.51 23.18
C GLU F 417 5.96 -26.51 23.43
N ASP F 418 6.97 -26.45 22.57
CA ASP F 418 8.03 -25.42 22.72
C ASP F 418 7.51 -24.02 22.38
N GLY F 419 6.55 -23.95 21.48
CA GLY F 419 5.90 -22.70 21.17
C GLY F 419 5.30 -22.07 22.42
N PHE F 420 4.44 -22.80 23.13
CA PHE F 420 3.77 -22.21 24.28
C PHE F 420 4.73 -21.91 25.41
N LEU F 421 5.72 -22.76 25.54
CA LEU F 421 6.72 -22.52 26.53
C LEU F 421 7.43 -21.16 26.26
N ASP F 422 7.72 -20.86 25.01
CA ASP F 422 8.40 -19.60 24.74
C ASP F 422 7.46 -18.43 24.97
N VAL F 423 6.18 -18.56 24.67
CA VAL F 423 5.32 -17.43 24.91
C VAL F 423 5.13 -17.25 26.42
N TRP F 424 4.96 -18.33 27.18
CA TRP F 424 4.73 -18.10 28.61
C TRP F 424 5.96 -17.63 29.36
N THR F 425 7.12 -18.14 28.98
CA THR F 425 8.34 -17.63 29.52
C THR F 425 8.47 -16.12 29.25
N TYR F 426 8.28 -15.71 28.00
CA TYR F 426 8.35 -14.29 27.67
C TYR F 426 7.35 -13.50 28.50
N ASN F 427 6.11 -13.95 28.53
CA ASN F 427 5.10 -13.26 29.32
C ASN F 427 5.50 -13.05 30.77
N ALA F 428 6.02 -14.09 31.39
CA ALA F 428 6.42 -14.00 32.78
C ALA F 428 7.63 -13.11 32.99
N GLU F 429 8.68 -13.33 32.20
CA GLU F 429 9.90 -12.54 32.35
C GLU F 429 9.60 -11.06 32.15
N LEU F 430 8.82 -10.77 31.12
CA LEU F 430 8.51 -9.39 30.77
C LEU F 430 7.67 -8.72 31.83
N LEU F 431 6.73 -9.45 32.39
CA LEU F 431 5.88 -8.88 33.44
C LEU F 431 6.63 -8.50 34.73
N VAL F 432 7.51 -9.39 35.18
CA VAL F 432 8.36 -9.09 36.31
C VAL F 432 9.23 -7.84 36.07
N LEU F 433 9.95 -7.78 34.95
CA LEU F 433 10.74 -6.59 34.62
C LEU F 433 9.91 -5.30 34.66
N LEU F 434 8.74 -5.31 34.03
CA LEU F 434 7.91 -4.11 33.92
C LEU F 434 7.28 -3.70 35.22
N GLU F 435 6.73 -4.64 35.95
CA GLU F 435 6.02 -4.31 37.15
C GLU F 435 7.06 -4.08 38.36
N ASN F 436 8.30 -4.55 38.24
CA ASN F 436 9.36 -4.12 39.18
C ASN F 436 9.69 -2.64 39.04
N GLU F 437 9.81 -2.18 37.81
CA GLU F 437 10.07 -0.77 37.59
C GLU F 437 8.93 0.08 38.14
N ARG F 438 7.69 -0.37 37.96
CA ARG F 438 6.57 0.37 38.53
C ARG F 438 6.61 0.37 40.04
N THR F 439 6.89 -0.77 40.63
CA THR F 439 6.98 -0.86 42.08
C THR F 439 7.98 0.15 42.66
N LEU F 440 9.18 0.21 42.09
CA LEU F 440 10.22 1.14 42.59
C LEU F 440 9.92 2.61 42.31
N ASP F 441 9.17 2.92 41.25
CA ASP F 441 8.73 4.28 40.99
C ASP F 441 7.67 4.67 42.02
N MET F 442 6.75 3.76 42.32
CA MET F 442 5.72 4.00 43.34
C MET F 442 6.36 4.41 44.69
N HIS F 443 7.48 3.82 45.07
CA HIS F 443 8.18 4.23 46.30
C HIS F 443 8.69 5.66 46.19
N ASP F 444 9.49 5.94 45.17
CA ASP F 444 9.99 7.28 44.93
C ASP F 444 8.87 8.31 45.10
N ALA F 445 7.70 8.04 44.53
CA ALA F 445 6.58 8.99 44.53
C ALA F 445 5.98 9.14 45.93
N ASN F 446 5.80 8.03 46.64
CA ASN F 446 5.22 8.08 47.98
C ASN F 446 6.04 8.90 48.97
N VAL F 447 7.36 8.71 48.91
CA VAL F 447 8.32 9.51 49.68
C VAL F 447 8.19 10.99 49.29
N LYS F 448 8.21 11.29 48.01
CA LYS F 448 8.07 12.66 47.52
C LYS F 448 6.80 13.29 48.06
N ASN F 449 5.71 12.53 48.12
CA ASN F 449 4.43 13.05 48.64
C ASN F 449 4.46 13.50 50.09
N LEU F 450 5.08 12.70 50.94
CA LEU F 450 5.23 13.10 52.32
C LEU F 450 6.06 14.37 52.45
N HIS F 451 7.18 14.41 51.74
CA HIS F 451 8.07 15.55 51.74
C HIS F 451 7.34 16.80 51.31
N GLU F 452 6.53 16.70 50.27
CA GLU F 452 5.79 17.89 49.81
C GLU F 452 4.63 18.28 50.69
N LYS F 453 4.02 17.32 51.36
CA LYS F 453 2.95 17.64 52.34
C LYS F 453 3.47 18.48 53.49
N VAL F 454 4.66 18.09 53.96
CA VAL F 454 5.39 18.87 54.94
C VAL F 454 5.81 20.25 54.41
N LYS F 455 6.46 20.31 53.25
CA LYS F 455 6.91 21.58 52.66
C LYS F 455 5.80 22.60 52.52
N SER F 456 4.69 22.22 51.89
CA SER F 456 3.54 23.14 51.71
C SER F 456 3.06 23.73 53.03
N GLN F 457 3.09 22.92 54.10
CA GLN F 457 2.67 23.38 55.43
C GLN F 457 3.59 24.45 56.07
N LEU F 458 4.90 24.22 56.01
CA LEU F 458 5.87 25.08 56.68
C LEU F 458 6.24 26.35 55.94
N ARG F 459 6.00 26.39 54.63
CA ARG F 459 6.39 27.53 53.79
C ARG F 459 7.80 28.04 54.18
N ASP F 460 7.92 29.29 54.63
CA ASP F 460 9.22 29.85 54.98
C ASP F 460 9.48 29.90 56.51
N ASN F 461 8.64 29.23 57.31
CA ASN F 461 8.97 28.95 58.74
C ASN F 461 9.99 27.84 58.94
N ALA F 462 10.55 27.33 57.85
CA ALA F 462 11.61 26.35 57.92
C ALA F 462 12.40 26.35 56.61
N LYS F 463 13.62 25.84 56.66
CA LYS F 463 14.53 25.89 55.53
C LYS F 463 14.54 24.52 54.89
N ASP F 464 14.55 24.47 53.56
CA ASP F 464 14.50 23.19 52.86
C ASP F 464 15.79 22.34 53.00
N LEU F 465 16.95 22.92 52.73
CA LEU F 465 18.23 22.21 52.62
C LEU F 465 18.41 21.27 51.37
N GLY F 466 17.37 21.10 50.53
CA GLY F 466 17.43 20.34 49.26
C GLY F 466 17.81 18.87 49.43
N ASN F 467 17.44 18.34 50.58
CA ASN F 467 18.13 17.23 51.22
C ASN F 467 17.18 16.27 51.88
N GLY F 468 15.91 16.65 51.95
CA GLY F 468 14.90 15.80 52.53
C GLY F 468 14.51 16.21 53.93
N CYS F 469 15.33 17.03 54.58
CA CYS F 469 15.02 17.53 55.92
C CYS F 469 14.65 19.00 55.90
N PHE F 470 13.98 19.43 56.97
CA PHE F 470 13.64 20.82 57.14
C PHE F 470 14.17 21.31 58.48
N GLU F 471 14.92 22.42 58.48
CA GLU F 471 15.37 23.04 59.71
C GLU F 471 14.40 24.14 60.09
N PHE F 472 13.82 24.00 61.28
CA PHE F 472 12.82 24.96 61.74
C PHE F 472 13.47 26.27 62.15
N TRP F 473 12.93 27.38 61.63
CA TRP F 473 13.31 28.70 62.08
C TRP F 473 12.73 29.02 63.47
N HIS F 474 12.10 28.04 64.12
CA HIS F 474 11.52 28.24 65.43
C HIS F 474 11.61 26.98 66.28
N LYS F 475 11.09 27.07 67.50
CA LYS F 475 11.00 25.91 68.37
C LYS F 475 9.80 25.04 67.95
N CYS F 476 10.04 23.74 67.81
CA CYS F 476 8.97 22.78 67.46
C CYS F 476 8.95 21.60 68.43
N ASP F 477 8.08 21.74 69.43
CA ASP F 477 7.75 20.71 70.43
C ASP F 477 7.20 19.43 69.81
N ASN F 478 7.09 18.35 70.60
CA ASN F 478 6.47 17.11 70.12
C ASN F 478 5.04 17.30 69.66
N GLU F 479 4.32 18.24 70.27
CA GLU F 479 2.96 18.57 69.88
C GLU F 479 2.95 19.28 68.52
N CYS F 480 3.95 20.15 68.30
CA CYS F 480 4.16 20.80 67.00
C CYS F 480 4.53 19.78 65.92
N ILE F 481 5.43 18.84 66.23
CA ILE F 481 5.93 17.86 65.24
C ILE F 481 4.79 16.93 64.81
N ASN F 482 3.96 16.54 65.77
CA ASN F 482 2.77 15.73 65.47
C ASN F 482 1.69 16.49 64.71
N SER F 483 1.59 17.79 64.95
CA SER F 483 0.68 18.65 64.18
C SER F 483 1.12 18.70 62.71
N VAL F 484 2.40 18.52 62.45
CA VAL F 484 2.91 18.41 61.08
C VAL F 484 2.55 17.05 60.49
N LYS F 485 2.73 15.97 61.27
CA LYS F 485 2.40 14.61 60.81
C LYS F 485 0.92 14.47 60.48
N ASN F 486 0.03 14.88 61.39
CA ASN F 486 -1.42 14.84 61.11
C ASN F 486 -1.94 15.90 60.10
N GLY F 487 -1.07 16.81 59.65
CA GLY F 487 -1.39 17.77 58.60
C GLY F 487 -2.17 19.02 59.05
N THR F 488 -1.99 19.45 60.30
CA THR F 488 -2.76 20.60 60.92
C THR F 488 -2.01 21.72 61.73
N TYR F 489 -1.97 23.03 61.30
CA TYR F 489 -0.86 24.01 61.76
C TYR F 489 -0.94 25.55 62.26
N ASN F 490 -1.16 26.54 61.39
CA ASN F 490 -0.99 28.01 61.71
C ASN F 490 0.43 28.48 61.40
N TYR F 491 0.66 28.68 60.11
CA TYR F 491 1.91 29.18 59.59
C TYR F 491 2.30 30.61 60.07
N PRO F 492 1.39 31.61 60.01
CA PRO F 492 1.78 32.99 60.39
C PRO F 492 2.41 33.16 61.79
N LYS F 493 1.93 32.39 62.76
CA LYS F 493 2.48 32.52 64.12
C LYS F 493 4.01 32.74 64.44
N TYR F 494 4.95 32.11 63.73
CA TYR F 494 6.41 32.37 64.00
C TYR F 494 7.27 32.80 62.83
N GLN F 495 6.69 33.64 61.99
CA GLN F 495 7.37 34.09 60.77
C GLN F 495 8.65 34.96 61.02
N GLU F 496 8.70 35.67 62.16
CA GLU F 496 9.72 36.71 62.44
C GLU F 496 11.19 36.27 62.76
N GLU F 497 11.33 35.32 63.68
CA GLU F 497 12.68 34.71 63.96
C GLU F 497 13.54 34.48 62.67
N SER F 498 12.92 34.00 61.58
CA SER F 498 13.59 33.85 60.27
C SER F 498 14.17 35.14 59.70
N ARG F 499 13.31 36.11 59.43
CA ARG F 499 13.68 37.39 58.76
C ARG F 499 14.84 38.10 59.47
N LEU F 500 14.89 37.99 60.79
CA LEU F 500 15.95 38.68 61.51
C LEU F 500 17.33 38.10 61.19
N ASN F 501 17.41 36.81 60.93
CA ASN F 501 18.72 36.16 60.70
C ASN F 501 19.64 36.62 59.55
N ARG F 502 20.22 37.81 59.74
CA ARG F 502 21.23 38.43 58.88
C ARG F 502 22.33 38.96 59.76
#